data_4AAI
#
_entry.id   4AAI
#
_cell.length_a   1.000
_cell.length_b   1.000
_cell.length_c   1.000
_cell.angle_alpha   90.00
_cell.angle_beta   90.00
_cell.angle_gamma   90.00
#
_symmetry.space_group_name_H-M   'P 1'
#
_entity_poly.entity_id   1
_entity_poly.type   'polypeptide(L)'
_entity_poly.pdbx_seq_one_letter_code
;MVESKKIAKKKTTLAFDEDVYHTLKLVSVYLNRDMTEIIEEAVVMWLIQNKEKLPNELKPKIDEISKRFFPAK
;
_entity_poly.pdbx_strand_id   A,B
#
# COMPACT_ATOMS: atom_id res chain seq x y z
N MET A 1 14.30 26.34 -5.43
CA MET A 1 14.05 24.95 -4.96
C MET A 1 12.57 24.73 -4.66
N VAL A 2 12.01 25.56 -3.81
CA VAL A 2 10.61 25.46 -3.43
C VAL A 2 10.34 24.15 -2.70
N GLU A 3 11.33 23.68 -1.95
CA GLU A 3 11.19 22.43 -1.20
C GLU A 3 10.02 22.51 -0.21
N SER A 4 9.78 21.41 0.48
CA SER A 4 8.68 21.35 1.46
C SER A 4 7.33 21.39 0.76
N LYS A 5 7.02 22.53 0.15
CA LYS A 5 5.76 22.70 -0.55
C LYS A 5 5.76 21.94 -1.88
N LYS A 6 6.93 21.85 -2.49
CA LYS A 6 7.08 21.17 -3.77
C LYS A 6 7.74 19.81 -3.57
N ILE A 7 8.96 19.81 -3.03
CA ILE A 7 9.70 18.59 -2.80
C ILE A 7 9.47 18.07 -1.39
N ALA A 8 8.35 17.39 -1.18
CA ALA A 8 8.01 16.84 0.13
C ALA A 8 6.73 16.03 0.07
N LYS A 9 6.24 15.63 1.24
CA LYS A 9 5.00 14.84 1.31
C LYS A 9 3.79 15.73 1.06
N LYS A 10 2.81 15.20 0.34
CA LYS A 10 1.61 15.96 0.04
C LYS A 10 0.37 15.19 0.51
N LYS A 11 -0.62 15.88 1.04
CA LYS A 11 -1.82 15.19 1.51
C LYS A 11 -2.51 14.51 0.34
N THR A 12 -2.42 13.18 0.30
CA THR A 12 -3.02 12.41 -0.78
C THR A 12 -4.31 11.73 -0.34
N THR A 13 -5.32 11.76 -1.20
CA THR A 13 -6.60 11.13 -0.88
C THR A 13 -6.90 9.97 -1.81
N LEU A 14 -7.55 8.96 -1.26
CA LEU A 14 -7.95 7.78 -2.00
C LEU A 14 -9.32 7.32 -1.54
N ALA A 15 -10.21 6.97 -2.46
CA ALA A 15 -11.53 6.55 -2.06
C ALA A 15 -11.57 5.06 -1.75
N PHE A 16 -11.39 4.76 -0.47
CA PHE A 16 -11.44 3.40 0.03
C PHE A 16 -11.65 3.40 1.51
N ASP A 17 -11.84 2.21 2.05
CA ASP A 17 -12.01 2.03 3.46
C ASP A 17 -12.74 0.75 3.72
N GLU A 18 -13.71 0.47 2.88
CA GLU A 18 -14.46 -0.74 3.04
C GLU A 18 -13.49 -1.92 3.22
N ASP A 19 -12.69 -2.16 2.19
CA ASP A 19 -11.71 -3.24 2.24
C ASP A 19 -10.41 -2.77 2.88
N VAL A 20 -9.90 -1.62 2.44
CA VAL A 20 -8.66 -1.10 3.00
C VAL A 20 -8.79 -0.85 4.50
N TYR A 21 -9.89 -0.21 4.91
CA TYR A 21 -10.09 0.05 6.34
C TYR A 21 -10.25 -1.26 7.09
N HIS A 22 -11.06 -2.18 6.56
CA HIS A 22 -11.24 -3.47 7.21
C HIS A 22 -9.92 -4.21 7.25
N THR A 23 -9.23 -4.27 6.12
CA THR A 23 -7.94 -4.93 6.06
C THR A 23 -6.94 -4.21 6.96
N LEU A 24 -6.97 -2.88 6.91
CA LEU A 24 -6.10 -2.07 7.75
C LEU A 24 -6.31 -2.42 9.21
N LYS A 25 -7.45 -3.06 9.50
CA LYS A 25 -7.78 -3.46 10.86
C LYS A 25 -6.83 -4.52 11.39
N LEU A 26 -6.58 -5.57 10.61
CA LEU A 26 -5.68 -6.62 11.07
C LEU A 26 -4.25 -6.10 11.08
N VAL A 27 -3.89 -5.42 10.01
CA VAL A 27 -2.55 -4.85 9.88
C VAL A 27 -2.31 -3.79 10.95
N SER A 28 -3.29 -2.94 11.17
CA SER A 28 -3.14 -1.90 12.16
C SER A 28 -2.98 -2.49 13.55
N VAL A 29 -3.68 -3.58 13.82
CA VAL A 29 -3.62 -4.24 15.11
C VAL A 29 -2.36 -5.10 15.19
N TYR A 30 -2.13 -5.89 14.15
CA TYR A 30 -0.97 -6.77 14.09
C TYR A 30 0.31 -5.97 13.89
N LEU A 31 0.21 -4.79 13.28
CA LEU A 31 1.39 -3.97 13.05
C LEU A 31 1.41 -2.77 14.00
N ASN A 32 0.36 -2.63 14.82
CA ASN A 32 0.27 -1.51 15.74
C ASN A 32 0.53 -0.21 15.00
N ARG A 33 0.09 -0.17 13.75
CA ARG A 33 0.29 1.00 12.90
C ARG A 33 -1.03 1.54 12.39
N ASP A 34 -1.16 2.87 12.39
CA ASP A 34 -2.38 3.51 11.90
C ASP A 34 -2.59 3.11 10.45
N MET A 35 -3.80 3.31 9.94
CA MET A 35 -4.10 2.96 8.57
C MET A 35 -3.15 3.68 7.61
N THR A 36 -2.98 4.98 7.84
CA THR A 36 -2.09 5.79 7.01
C THR A 36 -0.66 5.28 7.10
N GLU A 37 -0.26 4.88 8.30
CA GLU A 37 1.09 4.37 8.51
C GLU A 37 1.28 3.05 7.79
N ILE A 38 0.26 2.20 7.83
CA ILE A 38 0.31 0.90 7.17
C ILE A 38 0.18 1.03 5.66
N ILE A 39 -0.80 1.82 5.21
CA ILE A 39 -1.00 2.01 3.78
C ILE A 39 0.22 2.69 3.18
N GLU A 40 0.84 3.57 3.97
CA GLU A 40 2.01 4.29 3.53
C GLU A 40 3.26 3.45 3.72
N GLU A 41 3.26 2.56 4.71
CA GLU A 41 4.42 1.72 4.94
C GLU A 41 4.34 0.49 4.02
N ALA A 42 3.12 0.12 3.66
CA ALA A 42 2.89 -1.01 2.78
C ALA A 42 3.18 -0.63 1.34
N VAL A 43 2.72 0.55 0.95
CA VAL A 43 2.91 1.06 -0.41
C VAL A 43 4.37 1.02 -0.79
N VAL A 44 5.17 1.76 -0.06
CA VAL A 44 6.60 1.84 -0.29
C VAL A 44 7.22 0.46 -0.19
N MET A 45 6.87 -0.25 0.86
CA MET A 45 7.39 -1.59 1.06
C MET A 45 7.05 -2.49 -0.13
N TRP A 46 5.87 -2.28 -0.72
CA TRP A 46 5.47 -3.07 -1.86
C TRP A 46 6.34 -2.75 -3.06
N LEU A 47 6.44 -1.49 -3.41
CA LEU A 47 7.28 -1.08 -4.53
C LEU A 47 8.71 -1.48 -4.28
N ILE A 48 9.16 -1.23 -3.07
CA ILE A 48 10.52 -1.53 -2.70
C ILE A 48 10.85 -3.00 -2.92
N GLN A 49 9.96 -3.88 -2.48
CA GLN A 49 10.21 -5.29 -2.65
C GLN A 49 9.76 -5.78 -4.03
N ASN A 50 8.74 -5.12 -4.60
CA ASN A 50 8.21 -5.53 -5.90
C ASN A 50 8.75 -4.68 -7.05
N LYS A 51 8.47 -3.39 -7.00
CA LYS A 51 8.90 -2.47 -8.06
C LYS A 51 10.41 -2.48 -8.25
N GLU A 52 11.14 -2.22 -7.18
CA GLU A 52 12.60 -2.20 -7.24
C GLU A 52 13.13 -3.41 -8.00
N LYS A 53 12.39 -4.51 -7.95
CA LYS A 53 12.79 -5.73 -8.64
C LYS A 53 11.67 -6.23 -9.55
N LEU A 54 10.87 -5.29 -10.07
CA LEU A 54 9.76 -5.65 -10.96
C LEU A 54 10.24 -6.51 -12.12
N PRO A 55 10.02 -7.83 -12.05
CA PRO A 55 10.44 -8.77 -13.09
C PRO A 55 9.47 -8.79 -14.27
N ASN A 56 9.95 -9.25 -15.42
CA ASN A 56 9.12 -9.33 -16.62
C ASN A 56 8.16 -10.52 -16.52
N GLU A 57 8.56 -11.54 -15.77
CA GLU A 57 7.74 -12.73 -15.58
C GLU A 57 6.65 -12.50 -14.54
N LEU A 58 6.86 -11.52 -13.67
CA LEU A 58 5.89 -11.20 -12.63
C LEU A 58 4.71 -10.41 -13.20
N LYS A 59 4.95 -9.74 -14.33
CA LYS A 59 3.93 -8.93 -14.99
C LYS A 59 2.54 -9.57 -14.87
N PRO A 60 2.39 -10.84 -15.29
CA PRO A 60 1.10 -11.53 -15.23
C PRO A 60 0.57 -11.66 -13.80
N LYS A 61 1.49 -11.78 -12.85
CA LYS A 61 1.11 -11.91 -11.45
C LYS A 61 0.47 -10.62 -10.94
N ILE A 62 0.83 -9.49 -11.57
CA ILE A 62 0.26 -8.21 -11.17
C ILE A 62 -1.27 -8.29 -11.20
N ASP A 63 -1.78 -9.12 -12.10
CA ASP A 63 -3.22 -9.32 -12.20
C ASP A 63 -3.66 -10.04 -10.93
N GLU A 64 -2.84 -10.99 -10.51
CA GLU A 64 -3.11 -11.75 -9.29
C GLU A 64 -3.21 -10.79 -8.12
N ILE A 65 -2.26 -9.87 -8.04
CA ILE A 65 -2.24 -8.87 -6.98
C ILE A 65 -3.54 -8.09 -6.95
N SER A 66 -4.11 -7.86 -8.13
CA SER A 66 -5.37 -7.14 -8.25
C SER A 66 -6.56 -8.04 -7.94
N LYS A 67 -6.65 -9.16 -8.66
CA LYS A 67 -7.76 -10.09 -8.46
C LYS A 67 -7.72 -10.71 -7.06
N ARG A 68 -6.51 -10.80 -6.48
CA ARG A 68 -6.35 -11.35 -5.15
C ARG A 68 -6.67 -10.31 -4.08
N PHE A 69 -6.33 -9.05 -4.37
CA PHE A 69 -6.59 -7.96 -3.44
C PHE A 69 -8.05 -7.96 -3.01
N PHE A 70 -8.92 -8.48 -3.89
CA PHE A 70 -10.34 -8.58 -3.61
C PHE A 70 -10.76 -10.04 -3.57
N PRO A 71 -10.42 -10.75 -2.48
CA PRO A 71 -10.76 -12.17 -2.33
C PRO A 71 -12.23 -12.40 -2.00
N ALA A 72 -13.08 -12.34 -3.02
CA ALA A 72 -14.50 -12.54 -2.84
C ALA A 72 -15.05 -13.56 -3.83
N LYS A 73 -14.71 -13.38 -5.10
CA LYS A 73 -15.16 -14.29 -6.15
C LYS A 73 -14.10 -15.33 -6.46
N MET B 1 -17.76 -7.18 -2.12
CA MET B 1 -18.69 -6.02 -1.92
C MET B 1 -18.58 -5.47 -0.50
N VAL B 2 -18.91 -6.31 0.48
CA VAL B 2 -18.86 -5.90 1.88
C VAL B 2 -19.84 -4.77 2.16
N GLU B 3 -20.94 -4.74 1.42
CA GLU B 3 -21.96 -3.72 1.60
C GLU B 3 -23.32 -4.23 1.16
N SER B 4 -23.48 -4.50 -0.13
CA SER B 4 -24.75 -4.99 -0.67
C SER B 4 -24.57 -5.46 -2.11
N LYS B 5 -24.53 -4.50 -3.03
CA LYS B 5 -24.38 -4.82 -4.44
C LYS B 5 -23.05 -4.27 -4.97
N LYS B 6 -22.76 -3.02 -4.64
CA LYS B 6 -21.53 -2.39 -5.08
C LYS B 6 -20.53 -2.29 -3.92
N ILE B 7 -19.26 -2.50 -4.23
CA ILE B 7 -18.20 -2.44 -3.21
C ILE B 7 -18.14 -1.06 -2.58
N ALA B 8 -18.26 -1.01 -1.26
CA ALA B 8 -18.22 0.25 -0.53
C ALA B 8 -16.81 0.83 -0.50
N LYS B 9 -16.72 2.12 -0.23
CA LYS B 9 -15.43 2.81 -0.17
C LYS B 9 -15.59 4.19 0.45
N LYS B 10 -14.57 4.64 1.16
CA LYS B 10 -14.61 5.95 1.83
C LYS B 10 -13.43 6.81 1.41
N LYS B 11 -13.65 8.11 1.27
CA LYS B 11 -12.55 9.00 0.89
C LYS B 11 -11.55 9.07 2.02
N THR B 12 -10.39 8.44 1.81
CA THR B 12 -9.35 8.42 2.82
C THR B 12 -8.20 9.35 2.46
N THR B 13 -7.72 10.11 3.44
CA THR B 13 -6.62 11.04 3.19
C THR B 13 -5.34 10.59 3.88
N LEU B 14 -4.23 10.87 3.24
CA LEU B 14 -2.92 10.54 3.77
C LEU B 14 -1.98 11.72 3.55
N ALA B 15 -0.75 11.61 4.02
CA ALA B 15 0.21 12.71 3.85
C ALA B 15 1.52 12.23 3.24
N PHE B 16 1.56 12.27 1.91
CA PHE B 16 2.74 11.87 1.14
C PHE B 16 2.46 12.12 -0.32
N ASP B 17 3.47 11.91 -1.14
CA ASP B 17 3.34 12.13 -2.57
C ASP B 17 4.70 12.25 -3.16
N GLU B 18 5.60 12.85 -2.43
CA GLU B 18 6.95 13.01 -2.90
C GLU B 18 7.45 11.68 -3.45
N ASP B 19 7.54 10.69 -2.56
CA ASP B 19 8.00 9.36 -2.95
C ASP B 19 6.86 8.51 -3.49
N VAL B 20 5.73 8.51 -2.80
CA VAL B 20 4.60 7.72 -3.24
C VAL B 20 4.10 8.21 -4.59
N TYR B 21 3.95 9.53 -4.76
CA TYR B 21 3.49 10.07 -6.04
C TYR B 21 4.51 9.76 -7.13
N HIS B 22 5.81 9.95 -6.85
CA HIS B 22 6.82 9.65 -7.85
C HIS B 22 6.87 8.15 -8.13
N THR B 23 6.90 7.35 -7.06
CA THR B 23 6.91 5.90 -7.22
C THR B 23 5.64 5.45 -7.93
N LEU B 24 4.52 6.05 -7.55
CA LEU B 24 3.24 5.72 -8.18
C LEU B 24 3.33 5.95 -9.68
N LYS B 25 4.32 6.72 -10.10
CA LYS B 25 4.52 7.03 -11.50
C LYS B 25 4.95 5.78 -12.28
N LEU B 26 5.94 5.05 -11.78
CA LEU B 26 6.39 3.85 -12.46
C LEU B 26 5.33 2.77 -12.40
N VAL B 27 4.78 2.57 -11.20
CA VAL B 27 3.72 1.58 -11.00
C VAL B 27 2.51 1.91 -11.84
N SER B 28 2.15 3.18 -11.90
CA SER B 28 0.98 3.57 -12.66
C SER B 28 1.18 3.27 -14.14
N VAL B 29 2.39 3.52 -14.63
CA VAL B 29 2.71 3.28 -16.02
C VAL B 29 2.97 1.79 -16.25
N TYR B 30 3.76 1.20 -15.37
CA TYR B 30 4.10 -0.21 -15.46
C TYR B 30 2.92 -1.11 -15.10
N LEU B 31 1.99 -0.59 -14.29
CA LEU B 31 0.82 -1.38 -13.90
C LEU B 31 -0.43 -0.88 -14.60
N ASN B 32 -0.30 0.18 -15.40
CA ASN B 32 -1.44 0.75 -16.11
C ASN B 32 -2.58 1.01 -15.14
N ARG B 33 -2.22 1.36 -13.91
CA ARG B 33 -3.19 1.63 -12.87
C ARG B 33 -3.07 3.05 -12.35
N ASP B 34 -4.03 3.46 -11.54
CA ASP B 34 -4.02 4.79 -10.95
C ASP B 34 -3.27 4.74 -9.63
N MET B 35 -2.82 5.90 -9.14
CA MET B 35 -2.09 5.94 -7.90
C MET B 35 -2.94 5.35 -6.77
N THR B 36 -4.25 5.49 -6.89
CA THR B 36 -5.16 4.95 -5.89
C THR B 36 -5.29 3.44 -6.08
N GLU B 37 -5.47 3.03 -7.33
CA GLU B 37 -5.59 1.61 -7.65
C GLU B 37 -4.31 0.87 -7.26
N ILE B 38 -3.18 1.51 -7.48
CA ILE B 38 -1.88 0.93 -7.14
C ILE B 38 -1.70 0.88 -5.62
N ILE B 39 -1.83 2.02 -4.97
CA ILE B 39 -1.66 2.10 -3.53
C ILE B 39 -2.72 1.27 -2.82
N GLU B 40 -3.94 1.26 -3.37
CA GLU B 40 -5.01 0.51 -2.77
C GLU B 40 -4.86 -0.98 -3.10
N GLU B 41 -4.18 -1.27 -4.20
CA GLU B 41 -3.95 -2.67 -4.58
C GLU B 41 -2.71 -3.18 -3.87
N ALA B 42 -1.75 -2.29 -3.64
CA ALA B 42 -0.51 -2.64 -2.97
C ALA B 42 -0.74 -2.80 -1.47
N VAL B 43 -1.55 -1.90 -0.91
CA VAL B 43 -1.86 -1.94 0.52
C VAL B 43 -2.39 -3.30 0.93
N VAL B 44 -3.51 -3.64 0.35
CA VAL B 44 -4.16 -4.91 0.63
C VAL B 44 -3.22 -6.07 0.37
N MET B 45 -2.55 -6.03 -0.76
CA MET B 45 -1.62 -7.09 -1.11
C MET B 45 -0.57 -7.23 -0.01
N TRP B 46 -0.19 -6.11 0.61
CA TRP B 46 0.79 -6.15 1.67
C TRP B 46 0.23 -6.93 2.86
N LEU B 47 -0.86 -6.41 3.43
CA LEU B 47 -1.50 -7.07 4.56
C LEU B 47 -1.76 -8.53 4.26
N ILE B 48 -2.26 -8.77 3.05
CA ILE B 48 -2.59 -10.11 2.62
C ILE B 48 -1.37 -11.01 2.58
N GLN B 49 -0.28 -10.50 2.04
CA GLN B 49 0.93 -11.29 1.95
C GLN B 49 1.68 -11.31 3.28
N ASN B 50 1.35 -10.38 4.17
CA ASN B 50 2.00 -10.30 5.47
C ASN B 50 1.20 -10.99 6.56
N LYS B 51 -0.02 -10.52 6.76
CA LYS B 51 -0.90 -11.08 7.79
C LYS B 51 -1.20 -12.57 7.54
N GLU B 52 -1.75 -12.86 6.37
CA GLU B 52 -2.10 -14.23 6.00
C GLU B 52 -0.97 -15.20 6.33
N LYS B 53 0.27 -14.74 6.20
CA LYS B 53 1.43 -15.58 6.48
C LYS B 53 2.35 -14.91 7.50
N LEU B 54 1.76 -14.11 8.39
CA LEU B 54 2.52 -13.39 9.41
C LEU B 54 3.39 -14.35 10.23
N PRO B 55 4.70 -14.41 9.93
CA PRO B 55 5.65 -15.28 10.63
C PRO B 55 6.08 -14.69 11.97
N ASN B 56 6.60 -15.54 12.85
CA ASN B 56 7.05 -15.10 14.16
C ASN B 56 8.38 -14.38 14.06
N GLU B 57 9.16 -14.71 13.03
CA GLU B 57 10.46 -14.08 12.82
C GLU B 57 10.33 -12.72 12.14
N LEU B 58 9.28 -12.56 11.34
CA LEU B 58 9.04 -11.31 10.64
C LEU B 58 8.43 -10.27 11.57
N LYS B 59 7.81 -10.73 12.66
CA LYS B 59 7.17 -9.84 13.63
C LYS B 59 7.97 -8.55 13.83
N PRO B 60 9.25 -8.65 14.21
CA PRO B 60 10.10 -7.48 14.43
C PRO B 60 10.40 -6.72 13.14
N LYS B 61 10.40 -7.44 12.02
CA LYS B 61 10.67 -6.82 10.73
C LYS B 61 9.57 -5.82 10.37
N ILE B 62 8.37 -6.04 10.91
CA ILE B 62 7.26 -5.13 10.65
C ILE B 62 7.68 -3.71 10.96
N ASP B 63 8.57 -3.57 11.94
CA ASP B 63 9.11 -2.27 12.31
C ASP B 63 10.03 -1.80 11.20
N GLU B 64 10.81 -2.74 10.68
CA GLU B 64 11.73 -2.46 9.58
C GLU B 64 10.96 -1.91 8.39
N ILE B 65 9.81 -2.52 8.11
CA ILE B 65 8.96 -2.11 7.01
C ILE B 65 8.57 -0.64 7.15
N SER B 66 8.07 -0.27 8.32
CA SER B 66 7.64 1.11 8.58
C SER B 66 8.84 2.05 8.75
N LYS B 67 9.88 1.58 9.43
CA LYS B 67 11.07 2.41 9.66
C LYS B 67 11.95 2.50 8.42
N ARG B 68 11.79 1.54 7.51
CA ARG B 68 12.59 1.54 6.28
C ARG B 68 11.83 2.19 5.13
N PHE B 69 10.51 2.13 5.19
CA PHE B 69 9.67 2.72 4.15
C PHE B 69 9.99 4.21 4.01
N PHE B 70 10.34 4.83 5.14
CA PHE B 70 10.69 6.25 5.16
C PHE B 70 12.18 6.40 5.44
N PRO B 71 13.02 6.10 4.42
CA PRO B 71 14.47 6.20 4.56
C PRO B 71 14.96 7.65 4.66
N ALA B 72 16.11 7.84 5.28
CA ALA B 72 16.68 9.17 5.45
C ALA B 72 18.12 9.22 4.94
N LYS B 73 18.45 10.31 4.24
CA LYS B 73 19.80 10.48 3.69
C LYS B 73 20.60 11.46 4.54
N MET A 1 14.99 11.33 0.02
CA MET A 1 15.55 12.55 -0.59
C MET A 1 15.55 12.47 -2.12
N VAL A 2 14.40 12.74 -2.72
CA VAL A 2 14.26 12.69 -4.17
C VAL A 2 13.31 13.78 -4.66
N GLU A 3 13.29 14.91 -3.96
CA GLU A 3 12.43 16.03 -4.32
C GLU A 3 13.05 17.35 -3.87
N SER A 4 13.19 17.51 -2.56
CA SER A 4 13.76 18.74 -2.00
C SER A 4 14.00 18.59 -0.51
N LYS A 5 15.23 18.86 -0.07
CA LYS A 5 15.58 18.76 1.34
C LYS A 5 15.48 17.33 1.83
N LYS A 6 14.25 16.89 2.12
CA LYS A 6 14.02 15.53 2.60
C LYS A 6 12.72 14.97 2.02
N ILE A 7 12.38 13.76 2.43
CA ILE A 7 11.16 13.11 1.95
C ILE A 7 9.92 13.92 2.31
N ALA A 8 9.35 14.57 1.31
CA ALA A 8 8.15 15.38 1.51
C ALA A 8 6.90 14.52 1.54
N LYS A 9 5.73 15.17 1.55
CA LYS A 9 4.46 14.46 1.58
C LYS A 9 3.31 15.40 1.26
N LYS A 10 2.40 14.97 0.40
CA LYS A 10 1.24 15.77 0.03
C LYS A 10 -0.04 15.04 0.42
N LYS A 11 -0.98 15.74 1.05
CA LYS A 11 -2.22 15.08 1.44
C LYS A 11 -2.97 14.59 0.21
N THR A 12 -2.97 13.28 0.03
CA THR A 12 -3.62 12.67 -1.11
C THR A 12 -4.87 11.91 -0.68
N THR A 13 -5.88 11.87 -1.55
CA THR A 13 -7.12 11.18 -1.22
C THR A 13 -7.28 9.90 -2.04
N LEU A 14 -7.79 8.88 -1.38
CA LEU A 14 -8.06 7.60 -1.99
C LEU A 14 -9.43 7.12 -1.53
N ALA A 15 -10.28 6.72 -2.47
CA ALA A 15 -11.62 6.28 -2.09
C ALA A 15 -11.64 4.80 -1.74
N PHE A 16 -11.49 4.53 -0.46
CA PHE A 16 -11.52 3.20 0.08
C PHE A 16 -11.76 3.22 1.56
N ASP A 17 -11.92 2.05 2.12
CA ASP A 17 -12.12 1.89 3.55
C ASP A 17 -12.83 0.58 3.78
N GLU A 18 -13.76 0.27 2.92
CA GLU A 18 -14.46 -0.97 3.05
C GLU A 18 -13.46 -2.09 3.30
N ASP A 19 -12.62 -2.33 2.31
CA ASP A 19 -11.60 -3.37 2.41
C ASP A 19 -10.34 -2.84 3.09
N VAL A 20 -9.87 -1.67 2.68
CA VAL A 20 -8.66 -1.11 3.28
C VAL A 20 -8.88 -0.84 4.76
N TYR A 21 -10.02 -0.26 5.12
CA TYR A 21 -10.29 0.01 6.54
C TYR A 21 -10.40 -1.29 7.31
N HIS A 22 -11.14 -2.27 6.78
CA HIS A 22 -11.27 -3.54 7.47
C HIS A 22 -9.92 -4.26 7.50
N THR A 23 -9.22 -4.26 6.36
CA THR A 23 -7.91 -4.89 6.28
C THR A 23 -6.93 -4.16 7.19
N LEU A 24 -6.95 -2.84 7.13
CA LEU A 24 -6.07 -2.03 7.97
C LEU A 24 -6.28 -2.39 9.43
N LYS A 25 -7.43 -3.02 9.73
CA LYS A 25 -7.76 -3.40 11.08
C LYS A 25 -6.82 -4.48 11.61
N LEU A 26 -6.55 -5.51 10.82
CA LEU A 26 -5.64 -6.57 11.28
C LEU A 26 -4.22 -6.04 11.29
N VAL A 27 -3.85 -5.38 10.20
CA VAL A 27 -2.51 -4.81 10.08
C VAL A 27 -2.27 -3.75 11.14
N SER A 28 -3.26 -2.91 11.38
CA SER A 28 -3.09 -1.86 12.36
C SER A 28 -2.92 -2.45 13.76
N VAL A 29 -3.64 -3.53 14.03
CA VAL A 29 -3.56 -4.20 15.32
C VAL A 29 -2.31 -5.06 15.40
N TYR A 30 -2.10 -5.84 14.35
CA TYR A 30 -0.96 -6.74 14.27
C TYR A 30 0.34 -5.96 14.06
N LEU A 31 0.24 -4.78 13.45
CA LEU A 31 1.43 -3.97 13.21
C LEU A 31 1.46 -2.76 14.13
N ASN A 32 0.42 -2.61 14.95
CA ASN A 32 0.33 -1.47 15.87
C ASN A 32 0.59 -0.18 15.12
N ARG A 33 0.15 -0.14 13.87
CA ARG A 33 0.35 1.03 13.01
C ARG A 33 -0.97 1.58 12.49
N ASP A 34 -1.07 2.89 12.42
CA ASP A 34 -2.27 3.55 11.92
C ASP A 34 -2.54 3.09 10.49
N MET A 35 -3.75 3.31 10.00
CA MET A 35 -4.09 2.89 8.65
C MET A 35 -3.15 3.55 7.64
N THR A 36 -2.99 4.87 7.76
CA THR A 36 -2.10 5.60 6.86
C THR A 36 -0.68 5.10 6.99
N GLU A 37 -0.24 4.89 8.23
CA GLU A 37 1.10 4.40 8.49
C GLU A 37 1.32 3.05 7.83
N ILE A 38 0.30 2.21 7.87
CA ILE A 38 0.36 0.87 7.28
C ILE A 38 0.25 0.95 5.75
N ILE A 39 -0.79 1.63 5.27
CA ILE A 39 -0.99 1.75 3.83
C ILE A 39 0.19 2.48 3.20
N GLU A 40 0.76 3.41 3.95
CA GLU A 40 1.91 4.17 3.48
C GLU A 40 3.18 3.35 3.67
N GLU A 41 3.16 2.44 4.63
CA GLU A 41 4.31 1.58 4.88
C GLU A 41 4.28 0.39 3.92
N ALA A 42 3.07 -0.04 3.56
CA ALA A 42 2.90 -1.15 2.67
C ALA A 42 3.18 -0.74 1.23
N VAL A 43 2.69 0.44 0.86
CA VAL A 43 2.90 0.97 -0.48
C VAL A 43 4.36 0.91 -0.87
N VAL A 44 5.16 1.63 -0.11
CA VAL A 44 6.59 1.67 -0.35
C VAL A 44 7.17 0.27 -0.34
N MET A 45 6.94 -0.44 0.75
CA MET A 45 7.43 -1.80 0.87
C MET A 45 7.00 -2.62 -0.34
N TRP A 46 5.84 -2.29 -0.90
CA TRP A 46 5.35 -3.01 -2.07
C TRP A 46 6.26 -2.71 -3.26
N LEU A 47 6.35 -1.44 -3.63
CA LEU A 47 7.21 -1.03 -4.74
C LEU A 47 8.63 -1.47 -4.48
N ILE A 48 9.07 -1.25 -3.26
CA ILE A 48 10.41 -1.59 -2.85
C ILE A 48 10.68 -3.08 -3.01
N GLN A 49 9.72 -3.90 -2.60
CA GLN A 49 9.89 -5.34 -2.70
C GLN A 49 9.53 -5.86 -4.08
N ASN A 50 8.63 -5.16 -4.78
CA ASN A 50 8.20 -5.59 -6.11
C ASN A 50 8.94 -4.86 -7.23
N LYS A 51 8.78 -3.54 -7.27
CA LYS A 51 9.41 -2.72 -8.29
C LYS A 51 10.90 -2.99 -8.44
N GLU A 52 11.64 -2.77 -7.34
CA GLU A 52 13.09 -2.99 -7.35
C GLU A 52 13.46 -4.31 -8.01
N LYS A 53 12.57 -5.29 -7.91
CA LYS A 53 12.80 -6.60 -8.49
C LYS A 53 11.66 -7.01 -9.42
N LEU A 54 11.01 -6.01 -10.04
CA LEU A 54 9.89 -6.27 -10.94
C LEU A 54 10.28 -7.26 -12.04
N PRO A 55 9.88 -8.53 -11.88
CA PRO A 55 10.19 -9.59 -12.85
C PRO A 55 9.27 -9.55 -14.07
N ASN A 56 9.71 -10.18 -15.15
CA ASN A 56 8.92 -10.23 -16.37
C ASN A 56 7.78 -11.24 -16.22
N GLU A 57 7.98 -12.23 -15.35
CA GLU A 57 6.98 -13.26 -15.11
C GLU A 57 5.89 -12.75 -14.18
N LEU A 58 6.23 -11.76 -13.35
CA LEU A 58 5.27 -11.18 -12.42
C LEU A 58 4.33 -10.21 -13.12
N LYS A 59 4.77 -9.71 -14.27
CA LYS A 59 3.98 -8.76 -15.07
C LYS A 59 2.48 -9.08 -15.01
N PRO A 60 2.09 -10.32 -15.37
CA PRO A 60 0.70 -10.73 -15.35
C PRO A 60 0.13 -10.75 -13.93
N LYS A 61 0.98 -11.01 -12.96
CA LYS A 61 0.55 -11.06 -11.57
C LYS A 61 0.09 -9.68 -11.10
N ILE A 62 0.69 -8.63 -11.66
CA ILE A 62 0.32 -7.28 -11.31
C ILE A 62 -1.19 -7.11 -11.41
N ASP A 63 -1.79 -7.83 -12.35
CA ASP A 63 -3.23 -7.80 -12.51
C ASP A 63 -3.86 -8.53 -11.33
N GLU A 64 -3.23 -9.64 -10.96
CA GLU A 64 -3.67 -10.44 -9.82
C GLU A 64 -3.71 -9.57 -8.58
N ILE A 65 -2.66 -8.78 -8.39
CA ILE A 65 -2.56 -7.87 -7.25
C ILE A 65 -3.77 -6.95 -7.20
N SER A 66 -4.12 -6.36 -8.35
CA SER A 66 -5.24 -5.46 -8.43
C SER A 66 -6.58 -6.19 -8.28
N LYS A 67 -6.74 -7.29 -9.01
CA LYS A 67 -7.98 -8.06 -8.94
C LYS A 67 -8.09 -8.83 -7.63
N ARG A 68 -6.97 -9.02 -6.96
CA ARG A 68 -6.96 -9.75 -5.69
C ARG A 68 -7.13 -8.79 -4.51
N PHE A 69 -6.60 -7.58 -4.65
CA PHE A 69 -6.71 -6.59 -3.58
C PHE A 69 -8.19 -6.27 -3.33
N PHE A 70 -8.99 -6.35 -4.39
CA PHE A 70 -10.42 -6.11 -4.30
C PHE A 70 -11.18 -7.38 -4.63
N PRO A 71 -11.19 -8.36 -3.71
CA PRO A 71 -11.86 -9.64 -3.91
C PRO A 71 -13.38 -9.53 -3.74
N ALA A 72 -14.00 -8.65 -4.52
CA ALA A 72 -15.44 -8.46 -4.45
C ALA A 72 -16.12 -8.89 -5.74
N LYS A 73 -16.54 -10.15 -5.79
CA LYS A 73 -17.21 -10.69 -6.96
C LYS A 73 -18.15 -11.82 -6.58
N MET B 1 -24.02 0.76 4.82
CA MET B 1 -24.78 1.48 3.75
C MET B 1 -25.26 0.51 2.67
N VAL B 2 -25.88 1.07 1.63
CA VAL B 2 -26.37 0.25 0.52
C VAL B 2 -25.57 0.50 -0.75
N GLU B 3 -24.56 -0.33 -0.96
CA GLU B 3 -23.70 -0.21 -2.14
C GLU B 3 -23.01 -1.53 -2.44
N SER B 4 -22.14 -1.97 -1.53
CA SER B 4 -21.41 -3.21 -1.70
C SER B 4 -21.70 -4.18 -0.56
N LYS B 5 -22.67 -5.06 -0.76
CA LYS B 5 -23.05 -6.05 0.25
C LYS B 5 -23.58 -5.36 1.50
N LYS B 6 -22.67 -4.86 2.34
CA LYS B 6 -23.04 -4.18 3.57
C LYS B 6 -22.31 -2.85 3.71
N ILE B 7 -20.99 -2.90 3.57
CA ILE B 7 -20.17 -1.70 3.67
C ILE B 7 -19.68 -1.26 2.30
N ALA B 8 -19.30 0.02 2.20
CA ALA B 8 -18.82 0.57 0.94
C ALA B 8 -17.47 1.28 1.12
N LYS B 9 -16.93 1.80 0.02
CA LYS B 9 -15.66 2.51 0.05
C LYS B 9 -15.83 3.89 0.66
N LYS B 10 -14.76 4.41 1.24
CA LYS B 10 -14.81 5.74 1.86
C LYS B 10 -13.66 6.61 1.37
N LYS B 11 -13.90 7.90 1.25
CA LYS B 11 -12.84 8.81 0.81
C LYS B 11 -11.82 8.97 1.92
N THR B 12 -10.65 8.37 1.73
CA THR B 12 -9.58 8.42 2.72
C THR B 12 -8.45 9.33 2.25
N THR B 13 -7.79 10.00 3.19
CA THR B 13 -6.70 10.89 2.85
C THR B 13 -5.39 10.47 3.51
N LEU B 14 -4.35 10.34 2.70
CA LEU B 14 -3.04 9.96 3.19
C LEU B 14 -2.06 11.09 2.87
N ALA B 15 -1.27 11.50 3.86
CA ALA B 15 -0.34 12.60 3.66
C ALA B 15 1.00 12.12 3.11
N PHE B 16 1.09 12.12 1.79
CA PHE B 16 2.30 11.73 1.07
C PHE B 16 2.09 11.96 -0.41
N ASP B 17 3.13 11.77 -1.18
CA ASP B 17 3.07 11.96 -2.62
C ASP B 17 4.46 12.12 -3.15
N GLU B 18 5.29 12.80 -2.38
CA GLU B 18 6.67 12.99 -2.80
C GLU B 18 7.24 11.65 -3.27
N ASP B 19 7.27 10.67 -2.37
CA ASP B 19 7.77 9.35 -2.69
C ASP B 19 6.70 8.47 -3.32
N VAL B 20 5.55 8.39 -2.68
CA VAL B 20 4.46 7.57 -3.21
C VAL B 20 4.05 8.05 -4.59
N TYR B 21 3.90 9.37 -4.78
CA TYR B 21 3.53 9.90 -6.09
C TYR B 21 4.63 9.61 -7.10
N HIS B 22 5.89 9.87 -6.74
CA HIS B 22 6.99 9.60 -7.64
C HIS B 22 7.07 8.11 -7.92
N THR B 23 7.00 7.31 -6.86
CA THR B 23 7.03 5.86 -7.02
C THR B 23 5.84 5.41 -7.85
N LEU B 24 4.68 6.00 -7.56
CA LEU B 24 3.47 5.68 -8.30
C LEU B 24 3.68 5.93 -9.79
N LYS B 25 4.70 6.70 -10.11
CA LYS B 25 5.01 7.03 -11.50
C LYS B 25 5.49 5.80 -12.27
N LEU B 26 6.41 5.02 -11.69
CA LEU B 26 6.90 3.84 -12.38
C LEU B 26 5.82 2.77 -12.39
N VAL B 27 5.21 2.57 -11.23
CA VAL B 27 4.15 1.58 -11.09
C VAL B 27 2.98 1.92 -11.98
N SER B 28 2.61 3.19 -12.02
CA SER B 28 1.48 3.60 -12.84
C SER B 28 1.75 3.34 -14.32
N VAL B 29 2.99 3.58 -14.73
CA VAL B 29 3.38 3.37 -16.11
C VAL B 29 3.64 1.90 -16.37
N TYR B 30 4.38 1.28 -15.47
CA TYR B 30 4.72 -0.13 -15.59
C TYR B 30 3.53 -1.02 -15.30
N LEU B 31 2.56 -0.52 -14.53
CA LEU B 31 1.38 -1.32 -14.20
C LEU B 31 0.16 -0.77 -14.93
N ASN B 32 0.33 0.33 -15.65
CA ASN B 32 -0.78 0.95 -16.37
C ASN B 32 -1.96 1.15 -15.42
N ARG B 33 -1.64 1.46 -14.18
CA ARG B 33 -2.65 1.66 -13.14
C ARG B 33 -2.53 3.03 -12.50
N ASP B 34 -3.67 3.65 -12.22
CA ASP B 34 -3.69 4.96 -11.58
C ASP B 34 -2.98 4.86 -10.23
N MET B 35 -2.60 6.00 -9.67
CA MET B 35 -1.91 6.01 -8.40
C MET B 35 -2.73 5.28 -7.34
N THR B 36 -3.93 5.81 -7.05
CA THR B 36 -4.81 5.22 -6.06
C THR B 36 -5.04 3.73 -6.34
N GLU B 37 -5.14 3.38 -7.62
CA GLU B 37 -5.35 1.99 -8.00
C GLU B 37 -4.13 1.16 -7.60
N ILE B 38 -2.95 1.74 -7.76
CA ILE B 38 -1.71 1.06 -7.42
C ILE B 38 -1.44 1.12 -5.91
N ILE B 39 -1.39 2.33 -5.36
CA ILE B 39 -1.13 2.50 -3.96
C ILE B 39 -2.13 1.74 -3.12
N GLU B 40 -3.37 1.65 -3.60
CA GLU B 40 -4.39 0.94 -2.88
C GLU B 40 -4.36 -0.55 -3.19
N GLU B 41 -3.83 -0.93 -4.36
CA GLU B 41 -3.76 -2.35 -4.70
C GLU B 41 -2.51 -2.97 -4.10
N ALA B 42 -1.46 -2.15 -3.96
CA ALA B 42 -0.21 -2.62 -3.38
C ALA B 42 -0.34 -2.76 -1.87
N VAL B 43 -1.03 -1.81 -1.25
CA VAL B 43 -1.23 -1.81 0.19
C VAL B 43 -1.92 -3.08 0.65
N VAL B 44 -3.12 -3.27 0.16
CA VAL B 44 -3.91 -4.43 0.52
C VAL B 44 -3.15 -5.71 0.23
N MET B 45 -2.59 -5.81 -0.96
CA MET B 45 -1.83 -7.00 -1.32
C MET B 45 -0.73 -7.25 -0.30
N TRP B 46 -0.18 -6.18 0.28
CA TRP B 46 0.87 -6.34 1.28
C TRP B 46 0.30 -7.00 2.53
N LEU B 47 -0.69 -6.34 3.13
CA LEU B 47 -1.33 -6.89 4.33
C LEU B 47 -1.85 -8.29 4.07
N ILE B 48 -2.44 -8.45 2.91
CA ILE B 48 -3.01 -9.72 2.53
C ILE B 48 -1.96 -10.81 2.42
N GLN B 49 -0.82 -10.48 1.83
CA GLN B 49 0.24 -11.46 1.68
C GLN B 49 1.09 -11.56 2.95
N ASN B 50 0.98 -10.57 3.83
CA ASN B 50 1.75 -10.56 5.07
C ASN B 50 0.93 -11.09 6.25
N LYS B 51 -0.31 -10.63 6.34
CA LYS B 51 -1.21 -11.04 7.42
C LYS B 51 -1.60 -12.51 7.30
N GLU B 52 -2.20 -12.87 6.17
CA GLU B 52 -2.63 -14.25 5.94
C GLU B 52 -1.55 -15.25 6.32
N LYS B 53 -0.29 -14.85 6.16
CA LYS B 53 0.84 -15.71 6.50
C LYS B 53 1.79 -15.02 7.47
N LEU B 54 1.25 -14.12 8.28
CA LEU B 54 2.07 -13.38 9.25
C LEU B 54 2.86 -14.32 10.14
N PRO B 55 4.17 -14.49 9.86
CA PRO B 55 5.03 -15.38 10.63
C PRO B 55 5.45 -14.75 11.96
N ASN B 56 5.84 -15.59 12.91
CA ASN B 56 6.28 -15.12 14.22
C ASN B 56 7.69 -14.53 14.14
N GLU B 57 8.46 -14.99 13.16
CA GLU B 57 9.83 -14.50 12.97
C GLU B 57 9.84 -13.19 12.19
N LEU B 58 8.77 -12.93 11.44
CA LEU B 58 8.67 -11.72 10.64
C LEU B 58 8.32 -10.52 11.52
N LYS B 59 7.70 -10.79 12.67
CA LYS B 59 7.30 -9.73 13.61
C LYS B 59 8.31 -8.59 13.64
N PRO B 60 9.59 -8.89 13.91
CA PRO B 60 10.64 -7.86 13.97
C PRO B 60 10.83 -7.15 12.63
N LYS B 61 10.55 -7.87 11.54
CA LYS B 61 10.69 -7.30 10.20
C LYS B 61 9.68 -6.19 9.98
N ILE B 62 8.52 -6.31 10.61
CA ILE B 62 7.47 -5.30 10.49
C ILE B 62 8.06 -3.92 10.76
N ASP B 63 9.00 -3.87 11.72
CA ASP B 63 9.67 -2.62 12.03
C ASP B 63 10.53 -2.23 10.85
N GLU B 64 11.17 -3.25 10.26
CA GLU B 64 12.01 -3.06 9.08
C GLU B 64 11.18 -2.42 7.98
N ILE B 65 9.98 -2.95 7.79
CA ILE B 65 9.06 -2.43 6.78
C ILE B 65 8.80 -0.95 7.00
N SER B 66 8.74 -0.56 8.27
CA SER B 66 8.50 0.83 8.63
C SER B 66 9.78 1.66 8.53
N LYS B 67 10.84 1.24 9.23
CA LYS B 67 12.10 1.95 9.20
C LYS B 67 12.69 1.98 7.79
N ARG B 68 12.57 0.86 7.09
CA ARG B 68 13.10 0.78 5.73
C ARG B 68 12.22 1.56 4.77
N PHE B 69 10.91 1.60 5.05
CA PHE B 69 9.97 2.33 4.21
C PHE B 69 10.46 3.76 4.03
N PHE B 70 11.10 4.30 5.07
CA PHE B 70 11.64 5.64 5.04
C PHE B 70 13.17 5.57 5.04
N PRO B 71 13.77 5.24 3.88
CA PRO B 71 15.23 5.13 3.75
C PRO B 71 15.92 6.48 3.80
N ALA B 72 16.44 6.84 4.97
CA ALA B 72 17.12 8.11 5.14
C ALA B 72 17.93 8.12 6.44
N LYS B 73 19.25 8.26 6.31
CA LYS B 73 20.12 8.29 7.48
C LYS B 73 20.29 9.72 7.99
N MET A 1 15.51 21.40 -0.96
CA MET A 1 16.02 20.36 -1.88
C MET A 1 14.86 19.61 -2.54
N VAL A 2 15.20 18.60 -3.35
CA VAL A 2 14.19 17.80 -4.04
C VAL A 2 13.86 16.54 -3.26
N GLU A 3 13.63 16.69 -1.96
CA GLU A 3 13.31 15.56 -1.10
C GLU A 3 12.83 16.03 0.28
N SER A 4 12.11 17.14 0.29
CA SER A 4 11.60 17.70 1.53
C SER A 4 10.73 18.93 1.27
N LYS A 5 11.21 19.80 0.39
CA LYS A 5 10.47 21.01 0.04
C LYS A 5 9.75 20.85 -1.29
N LYS A 6 10.52 20.81 -2.38
CA LYS A 6 9.95 20.65 -3.71
C LYS A 6 9.31 19.28 -3.87
N ILE A 7 10.11 18.24 -3.67
CA ILE A 7 9.61 16.87 -3.79
C ILE A 7 9.46 16.21 -2.43
N ALA A 8 8.36 16.51 -1.75
CA ALA A 8 8.09 15.96 -0.43
C ALA A 8 6.77 15.19 -0.42
N LYS A 9 6.29 14.85 0.78
CA LYS A 9 5.05 14.12 0.91
C LYS A 9 3.86 15.05 0.66
N LYS A 10 2.82 14.53 0.04
CA LYS A 10 1.66 15.35 -0.29
C LYS A 10 0.36 14.69 0.18
N LYS A 11 -0.47 15.45 0.89
CA LYS A 11 -1.73 14.93 1.38
C LYS A 11 -2.62 14.56 0.19
N THR A 12 -2.79 13.26 -0.04
CA THR A 12 -3.60 12.80 -1.16
C THR A 12 -4.81 12.04 -0.68
N THR A 13 -5.93 12.23 -1.37
CA THR A 13 -7.18 11.54 -1.02
C THR A 13 -7.42 10.34 -1.90
N LEU A 14 -7.90 9.27 -1.29
CA LEU A 14 -8.20 8.05 -2.00
C LEU A 14 -9.53 7.52 -1.51
N ALA A 15 -10.42 7.14 -2.44
CA ALA A 15 -11.72 6.66 -2.04
C ALA A 15 -11.71 5.18 -1.77
N PHE A 16 -11.50 4.85 -0.50
CA PHE A 16 -11.49 3.48 -0.03
C PHE A 16 -11.68 3.44 1.47
N ASP A 17 -11.82 2.24 1.99
CA ASP A 17 -11.98 2.02 3.40
C ASP A 17 -12.65 0.70 3.62
N GLU A 18 -13.60 0.40 2.76
CA GLU A 18 -14.30 -0.86 2.88
C GLU A 18 -13.27 -1.99 3.06
N ASP A 19 -12.43 -2.17 2.05
CA ASP A 19 -11.39 -3.20 2.09
C ASP A 19 -10.14 -2.69 2.77
N VAL A 20 -9.69 -1.49 2.40
CA VAL A 20 -8.48 -0.94 2.99
C VAL A 20 -8.67 -0.71 4.49
N TYR A 21 -9.82 -0.16 4.90
CA TYR A 21 -10.07 0.07 6.31
C TYR A 21 -10.19 -1.27 7.03
N HIS A 22 -10.93 -2.21 6.44
CA HIS A 22 -11.07 -3.52 7.06
C HIS A 22 -9.71 -4.23 7.11
N THR A 23 -8.98 -4.20 6.00
CA THR A 23 -7.67 -4.82 5.95
C THR A 23 -6.73 -4.09 6.91
N LEU A 24 -6.75 -2.76 6.87
CA LEU A 24 -5.92 -1.96 7.75
C LEU A 24 -6.19 -2.35 9.20
N LYS A 25 -7.35 -2.98 9.42
CA LYS A 25 -7.74 -3.40 10.75
C LYS A 25 -6.84 -4.50 11.29
N LEU A 26 -6.60 -5.54 10.49
CA LEU A 26 -5.74 -6.63 10.94
C LEU A 26 -4.30 -6.15 11.06
N VAL A 27 -3.86 -5.40 10.06
CA VAL A 27 -2.50 -4.84 10.05
C VAL A 27 -2.32 -3.84 11.17
N SER A 28 -3.31 -2.99 11.37
CA SER A 28 -3.20 -2.00 12.41
C SER A 28 -3.14 -2.65 13.78
N VAL A 29 -3.86 -3.75 13.94
CA VAL A 29 -3.89 -4.47 15.19
C VAL A 29 -2.65 -5.35 15.32
N TYR A 30 -2.37 -6.10 14.26
CA TYR A 30 -1.22 -6.99 14.23
C TYR A 30 0.09 -6.22 14.12
N LEU A 31 0.04 -5.00 13.58
CA LEU A 31 1.24 -4.20 13.44
C LEU A 31 1.22 -3.03 14.42
N ASN A 32 0.10 -2.85 15.12
CA ASN A 32 -0.04 -1.76 16.08
C ASN A 32 0.26 -0.44 15.38
N ARG A 33 -0.14 -0.35 14.12
CA ARG A 33 0.10 0.84 13.32
C ARG A 33 -1.18 1.36 12.68
N ASP A 34 -1.45 2.66 12.86
CA ASP A 34 -2.63 3.27 12.28
C ASP A 34 -2.73 2.93 10.79
N MET A 35 -3.90 3.12 10.21
CA MET A 35 -4.11 2.81 8.82
C MET A 35 -3.15 3.63 7.95
N THR A 36 -3.10 4.93 8.18
CA THR A 36 -2.24 5.81 7.42
C THR A 36 -0.77 5.42 7.60
N GLU A 37 -0.44 4.87 8.76
CA GLU A 37 0.92 4.45 9.05
C GLU A 37 1.23 3.14 8.34
N ILE A 38 0.24 2.25 8.27
CA ILE A 38 0.40 0.96 7.61
C ILE A 38 0.30 1.11 6.10
N ILE A 39 -0.67 1.88 5.63
CA ILE A 39 -0.84 2.08 4.19
C ILE A 39 0.39 2.76 3.62
N GLU A 40 0.94 3.70 4.37
CA GLU A 40 2.12 4.42 3.94
C GLU A 40 3.35 3.54 4.12
N GLU A 41 3.28 2.59 5.06
CA GLU A 41 4.39 1.69 5.28
C GLU A 41 4.32 0.52 4.31
N ALA A 42 3.09 0.15 3.94
CA ALA A 42 2.88 -0.95 3.01
C ALA A 42 3.15 -0.50 1.58
N VAL A 43 2.72 0.72 1.25
CA VAL A 43 2.93 1.27 -0.08
C VAL A 43 4.40 1.20 -0.47
N VAL A 44 5.20 1.92 0.29
CA VAL A 44 6.63 1.96 0.05
C VAL A 44 7.22 0.57 0.06
N MET A 45 6.96 -0.16 1.14
CA MET A 45 7.45 -1.52 1.26
C MET A 45 6.99 -2.38 0.08
N TRP A 46 5.83 -2.04 -0.49
CA TRP A 46 5.32 -2.78 -1.63
C TRP A 46 6.16 -2.48 -2.86
N LEU A 47 6.31 -1.21 -3.17
CA LEU A 47 7.12 -0.80 -4.31
C LEU A 47 8.54 -1.25 -4.11
N ILE A 48 9.04 -1.00 -2.90
CA ILE A 48 10.38 -1.35 -2.55
C ILE A 48 10.65 -2.83 -2.77
N GLN A 49 9.71 -3.66 -2.34
CA GLN A 49 9.88 -5.09 -2.51
C GLN A 49 9.44 -5.56 -3.89
N ASN A 50 8.50 -4.85 -4.50
CA ASN A 50 7.97 -5.25 -5.81
C ASN A 50 8.63 -4.49 -6.97
N LYS A 51 8.47 -3.17 -6.97
CA LYS A 51 9.02 -2.34 -8.04
C LYS A 51 10.51 -2.59 -8.24
N GLU A 52 11.29 -2.44 -7.17
CA GLU A 52 12.74 -2.63 -7.24
C GLU A 52 13.09 -3.92 -7.98
N LYS A 53 12.22 -4.91 -7.90
CA LYS A 53 12.45 -6.19 -8.56
C LYS A 53 11.29 -6.58 -9.46
N LEU A 54 10.58 -5.59 -10.00
CA LEU A 54 9.44 -5.86 -10.88
C LEU A 54 9.85 -6.76 -12.04
N PRO A 55 9.52 -8.07 -11.95
CA PRO A 55 9.85 -9.04 -12.99
C PRO A 55 8.90 -8.97 -14.18
N ASN A 56 9.36 -9.48 -15.32
CA ASN A 56 8.54 -9.49 -16.53
C ASN A 56 7.47 -10.57 -16.44
N GLU A 57 7.78 -11.64 -15.72
CA GLU A 57 6.85 -12.76 -15.54
C GLU A 57 5.78 -12.41 -14.51
N LEU A 58 6.08 -11.44 -13.65
CA LEU A 58 5.13 -11.02 -12.62
C LEU A 58 4.04 -10.14 -13.20
N LYS A 59 4.34 -9.50 -14.34
CA LYS A 59 3.39 -8.61 -15.01
C LYS A 59 1.95 -9.14 -14.91
N PRO A 60 1.70 -10.39 -15.33
CA PRO A 60 0.37 -10.97 -15.27
C PRO A 60 -0.16 -11.03 -13.84
N LYS A 61 0.74 -11.13 -12.88
CA LYS A 61 0.37 -11.19 -11.47
C LYS A 61 -0.17 -9.84 -11.01
N ILE A 62 0.34 -8.76 -11.60
CA ILE A 62 -0.11 -7.42 -11.24
C ILE A 62 -1.64 -7.36 -11.29
N ASP A 63 -2.23 -8.19 -12.15
CA ASP A 63 -3.68 -8.26 -12.25
C ASP A 63 -4.18 -9.03 -11.05
N GLU A 64 -3.47 -10.10 -10.72
CA GLU A 64 -3.79 -10.92 -9.56
C GLU A 64 -3.81 -10.05 -8.31
N ILE A 65 -2.81 -9.18 -8.20
CA ILE A 65 -2.70 -8.27 -7.07
C ILE A 65 -3.96 -7.42 -6.95
N SER A 66 -4.38 -6.85 -8.08
CA SER A 66 -5.56 -6.01 -8.12
C SER A 66 -6.83 -6.81 -7.84
N LYS A 67 -6.99 -7.94 -8.53
CA LYS A 67 -8.17 -8.79 -8.34
C LYS A 67 -8.13 -9.49 -6.99
N ARG A 68 -6.94 -9.59 -6.40
CA ARG A 68 -6.79 -10.24 -5.11
C ARG A 68 -6.92 -9.24 -3.97
N PHE A 69 -6.45 -8.01 -4.20
CA PHE A 69 -6.52 -6.97 -3.19
C PHE A 69 -7.97 -6.77 -2.74
N PHE A 70 -8.90 -7.03 -3.66
CA PHE A 70 -10.32 -6.91 -3.37
C PHE A 70 -10.97 -8.28 -3.37
N PRO A 71 -10.72 -9.08 -2.32
CA PRO A 71 -11.28 -10.44 -2.19
C PRO A 71 -12.78 -10.43 -1.94
N ALA A 72 -13.31 -11.59 -1.58
CA ALA A 72 -14.74 -11.72 -1.29
C ALA A 72 -14.98 -12.67 -0.13
N LYS A 73 -14.32 -13.83 -0.17
CA LYS A 73 -14.46 -14.82 0.89
C LYS A 73 -13.49 -14.55 2.04
N MET B 1 -27.47 1.49 2.25
CA MET B 1 -28.38 0.32 2.19
C MET B 1 -27.67 -0.95 2.69
N VAL B 2 -26.36 -1.01 2.50
CA VAL B 2 -25.58 -2.15 2.93
C VAL B 2 -24.08 -1.89 2.75
N GLU B 3 -23.29 -2.43 3.67
CA GLU B 3 -21.83 -2.25 3.61
C GLU B 3 -21.23 -3.13 2.52
N SER B 4 -21.46 -2.75 1.26
CA SER B 4 -20.94 -3.50 0.13
C SER B 4 -21.44 -2.92 -1.19
N LYS B 5 -22.76 -2.93 -1.36
CA LYS B 5 -23.37 -2.40 -2.58
C LYS B 5 -23.18 -0.90 -2.68
N LYS B 6 -23.51 -0.19 -1.60
CA LYS B 6 -23.38 1.26 -1.56
C LYS B 6 -22.06 1.68 -0.95
N ILE B 7 -21.81 1.22 0.27
CA ILE B 7 -20.57 1.54 0.98
C ILE B 7 -19.47 0.54 0.66
N ALA B 8 -18.82 0.73 -0.49
CA ALA B 8 -17.75 -0.16 -0.92
C ALA B 8 -16.39 0.51 -0.82
N LYS B 9 -16.43 1.80 -0.55
CA LYS B 9 -15.22 2.60 -0.43
C LYS B 9 -15.53 3.96 0.18
N LYS B 10 -14.61 4.48 0.98
CA LYS B 10 -14.78 5.77 1.64
C LYS B 10 -13.65 6.74 1.28
N LYS B 11 -13.99 7.99 1.04
CA LYS B 11 -12.97 8.99 0.72
C LYS B 11 -12.05 9.19 1.91
N THR B 12 -10.82 8.69 1.81
CA THR B 12 -9.86 8.82 2.88
C THR B 12 -8.61 9.55 2.42
N THR B 13 -8.05 10.38 3.30
CA THR B 13 -6.84 11.13 2.96
C THR B 13 -5.60 10.50 3.57
N LEU B 14 -4.56 10.40 2.76
CA LEU B 14 -3.29 9.86 3.21
C LEU B 14 -2.17 10.79 2.79
N ALA B 15 -1.30 11.12 3.74
CA ALA B 15 -0.21 12.05 3.47
C ALA B 15 1.02 11.37 2.89
N PHE B 16 1.19 11.53 1.58
CA PHE B 16 2.32 10.99 0.86
C PHE B 16 2.21 11.37 -0.60
N ASP B 17 3.22 11.03 -1.37
CA ASP B 17 3.24 11.33 -2.79
C ASP B 17 4.67 11.35 -3.25
N GLU B 18 5.54 11.86 -2.41
CA GLU B 18 6.93 11.91 -2.75
C GLU B 18 7.36 10.58 -3.34
N ASP B 19 7.28 9.54 -2.52
CA ASP B 19 7.63 8.20 -2.96
C ASP B 19 6.44 7.50 -3.62
N VAL B 20 5.32 7.46 -2.91
CA VAL B 20 4.12 6.81 -3.44
C VAL B 20 3.74 7.37 -4.80
N TYR B 21 3.89 8.68 -4.99
CA TYR B 21 3.55 9.32 -6.27
C TYR B 21 4.62 9.02 -7.32
N HIS B 22 5.89 9.23 -6.98
CA HIS B 22 6.96 8.95 -7.94
C HIS B 22 6.99 7.47 -8.26
N THR B 23 7.05 6.64 -7.22
CA THR B 23 7.04 5.21 -7.42
C THR B 23 5.80 4.84 -8.24
N LEU B 24 4.74 5.62 -8.04
CA LEU B 24 3.49 5.43 -8.77
C LEU B 24 3.76 5.48 -10.27
N LYS B 25 4.87 6.11 -10.64
CA LYS B 25 5.21 6.25 -12.04
C LYS B 25 5.45 4.90 -12.70
N LEU B 26 6.28 4.07 -12.10
CA LEU B 26 6.55 2.76 -12.68
C LEU B 26 5.33 1.87 -12.56
N VAL B 27 4.73 1.86 -11.38
CA VAL B 27 3.53 1.06 -11.15
C VAL B 27 2.40 1.50 -12.04
N SER B 28 2.24 2.81 -12.20
CA SER B 28 1.16 3.30 -13.03
C SER B 28 1.35 2.87 -14.48
N VAL B 29 2.59 2.96 -14.95
CA VAL B 29 2.92 2.58 -16.31
C VAL B 29 3.01 1.07 -16.45
N TYR B 30 3.69 0.45 -15.49
CA TYR B 30 3.87 -0.99 -15.49
C TYR B 30 2.60 -1.72 -15.09
N LEU B 31 1.70 -1.05 -14.36
CA LEU B 31 0.46 -1.69 -13.96
C LEU B 31 -0.72 -1.03 -14.66
N ASN B 32 -0.46 -0.02 -15.49
CA ASN B 32 -1.52 0.70 -16.19
C ASN B 32 -2.65 0.99 -15.24
N ARG B 33 -2.29 1.35 -14.02
CA ARG B 33 -3.27 1.63 -12.96
C ARG B 33 -3.17 3.07 -12.47
N ASP B 34 -4.23 3.50 -11.79
CA ASP B 34 -4.28 4.84 -11.23
C ASP B 34 -3.55 4.86 -9.89
N MET B 35 -3.18 6.04 -9.43
CA MET B 35 -2.47 6.16 -8.16
C MET B 35 -3.25 5.49 -7.03
N THR B 36 -4.54 5.80 -6.94
CA THR B 36 -5.38 5.23 -5.90
C THR B 36 -5.47 3.72 -6.04
N GLU B 37 -5.66 3.25 -7.27
CA GLU B 37 -5.75 1.81 -7.53
C GLU B 37 -4.42 1.12 -7.19
N ILE B 38 -3.32 1.82 -7.43
CA ILE B 38 -2.00 1.28 -7.17
C ILE B 38 -1.64 1.36 -5.68
N ILE B 39 -1.77 2.56 -5.10
CA ILE B 39 -1.44 2.74 -3.70
C ILE B 39 -2.26 1.84 -2.82
N GLU B 40 -3.52 1.63 -3.21
CA GLU B 40 -4.40 0.77 -2.45
C GLU B 40 -4.21 -0.68 -2.83
N GLU B 41 -3.70 -0.93 -4.04
CA GLU B 41 -3.47 -2.29 -4.48
C GLU B 41 -2.16 -2.80 -3.89
N ALA B 42 -1.21 -1.89 -3.72
CA ALA B 42 0.08 -2.25 -3.14
C ALA B 42 -0.03 -2.47 -1.65
N VAL B 43 -0.76 -1.59 -0.97
CA VAL B 43 -0.95 -1.68 0.46
C VAL B 43 -1.55 -3.01 0.87
N VAL B 44 -2.75 -3.23 0.38
CA VAL B 44 -3.50 -4.44 0.68
C VAL B 44 -2.68 -5.68 0.33
N MET B 45 -2.05 -5.67 -0.83
CA MET B 45 -1.24 -6.80 -1.25
C MET B 45 -0.16 -7.09 -0.21
N TRP B 46 0.35 -6.04 0.43
CA TRP B 46 1.38 -6.22 1.45
C TRP B 46 0.80 -6.98 2.64
N LEU B 47 -0.24 -6.41 3.24
CA LEU B 47 -0.89 -7.05 4.38
C LEU B 47 -1.32 -8.46 4.03
N ILE B 48 -1.91 -8.58 2.85
CA ILE B 48 -2.40 -9.85 2.37
C ILE B 48 -1.30 -10.87 2.21
N GLN B 49 -0.18 -10.45 1.63
CA GLN B 49 0.92 -11.36 1.42
C GLN B 49 1.78 -11.48 2.68
N ASN B 50 1.61 -10.53 3.61
CA ASN B 50 2.38 -10.53 4.84
C ASN B 50 1.60 -11.17 5.99
N LYS B 51 0.46 -10.58 6.32
CA LYS B 51 -0.38 -11.06 7.42
C LYS B 51 -0.74 -12.54 7.24
N GLU B 52 -1.34 -12.87 6.11
CA GLU B 52 -1.75 -14.25 5.83
C GLU B 52 -0.64 -15.24 6.19
N LYS B 53 0.60 -14.77 6.06
CA LYS B 53 1.75 -15.62 6.37
C LYS B 53 2.66 -14.94 7.39
N LEU B 54 2.07 -14.10 8.25
CA LEU B 54 2.83 -13.37 9.26
C LEU B 54 3.67 -14.33 10.11
N PRO B 55 4.99 -14.43 9.81
CA PRO B 55 5.89 -15.30 10.55
C PRO B 55 6.34 -14.70 11.88
N ASN B 56 6.78 -15.55 12.80
CA ASN B 56 7.24 -15.11 14.10
C ASN B 56 8.64 -14.47 13.99
N GLU B 57 9.41 -14.93 13.02
CA GLU B 57 10.75 -14.40 12.79
C GLU B 57 10.72 -13.07 12.05
N LEU B 58 9.58 -12.76 11.42
CA LEU B 58 9.43 -11.52 10.67
C LEU B 58 8.99 -10.38 11.60
N LYS B 59 8.39 -10.73 12.72
CA LYS B 59 7.91 -9.74 13.70
C LYS B 59 8.87 -8.57 13.84
N PRO B 60 10.17 -8.86 14.05
CA PRO B 60 11.19 -7.82 14.20
C PRO B 60 11.39 -7.01 12.92
N LYS B 61 11.16 -7.65 11.78
CA LYS B 61 11.30 -6.98 10.50
C LYS B 61 10.19 -5.96 10.29
N ILE B 62 9.06 -6.18 10.96
CA ILE B 62 7.95 -5.25 10.84
C ILE B 62 8.44 -3.83 11.15
N ASP B 63 9.40 -3.76 12.08
CA ASP B 63 10.00 -2.50 12.43
C ASP B 63 10.80 -1.99 11.25
N GLU B 64 11.46 -2.94 10.58
CA GLU B 64 12.25 -2.63 9.39
C GLU B 64 11.33 -2.04 8.31
N ILE B 65 10.19 -2.69 8.10
CA ILE B 65 9.22 -2.23 7.13
C ILE B 65 8.89 -0.76 7.34
N SER B 66 8.72 -0.37 8.60
CA SER B 66 8.40 1.01 8.94
C SER B 66 9.65 1.89 8.99
N LYS B 67 10.65 1.47 9.74
CA LYS B 67 11.89 2.24 9.88
C LYS B 67 12.65 2.34 8.56
N ARG B 68 12.37 1.43 7.64
CA ARG B 68 13.04 1.45 6.33
C ARG B 68 12.19 2.20 5.31
N PHE B 69 10.88 2.09 5.43
CA PHE B 69 9.97 2.75 4.51
C PHE B 69 10.30 4.25 4.44
N PHE B 70 10.71 4.80 5.58
CA PHE B 70 11.08 6.20 5.66
C PHE B 70 12.59 6.32 5.88
N PRO B 71 13.37 6.11 4.81
CA PRO B 71 14.84 6.18 4.88
C PRO B 71 15.35 7.61 5.02
N ALA B 72 16.34 7.79 5.88
CA ALA B 72 16.92 9.11 6.11
C ALA B 72 17.68 9.61 4.88
N LYS B 73 18.52 8.74 4.33
CA LYS B 73 19.31 9.08 3.15
C LYS B 73 18.48 8.92 1.88
N MET A 1 17.73 16.18 -0.66
CA MET A 1 16.69 16.10 0.39
C MET A 1 16.71 17.33 1.29
N VAL A 2 16.09 18.41 0.83
CA VAL A 2 16.04 19.65 1.61
C VAL A 2 14.73 19.77 2.39
N GLU A 3 14.07 18.64 2.60
CA GLU A 3 12.81 18.61 3.34
C GLU A 3 11.78 19.54 2.72
N SER A 4 10.77 18.96 2.07
CA SER A 4 9.71 19.74 1.44
C SER A 4 10.24 20.52 0.23
N LYS A 5 9.31 21.14 -0.49
CA LYS A 5 9.66 21.93 -1.68
C LYS A 5 10.14 21.05 -2.83
N LYS A 6 10.14 19.73 -2.63
CA LYS A 6 10.58 18.80 -3.66
C LYS A 6 10.54 17.36 -3.15
N ILE A 7 11.12 17.15 -1.97
CA ILE A 7 11.16 15.81 -1.37
C ILE A 7 10.34 15.75 -0.09
N ALA A 8 9.03 15.60 -0.23
CA ALA A 8 8.15 15.52 0.93
C ALA A 8 6.82 14.86 0.57
N LYS A 9 6.14 14.35 1.59
CA LYS A 9 4.85 13.68 1.41
C LYS A 9 3.76 14.71 1.15
N LYS A 10 2.87 14.39 0.21
CA LYS A 10 1.79 15.29 -0.14
C LYS A 10 0.46 14.68 0.29
N LYS A 11 -0.35 15.46 1.02
CA LYS A 11 -1.64 14.96 1.47
C LYS A 11 -2.52 14.65 0.28
N THR A 12 -2.74 13.37 0.02
CA THR A 12 -3.56 12.95 -1.09
C THR A 12 -4.80 12.20 -0.62
N THR A 13 -5.90 12.36 -1.36
CA THR A 13 -7.15 11.69 -1.01
C THR A 13 -7.35 10.44 -1.85
N LEU A 14 -7.88 9.41 -1.22
CA LEU A 14 -8.17 8.16 -1.87
C LEU A 14 -9.52 7.64 -1.41
N ALA A 15 -10.41 7.32 -2.34
CA ALA A 15 -11.72 6.84 -1.95
C ALA A 15 -11.72 5.34 -1.72
N PHE A 16 -11.51 4.98 -0.47
CA PHE A 16 -11.49 3.59 -0.03
C PHE A 16 -11.68 3.52 1.45
N ASP A 17 -11.80 2.32 1.95
CA ASP A 17 -11.98 2.07 3.37
C ASP A 17 -12.65 0.75 3.56
N GLU A 18 -13.59 0.46 2.69
CA GLU A 18 -14.29 -0.79 2.78
C GLU A 18 -13.28 -1.92 2.98
N ASP A 19 -12.42 -2.10 1.99
CA ASP A 19 -11.39 -3.12 2.05
C ASP A 19 -10.14 -2.63 2.76
N VAL A 20 -9.65 -1.45 2.38
CA VAL A 20 -8.46 -0.90 2.99
C VAL A 20 -8.67 -0.69 4.49
N TYR A 21 -9.82 -0.15 4.88
CA TYR A 21 -10.11 0.06 6.29
C TYR A 21 -10.23 -1.27 7.02
N HIS A 22 -10.98 -2.22 6.43
CA HIS A 22 -11.12 -3.53 7.06
C HIS A 22 -9.76 -4.22 7.13
N THR A 23 -9.03 -4.20 6.01
CA THR A 23 -7.72 -4.81 5.97
C THR A 23 -6.78 -4.09 6.93
N LEU A 24 -6.79 -2.75 6.88
CA LEU A 24 -5.97 -1.96 7.78
C LEU A 24 -6.27 -2.35 9.23
N LYS A 25 -7.41 -2.97 9.45
CA LYS A 25 -7.82 -3.38 10.78
C LYS A 25 -6.93 -4.51 11.31
N LEU A 26 -6.70 -5.53 10.50
CA LEU A 26 -5.85 -6.64 10.96
C LEU A 26 -4.40 -6.18 11.06
N VAL A 27 -3.96 -5.44 10.06
CA VAL A 27 -2.60 -4.89 10.04
C VAL A 27 -2.41 -3.89 11.16
N SER A 28 -3.37 -3.01 11.35
CA SER A 28 -3.25 -2.01 12.39
C SER A 28 -3.21 -2.66 13.77
N VAL A 29 -3.94 -3.76 13.92
CA VAL A 29 -3.99 -4.48 15.18
C VAL A 29 -2.75 -5.36 15.33
N TYR A 30 -2.46 -6.13 14.29
CA TYR A 30 -1.31 -7.02 14.30
C TYR A 30 0.00 -6.24 14.19
N LEU A 31 -0.05 -5.03 13.63
CA LEU A 31 1.15 -4.21 13.49
C LEU A 31 1.13 -3.05 14.48
N ASN A 32 0.02 -2.92 15.21
CA ASN A 32 -0.11 -1.83 16.18
C ASN A 32 0.19 -0.50 15.49
N ARG A 33 -0.18 -0.42 14.22
CA ARG A 33 0.07 0.79 13.43
C ARG A 33 -1.23 1.35 12.86
N ASP A 34 -1.30 2.68 12.78
CA ASP A 34 -2.47 3.34 12.24
C ASP A 34 -2.64 2.95 10.77
N MET A 35 -3.82 3.18 10.22
CA MET A 35 -4.07 2.84 8.83
C MET A 35 -3.13 3.60 7.91
N THR A 36 -3.06 4.91 8.10
CA THR A 36 -2.18 5.75 7.29
C THR A 36 -0.72 5.35 7.50
N GLU A 37 -0.42 4.84 8.68
CA GLU A 37 0.93 4.42 9.00
C GLU A 37 1.25 3.10 8.30
N ILE A 38 0.26 2.21 8.27
CA ILE A 38 0.41 0.91 7.63
C ILE A 38 0.37 1.05 6.11
N ILE A 39 -0.62 1.79 5.61
CA ILE A 39 -0.74 1.99 4.16
C ILE A 39 0.50 2.66 3.63
N GLU A 40 1.09 3.51 4.47
CA GLU A 40 2.31 4.22 4.10
C GLU A 40 3.51 3.30 4.25
N GLU A 41 3.41 2.31 5.14
CA GLU A 41 4.50 1.37 5.33
C GLU A 41 4.41 0.25 4.30
N ALA A 42 3.18 -0.05 3.88
CA ALA A 42 2.93 -1.08 2.89
C ALA A 42 3.28 -0.58 1.49
N VAL A 43 2.90 0.67 1.22
CA VAL A 43 3.17 1.28 -0.08
C VAL A 43 4.64 1.19 -0.43
N VAL A 44 5.45 1.82 0.39
CA VAL A 44 6.89 1.84 0.19
C VAL A 44 7.43 0.42 0.11
N MET A 45 7.09 -0.38 1.10
CA MET A 45 7.55 -1.76 1.14
C MET A 45 7.11 -2.50 -0.13
N TRP A 46 5.99 -2.10 -0.70
CA TRP A 46 5.51 -2.75 -1.91
C TRP A 46 6.39 -2.36 -3.09
N LEU A 47 6.56 -1.06 -3.30
CA LEU A 47 7.40 -0.57 -4.37
C LEU A 47 8.82 -1.07 -4.20
N ILE A 48 9.28 -1.00 -2.97
CA ILE A 48 10.62 -1.42 -2.64
C ILE A 48 10.85 -2.88 -2.97
N GLN A 49 9.93 -3.74 -2.56
CA GLN A 49 10.06 -5.16 -2.82
C GLN A 49 9.56 -5.54 -4.22
N ASN A 50 8.64 -4.73 -4.74
CA ASN A 50 8.07 -5.00 -6.07
C ASN A 50 8.73 -4.18 -7.17
N LYS A 51 8.62 -2.87 -7.05
CA LYS A 51 9.19 -1.96 -8.04
C LYS A 51 10.69 -2.17 -8.22
N GLU A 52 11.44 -2.02 -7.13
CA GLU A 52 12.89 -2.18 -7.18
C GLU A 52 13.30 -3.42 -7.95
N LYS A 53 12.47 -4.46 -7.89
CA LYS A 53 12.76 -5.71 -8.58
C LYS A 53 11.61 -6.13 -9.50
N LEU A 54 10.87 -5.14 -10.01
CA LEU A 54 9.73 -5.42 -10.90
C LEU A 54 10.16 -6.30 -12.07
N PRO A 55 9.88 -7.62 -12.00
CA PRO A 55 10.24 -8.57 -13.05
C PRO A 55 9.27 -8.53 -14.23
N ASN A 56 9.73 -9.01 -15.37
CA ASN A 56 8.91 -9.05 -16.57
C ASN A 56 7.88 -10.17 -16.48
N GLU A 57 8.23 -11.22 -15.73
CA GLU A 57 7.35 -12.36 -15.54
C GLU A 57 6.24 -12.04 -14.55
N LEU A 58 6.48 -11.05 -13.70
CA LEU A 58 5.50 -10.64 -12.70
C LEU A 58 4.41 -9.77 -13.33
N LYS A 59 4.74 -9.14 -14.46
CA LYS A 59 3.81 -8.26 -15.17
C LYS A 59 2.37 -8.81 -15.11
N PRO A 60 2.16 -10.07 -15.51
CA PRO A 60 0.82 -10.68 -15.47
C PRO A 60 0.30 -10.83 -14.06
N LYS A 61 1.21 -11.00 -13.11
CA LYS A 61 0.84 -11.14 -11.70
C LYS A 61 0.25 -9.84 -11.17
N ILE A 62 0.65 -8.72 -11.77
CA ILE A 62 0.13 -7.42 -11.35
C ILE A 62 -1.39 -7.44 -11.38
N ASP A 63 -1.94 -8.26 -12.27
CA ASP A 63 -3.38 -8.42 -12.36
C ASP A 63 -3.84 -9.22 -11.15
N GLU A 64 -3.01 -10.19 -10.78
CA GLU A 64 -3.26 -11.03 -9.62
C GLU A 64 -3.38 -10.14 -8.38
N ILE A 65 -2.48 -9.17 -8.30
CA ILE A 65 -2.48 -8.22 -7.18
C ILE A 65 -3.78 -7.45 -7.13
N SER A 66 -4.27 -7.05 -8.31
CA SER A 66 -5.50 -6.30 -8.41
C SER A 66 -6.71 -7.19 -8.15
N LYS A 67 -6.75 -8.35 -8.80
CA LYS A 67 -7.86 -9.28 -8.63
C LYS A 67 -7.85 -9.90 -7.23
N ARG A 68 -6.64 -10.10 -6.70
CA ARG A 68 -6.50 -10.68 -5.36
C ARG A 68 -6.73 -9.61 -4.30
N PHE A 69 -6.38 -8.37 -4.63
CA PHE A 69 -6.55 -7.26 -3.71
C PHE A 69 -8.02 -7.18 -3.28
N PHE A 70 -8.90 -7.51 -4.21
CA PHE A 70 -10.33 -7.51 -3.94
C PHE A 70 -10.86 -8.93 -3.95
N PRO A 71 -10.60 -9.69 -2.88
CA PRO A 71 -11.04 -11.09 -2.76
C PRO A 71 -12.53 -11.21 -2.51
N ALA A 72 -13.27 -11.63 -3.53
CA ALA A 72 -14.71 -11.80 -3.42
C ALA A 72 -15.06 -12.98 -2.53
N LYS A 73 -15.96 -12.75 -1.58
CA LYS A 73 -16.39 -13.80 -0.66
C LYS A 73 -17.48 -14.66 -1.27
N MET B 1 -25.22 -5.70 4.51
CA MET B 1 -24.52 -6.97 4.83
C MET B 1 -23.07 -6.72 5.20
N VAL B 2 -22.82 -5.61 5.89
CA VAL B 2 -21.47 -5.23 6.32
C VAL B 2 -20.44 -5.47 5.21
N GLU B 3 -20.87 -5.30 3.96
CA GLU B 3 -20.00 -5.49 2.82
C GLU B 3 -20.66 -5.00 1.54
N SER B 4 -20.12 -3.93 0.96
CA SER B 4 -20.66 -3.35 -0.27
C SER B 4 -22.00 -2.67 -0.01
N LYS B 5 -22.99 -3.46 0.38
CA LYS B 5 -24.33 -2.94 0.65
C LYS B 5 -24.27 -1.83 1.69
N LYS B 6 -23.91 -2.19 2.92
CA LYS B 6 -23.83 -1.23 4.01
C LYS B 6 -22.45 -0.55 4.04
N ILE B 7 -21.41 -1.37 4.07
CA ILE B 7 -20.04 -0.85 4.11
C ILE B 7 -19.48 -0.72 2.70
N ALA B 8 -19.17 0.51 2.30
CA ALA B 8 -18.61 0.78 0.98
C ALA B 8 -17.28 1.53 1.09
N LYS B 9 -16.82 2.07 -0.03
CA LYS B 9 -15.57 2.81 -0.06
C LYS B 9 -15.73 4.18 0.59
N LYS B 10 -14.68 4.68 1.22
CA LYS B 10 -14.73 5.97 1.89
C LYS B 10 -13.58 6.88 1.45
N LYS B 11 -13.86 8.17 1.27
CA LYS B 11 -12.82 9.10 0.89
C LYS B 11 -11.85 9.30 2.05
N THR B 12 -10.66 8.74 1.92
CA THR B 12 -9.66 8.84 2.97
C THR B 12 -8.42 9.58 2.48
N THR B 13 -7.86 10.41 3.35
CA THR B 13 -6.67 11.18 3.00
C THR B 13 -5.42 10.55 3.60
N LEU B 14 -4.40 10.42 2.77
CA LEU B 14 -3.12 9.87 3.20
C LEU B 14 -2.01 10.81 2.78
N ALA B 15 -1.12 11.14 3.72
CA ALA B 15 -0.05 12.08 3.44
C ALA B 15 1.18 11.40 2.84
N PHE B 16 1.31 11.57 1.53
CA PHE B 16 2.45 11.03 0.78
C PHE B 16 2.31 11.40 -0.68
N ASP B 17 3.33 11.09 -1.45
CA ASP B 17 3.33 11.37 -2.86
C ASP B 17 4.76 11.41 -3.35
N GLU B 18 5.63 11.95 -2.53
CA GLU B 18 7.02 12.01 -2.90
C GLU B 18 7.47 10.68 -3.48
N ASP B 19 7.42 9.65 -2.65
CA ASP B 19 7.80 8.31 -3.07
C ASP B 19 6.62 7.59 -3.70
N VAL B 20 5.50 7.53 -2.99
CA VAL B 20 4.31 6.85 -3.49
C VAL B 20 3.88 7.40 -4.85
N TYR B 21 3.98 8.72 -5.04
CA TYR B 21 3.60 9.32 -6.32
C TYR B 21 4.64 9.02 -7.39
N HIS B 22 5.93 9.22 -7.08
CA HIS B 22 6.97 8.95 -8.07
C HIS B 22 7.01 7.46 -8.37
N THR B 23 7.07 6.64 -7.33
CA THR B 23 7.07 5.19 -7.53
C THR B 23 5.81 4.80 -8.29
N LEU B 24 4.73 5.56 -8.06
CA LEU B 24 3.48 5.31 -8.75
C LEU B 24 3.68 5.40 -10.25
N LYS B 25 4.77 6.06 -10.66
CA LYS B 25 5.07 6.23 -12.06
C LYS B 25 5.33 4.89 -12.75
N LEU B 26 6.19 4.07 -12.16
CA LEU B 26 6.47 2.77 -12.77
C LEU B 26 5.27 1.86 -12.63
N VAL B 27 4.72 1.79 -11.42
CA VAL B 27 3.54 0.98 -11.17
C VAL B 27 2.38 1.40 -12.04
N SER B 28 2.18 2.70 -12.18
CA SER B 28 1.08 3.17 -12.99
C SER B 28 1.24 2.75 -14.43
N VAL B 29 2.46 2.86 -14.94
CA VAL B 29 2.76 2.50 -16.31
C VAL B 29 2.87 0.99 -16.46
N TYR B 30 3.58 0.38 -15.52
CA TYR B 30 3.80 -1.06 -15.52
C TYR B 30 2.54 -1.81 -15.11
N LEU B 31 1.66 -1.16 -14.35
CA LEU B 31 0.43 -1.82 -13.92
C LEU B 31 -0.77 -1.20 -14.59
N ASN B 32 -0.54 -0.19 -15.45
CA ASN B 32 -1.62 0.49 -16.16
C ASN B 32 -2.75 0.78 -15.19
N ARG B 33 -2.37 1.16 -13.97
CA ARG B 33 -3.33 1.44 -12.92
C ARG B 33 -3.25 2.89 -12.44
N ASP B 34 -4.29 3.32 -11.73
CA ASP B 34 -4.33 4.67 -11.18
C ASP B 34 -3.61 4.70 -9.85
N MET B 35 -3.19 5.88 -9.41
CA MET B 35 -2.47 6.00 -8.16
C MET B 35 -3.29 5.43 -7.01
N THR B 36 -4.58 5.74 -6.99
CA THR B 36 -5.47 5.25 -5.94
C THR B 36 -5.61 3.73 -6.04
N GLU B 37 -5.65 3.22 -7.26
CA GLU B 37 -5.77 1.78 -7.46
C GLU B 37 -4.48 1.08 -7.05
N ILE B 38 -3.36 1.64 -7.48
CA ILE B 38 -2.04 1.09 -7.16
C ILE B 38 -1.74 1.17 -5.66
N ILE B 39 -1.95 2.34 -5.07
CA ILE B 39 -1.67 2.51 -3.64
C ILE B 39 -2.55 1.59 -2.81
N GLU B 40 -3.77 1.38 -3.28
CA GLU B 40 -4.70 0.52 -2.58
C GLU B 40 -4.48 -0.93 -2.97
N GLU B 41 -3.88 -1.17 -4.14
CA GLU B 41 -3.62 -2.53 -4.56
C GLU B 41 -2.35 -3.05 -3.88
N ALA B 42 -1.43 -2.14 -3.62
CA ALA B 42 -0.18 -2.48 -2.97
C ALA B 42 -0.39 -2.73 -1.48
N VAL B 43 -1.14 -1.84 -0.85
CA VAL B 43 -1.42 -1.94 0.58
C VAL B 43 -2.00 -3.30 0.93
N VAL B 44 -3.15 -3.58 0.37
CA VAL B 44 -3.84 -4.82 0.62
C VAL B 44 -2.95 -6.02 0.31
N MET B 45 -2.35 -6.00 -0.88
CA MET B 45 -1.47 -7.08 -1.28
C MET B 45 -0.34 -7.25 -0.28
N TRP B 46 0.07 -6.17 0.38
CA TRP B 46 1.14 -6.25 1.36
C TRP B 46 0.64 -6.99 2.60
N LEU B 47 -0.44 -6.48 3.18
CA LEU B 47 -1.03 -7.10 4.36
C LEU B 47 -1.36 -8.55 4.09
N ILE B 48 -1.94 -8.76 2.92
CA ILE B 48 -2.36 -10.08 2.51
C ILE B 48 -1.19 -11.04 2.37
N GLN B 49 -0.12 -10.59 1.72
CA GLN B 49 1.04 -11.43 1.53
C GLN B 49 1.94 -11.40 2.77
N ASN B 50 1.74 -10.40 3.62
CA ASN B 50 2.57 -10.24 4.82
C ASN B 50 1.89 -10.83 6.06
N LYS B 51 0.73 -10.28 6.40
CA LYS B 51 -0.02 -10.73 7.57
C LYS B 51 -0.39 -12.21 7.49
N GLU B 52 -1.09 -12.59 6.43
CA GLU B 52 -1.51 -13.98 6.24
C GLU B 52 -0.37 -14.96 6.52
N LYS B 53 0.85 -14.52 6.27
CA LYS B 53 2.03 -15.36 6.50
C LYS B 53 3.03 -14.64 7.39
N LEU B 54 2.53 -13.76 8.27
CA LEU B 54 3.39 -13.01 9.17
C LEU B 54 4.31 -13.94 9.97
N PRO B 55 5.59 -14.03 9.58
CA PRO B 55 6.57 -14.88 10.25
C PRO B 55 7.09 -14.26 11.55
N ASN B 56 7.63 -15.11 12.42
CA ASN B 56 8.19 -14.65 13.69
C ASN B 56 9.53 -13.95 13.48
N GLU B 57 10.25 -14.39 12.45
CA GLU B 57 11.55 -13.81 12.13
C GLU B 57 11.41 -12.43 11.51
N LEU B 58 10.29 -12.21 10.83
CA LEU B 58 10.02 -10.92 10.18
C LEU B 58 9.51 -9.90 11.19
N LYS B 59 9.01 -10.38 12.33
CA LYS B 59 8.48 -9.52 13.39
C LYS B 59 9.30 -8.24 13.55
N PRO B 60 10.63 -8.35 13.74
CA PRO B 60 11.50 -7.19 13.90
C PRO B 60 11.58 -6.34 12.64
N LYS B 61 11.40 -6.96 11.49
CA LYS B 61 11.45 -6.25 10.22
C LYS B 61 10.28 -5.29 10.11
N ILE B 62 9.17 -5.61 10.77
CA ILE B 62 7.99 -4.75 10.75
C ILE B 62 8.38 -3.33 11.13
N ASP B 63 9.37 -3.21 12.01
CA ASP B 63 9.86 -1.91 12.41
C ASP B 63 10.56 -1.29 11.22
N GLU B 64 11.32 -2.11 10.51
CA GLU B 64 12.03 -1.69 9.31
C GLU B 64 11.03 -1.11 8.30
N ILE B 65 9.94 -1.87 8.07
CA ILE B 65 8.90 -1.45 7.15
C ILE B 65 8.40 -0.05 7.51
N SER B 66 8.32 0.21 8.82
CA SER B 66 7.85 1.51 9.31
C SER B 66 8.95 2.56 9.20
N LYS B 67 10.10 2.29 9.79
CA LYS B 67 11.22 3.23 9.76
C LYS B 67 11.76 3.41 8.34
N ARG B 68 11.45 2.46 7.46
CA ARG B 68 11.92 2.53 6.08
C ARG B 68 10.97 3.35 5.20
N PHE B 69 9.66 3.23 5.43
CA PHE B 69 8.70 3.99 4.65
C PHE B 69 8.79 5.47 5.03
N PHE B 70 9.19 5.72 6.27
CA PHE B 70 9.35 7.08 6.77
C PHE B 70 10.81 7.33 7.07
N PRO B 71 11.66 7.39 6.02
CA PRO B 71 13.10 7.62 6.17
C PRO B 71 13.41 8.99 6.72
N ALA B 72 13.96 9.04 7.93
CA ALA B 72 14.31 10.30 8.57
C ALA B 72 15.58 10.17 9.40
N LYS B 73 16.71 10.56 8.82
CA LYS B 73 17.99 10.49 9.51
C LYS B 73 18.87 11.68 9.15
N MET A 1 17.29 18.01 5.07
CA MET A 1 16.31 17.81 6.17
C MET A 1 15.40 16.62 5.89
N VAL A 2 15.30 15.71 6.86
CA VAL A 2 14.47 14.53 6.71
C VAL A 2 12.99 14.89 6.85
N GLU A 3 12.12 13.98 6.40
CA GLU A 3 10.67 14.18 6.46
C GLU A 3 10.29 15.60 6.01
N SER A 4 10.96 16.07 4.96
CA SER A 4 10.69 17.41 4.43
C SER A 4 11.39 17.60 3.08
N LYS A 5 12.70 17.77 3.13
CA LYS A 5 13.48 17.97 1.90
C LYS A 5 13.60 16.67 1.11
N LYS A 6 14.26 15.68 1.72
CA LYS A 6 14.43 14.39 1.06
C LYS A 6 13.11 13.63 0.98
N ILE A 7 12.47 13.45 2.14
CA ILE A 7 11.20 12.75 2.19
C ILE A 7 10.05 13.70 2.51
N ALA A 8 9.26 14.05 1.49
CA ALA A 8 8.13 14.95 1.67
C ALA A 8 6.82 14.18 1.71
N LYS A 9 5.71 14.91 1.71
CA LYS A 9 4.39 14.29 1.75
C LYS A 9 3.29 15.29 1.43
N LYS A 10 2.30 14.87 0.64
CA LYS A 10 1.20 15.75 0.29
C LYS A 10 -0.13 15.09 0.63
N LYS A 11 -1.01 15.83 1.29
CA LYS A 11 -2.31 15.27 1.66
C LYS A 11 -3.09 14.89 0.41
N THR A 12 -3.20 13.58 0.17
CA THR A 12 -3.91 13.09 -0.99
C THR A 12 -5.15 12.29 -0.60
N THR A 13 -6.18 12.35 -1.44
CA THR A 13 -7.42 11.62 -1.16
C THR A 13 -7.54 10.38 -2.03
N LEU A 14 -8.09 9.34 -1.45
CA LEU A 14 -8.31 8.09 -2.13
C LEU A 14 -9.63 7.50 -1.68
N ALA A 15 -10.48 7.09 -2.62
CA ALA A 15 -11.77 6.56 -2.23
C ALA A 15 -11.69 5.07 -1.95
N PHE A 16 -11.50 4.76 -0.68
CA PHE A 16 -11.42 3.38 -0.20
C PHE A 16 -11.65 3.35 1.29
N ASP A 17 -11.73 2.15 1.82
CA ASP A 17 -11.92 1.94 3.24
C ASP A 17 -12.54 0.59 3.45
N GLU A 18 -13.47 0.26 2.57
CA GLU A 18 -14.12 -1.03 2.68
C GLU A 18 -13.06 -2.10 2.92
N ASP A 19 -12.18 -2.27 1.95
CA ASP A 19 -11.11 -3.26 2.05
C ASP A 19 -9.89 -2.69 2.77
N VAL A 20 -9.44 -1.51 2.37
CA VAL A 20 -8.29 -0.90 3.00
C VAL A 20 -8.54 -0.66 4.49
N TYR A 21 -9.73 -0.14 4.84
CA TYR A 21 -10.04 0.11 6.24
C TYR A 21 -10.16 -1.21 7.00
N HIS A 22 -10.86 -2.19 6.41
CA HIS A 22 -11.00 -3.48 7.09
C HIS A 22 -9.65 -4.18 7.17
N THR A 23 -8.89 -4.13 6.07
CA THR A 23 -7.58 -4.74 6.06
C THR A 23 -6.66 -3.98 7.01
N LEU A 24 -6.67 -2.66 6.93
CA LEU A 24 -5.86 -1.83 7.81
C LEU A 24 -6.14 -2.21 9.27
N LYS A 25 -7.29 -2.83 9.50
CA LYS A 25 -7.67 -3.25 10.84
C LYS A 25 -6.77 -4.35 11.37
N LEU A 26 -6.55 -5.40 10.58
CA LEU A 26 -5.69 -6.49 11.04
C LEU A 26 -4.25 -6.02 11.11
N VAL A 27 -3.83 -5.30 10.08
CA VAL A 27 -2.47 -4.76 10.03
C VAL A 27 -2.24 -3.74 11.13
N SER A 28 -3.20 -2.86 11.33
CA SER A 28 -3.05 -1.85 12.36
C SER A 28 -3.00 -2.49 13.74
N VAL A 29 -3.74 -3.56 13.93
CA VAL A 29 -3.77 -4.27 15.20
C VAL A 29 -2.53 -5.15 15.34
N TYR A 30 -2.27 -5.94 14.30
CA TYR A 30 -1.12 -6.84 14.32
C TYR A 30 0.19 -6.07 14.16
N LEU A 31 0.13 -4.87 13.58
CA LEU A 31 1.34 -4.07 13.41
C LEU A 31 1.33 -2.87 14.34
N ASN A 32 0.26 -2.72 15.12
CA ASN A 32 0.14 -1.61 16.06
C ASN A 32 0.46 -0.30 15.34
N ARG A 33 0.08 -0.24 14.07
CA ARG A 33 0.33 0.94 13.25
C ARG A 33 -0.96 1.54 12.71
N ASP A 34 -1.03 2.86 12.69
CA ASP A 34 -2.20 3.54 12.16
C ASP A 34 -2.41 3.16 10.70
N MET A 35 -3.59 3.41 10.17
CA MET A 35 -3.89 3.07 8.81
C MET A 35 -2.96 3.83 7.86
N THR A 36 -2.79 5.13 8.11
CA THR A 36 -1.93 5.95 7.27
C THR A 36 -0.48 5.51 7.39
N GLU A 37 -0.13 4.96 8.56
CA GLU A 37 1.23 4.48 8.79
C GLU A 37 1.45 3.16 8.07
N ILE A 38 0.45 2.29 8.10
CA ILE A 38 0.52 0.99 7.45
C ILE A 38 0.41 1.13 5.94
N ILE A 39 -0.55 1.92 5.48
CA ILE A 39 -0.74 2.11 4.05
C ILE A 39 0.51 2.70 3.42
N GLU A 40 1.13 3.64 4.13
CA GLU A 40 2.34 4.26 3.64
C GLU A 40 3.53 3.35 3.88
N GLU A 41 3.39 2.43 4.83
CA GLU A 41 4.48 1.49 5.10
C GLU A 41 4.38 0.31 4.14
N ALA A 42 3.17 -0.04 3.77
CA ALA A 42 2.94 -1.15 2.85
C ALA A 42 3.26 -0.73 1.42
N VAL A 43 2.84 0.47 1.05
CA VAL A 43 3.10 0.98 -0.29
C VAL A 43 4.57 0.89 -0.65
N VAL A 44 5.37 1.59 0.12
CA VAL A 44 6.81 1.61 -0.09
C VAL A 44 7.36 0.19 -0.09
N MET A 45 6.99 -0.58 0.92
CA MET A 45 7.44 -1.96 1.01
C MET A 45 7.05 -2.72 -0.25
N TRP A 46 5.87 -2.45 -0.77
CA TRP A 46 5.42 -3.12 -1.99
C TRP A 46 6.32 -2.76 -3.15
N LEU A 47 6.48 -1.47 -3.40
CA LEU A 47 7.34 -1.02 -4.50
C LEU A 47 8.76 -1.52 -4.26
N ILE A 48 9.21 -1.36 -3.03
CA ILE A 48 10.54 -1.75 -2.65
C ILE A 48 10.79 -3.22 -2.94
N GLN A 49 9.86 -4.07 -2.53
CA GLN A 49 10.01 -5.49 -2.76
C GLN A 49 9.55 -5.90 -4.15
N ASN A 50 8.65 -5.11 -4.75
CA ASN A 50 8.11 -5.42 -6.07
C ASN A 50 8.81 -4.67 -7.19
N LYS A 51 8.74 -3.34 -7.15
CA LYS A 51 9.34 -2.50 -8.18
C LYS A 51 10.85 -2.73 -8.29
N GLU A 52 11.56 -2.55 -7.19
CA GLU A 52 13.01 -2.72 -7.18
C GLU A 52 13.43 -4.01 -7.89
N LYS A 53 12.56 -5.02 -7.82
CA LYS A 53 12.84 -6.31 -8.46
C LYS A 53 11.71 -6.71 -9.40
N LEU A 54 11.02 -5.73 -9.96
CA LEU A 54 9.90 -6.00 -10.87
C LEU A 54 10.33 -6.92 -12.00
N PRO A 55 9.99 -8.22 -11.91
CA PRO A 55 10.33 -9.21 -12.92
C PRO A 55 9.40 -9.15 -14.13
N ASN A 56 9.87 -9.66 -15.27
CA ASN A 56 9.09 -9.68 -16.48
C ASN A 56 8.01 -10.77 -16.42
N GLU A 57 8.31 -11.83 -15.67
CA GLU A 57 7.37 -12.94 -15.51
C GLU A 57 6.29 -12.62 -14.49
N LEU A 58 6.57 -11.65 -13.61
CA LEU A 58 5.62 -11.26 -12.58
C LEU A 58 4.53 -10.37 -13.17
N LYS A 59 4.85 -9.69 -14.26
CA LYS A 59 3.90 -8.79 -14.94
C LYS A 59 2.48 -9.34 -14.92
N PRO A 60 2.27 -10.58 -15.40
CA PRO A 60 0.93 -11.20 -15.43
C PRO A 60 0.33 -11.32 -14.03
N LYS A 61 1.19 -11.44 -13.02
CA LYS A 61 0.72 -11.57 -11.65
C LYS A 61 0.21 -10.22 -11.14
N ILE A 62 0.72 -9.14 -11.69
CA ILE A 62 0.28 -7.81 -11.30
C ILE A 62 -1.24 -7.73 -11.38
N ASP A 63 -1.80 -8.47 -12.33
CA ASP A 63 -3.24 -8.52 -12.50
C ASP A 63 -3.82 -9.21 -11.28
N GLU A 64 -3.15 -10.28 -10.85
CA GLU A 64 -3.54 -11.02 -9.67
C GLU A 64 -3.55 -10.08 -8.46
N ILE A 65 -2.48 -9.30 -8.34
CA ILE A 65 -2.35 -8.33 -7.26
C ILE A 65 -3.58 -7.43 -7.20
N SER A 66 -4.12 -7.10 -8.37
CA SER A 66 -5.30 -6.24 -8.45
C SER A 66 -6.58 -7.03 -8.23
N LYS A 67 -6.79 -8.06 -9.02
CA LYS A 67 -7.99 -8.89 -8.91
C LYS A 67 -8.04 -9.62 -7.56
N ARG A 68 -6.89 -9.73 -6.89
CA ARG A 68 -6.82 -10.41 -5.60
C ARG A 68 -7.06 -9.43 -4.45
N PHE A 69 -6.47 -8.24 -4.55
CA PHE A 69 -6.64 -7.24 -3.49
C PHE A 69 -8.12 -7.08 -3.14
N PHE A 70 -8.98 -7.31 -4.13
CA PHE A 70 -10.41 -7.21 -3.95
C PHE A 70 -11.05 -8.60 -4.01
N PRO A 71 -10.87 -9.40 -2.94
CA PRO A 71 -11.41 -10.76 -2.87
C PRO A 71 -12.92 -10.78 -2.73
N ALA A 72 -13.63 -10.68 -3.85
CA ALA A 72 -15.09 -10.68 -3.84
C ALA A 72 -15.64 -11.25 -5.14
N LYS A 73 -16.85 -11.79 -5.08
CA LYS A 73 -17.50 -12.36 -6.25
C LYS A 73 -18.47 -11.37 -6.88
N MET B 1 -23.89 -1.60 9.12
CA MET B 1 -25.28 -1.08 9.23
C MET B 1 -25.98 -1.05 7.88
N VAL B 2 -25.20 -0.84 6.83
CA VAL B 2 -25.74 -0.79 5.47
C VAL B 2 -24.65 -1.03 4.43
N GLU B 3 -25.05 -1.37 3.21
CA GLU B 3 -24.10 -1.63 2.13
C GLU B 3 -23.75 -0.33 1.41
N SER B 4 -23.05 0.56 2.11
CA SER B 4 -22.64 1.84 1.53
C SER B 4 -21.80 2.64 2.52
N LYS B 5 -22.33 2.87 3.71
CA LYS B 5 -21.62 3.61 4.74
C LYS B 5 -20.66 2.70 5.49
N LYS B 6 -21.11 1.49 5.82
CA LYS B 6 -20.30 0.53 6.55
C LYS B 6 -19.55 -0.37 5.58
N ILE B 7 -20.29 -1.08 4.74
CA ILE B 7 -19.70 -1.98 3.76
C ILE B 7 -19.60 -1.31 2.39
N ALA B 8 -18.57 -0.49 2.21
CA ALA B 8 -18.36 0.21 0.96
C ALA B 8 -17.09 1.05 1.02
N LYS B 9 -16.70 1.60 -0.13
CA LYS B 9 -15.50 2.42 -0.20
C LYS B 9 -15.74 3.79 0.40
N LYS B 10 -14.71 4.37 1.01
CA LYS B 10 -14.83 5.67 1.65
C LYS B 10 -13.71 6.61 1.21
N LYS B 11 -14.02 7.90 1.07
CA LYS B 11 -13.00 8.87 0.68
C LYS B 11 -12.01 9.04 1.83
N THR B 12 -10.81 8.50 1.66
CA THR B 12 -9.79 8.59 2.69
C THR B 12 -8.65 9.51 2.26
N THR B 13 -8.04 10.19 3.22
CA THR B 13 -6.93 11.08 2.91
C THR B 13 -5.63 10.60 3.52
N LEU B 14 -4.61 10.52 2.69
CA LEU B 14 -3.29 10.12 3.13
C LEU B 14 -2.31 11.26 2.90
N ALA B 15 -1.58 11.63 3.93
CA ALA B 15 -0.64 12.75 3.81
C ALA B 15 0.70 12.28 3.29
N PHE B 16 0.78 12.13 1.97
CA PHE B 16 1.99 11.71 1.28
C PHE B 16 1.81 11.92 -0.21
N ASP B 17 2.85 11.69 -0.96
CA ASP B 17 2.81 11.87 -2.41
C ASP B 17 4.22 12.00 -2.92
N GLU B 18 5.07 12.66 -2.16
CA GLU B 18 6.44 12.82 -2.58
C GLU B 18 7.00 11.48 -3.04
N ASP B 19 7.04 10.52 -2.12
CA ASP B 19 7.55 9.19 -2.44
C ASP B 19 6.45 8.31 -3.04
N VAL B 20 5.30 8.27 -2.41
CA VAL B 20 4.20 7.47 -2.92
C VAL B 20 3.79 7.93 -4.32
N TYR B 21 3.63 9.24 -4.51
CA TYR B 21 3.26 9.76 -5.82
C TYR B 21 4.34 9.43 -6.85
N HIS B 22 5.61 9.65 -6.49
CA HIS B 22 6.69 9.34 -7.42
C HIS B 22 6.76 7.85 -7.67
N THR B 23 6.75 7.06 -6.59
CA THR B 23 6.78 5.61 -6.73
C THR B 23 5.57 5.13 -7.51
N LEU B 24 4.41 5.73 -7.23
CA LEU B 24 3.19 5.39 -7.93
C LEU B 24 3.37 5.59 -9.43
N LYS B 25 4.39 6.37 -9.79
CA LYS B 25 4.67 6.65 -11.19
C LYS B 25 5.12 5.40 -11.93
N LEU B 26 6.05 4.63 -11.36
CA LEU B 26 6.51 3.42 -12.04
C LEU B 26 5.42 2.37 -12.00
N VAL B 27 4.82 2.20 -10.84
CA VAL B 27 3.74 1.24 -10.67
C VAL B 27 2.56 1.59 -11.55
N SER B 28 2.22 2.86 -11.61
CA SER B 28 1.09 3.27 -12.41
C SER B 28 1.34 3.00 -13.89
N VAL B 29 2.58 3.22 -14.33
CA VAL B 29 2.95 3.00 -15.70
C VAL B 29 3.20 1.52 -15.96
N TYR B 30 3.94 0.91 -15.05
CA TYR B 30 4.27 -0.51 -15.16
C TYR B 30 3.06 -1.39 -14.85
N LEU B 31 2.12 -0.88 -14.07
CA LEU B 31 0.93 -1.66 -13.73
C LEU B 31 -0.30 -1.10 -14.45
N ASN B 32 -0.12 0.00 -15.18
CA ASN B 32 -1.23 0.62 -15.90
C ASN B 32 -2.40 0.85 -14.94
N ARG B 33 -2.06 1.18 -13.69
CA ARG B 33 -3.06 1.40 -12.66
C ARG B 33 -2.89 2.77 -12.01
N ASP B 34 -3.98 3.51 -11.86
CA ASP B 34 -3.93 4.81 -11.22
C ASP B 34 -3.25 4.70 -9.86
N MET B 35 -2.82 5.82 -9.31
CA MET B 35 -2.16 5.81 -8.02
C MET B 35 -3.11 5.30 -6.94
N THR B 36 -4.38 5.65 -7.05
CA THR B 36 -5.38 5.22 -6.08
C THR B 36 -5.58 3.71 -6.15
N GLU B 37 -5.53 3.17 -7.36
CA GLU B 37 -5.69 1.73 -7.55
C GLU B 37 -4.49 0.98 -7.02
N ILE B 38 -3.30 1.49 -7.33
CA ILE B 38 -2.06 0.88 -6.90
C ILE B 38 -1.82 1.04 -5.40
N ILE B 39 -2.06 2.25 -4.88
CA ILE B 39 -1.85 2.49 -3.46
C ILE B 39 -2.76 1.60 -2.63
N GLU B 40 -3.98 1.44 -3.09
CA GLU B 40 -4.95 0.63 -2.38
C GLU B 40 -4.81 -0.85 -2.76
N GLU B 41 -4.33 -1.14 -3.97
CA GLU B 41 -4.17 -2.53 -4.37
C GLU B 41 -2.84 -3.08 -3.87
N ALA B 42 -1.85 -2.20 -3.73
CA ALA B 42 -0.54 -2.60 -3.25
C ALA B 42 -0.56 -2.78 -1.74
N VAL B 43 -1.36 -1.95 -1.08
CA VAL B 43 -1.49 -2.01 0.38
C VAL B 43 -2.11 -3.31 0.83
N VAL B 44 -3.34 -3.51 0.41
CA VAL B 44 -4.09 -4.69 0.77
C VAL B 44 -3.35 -5.95 0.34
N MET B 45 -2.85 -5.95 -0.88
CA MET B 45 -2.11 -7.10 -1.37
C MET B 45 -0.91 -7.40 -0.48
N TRP B 46 -0.32 -6.35 0.09
CA TRP B 46 0.82 -6.55 0.97
C TRP B 46 0.39 -7.28 2.23
N LEU B 47 -0.58 -6.71 2.93
CA LEU B 47 -1.11 -7.33 4.15
C LEU B 47 -1.63 -8.72 3.86
N ILE B 48 -2.34 -8.81 2.76
CA ILE B 48 -2.95 -10.06 2.37
C ILE B 48 -1.92 -11.13 2.11
N GLN B 49 -0.83 -10.77 1.45
CA GLN B 49 0.21 -11.72 1.15
C GLN B 49 1.16 -11.89 2.34
N ASN B 50 1.33 -10.83 3.11
CA ASN B 50 2.24 -10.87 4.27
C ASN B 50 1.51 -11.11 5.59
N LYS B 51 0.61 -10.19 5.93
CA LYS B 51 -0.15 -10.26 7.17
C LYS B 51 -0.91 -11.58 7.31
N GLU B 52 -1.77 -11.88 6.35
CA GLU B 52 -2.56 -13.12 6.39
C GLU B 52 -1.70 -14.31 6.79
N LYS B 53 -0.42 -14.25 6.44
CA LYS B 53 0.51 -15.32 6.77
C LYS B 53 1.69 -14.79 7.57
N LEU B 54 1.45 -13.72 8.34
CA LEU B 54 2.50 -13.10 9.16
C LEU B 54 3.18 -14.13 10.06
N PRO B 55 4.38 -14.61 9.68
CA PRO B 55 5.11 -15.60 10.47
C PRO B 55 5.85 -14.97 11.64
N ASN B 56 6.26 -15.81 12.60
CA ASN B 56 6.99 -15.34 13.76
C ASN B 56 8.37 -14.85 13.35
N GLU B 57 8.88 -15.41 12.25
CA GLU B 57 10.20 -15.05 11.74
C GLU B 57 10.15 -13.65 11.13
N LEU B 58 9.05 -13.32 10.47
CA LEU B 58 8.89 -12.01 9.86
C LEU B 58 8.46 -10.98 10.90
N LYS B 59 7.85 -11.45 11.99
CA LYS B 59 7.40 -10.57 13.07
C LYS B 59 8.41 -9.46 13.33
N PRO B 60 9.67 -9.82 13.56
CA PRO B 60 10.74 -8.83 13.81
C PRO B 60 11.05 -8.02 12.56
N LYS B 61 10.80 -8.60 11.40
CA LYS B 61 11.04 -7.93 10.14
C LYS B 61 10.05 -6.78 9.95
N ILE B 62 8.89 -6.88 10.60
CA ILE B 62 7.89 -5.83 10.51
C ILE B 62 8.52 -4.50 10.90
N ASP B 63 9.55 -4.57 11.74
CA ASP B 63 10.27 -3.38 12.15
C ASP B 63 11.07 -2.88 10.96
N GLU B 64 11.66 -3.84 10.23
CA GLU B 64 12.42 -3.53 9.03
C GLU B 64 11.53 -2.84 8.02
N ILE B 65 10.35 -3.40 7.82
CA ILE B 65 9.37 -2.84 6.89
C ILE B 65 9.07 -1.38 7.25
N SER B 66 9.04 -1.10 8.55
CA SER B 66 8.76 0.25 9.03
C SER B 66 10.00 1.14 8.94
N LYS B 67 11.10 0.69 9.53
CA LYS B 67 12.34 1.46 9.50
C LYS B 67 12.86 1.61 8.08
N ARG B 68 12.69 0.56 7.27
CA ARG B 68 13.14 0.60 5.89
C ARG B 68 12.22 1.50 5.06
N PHE B 69 10.93 1.49 5.40
CA PHE B 69 9.96 2.31 4.69
C PHE B 69 10.37 3.78 4.81
N PHE B 70 10.94 4.13 5.96
CA PHE B 70 11.41 5.49 6.20
C PHE B 70 12.93 5.48 6.29
N PRO B 71 13.60 5.36 5.14
CA PRO B 71 15.08 5.32 5.08
C PRO B 71 15.70 6.67 5.38
N ALA B 72 16.46 6.74 6.47
CA ALA B 72 17.12 7.99 6.87
C ALA B 72 18.63 7.91 6.63
N LYS B 73 19.16 8.85 5.86
CA LYS B 73 20.58 8.89 5.57
C LYS B 73 21.14 10.29 5.76
N MET A 1 16.96 18.94 0.48
CA MET A 1 17.06 18.72 1.96
C MET A 1 15.92 17.86 2.46
N VAL A 2 16.07 17.33 3.67
CA VAL A 2 15.05 16.48 4.27
C VAL A 2 13.73 17.24 4.42
N GLU A 3 12.64 16.57 4.10
CA GLU A 3 11.31 17.18 4.20
C GLU A 3 11.21 18.42 3.33
N SER A 4 11.46 18.26 2.03
CA SER A 4 11.40 19.37 1.09
C SER A 4 11.66 18.90 -0.34
N LYS A 5 12.91 18.51 -0.61
CA LYS A 5 13.29 18.04 -1.93
C LYS A 5 13.54 16.54 -1.93
N LYS A 6 14.50 16.09 -1.12
CA LYS A 6 14.84 14.68 -1.03
C LYS A 6 13.61 13.84 -0.71
N ILE A 7 13.09 13.99 0.51
CA ILE A 7 11.92 13.25 0.95
C ILE A 7 10.80 14.20 1.34
N ALA A 8 9.60 13.93 0.82
CA ALA A 8 8.45 14.77 1.12
C ALA A 8 7.16 13.93 1.17
N LYS A 9 6.03 14.62 1.25
CA LYS A 9 4.73 13.97 1.32
C LYS A 9 3.61 14.97 1.09
N LYS A 10 2.68 14.64 0.20
CA LYS A 10 1.56 15.51 -0.10
C LYS A 10 0.26 14.87 0.33
N LYS A 11 -0.59 15.62 1.01
CA LYS A 11 -1.86 15.07 1.46
C LYS A 11 -2.71 14.67 0.25
N THR A 12 -2.83 13.38 0.05
CA THR A 12 -3.60 12.86 -1.08
C THR A 12 -4.84 12.14 -0.62
N THR A 13 -5.90 12.21 -1.43
CA THR A 13 -7.15 11.54 -1.10
C THR A 13 -7.36 10.30 -1.94
N LEU A 14 -7.90 9.27 -1.31
CA LEU A 14 -8.18 8.01 -1.97
C LEU A 14 -9.53 7.50 -1.50
N ALA A 15 -10.41 7.18 -2.43
CA ALA A 15 -11.73 6.70 -2.04
C ALA A 15 -11.74 5.21 -1.81
N PHE A 16 -11.53 4.85 -0.56
CA PHE A 16 -11.53 3.47 -0.11
C PHE A 16 -11.71 3.41 1.38
N ASP A 17 -11.86 2.21 1.88
CA ASP A 17 -12.03 1.97 3.31
C ASP A 17 -12.70 0.65 3.50
N GLU A 18 -13.63 0.35 2.64
CA GLU A 18 -14.32 -0.91 2.76
C GLU A 18 -13.31 -2.02 2.97
N ASP A 19 -12.44 -2.21 1.96
CA ASP A 19 -11.40 -3.23 2.04
C ASP A 19 -10.16 -2.71 2.75
N VAL A 20 -9.69 -1.54 2.35
CA VAL A 20 -8.50 -0.97 2.97
C VAL A 20 -8.72 -0.75 4.46
N TYR A 21 -9.87 -0.18 4.83
CA TYR A 21 -10.16 0.05 6.24
C TYR A 21 -10.26 -1.28 6.99
N HIS A 22 -10.99 -2.24 6.41
CA HIS A 22 -11.10 -3.55 7.05
C HIS A 22 -9.73 -4.21 7.12
N THR A 23 -9.02 -4.22 6.01
CA THR A 23 -7.69 -4.81 5.98
C THR A 23 -6.77 -4.06 6.94
N LEU A 24 -6.83 -2.73 6.90
CA LEU A 24 -6.02 -1.91 7.79
C LEU A 24 -6.30 -2.31 9.24
N LYS A 25 -7.43 -2.97 9.46
CA LYS A 25 -7.80 -3.40 10.80
C LYS A 25 -6.86 -4.49 11.33
N LEU A 26 -6.59 -5.50 10.51
CA LEU A 26 -5.70 -6.57 10.95
C LEU A 26 -4.28 -6.05 11.07
N VAL A 27 -3.85 -5.32 10.06
CA VAL A 27 -2.51 -4.72 10.05
C VAL A 27 -2.35 -3.74 11.18
N SER A 28 -3.36 -2.91 11.40
CA SER A 28 -3.27 -1.93 12.45
C SER A 28 -3.19 -2.60 13.82
N VAL A 29 -3.92 -3.70 13.98
CA VAL A 29 -3.92 -4.44 15.23
C VAL A 29 -2.67 -5.30 15.34
N TYR A 30 -2.38 -6.02 14.26
CA TYR A 30 -1.22 -6.89 14.23
C TYR A 30 0.08 -6.09 14.16
N LEU A 31 0.01 -4.88 13.61
CA LEU A 31 1.19 -4.04 13.50
C LEU A 31 1.14 -2.88 14.48
N ASN A 32 0.06 -2.80 15.26
CA ASN A 32 -0.10 -1.72 16.23
C ASN A 32 0.19 -0.39 15.57
N ARG A 33 -0.14 -0.29 14.29
CA ARG A 33 0.10 0.92 13.52
C ARG A 33 -1.20 1.56 13.07
N ASP A 34 -1.11 2.75 12.51
CA ASP A 34 -2.27 3.46 12.01
C ASP A 34 -2.53 3.08 10.56
N MET A 35 -3.75 3.28 10.09
CA MET A 35 -4.10 2.94 8.72
C MET A 35 -3.22 3.70 7.74
N THR A 36 -2.90 4.96 8.07
CA THR A 36 -2.07 5.78 7.21
C THR A 36 -0.60 5.38 7.37
N GLU A 37 -0.25 4.92 8.56
CA GLU A 37 1.11 4.47 8.83
C GLU A 37 1.36 3.13 8.16
N ILE A 38 0.35 2.26 8.23
CA ILE A 38 0.43 0.94 7.62
C ILE A 38 0.49 1.06 6.09
N ILE A 39 -0.47 1.78 5.52
CA ILE A 39 -0.53 1.97 4.08
C ILE A 39 0.74 2.62 3.58
N GLU A 40 1.24 3.59 4.34
CA GLU A 40 2.44 4.29 3.97
C GLU A 40 3.66 3.40 4.17
N GLU A 41 3.56 2.44 5.09
CA GLU A 41 4.66 1.51 5.33
C GLU A 41 4.59 0.37 4.32
N ALA A 42 3.38 0.00 3.94
CA ALA A 42 3.18 -1.08 2.98
C ALA A 42 3.47 -0.62 1.57
N VAL A 43 3.06 0.62 1.26
CA VAL A 43 3.28 1.17 -0.07
C VAL A 43 4.75 1.10 -0.44
N VAL A 44 5.55 1.80 0.33
CA VAL A 44 6.98 1.85 0.11
C VAL A 44 7.56 0.45 0.09
N MET A 45 7.23 -0.33 1.10
CA MET A 45 7.74 -1.69 1.19
C MET A 45 7.34 -2.50 -0.05
N TRP A 46 6.19 -2.17 -0.64
CA TRP A 46 5.76 -2.89 -1.83
C TRP A 46 6.61 -2.49 -3.03
N LEU A 47 6.74 -1.20 -3.25
CA LEU A 47 7.56 -0.71 -4.35
C LEU A 47 9.00 -1.15 -4.15
N ILE A 48 9.47 -1.00 -2.93
CA ILE A 48 10.82 -1.35 -2.58
C ILE A 48 11.12 -2.80 -2.91
N GLN A 49 10.24 -3.70 -2.48
CA GLN A 49 10.45 -5.11 -2.74
C GLN A 49 9.95 -5.53 -4.12
N ASN A 50 8.94 -4.81 -4.63
CA ASN A 50 8.36 -5.13 -5.92
C ASN A 50 8.91 -4.27 -7.06
N LYS A 51 8.70 -2.97 -6.96
CA LYS A 51 9.15 -2.04 -7.99
C LYS A 51 10.65 -2.14 -8.24
N GLU A 52 11.43 -2.01 -7.17
CA GLU A 52 12.89 -2.08 -7.27
C GLU A 52 13.33 -3.26 -8.13
N LYS A 53 12.56 -4.35 -8.08
CA LYS A 53 12.89 -5.53 -8.85
C LYS A 53 11.71 -5.98 -9.72
N LEU A 54 10.87 -5.02 -10.15
CA LEU A 54 9.71 -5.34 -10.99
C LEU A 54 10.14 -6.11 -12.23
N PRO A 55 9.95 -7.45 -12.24
CA PRO A 55 10.32 -8.29 -13.38
C PRO A 55 9.29 -8.23 -14.50
N ASN A 56 9.72 -8.60 -15.70
CA ASN A 56 8.84 -8.59 -16.86
C ASN A 56 7.89 -9.79 -16.80
N GLU A 57 8.34 -10.85 -16.14
CA GLU A 57 7.53 -12.07 -16.00
C GLU A 57 6.46 -11.89 -14.93
N LEU A 58 6.62 -10.87 -14.10
CA LEU A 58 5.66 -10.59 -13.03
C LEU A 58 4.50 -9.74 -13.54
N LYS A 59 4.74 -9.01 -14.63
CA LYS A 59 3.71 -8.15 -15.22
C LYS A 59 2.32 -8.78 -15.13
N PRO A 60 2.19 -10.06 -15.53
CA PRO A 60 0.90 -10.77 -15.49
C PRO A 60 0.39 -10.93 -14.06
N LYS A 61 1.31 -11.11 -13.12
CA LYS A 61 0.94 -11.27 -11.72
C LYS A 61 0.35 -9.98 -11.18
N ILE A 62 0.71 -8.85 -11.78
CA ILE A 62 0.18 -7.56 -11.34
C ILE A 62 -1.34 -7.61 -11.35
N ASP A 63 -1.89 -8.46 -12.21
CA ASP A 63 -3.33 -8.65 -12.28
C ASP A 63 -3.76 -9.40 -11.04
N GLU A 64 -2.92 -10.36 -10.64
CA GLU A 64 -3.15 -11.15 -9.44
C GLU A 64 -3.20 -10.22 -8.23
N ILE A 65 -2.27 -9.27 -8.19
CA ILE A 65 -2.18 -8.30 -7.12
C ILE A 65 -3.48 -7.51 -7.01
N SER A 66 -4.05 -7.16 -8.16
CA SER A 66 -5.29 -6.40 -8.20
C SER A 66 -6.50 -7.29 -7.88
N LYS A 67 -6.58 -8.43 -8.55
CA LYS A 67 -7.68 -9.36 -8.34
C LYS A 67 -7.61 -10.02 -6.96
N ARG A 68 -6.41 -10.02 -6.37
CA ARG A 68 -6.23 -10.62 -5.06
C ARG A 68 -6.50 -9.61 -3.95
N PHE A 69 -6.13 -8.35 -4.19
CA PHE A 69 -6.36 -7.31 -3.20
C PHE A 69 -7.86 -7.14 -2.98
N PHE A 70 -8.63 -7.35 -4.04
CA PHE A 70 -10.08 -7.26 -3.98
C PHE A 70 -10.70 -8.64 -4.20
N PRO A 71 -10.59 -9.53 -3.19
CA PRO A 71 -11.12 -10.89 -3.29
C PRO A 71 -12.64 -10.93 -3.22
N ALA A 72 -13.28 -11.21 -4.35
CA ALA A 72 -14.74 -11.28 -4.40
C ALA A 72 -15.20 -12.35 -5.38
N LYS A 73 -16.50 -12.61 -5.40
CA LYS A 73 -17.07 -13.61 -6.29
C LYS A 73 -17.16 -13.08 -7.71
N MET B 1 -24.93 3.55 6.83
CA MET B 1 -23.91 4.37 6.14
C MET B 1 -24.48 4.99 4.86
N VAL B 2 -23.96 6.15 4.50
CA VAL B 2 -24.42 6.84 3.30
C VAL B 2 -23.48 6.57 2.12
N GLU B 3 -22.95 5.35 2.07
CA GLU B 3 -22.04 4.97 1.00
C GLU B 3 -22.70 3.94 0.07
N SER B 4 -22.99 2.76 0.61
CA SER B 4 -23.61 1.70 -0.16
C SER B 4 -24.56 0.89 0.71
N LYS B 5 -24.86 -0.34 0.29
CA LYS B 5 -25.77 -1.21 1.04
C LYS B 5 -25.42 -1.22 2.52
N LYS B 6 -24.13 -1.16 2.84
CA LYS B 6 -23.68 -1.18 4.21
C LYS B 6 -22.24 -0.67 4.31
N ILE B 7 -21.30 -1.46 3.82
CA ILE B 7 -19.89 -1.09 3.87
C ILE B 7 -19.35 -0.86 2.45
N ALA B 8 -19.13 0.40 2.11
CA ALA B 8 -18.61 0.75 0.80
C ALA B 8 -17.28 1.50 0.92
N LYS B 9 -16.80 2.02 -0.20
CA LYS B 9 -15.53 2.75 -0.22
C LYS B 9 -15.71 4.13 0.41
N LYS B 10 -14.67 4.59 1.11
CA LYS B 10 -14.73 5.88 1.77
C LYS B 10 -13.58 6.79 1.35
N LYS B 11 -13.86 8.08 1.17
CA LYS B 11 -12.80 9.02 0.80
C LYS B 11 -11.84 9.20 1.96
N THR B 12 -10.65 8.64 1.82
CA THR B 12 -9.64 8.73 2.87
C THR B 12 -8.45 9.57 2.41
N THR B 13 -7.83 10.27 3.36
CA THR B 13 -6.67 11.11 3.04
C THR B 13 -5.40 10.55 3.64
N LEU B 14 -4.38 10.44 2.79
CA LEU B 14 -3.09 9.95 3.22
C LEU B 14 -2.02 10.96 2.82
N ALA B 15 -1.15 11.31 3.75
CA ALA B 15 -0.12 12.31 3.50
C ALA B 15 1.14 11.72 2.89
N PHE B 16 1.23 11.83 1.56
CA PHE B 16 2.38 11.36 0.80
C PHE B 16 2.17 11.66 -0.67
N ASP B 17 3.17 11.40 -1.46
CA ASP B 17 3.12 11.64 -2.89
C ASP B 17 4.52 11.75 -3.43
N GLU B 18 5.39 12.33 -2.64
CA GLU B 18 6.76 12.48 -3.07
C GLU B 18 7.28 11.13 -3.59
N ASP B 19 7.33 10.16 -2.69
CA ASP B 19 7.80 8.83 -3.06
C ASP B 19 6.67 7.98 -3.63
N VAL B 20 5.52 8.00 -2.97
CA VAL B 20 4.40 7.22 -3.45
C VAL B 20 3.95 7.72 -4.82
N TYR B 21 3.78 9.03 -4.99
CA TYR B 21 3.38 9.57 -6.29
C TYR B 21 4.42 9.25 -7.34
N HIS B 22 5.70 9.41 -7.01
CA HIS B 22 6.75 9.10 -7.97
C HIS B 22 6.78 7.60 -8.25
N THR B 23 6.78 6.81 -7.19
CA THR B 23 6.77 5.36 -7.35
C THR B 23 5.51 4.93 -8.09
N LEU B 24 4.40 5.58 -7.75
CA LEU B 24 3.13 5.29 -8.40
C LEU B 24 3.24 5.52 -9.90
N LYS B 25 4.27 6.27 -10.30
CA LYS B 25 4.48 6.57 -11.71
C LYS B 25 4.87 5.33 -12.51
N LEU B 26 5.75 4.49 -11.97
CA LEU B 26 6.15 3.28 -12.67
C LEU B 26 5.04 2.25 -12.59
N VAL B 27 4.51 2.07 -11.38
CA VAL B 27 3.42 1.13 -11.15
C VAL B 27 2.21 1.51 -11.97
N SER B 28 1.91 2.79 -12.03
CA SER B 28 0.75 3.23 -12.78
C SER B 28 0.91 2.94 -14.26
N VAL B 29 2.11 3.17 -14.77
CA VAL B 29 2.41 2.92 -16.17
C VAL B 29 2.61 1.42 -16.42
N TYR B 30 3.38 0.81 -15.53
CA TYR B 30 3.69 -0.61 -15.64
C TYR B 30 2.49 -1.47 -15.25
N LEU B 31 1.60 -0.95 -14.41
CA LEU B 31 0.43 -1.71 -13.99
C LEU B 31 -0.84 -1.14 -14.60
N ASN B 32 -0.70 -0.08 -15.42
CA ASN B 32 -1.85 0.55 -16.05
C ASN B 32 -2.94 0.81 -15.02
N ARG B 33 -2.52 1.15 -13.82
CA ARG B 33 -3.45 1.41 -12.72
C ARG B 33 -3.22 2.78 -12.11
N ASP B 34 -4.29 3.54 -11.91
CA ASP B 34 -4.18 4.85 -11.30
C ASP B 34 -3.45 4.74 -9.97
N MET B 35 -2.96 5.85 -9.45
CA MET B 35 -2.23 5.83 -8.20
C MET B 35 -3.11 5.31 -7.07
N THR B 36 -4.39 5.64 -7.11
CA THR B 36 -5.33 5.20 -6.07
C THR B 36 -5.52 3.69 -6.11
N GLU B 37 -5.62 3.13 -7.31
CA GLU B 37 -5.81 1.70 -7.46
C GLU B 37 -4.55 0.93 -7.06
N ILE B 38 -3.39 1.52 -7.33
CA ILE B 38 -2.12 0.89 -7.00
C ILE B 38 -1.77 1.07 -5.52
N ILE B 39 -1.94 2.28 -4.99
CA ILE B 39 -1.61 2.53 -3.59
C ILE B 39 -2.44 1.63 -2.68
N GLU B 40 -3.68 1.40 -3.08
CA GLU B 40 -4.57 0.56 -2.31
C GLU B 40 -4.37 -0.91 -2.69
N GLU B 41 -3.85 -1.14 -3.88
CA GLU B 41 -3.60 -2.51 -4.33
C GLU B 41 -2.30 -3.01 -3.73
N ALA B 42 -1.36 -2.08 -3.52
CA ALA B 42 -0.07 -2.42 -2.94
C ALA B 42 -0.21 -2.68 -1.45
N VAL B 43 -0.98 -1.83 -0.79
CA VAL B 43 -1.20 -1.95 0.66
C VAL B 43 -1.84 -3.27 1.03
N VAL B 44 -3.04 -3.47 0.53
CA VAL B 44 -3.80 -4.67 0.82
C VAL B 44 -3.02 -5.91 0.43
N MET B 45 -2.49 -5.91 -0.78
CA MET B 45 -1.72 -7.04 -1.26
C MET B 45 -0.53 -7.32 -0.35
N TRP B 46 0.03 -6.26 0.26
CA TRP B 46 1.16 -6.45 1.15
C TRP B 46 0.72 -7.16 2.42
N LEU B 47 -0.32 -6.63 3.05
CA LEU B 47 -0.85 -7.24 4.26
C LEU B 47 -1.35 -8.63 3.97
N ILE B 48 -2.08 -8.75 2.88
CA ILE B 48 -2.66 -10.00 2.50
C ILE B 48 -1.60 -11.07 2.30
N GLN B 49 -0.49 -10.69 1.71
CA GLN B 49 0.58 -11.64 1.47
C GLN B 49 1.47 -11.80 2.71
N ASN B 50 1.50 -10.77 3.55
CA ASN B 50 2.33 -10.80 4.75
C ASN B 50 1.55 -11.20 6.01
N LYS B 51 0.55 -10.38 6.34
CA LYS B 51 -0.26 -10.61 7.53
C LYS B 51 -0.99 -11.95 7.47
N GLU B 52 -1.65 -12.24 6.35
CA GLU B 52 -2.37 -13.50 6.19
C GLU B 52 -1.47 -14.67 6.61
N LYS B 53 -0.17 -14.48 6.44
CA LYS B 53 0.82 -15.48 6.79
C LYS B 53 1.87 -14.90 7.74
N LEU B 54 1.43 -13.91 8.54
CA LEU B 54 2.33 -13.24 9.48
C LEU B 54 3.03 -14.24 10.39
N PRO B 55 4.31 -14.57 10.09
CA PRO B 55 5.10 -15.51 10.87
C PRO B 55 5.67 -14.88 12.13
N ASN B 56 6.10 -15.73 13.07
CA ASN B 56 6.66 -15.24 14.33
C ASN B 56 8.09 -14.73 14.10
N GLU B 57 8.78 -15.31 13.13
CA GLU B 57 10.14 -14.91 12.82
C GLU B 57 10.18 -13.59 12.06
N LEU B 58 9.06 -13.24 11.44
CA LEU B 58 8.96 -12.00 10.67
C LEU B 58 8.56 -10.83 11.57
N LYS B 59 7.92 -11.14 12.70
CA LYS B 59 7.48 -10.12 13.65
C LYS B 59 8.50 -8.99 13.80
N PRO B 60 9.79 -9.34 14.00
CA PRO B 60 10.85 -8.35 14.15
C PRO B 60 11.11 -7.59 12.86
N LYS B 61 10.88 -8.25 11.73
CA LYS B 61 11.09 -7.61 10.43
C LYS B 61 10.05 -6.51 10.20
N ILE B 62 8.89 -6.64 10.84
CA ILE B 62 7.85 -5.63 10.69
C ILE B 62 8.44 -4.26 10.99
N ASP B 63 9.37 -4.23 11.93
CA ASP B 63 10.05 -3.00 12.29
C ASP B 63 10.91 -2.59 11.10
N GLU B 64 11.54 -3.59 10.49
CA GLU B 64 12.38 -3.37 9.31
C GLU B 64 11.54 -2.71 8.22
N ILE B 65 10.32 -3.22 8.05
CA ILE B 65 9.40 -2.69 7.05
C ILE B 65 9.20 -1.20 7.27
N SER B 66 9.08 -0.81 8.54
CA SER B 66 8.87 0.58 8.90
C SER B 66 10.17 1.39 8.83
N LYS B 67 11.20 0.93 9.54
CA LYS B 67 12.48 1.64 9.54
C LYS B 67 13.08 1.69 8.13
N ARG B 68 13.00 0.58 7.41
CA ARG B 68 13.53 0.53 6.05
C ARG B 68 12.66 1.37 5.12
N PHE B 69 11.35 1.41 5.40
CA PHE B 69 10.42 2.18 4.59
C PHE B 69 10.90 3.63 4.47
N PHE B 70 11.55 4.11 5.52
CA PHE B 70 12.10 5.46 5.54
C PHE B 70 13.63 5.40 5.52
N PRO B 71 14.20 5.11 4.34
CA PRO B 71 15.66 5.02 4.18
C PRO B 71 16.34 6.38 4.23
N ALA B 72 17.68 6.36 4.23
CA ALA B 72 18.45 7.60 4.28
C ALA B 72 19.72 7.47 3.45
N LYS B 73 20.02 8.51 2.66
CA LYS B 73 21.20 8.51 1.82
C LYS B 73 22.42 8.98 2.61
N MET A 1 11.05 24.29 -2.00
CA MET A 1 12.52 24.35 -2.26
C MET A 1 13.18 22.98 -2.06
N VAL A 2 13.00 22.42 -0.87
CA VAL A 2 13.59 21.12 -0.56
C VAL A 2 12.93 20.51 0.69
N GLU A 3 11.67 20.86 0.91
CA GLU A 3 10.92 20.35 2.06
C GLU A 3 9.52 20.94 2.11
N SER A 4 8.82 20.88 0.98
CA SER A 4 7.46 21.41 0.89
C SER A 4 6.88 21.20 -0.51
N LYS A 5 7.69 21.48 -1.52
CA LYS A 5 7.26 21.33 -2.91
C LYS A 5 8.04 20.20 -3.59
N LYS A 6 9.36 20.24 -3.44
CA LYS A 6 10.21 19.22 -4.05
C LYS A 6 10.14 17.91 -3.28
N ILE A 7 10.59 17.93 -2.04
CA ILE A 7 10.56 16.74 -1.19
C ILE A 7 9.72 16.96 0.06
N ALA A 8 8.41 16.77 -0.08
CA ALA A 8 7.49 16.94 1.04
C ALA A 8 6.22 16.12 0.85
N LYS A 9 5.64 15.70 1.96
CA LYS A 9 4.41 14.91 1.94
C LYS A 9 3.22 15.77 1.56
N LYS A 10 2.35 15.24 0.71
CA LYS A 10 1.18 15.98 0.28
C LYS A 10 -0.09 15.23 0.65
N LYS A 11 -1.09 15.94 1.17
CA LYS A 11 -2.33 15.29 1.55
C LYS A 11 -3.01 14.69 0.33
N THR A 12 -2.97 13.37 0.24
CA THR A 12 -3.58 12.67 -0.89
C THR A 12 -4.87 11.97 -0.48
N THR A 13 -5.82 11.88 -1.41
CA THR A 13 -7.09 11.22 -1.11
C THR A 13 -7.32 9.99 -1.99
N LEU A 14 -7.99 9.01 -1.41
CA LEU A 14 -8.33 7.76 -2.10
C LEU A 14 -9.69 7.30 -1.63
N ALA A 15 -10.56 6.90 -2.54
CA ALA A 15 -11.88 6.46 -2.13
C ALA A 15 -11.87 4.98 -1.80
N PHE A 16 -11.68 4.70 -0.52
CA PHE A 16 -11.67 3.35 0.01
C PHE A 16 -11.89 3.37 1.51
N ASP A 17 -12.02 2.19 2.06
CA ASP A 17 -12.20 2.02 3.49
C ASP A 17 -12.88 0.72 3.74
N GLU A 18 -13.82 0.39 2.90
CA GLU A 18 -14.53 -0.86 3.05
C GLU A 18 -13.51 -1.98 3.27
N ASP A 19 -12.68 -2.20 2.26
CA ASP A 19 -11.65 -3.23 2.34
C ASP A 19 -10.39 -2.71 3.00
N VAL A 20 -9.92 -1.54 2.58
CA VAL A 20 -8.71 -0.97 3.15
C VAL A 20 -8.88 -0.71 4.64
N TYR A 21 -10.02 -0.15 5.04
CA TYR A 21 -10.26 0.13 6.45
C TYR A 21 -10.39 -1.17 7.22
N HIS A 22 -11.13 -2.14 6.70
CA HIS A 22 -11.27 -3.43 7.38
C HIS A 22 -9.94 -4.16 7.37
N THR A 23 -9.24 -4.13 6.25
CA THR A 23 -7.95 -4.79 6.16
C THR A 23 -6.94 -4.08 7.04
N LEU A 24 -6.94 -2.75 6.99
CA LEU A 24 -6.04 -1.96 7.82
C LEU A 24 -6.25 -2.31 9.28
N LYS A 25 -7.39 -2.93 9.59
CA LYS A 25 -7.71 -3.30 10.95
C LYS A 25 -6.79 -4.39 11.48
N LEU A 26 -6.55 -5.44 10.69
CA LEU A 26 -5.66 -6.51 11.14
C LEU A 26 -4.22 -6.02 11.13
N VAL A 27 -3.87 -5.35 10.03
CA VAL A 27 -2.52 -4.81 9.89
C VAL A 27 -2.24 -3.75 10.94
N SER A 28 -3.20 -2.87 11.17
CA SER A 28 -3.00 -1.83 12.15
C SER A 28 -2.83 -2.41 13.55
N VAL A 29 -3.54 -3.49 13.83
CA VAL A 29 -3.46 -4.15 15.12
C VAL A 29 -2.22 -5.03 15.18
N TYR A 30 -2.04 -5.83 14.14
CA TYR A 30 -0.90 -6.74 14.06
C TYR A 30 0.40 -5.96 13.84
N LEU A 31 0.31 -4.78 13.24
CA LEU A 31 1.49 -3.98 12.99
C LEU A 31 1.54 -2.77 13.93
N ASN A 32 0.48 -2.60 14.74
CA ASN A 32 0.41 -1.47 15.66
C ASN A 32 0.70 -0.17 14.89
N ARG A 33 0.26 -0.15 13.64
CA ARG A 33 0.48 1.01 12.78
C ARG A 33 -0.84 1.58 12.28
N ASP A 34 -0.94 2.90 12.26
CA ASP A 34 -2.14 3.56 11.77
C ASP A 34 -2.42 3.13 10.34
N MET A 35 -3.64 3.36 9.86
CA MET A 35 -3.98 2.98 8.51
C MET A 35 -3.06 3.67 7.50
N THR A 36 -2.82 4.96 7.73
CA THR A 36 -1.95 5.73 6.85
C THR A 36 -0.52 5.23 6.93
N GLU A 37 -0.10 4.86 8.15
CA GLU A 37 1.25 4.35 8.37
C GLU A 37 1.43 3.00 7.67
N ILE A 38 0.38 2.20 7.67
CA ILE A 38 0.41 0.88 7.05
C ILE A 38 0.25 0.98 5.54
N ILE A 39 -0.78 1.69 5.09
CA ILE A 39 -1.03 1.84 3.66
C ILE A 39 0.15 2.49 2.97
N GLU A 40 0.80 3.41 3.68
CA GLU A 40 1.95 4.10 3.14
C GLU A 40 3.21 3.27 3.33
N GLU A 41 3.19 2.38 4.32
CA GLU A 41 4.34 1.51 4.55
C GLU A 41 4.27 0.30 3.62
N ALA A 42 3.04 -0.08 3.27
CA ALA A 42 2.83 -1.22 2.38
C ALA A 42 3.12 -0.83 0.94
N VAL A 43 2.63 0.34 0.55
CA VAL A 43 2.83 0.84 -0.81
C VAL A 43 4.30 0.81 -1.19
N VAL A 44 5.08 1.57 -0.46
CA VAL A 44 6.51 1.65 -0.71
C VAL A 44 7.14 0.27 -0.61
N MET A 45 6.86 -0.42 0.48
CA MET A 45 7.41 -1.75 0.68
C MET A 45 7.01 -2.68 -0.46
N TRP A 46 5.84 -2.44 -1.06
CA TRP A 46 5.40 -3.28 -2.16
C TRP A 46 6.24 -3.00 -3.40
N LEU A 47 6.37 -1.73 -3.76
CA LEU A 47 7.18 -1.35 -4.91
C LEU A 47 8.62 -1.72 -4.65
N ILE A 48 9.08 -1.40 -3.46
CA ILE A 48 10.44 -1.67 -3.07
C ILE A 48 10.78 -3.14 -3.21
N GLN A 49 9.90 -4.00 -2.72
CA GLN A 49 10.13 -5.43 -2.80
C GLN A 49 9.70 -5.99 -4.16
N ASN A 50 8.68 -5.38 -4.76
CA ASN A 50 8.16 -5.87 -6.04
C ASN A 50 8.71 -5.09 -7.24
N LYS A 51 8.42 -3.79 -7.27
CA LYS A 51 8.85 -2.94 -8.37
C LYS A 51 10.36 -2.93 -8.53
N GLU A 52 11.08 -2.62 -7.47
CA GLU A 52 12.54 -2.58 -7.50
C GLU A 52 13.09 -3.82 -8.19
N LYS A 53 12.35 -4.92 -8.08
CA LYS A 53 12.76 -6.19 -8.69
C LYS A 53 11.66 -6.73 -9.59
N LEU A 54 10.86 -5.83 -10.18
CA LEU A 54 9.76 -6.21 -11.04
C LEU A 54 10.24 -7.16 -12.15
N PRO A 55 10.00 -8.47 -11.99
CA PRO A 55 10.41 -9.48 -12.97
C PRO A 55 9.45 -9.55 -14.16
N ASN A 56 9.95 -10.06 -15.28
CA ASN A 56 9.15 -10.20 -16.48
C ASN A 56 8.18 -11.38 -16.35
N GLU A 57 8.57 -12.36 -15.53
CA GLU A 57 7.75 -13.55 -15.32
C GLU A 57 6.61 -13.26 -14.34
N LEU A 58 6.78 -12.21 -13.52
CA LEU A 58 5.77 -11.84 -12.54
C LEU A 58 4.71 -10.93 -13.16
N LYS A 59 5.04 -10.34 -14.31
CA LYS A 59 4.13 -9.43 -15.02
C LYS A 59 2.68 -9.92 -14.93
N PRO A 60 2.42 -11.21 -15.21
CA PRO A 60 1.08 -11.76 -15.15
C PRO A 60 0.50 -11.77 -13.74
N LYS A 61 1.37 -11.95 -12.76
CA LYS A 61 0.93 -11.98 -11.36
C LYS A 61 0.41 -10.61 -10.94
N ILE A 62 0.87 -9.55 -11.62
CA ILE A 62 0.43 -8.20 -11.30
C ILE A 62 -1.10 -8.14 -11.37
N ASP A 63 -1.67 -9.00 -12.22
CA ASP A 63 -3.11 -9.10 -12.35
C ASP A 63 -3.65 -9.78 -11.10
N GLU A 64 -2.87 -10.77 -10.63
CA GLU A 64 -3.23 -11.50 -9.43
C GLU A 64 -3.29 -10.55 -8.24
N ILE A 65 -2.28 -9.68 -8.14
CA ILE A 65 -2.20 -8.69 -7.07
C ILE A 65 -3.43 -7.79 -7.08
N SER A 66 -3.88 -7.41 -8.27
CA SER A 66 -5.04 -6.53 -8.42
C SER A 66 -6.35 -7.31 -8.33
N LYS A 67 -6.37 -8.51 -8.91
CA LYS A 67 -7.56 -9.34 -8.90
C LYS A 67 -7.72 -10.06 -7.55
N ARG A 68 -6.63 -10.16 -6.80
CA ARG A 68 -6.67 -10.82 -5.49
C ARG A 68 -6.93 -9.80 -4.39
N PHE A 69 -6.46 -8.57 -4.58
CA PHE A 69 -6.64 -7.52 -3.59
C PHE A 69 -8.14 -7.29 -3.37
N PHE A 70 -8.91 -7.40 -4.45
CA PHE A 70 -10.35 -7.23 -4.38
C PHE A 70 -11.03 -8.58 -4.60
N PRO A 71 -10.99 -9.45 -3.59
CA PRO A 71 -11.59 -10.79 -3.65
C PRO A 71 -13.12 -10.73 -3.67
N ALA A 72 -13.74 -11.73 -4.28
CA ALA A 72 -15.20 -11.80 -4.35
C ALA A 72 -15.69 -13.23 -4.17
N LYS A 73 -16.79 -13.38 -3.46
CA LYS A 73 -17.37 -14.69 -3.22
C LYS A 73 -18.27 -15.12 -4.38
N MET B 1 -27.87 -6.16 4.05
CA MET B 1 -27.13 -4.94 4.47
C MET B 1 -27.09 -3.90 3.35
N VAL B 2 -27.10 -4.38 2.11
CA VAL B 2 -27.06 -3.50 0.93
C VAL B 2 -25.88 -2.52 1.02
N GLU B 3 -25.61 -1.83 -0.08
CA GLU B 3 -24.50 -0.87 -0.12
C GLU B 3 -24.53 0.06 1.09
N SER B 4 -23.35 0.35 1.63
CA SER B 4 -23.21 1.22 2.80
C SER B 4 -23.49 0.46 4.09
N LYS B 5 -22.96 0.97 5.20
CA LYS B 5 -23.14 0.35 6.50
C LYS B 5 -22.33 -0.94 6.63
N LYS B 6 -21.48 -1.22 5.64
CA LYS B 6 -20.65 -2.42 5.65
C LYS B 6 -19.78 -2.49 4.41
N ILE B 7 -20.41 -2.68 3.25
CA ILE B 7 -19.70 -2.77 1.99
C ILE B 7 -19.80 -1.47 1.20
N ALA B 8 -18.89 -0.53 1.49
CA ALA B 8 -18.89 0.75 0.81
C ALA B 8 -17.54 1.47 1.00
N LYS B 9 -16.99 1.98 -0.09
CA LYS B 9 -15.72 2.68 -0.05
C LYS B 9 -15.90 4.07 0.55
N LYS B 10 -14.86 4.55 1.21
CA LYS B 10 -14.90 5.87 1.84
C LYS B 10 -13.73 6.74 1.38
N LYS B 11 -13.95 8.03 1.23
CA LYS B 11 -12.87 8.93 0.83
C LYS B 11 -11.84 9.01 1.94
N THR B 12 -10.69 8.38 1.72
CA THR B 12 -9.62 8.37 2.71
C THR B 12 -8.49 9.31 2.30
N THR B 13 -7.83 9.91 3.28
CA THR B 13 -6.74 10.83 3.00
C THR B 13 -5.44 10.39 3.67
N LEU B 14 -4.33 10.65 2.98
CA LEU B 14 -3.01 10.32 3.48
C LEU B 14 -2.07 11.47 3.19
N ALA B 15 -1.34 11.94 4.19
CA ALA B 15 -0.44 13.05 4.00
C ALA B 15 0.93 12.58 3.52
N PHE B 16 1.04 12.42 2.20
CA PHE B 16 2.26 11.99 1.54
C PHE B 16 2.11 12.18 0.05
N ASP B 17 3.16 11.95 -0.67
CA ASP B 17 3.14 12.11 -2.12
C ASP B 17 4.55 12.23 -2.63
N GLU B 18 5.38 12.90 -1.85
CA GLU B 18 6.76 13.06 -2.27
C GLU B 18 7.33 11.70 -2.73
N ASP B 19 7.32 10.74 -1.82
CA ASP B 19 7.83 9.40 -2.14
C ASP B 19 6.73 8.54 -2.76
N VAL B 20 5.58 8.49 -2.12
CA VAL B 20 4.48 7.69 -2.64
C VAL B 20 4.08 8.16 -4.03
N TYR B 21 3.92 9.47 -4.21
CA TYR B 21 3.55 10.00 -5.53
C TYR B 21 4.65 9.69 -6.54
N HIS B 22 5.92 9.92 -6.17
CA HIS B 22 7.01 9.62 -7.09
C HIS B 22 7.06 8.13 -7.38
N THR B 23 7.04 7.32 -6.32
CA THR B 23 7.06 5.87 -6.50
C THR B 23 5.82 5.44 -7.28
N LEU B 24 4.70 6.09 -7.00
CA LEU B 24 3.45 5.79 -7.70
C LEU B 24 3.65 6.01 -9.20
N LYS B 25 4.70 6.76 -9.55
CA LYS B 25 4.99 7.04 -10.94
C LYS B 25 5.44 5.78 -11.68
N LEU B 26 6.39 5.05 -11.09
CA LEU B 26 6.87 3.82 -11.74
C LEU B 26 5.77 2.77 -11.75
N VAL B 27 5.08 2.61 -10.64
CA VAL B 27 3.99 1.65 -10.53
C VAL B 27 2.87 1.99 -11.50
N SER B 28 2.53 3.26 -11.57
CA SER B 28 1.45 3.67 -12.44
C SER B 28 1.79 3.39 -13.89
N VAL B 29 3.05 3.62 -14.25
CA VAL B 29 3.52 3.39 -15.61
C VAL B 29 3.78 1.90 -15.84
N TYR B 30 4.46 1.28 -14.89
CA TYR B 30 4.80 -0.13 -14.97
C TYR B 30 3.58 -1.01 -14.74
N LEU B 31 2.57 -0.50 -14.04
CA LEU B 31 1.37 -1.29 -13.77
C LEU B 31 0.19 -0.76 -14.59
N ASN B 32 0.40 0.34 -15.30
CA ASN B 32 -0.66 0.93 -16.11
C ASN B 32 -1.88 1.18 -15.25
N ARG B 33 -1.64 1.54 -13.99
CA ARG B 33 -2.72 1.79 -13.05
C ARG B 33 -2.64 3.20 -12.48
N ASP B 34 -3.68 3.60 -11.77
CA ASP B 34 -3.71 4.91 -11.14
C ASP B 34 -3.06 4.80 -9.77
N MET B 35 -2.63 5.92 -9.21
CA MET B 35 -1.99 5.88 -7.91
C MET B 35 -2.94 5.30 -6.86
N THR B 36 -4.23 5.56 -7.02
CA THR B 36 -5.23 5.04 -6.09
C THR B 36 -5.38 3.54 -6.27
N GLU B 37 -5.27 3.08 -7.50
CA GLU B 37 -5.39 1.65 -7.80
C GLU B 37 -4.14 0.92 -7.32
N ILE B 38 -2.99 1.56 -7.48
CA ILE B 38 -1.72 0.97 -7.06
C ILE B 38 -1.57 1.01 -5.54
N ILE B 39 -1.83 2.18 -4.94
CA ILE B 39 -1.70 2.34 -3.51
C ILE B 39 -2.66 1.42 -2.78
N GLU B 40 -3.86 1.28 -3.32
CA GLU B 40 -4.87 0.43 -2.72
C GLU B 40 -4.62 -1.02 -3.07
N GLU B 41 -3.89 -1.25 -4.17
CA GLU B 41 -3.57 -2.61 -4.58
C GLU B 41 -2.35 -3.11 -3.83
N ALA B 42 -1.43 -2.18 -3.53
CA ALA B 42 -0.22 -2.53 -2.80
C ALA B 42 -0.52 -2.73 -1.33
N VAL B 43 -1.37 -1.88 -0.77
CA VAL B 43 -1.74 -1.98 0.64
C VAL B 43 -2.33 -3.33 0.97
N VAL B 44 -3.46 -3.61 0.33
CA VAL B 44 -4.17 -4.84 0.55
C VAL B 44 -3.27 -6.05 0.29
N MET B 45 -2.55 -6.01 -0.81
CA MET B 45 -1.66 -7.10 -1.14
C MET B 45 -0.61 -7.29 -0.05
N TRP B 46 -0.23 -6.21 0.62
CA TRP B 46 0.75 -6.32 1.69
C TRP B 46 0.14 -7.05 2.88
N LEU B 47 -0.98 -6.53 3.39
CA LEU B 47 -1.66 -7.15 4.51
C LEU B 47 -1.98 -8.60 4.19
N ILE B 48 -2.47 -8.81 2.99
CA ILE B 48 -2.86 -10.13 2.56
C ILE B 48 -1.68 -11.08 2.51
N GLN B 49 -0.57 -10.62 1.94
CA GLN B 49 0.60 -11.46 1.85
C GLN B 49 1.38 -11.46 3.15
N ASN B 50 1.09 -10.49 4.03
CA ASN B 50 1.79 -10.38 5.30
C ASN B 50 1.01 -11.03 6.44
N LYS B 51 -0.22 -10.57 6.65
CA LYS B 51 -1.07 -11.08 7.72
C LYS B 51 -1.39 -12.57 7.51
N GLU B 52 -1.94 -12.89 6.35
CA GLU B 52 -2.31 -14.27 6.03
C GLU B 52 -1.20 -15.24 6.38
N LYS B 53 0.05 -14.82 6.22
CA LYS B 53 1.20 -15.67 6.52
C LYS B 53 2.15 -14.99 7.49
N LEU B 54 1.61 -14.12 8.35
CA LEU B 54 2.42 -13.39 9.33
C LEU B 54 3.24 -14.36 10.18
N PRO B 55 4.54 -14.51 9.88
CA PRO B 55 5.43 -15.40 10.62
C PRO B 55 5.90 -14.79 11.94
N ASN B 56 6.27 -15.65 12.89
CA ASN B 56 6.74 -15.18 14.18
C ASN B 56 8.16 -14.63 14.08
N GLU B 57 8.89 -15.08 13.07
CA GLU B 57 10.27 -14.64 12.85
C GLU B 57 10.30 -13.32 12.07
N LEU B 58 9.23 -13.03 11.33
CA LEU B 58 9.16 -11.81 10.55
C LEU B 58 8.79 -10.62 11.42
N LYS B 59 8.20 -10.89 12.58
CA LYS B 59 7.79 -9.84 13.51
C LYS B 59 8.78 -8.68 13.54
N PRO B 60 10.07 -8.96 13.79
CA PRO B 60 11.11 -7.92 13.83
C PRO B 60 11.32 -7.25 12.48
N LYS B 61 11.07 -7.99 11.40
CA LYS B 61 11.23 -7.44 10.06
C LYS B 61 10.20 -6.36 9.79
N ILE B 62 9.05 -6.44 10.47
CA ILE B 62 8.01 -5.44 10.30
C ILE B 62 8.59 -4.04 10.52
N ASP B 63 9.57 -3.95 11.41
CA ASP B 63 10.25 -2.71 11.68
C ASP B 63 11.02 -2.32 10.43
N GLU B 64 11.64 -3.33 9.81
CA GLU B 64 12.39 -3.13 8.59
C GLU B 64 11.49 -2.54 7.53
N ILE B 65 10.27 -3.06 7.45
CA ILE B 65 9.27 -2.58 6.49
C ILE B 65 9.03 -1.09 6.68
N SER B 66 8.97 -0.66 7.95
CA SER B 66 8.72 0.73 8.27
C SER B 66 9.99 1.57 8.10
N LYS B 67 11.09 1.15 8.71
CA LYS B 67 12.35 1.88 8.61
C LYS B 67 12.88 1.88 7.19
N ARG B 68 12.68 0.78 6.48
CA ARG B 68 13.15 0.69 5.09
C ARG B 68 12.23 1.46 4.16
N PHE B 69 10.94 1.52 4.52
CA PHE B 69 9.97 2.25 3.72
C PHE B 69 10.43 3.70 3.54
N PHE B 70 11.11 4.21 4.56
CA PHE B 70 11.63 5.57 4.52
C PHE B 70 13.16 5.53 4.47
N PRO B 71 13.71 5.20 3.29
CA PRO B 71 15.17 5.11 3.11
C PRO B 71 15.84 6.48 3.10
N ALA B 72 17.12 6.49 2.72
CA ALA B 72 17.88 7.74 2.68
C ALA B 72 18.92 7.70 1.57
N LYS B 73 19.10 8.84 0.90
CA LYS B 73 20.08 8.93 -0.19
C LYS B 73 19.74 7.96 -1.32
N MET A 1 14.73 21.46 -4.34
CA MET A 1 15.15 22.62 -3.51
C MET A 1 15.35 22.19 -2.05
N VAL A 2 14.40 21.43 -1.52
CA VAL A 2 14.47 20.96 -0.14
C VAL A 2 13.70 19.66 0.04
N GLU A 3 14.04 18.92 1.09
CA GLU A 3 13.38 17.66 1.37
C GLU A 3 12.26 17.84 2.39
N SER A 4 11.22 18.56 1.99
CA SER A 4 10.08 18.81 2.88
C SER A 4 9.03 19.67 2.17
N LYS A 5 9.49 20.71 1.49
CA LYS A 5 8.58 21.61 0.77
C LYS A 5 8.32 21.11 -0.64
N LYS A 6 9.37 20.62 -1.30
CA LYS A 6 9.25 20.11 -2.65
C LYS A 6 9.24 18.58 -2.66
N ILE A 7 10.25 17.99 -2.04
CA ILE A 7 10.37 16.53 -1.97
C ILE A 7 9.95 16.01 -0.60
N ALA A 8 8.65 15.79 -0.44
CA ALA A 8 8.12 15.29 0.82
C ALA A 8 6.74 14.65 0.64
N LYS A 9 6.13 14.24 1.75
CA LYS A 9 4.83 13.61 1.71
C LYS A 9 3.73 14.65 1.45
N LYS A 10 2.90 14.39 0.44
CA LYS A 10 1.83 15.30 0.09
C LYS A 10 0.48 14.69 0.47
N LYS A 11 -0.37 15.46 1.12
CA LYS A 11 -1.68 14.95 1.52
C LYS A 11 -2.50 14.58 0.30
N THR A 12 -2.67 13.28 0.07
CA THR A 12 -3.43 12.80 -1.07
C THR A 12 -4.68 12.04 -0.64
N THR A 13 -5.74 12.13 -1.44
CA THR A 13 -6.99 11.44 -1.14
C THR A 13 -7.15 10.19 -1.98
N LEU A 14 -7.73 9.17 -1.37
CA LEU A 14 -7.98 7.90 -2.05
C LEU A 14 -9.31 7.35 -1.56
N ALA A 15 -10.18 6.95 -2.48
CA ALA A 15 -11.49 6.45 -2.10
C ALA A 15 -11.49 4.97 -1.80
N PHE A 16 -11.33 4.65 -0.53
CA PHE A 16 -11.36 3.29 -0.05
C PHE A 16 -11.59 3.25 1.45
N ASP A 17 -11.76 2.05 1.96
CA ASP A 17 -11.96 1.83 3.37
C ASP A 17 -12.63 0.51 3.57
N GLU A 18 -13.53 0.17 2.66
CA GLU A 18 -14.22 -1.09 2.77
C GLU A 18 -13.21 -2.19 3.06
N ASP A 19 -12.33 -2.43 2.10
CA ASP A 19 -11.30 -3.46 2.25
C ASP A 19 -10.08 -2.91 2.97
N VAL A 20 -9.62 -1.74 2.57
CA VAL A 20 -8.45 -1.15 3.19
C VAL A 20 -8.71 -0.88 4.68
N TYR A 21 -9.87 -0.31 5.00
CA TYR A 21 -10.19 -0.04 6.41
C TYR A 21 -10.30 -1.34 7.18
N HIS A 22 -11.00 -2.33 6.62
CA HIS A 22 -11.13 -3.61 7.32
C HIS A 22 -9.76 -4.27 7.41
N THR A 23 -9.03 -4.30 6.31
CA THR A 23 -7.69 -4.89 6.30
C THR A 23 -6.79 -4.10 7.24
N LEU A 24 -6.84 -2.78 7.13
CA LEU A 24 -6.05 -1.92 8.00
C LEU A 24 -6.32 -2.25 9.46
N LYS A 25 -7.45 -2.92 9.70
CA LYS A 25 -7.82 -3.31 11.05
C LYS A 25 -6.90 -4.40 11.59
N LEU A 26 -6.67 -5.45 10.81
CA LEU A 26 -5.80 -6.53 11.25
C LEU A 26 -4.35 -6.04 11.30
N VAL A 27 -3.95 -5.31 10.28
CA VAL A 27 -2.59 -4.75 10.23
C VAL A 27 -2.37 -3.75 11.33
N SER A 28 -3.35 -2.88 11.55
CA SER A 28 -3.21 -1.88 12.59
C SER A 28 -3.10 -2.52 13.97
N VAL A 29 -3.88 -3.59 14.17
CA VAL A 29 -3.88 -4.31 15.43
C VAL A 29 -2.64 -5.19 15.55
N TYR A 30 -2.37 -5.93 14.48
CA TYR A 30 -1.21 -6.84 14.46
C TYR A 30 0.09 -6.07 14.29
N LEU A 31 0.04 -4.87 13.71
CA LEU A 31 1.25 -4.09 13.51
C LEU A 31 1.29 -2.91 14.50
N ASN A 32 0.25 -2.77 15.32
CA ASN A 32 0.18 -1.68 16.29
C ASN A 32 0.45 -0.36 15.59
N ARG A 33 0.02 -0.27 14.34
CA ARG A 33 0.22 0.93 13.54
C ARG A 33 -1.11 1.55 13.14
N ASP A 34 -1.05 2.75 12.56
CA ASP A 34 -2.24 3.43 12.10
C ASP A 34 -2.52 3.06 10.66
N MET A 35 -3.76 3.25 10.22
CA MET A 35 -4.12 2.91 8.86
C MET A 35 -3.26 3.67 7.86
N THR A 36 -2.90 4.91 8.22
CA THR A 36 -2.07 5.73 7.36
C THR A 36 -0.61 5.31 7.48
N GLU A 37 -0.23 4.83 8.66
CA GLU A 37 1.13 4.36 8.89
C GLU A 37 1.34 3.02 8.22
N ILE A 38 0.32 2.17 8.29
CA ILE A 38 0.35 0.86 7.67
C ILE A 38 0.38 0.98 6.16
N ILE A 39 -0.56 1.76 5.61
CA ILE A 39 -0.64 1.97 4.17
C ILE A 39 0.62 2.64 3.65
N GLU A 40 1.10 3.62 4.41
CA GLU A 40 2.30 4.34 4.01
C GLU A 40 3.53 3.48 4.22
N GLU A 41 3.44 2.54 5.16
CA GLU A 41 4.57 1.65 5.41
C GLU A 41 4.51 0.47 4.44
N ALA A 42 3.29 0.05 4.13
CA ALA A 42 3.08 -1.06 3.21
C ALA A 42 3.33 -0.64 1.77
N VAL A 43 2.92 0.58 1.44
CA VAL A 43 3.10 1.10 0.09
C VAL A 43 4.55 1.04 -0.32
N VAL A 44 5.36 1.78 0.42
CA VAL A 44 6.77 1.85 0.16
C VAL A 44 7.38 0.46 0.13
N MET A 45 7.25 -0.26 1.23
CA MET A 45 7.78 -1.61 1.30
C MET A 45 7.28 -2.45 0.13
N TRP A 46 6.08 -2.14 -0.36
CA TRP A 46 5.53 -2.88 -1.49
C TRP A 46 6.31 -2.53 -2.75
N LEU A 47 6.35 -1.25 -3.08
CA LEU A 47 7.09 -0.80 -4.25
C LEU A 47 8.54 -1.18 -4.12
N ILE A 48 9.08 -0.94 -2.94
CA ILE A 48 10.46 -1.22 -2.66
C ILE A 48 10.81 -2.68 -2.90
N GLN A 49 9.94 -3.57 -2.43
CA GLN A 49 10.19 -4.99 -2.59
C GLN A 49 9.72 -5.50 -3.96
N ASN A 50 8.62 -4.93 -4.47
CA ASN A 50 8.07 -5.39 -5.74
C ASN A 50 8.48 -4.51 -6.93
N LYS A 51 8.11 -3.24 -6.86
CA LYS A 51 8.38 -2.30 -7.95
C LYS A 51 9.88 -2.13 -8.19
N GLU A 52 10.64 -1.89 -7.13
CA GLU A 52 12.09 -1.71 -7.24
C GLU A 52 12.69 -2.84 -8.07
N LYS A 53 12.05 -4.00 -8.04
CA LYS A 53 12.52 -5.17 -8.77
C LYS A 53 11.44 -5.73 -9.68
N LEU A 54 10.53 -4.85 -10.14
CA LEU A 54 9.43 -5.26 -11.00
C LEU A 54 9.94 -6.03 -12.22
N PRO A 55 9.83 -7.38 -12.18
CA PRO A 55 10.27 -8.24 -13.29
C PRO A 55 9.28 -8.28 -14.43
N ASN A 56 9.75 -8.70 -15.60
CA ASN A 56 8.89 -8.80 -16.77
C ASN A 56 8.00 -10.02 -16.68
N GLU A 57 8.49 -11.06 -15.99
CA GLU A 57 7.74 -12.29 -15.81
C GLU A 57 6.65 -12.13 -14.75
N LEU A 58 6.81 -11.13 -13.89
CA LEU A 58 5.84 -10.86 -12.83
C LEU A 58 4.61 -10.15 -13.39
N LYS A 59 4.80 -9.47 -14.53
CA LYS A 59 3.71 -8.73 -15.19
C LYS A 59 2.38 -9.48 -15.07
N PRO A 60 2.33 -10.75 -15.49
CA PRO A 60 1.10 -11.55 -15.43
C PRO A 60 0.56 -11.65 -14.00
N LYS A 61 1.45 -11.61 -13.02
CA LYS A 61 1.05 -11.68 -11.63
C LYS A 61 0.39 -10.38 -11.18
N ILE A 62 0.74 -9.28 -11.84
CA ILE A 62 0.14 -7.99 -11.50
C ILE A 62 -1.38 -8.12 -11.54
N ASP A 63 -1.87 -9.01 -12.38
CA ASP A 63 -3.28 -9.28 -12.47
C ASP A 63 -3.73 -9.93 -11.18
N GLU A 64 -2.90 -10.85 -10.70
CA GLU A 64 -3.16 -11.54 -9.44
C GLU A 64 -3.28 -10.51 -8.33
N ILE A 65 -2.40 -9.51 -8.37
CA ILE A 65 -2.41 -8.44 -7.39
C ILE A 65 -3.76 -7.73 -7.38
N SER A 66 -4.32 -7.57 -8.57
CA SER A 66 -5.62 -6.90 -8.71
C SER A 66 -6.77 -7.84 -8.35
N LYS A 67 -6.81 -9.00 -8.99
CA LYS A 67 -7.88 -9.96 -8.73
C LYS A 67 -7.83 -10.45 -7.29
N ARG A 68 -6.63 -10.71 -6.78
CA ARG A 68 -6.47 -11.17 -5.41
C ARG A 68 -6.73 -10.03 -4.44
N PHE A 69 -6.42 -8.81 -4.86
CA PHE A 69 -6.64 -7.62 -4.03
C PHE A 69 -8.08 -7.62 -3.52
N PHE A 70 -8.99 -8.15 -4.32
CA PHE A 70 -10.39 -8.22 -3.97
C PHE A 70 -10.77 -9.68 -3.69
N PRO A 71 -10.35 -10.22 -2.54
CA PRO A 71 -10.64 -11.61 -2.15
C PRO A 71 -12.11 -11.82 -1.82
N ALA A 72 -12.93 -12.01 -2.86
CA ALA A 72 -14.36 -12.21 -2.66
C ALA A 72 -14.92 -13.15 -3.73
N LYS A 73 -14.72 -12.79 -5.00
CA LYS A 73 -15.21 -13.60 -6.11
C LYS A 73 -14.12 -13.79 -7.16
N MET B 1 -25.02 -7.54 3.69
CA MET B 1 -24.32 -6.65 2.72
C MET B 1 -25.16 -6.45 1.45
N VAL B 2 -25.45 -5.20 1.13
CA VAL B 2 -26.23 -4.88 -0.06
C VAL B 2 -25.51 -3.86 -0.93
N GLU B 3 -24.19 -3.88 -0.89
CA GLU B 3 -23.37 -2.95 -1.67
C GLU B 3 -23.64 -1.51 -1.27
N SER B 4 -22.60 -0.82 -0.81
CA SER B 4 -22.71 0.57 -0.39
C SER B 4 -23.63 0.70 0.82
N LYS B 5 -23.76 1.92 1.32
CA LYS B 5 -24.61 2.19 2.48
C LYS B 5 -24.07 1.53 3.74
N LYS B 6 -22.83 1.02 3.67
CA LYS B 6 -22.20 0.36 4.81
C LYS B 6 -20.92 -0.35 4.38
N ILE B 7 -21.02 -1.10 3.28
CA ILE B 7 -19.87 -1.83 2.76
C ILE B 7 -19.44 -1.28 1.40
N ALA B 8 -18.69 -0.19 1.42
CA ALA B 8 -18.21 0.43 0.19
C ALA B 8 -16.92 1.21 0.44
N LYS B 9 -16.33 1.72 -0.63
CA LYS B 9 -15.08 2.48 -0.53
C LYS B 9 -15.35 3.87 0.03
N LYS B 10 -14.43 4.33 0.86
CA LYS B 10 -14.56 5.64 1.51
C LYS B 10 -13.43 6.58 1.14
N LYS B 11 -13.75 7.84 0.84
CA LYS B 11 -12.73 8.81 0.51
C LYS B 11 -11.85 9.08 1.73
N THR B 12 -10.62 8.58 1.69
CA THR B 12 -9.69 8.76 2.80
C THR B 12 -8.44 9.50 2.34
N THR B 13 -7.85 10.28 3.24
CA THR B 13 -6.65 11.05 2.92
C THR B 13 -5.41 10.44 3.55
N LEU B 14 -4.36 10.35 2.75
CA LEU B 14 -3.07 9.84 3.22
C LEU B 14 -1.98 10.83 2.85
N ALA B 15 -1.12 11.15 3.80
CA ALA B 15 -0.06 12.13 3.56
C ALA B 15 1.19 11.49 2.97
N PHE B 16 1.34 11.65 1.66
CA PHE B 16 2.49 11.14 0.93
C PHE B 16 2.38 11.50 -0.53
N ASP B 17 3.41 11.20 -1.29
CA ASP B 17 3.44 11.48 -2.71
C ASP B 17 4.86 11.51 -3.18
N GLU B 18 5.74 12.01 -2.33
CA GLU B 18 7.13 12.08 -2.71
C GLU B 18 7.57 10.73 -3.27
N ASP B 19 7.53 9.70 -2.43
CA ASP B 19 7.91 8.36 -2.86
C ASP B 19 6.75 7.63 -3.50
N VAL B 20 5.58 7.67 -2.88
CA VAL B 20 4.42 7.01 -3.43
C VAL B 20 4.06 7.59 -4.79
N TYR B 21 4.02 8.91 -4.90
CA TYR B 21 3.68 9.55 -6.18
C TYR B 21 4.73 9.20 -7.23
N HIS B 22 6.03 9.29 -6.88
CA HIS B 22 7.06 8.97 -7.84
C HIS B 22 7.03 7.48 -8.18
N THR B 23 6.95 6.64 -7.16
CA THR B 23 6.88 5.20 -7.38
C THR B 23 5.62 4.85 -8.15
N LEU B 24 4.52 5.52 -7.81
CA LEU B 24 3.26 5.29 -8.51
C LEU B 24 3.44 5.56 -9.99
N LYS B 25 4.49 6.29 -10.33
CA LYS B 25 4.77 6.63 -11.72
C LYS B 25 5.12 5.39 -12.54
N LEU B 26 6.04 4.57 -12.04
CA LEU B 26 6.43 3.38 -12.77
C LEU B 26 5.29 2.37 -12.77
N VAL B 27 4.68 2.19 -11.61
CA VAL B 27 3.55 1.27 -11.48
C VAL B 27 2.38 1.73 -12.31
N SER B 28 2.10 3.03 -12.29
CA SER B 28 0.98 3.54 -13.04
C SER B 28 1.19 3.36 -14.53
N VAL B 29 2.43 3.53 -14.97
CA VAL B 29 2.77 3.37 -16.38
C VAL B 29 2.95 1.90 -16.73
N TYR B 30 3.67 1.20 -15.86
CA TYR B 30 3.93 -0.22 -16.06
C TYR B 30 2.70 -1.07 -15.77
N LEU B 31 1.78 -0.56 -14.95
CA LEU B 31 0.58 -1.31 -14.63
C LEU B 31 -0.65 -0.69 -15.29
N ASN B 32 -0.46 0.46 -15.94
CA ASN B 32 -1.56 1.15 -16.59
C ASN B 32 -2.69 1.38 -15.59
N ARG B 33 -2.30 1.66 -14.35
CA ARG B 33 -3.26 1.89 -13.28
C ARG B 33 -3.02 3.23 -12.59
N ASP B 34 -4.10 3.93 -12.27
CA ASP B 34 -3.99 5.21 -11.58
C ASP B 34 -3.23 5.01 -10.28
N MET B 35 -2.74 6.10 -9.70
CA MET B 35 -2.01 6.00 -8.46
C MET B 35 -2.91 5.47 -7.35
N THR B 36 -4.15 5.93 -7.32
CA THR B 36 -5.10 5.50 -6.31
C THR B 36 -5.49 4.04 -6.52
N GLU B 37 -5.45 3.59 -7.77
CA GLU B 37 -5.78 2.21 -8.10
C GLU B 37 -4.63 1.29 -7.72
N ILE B 38 -3.40 1.78 -7.92
CA ILE B 38 -2.21 1.01 -7.61
C ILE B 38 -1.93 1.04 -6.11
N ILE B 39 -2.00 2.22 -5.50
CA ILE B 39 -1.75 2.35 -4.08
C ILE B 39 -2.75 1.52 -3.29
N GLU B 40 -3.98 1.53 -3.77
CA GLU B 40 -5.04 0.78 -3.13
C GLU B 40 -4.91 -0.70 -3.45
N GLU B 41 -4.30 -1.01 -4.59
CA GLU B 41 -4.11 -2.41 -4.97
C GLU B 41 -2.85 -2.95 -4.31
N ALA B 42 -1.86 -2.08 -4.14
CA ALA B 42 -0.60 -2.46 -3.51
C ALA B 42 -0.76 -2.59 -2.00
N VAL B 43 -1.53 -1.68 -1.43
CA VAL B 43 -1.77 -1.68 0.01
C VAL B 43 -2.32 -3.01 0.48
N VAL B 44 -3.49 -3.34 -0.03
CA VAL B 44 -4.16 -4.57 0.31
C VAL B 44 -3.27 -5.76 0.02
N MET B 45 -2.78 -5.84 -1.20
CA MET B 45 -1.90 -6.95 -1.58
C MET B 45 -0.70 -7.02 -0.65
N TRP B 46 -0.30 -5.89 -0.07
CA TRP B 46 0.83 -5.88 0.84
C TRP B 46 0.44 -6.58 2.14
N LEU B 47 -0.62 -6.08 2.77
CA LEU B 47 -1.11 -6.67 4.02
C LEU B 47 -1.47 -8.12 3.80
N ILE B 48 -2.13 -8.37 2.68
CA ILE B 48 -2.57 -9.70 2.34
C ILE B 48 -1.42 -10.66 2.13
N GLN B 49 -0.36 -10.19 1.49
CA GLN B 49 0.79 -11.05 1.25
C GLN B 49 1.64 -11.20 2.51
N ASN B 50 1.49 -10.26 3.44
CA ASN B 50 2.25 -10.30 4.69
C ASN B 50 1.46 -10.90 5.83
N LYS B 51 0.34 -10.26 6.15
CA LYS B 51 -0.53 -10.70 7.23
C LYS B 51 -0.97 -12.15 7.07
N GLU B 52 -1.65 -12.45 5.96
CA GLU B 52 -2.13 -13.81 5.69
C GLU B 52 -1.06 -14.85 5.99
N LYS B 53 0.20 -14.45 5.84
CA LYS B 53 1.32 -15.35 6.10
C LYS B 53 2.29 -14.73 7.11
N LEU B 54 1.75 -13.89 8.00
CA LEU B 54 2.57 -13.21 9.00
C LEU B 54 3.39 -14.21 9.81
N PRO B 55 4.69 -14.36 9.49
CA PRO B 55 5.59 -15.29 10.17
C PRO B 55 6.09 -14.73 11.51
N ASN B 56 6.53 -15.63 12.38
CA ASN B 56 7.05 -15.24 13.69
C ASN B 56 8.45 -14.62 13.55
N GLU B 57 9.19 -15.09 12.55
CA GLU B 57 10.53 -14.59 12.29
C GLU B 57 10.51 -13.24 11.58
N LEU B 58 9.38 -12.94 10.94
CA LEU B 58 9.22 -11.69 10.21
C LEU B 58 8.75 -10.57 11.15
N LYS B 59 8.06 -10.96 12.22
CA LYS B 59 7.55 -10.00 13.21
C LYS B 59 8.54 -8.87 13.48
N PRO B 60 9.81 -9.21 13.77
CA PRO B 60 10.84 -8.21 14.04
C PRO B 60 11.15 -7.35 12.82
N LYS B 61 10.99 -7.94 11.64
CA LYS B 61 11.25 -7.21 10.40
C LYS B 61 10.17 -6.15 10.16
N ILE B 62 8.98 -6.38 10.70
CA ILE B 62 7.90 -5.42 10.54
C ILE B 62 8.39 -4.03 10.96
N ASP B 63 9.26 -4.03 11.96
CA ASP B 63 9.86 -2.78 12.42
C ASP B 63 10.71 -2.21 11.31
N GLU B 64 11.47 -3.09 10.66
CA GLU B 64 12.31 -2.72 9.53
C GLU B 64 11.43 -2.09 8.45
N ILE B 65 10.33 -2.75 8.15
CA ILE B 65 9.38 -2.28 7.15
C ILE B 65 9.02 -0.81 7.41
N SER B 66 8.88 -0.47 8.69
CA SER B 66 8.54 0.89 9.09
C SER B 66 9.76 1.80 9.13
N LYS B 67 10.76 1.42 9.93
CA LYS B 67 11.97 2.22 10.05
C LYS B 67 12.71 2.34 8.71
N ARG B 68 12.43 1.42 7.79
CA ARG B 68 13.07 1.44 6.48
C ARG B 68 12.22 2.21 5.48
N PHE B 69 10.90 2.12 5.61
CA PHE B 69 10.00 2.83 4.71
C PHE B 69 10.38 4.30 4.62
N PHE B 70 10.89 4.84 5.73
CA PHE B 70 11.32 6.23 5.79
C PHE B 70 12.83 6.29 5.90
N PRO B 71 13.54 6.04 4.79
CA PRO B 71 15.01 6.06 4.76
C PRO B 71 15.57 7.47 4.90
N ALA B 72 16.87 7.61 4.68
CA ALA B 72 17.54 8.90 4.77
C ALA B 72 19.01 8.80 4.37
N LYS B 73 19.71 7.81 4.93
CA LYS B 73 21.11 7.61 4.62
C LYS B 73 21.31 6.37 3.75
N MET A 1 19.19 13.31 4.03
CA MET A 1 17.81 13.19 3.50
C MET A 1 17.09 14.54 3.49
N VAL A 2 16.89 15.10 4.68
CA VAL A 2 16.22 16.39 4.80
C VAL A 2 14.78 16.30 4.31
N GLU A 3 13.95 17.23 4.74
CA GLU A 3 12.54 17.25 4.36
C GLU A 3 12.36 17.93 3.00
N SER A 4 11.69 17.21 2.09
CA SER A 4 11.43 17.74 0.74
C SER A 4 12.64 17.58 -0.18
N LYS A 5 13.78 18.12 0.25
CA LYS A 5 15.02 18.06 -0.54
C LYS A 5 15.21 16.67 -1.14
N LYS A 6 14.73 15.64 -0.45
CA LYS A 6 14.86 14.27 -0.91
C LYS A 6 13.56 13.50 -0.69
N ILE A 7 13.07 13.54 0.54
CA ILE A 7 11.83 12.84 0.89
C ILE A 7 10.77 13.82 1.38
N ALA A 8 9.56 13.71 0.83
CA ALA A 8 8.47 14.57 1.21
C ALA A 8 7.16 13.79 1.31
N LYS A 9 6.05 14.52 1.38
CA LYS A 9 4.73 13.89 1.49
C LYS A 9 3.63 14.91 1.21
N LYS A 10 2.70 14.55 0.30
CA LYS A 10 1.59 15.43 -0.03
C LYS A 10 0.28 14.76 0.34
N LYS A 11 -0.62 15.50 0.98
CA LYS A 11 -1.90 14.93 1.38
C LYS A 11 -2.68 14.49 0.15
N THR A 12 -2.77 13.19 -0.04
CA THR A 12 -3.48 12.63 -1.19
C THR A 12 -4.75 11.91 -0.76
N THR A 13 -5.77 11.95 -1.61
CA THR A 13 -7.03 11.29 -1.30
C THR A 13 -7.24 10.04 -2.13
N LEU A 14 -7.87 9.06 -1.51
CA LEU A 14 -8.17 7.79 -2.16
C LEU A 14 -9.53 7.31 -1.66
N ALA A 15 -10.41 6.91 -2.56
CA ALA A 15 -11.74 6.46 -2.15
C ALA A 15 -11.75 5.00 -1.79
N PHE A 16 -11.56 4.75 -0.50
CA PHE A 16 -11.58 3.41 0.05
C PHE A 16 -11.79 3.45 1.54
N ASP A 17 -11.95 2.28 2.12
CA ASP A 17 -12.13 2.13 3.54
C ASP A 17 -12.84 0.84 3.81
N GLU A 18 -13.81 0.54 2.98
CA GLU A 18 -14.54 -0.69 3.14
C GLU A 18 -13.55 -1.83 3.36
N ASP A 19 -12.74 -2.09 2.34
CA ASP A 19 -11.74 -3.14 2.41
C ASP A 19 -10.45 -2.65 3.06
N VAL A 20 -9.96 -1.50 2.63
CA VAL A 20 -8.73 -0.97 3.19
C VAL A 20 -8.88 -0.69 4.68
N TYR A 21 -10.00 -0.08 5.09
CA TYR A 21 -10.22 0.20 6.49
C TYR A 21 -10.36 -1.11 7.28
N HIS A 22 -11.14 -2.06 6.74
CA HIS A 22 -11.31 -3.34 7.44
C HIS A 22 -9.99 -4.10 7.42
N THR A 23 -9.31 -4.11 6.29
CA THR A 23 -8.03 -4.79 6.18
C THR A 23 -7.00 -4.10 7.07
N LEU A 24 -6.99 -2.77 7.03
CA LEU A 24 -6.07 -2.00 7.87
C LEU A 24 -6.27 -2.38 9.33
N LYS A 25 -7.41 -2.98 9.63
CA LYS A 25 -7.73 -3.38 10.99
C LYS A 25 -6.80 -4.49 11.49
N LEU A 26 -6.59 -5.52 10.68
CA LEU A 26 -5.70 -6.61 11.11
C LEU A 26 -4.27 -6.13 11.09
N VAL A 27 -3.90 -5.45 10.01
CA VAL A 27 -2.55 -4.92 9.87
C VAL A 27 -2.26 -3.89 10.94
N SER A 28 -3.22 -3.03 11.21
CA SER A 28 -3.00 -2.00 12.21
C SER A 28 -2.82 -2.62 13.60
N VAL A 29 -3.55 -3.69 13.86
CA VAL A 29 -3.46 -4.38 15.14
C VAL A 29 -2.23 -5.28 15.16
N TYR A 30 -2.07 -6.04 14.10
CA TYR A 30 -0.94 -6.97 13.98
C TYR A 30 0.37 -6.23 13.76
N LEU A 31 0.30 -5.02 13.19
CA LEU A 31 1.51 -4.25 12.93
C LEU A 31 1.63 -3.09 13.91
N ASN A 32 0.61 -2.90 14.74
CA ASN A 32 0.61 -1.81 15.72
C ASN A 32 0.84 -0.48 15.01
N ARG A 33 0.33 -0.39 13.79
CA ARG A 33 0.49 0.83 13.00
C ARG A 33 -0.85 1.36 12.52
N ASP A 34 -1.04 2.66 12.58
CA ASP A 34 -2.29 3.27 12.13
C ASP A 34 -2.54 2.91 10.68
N MET A 35 -3.78 3.09 10.22
CA MET A 35 -4.12 2.77 8.85
C MET A 35 -3.22 3.53 7.87
N THR A 36 -3.17 4.85 8.03
CA THR A 36 -2.34 5.69 7.18
C THR A 36 -0.87 5.32 7.34
N GLU A 37 -0.51 4.84 8.53
CA GLU A 37 0.86 4.45 8.81
C GLU A 37 1.18 3.13 8.10
N ILE A 38 0.22 2.23 8.08
CA ILE A 38 0.38 0.93 7.44
C ILE A 38 0.38 1.09 5.91
N ILE A 39 -0.63 1.79 5.39
CA ILE A 39 -0.71 2.00 3.95
C ILE A 39 0.52 2.70 3.45
N GLU A 40 1.02 3.64 4.26
CA GLU A 40 2.21 4.39 3.91
C GLU A 40 3.45 3.52 4.11
N GLU A 41 3.35 2.55 5.01
CA GLU A 41 4.48 1.66 5.25
C GLU A 41 4.47 0.53 4.23
N ALA A 42 3.27 0.17 3.79
CA ALA A 42 3.12 -0.90 2.80
C ALA A 42 3.46 -0.39 1.41
N VAL A 43 2.99 0.81 1.09
CA VAL A 43 3.25 1.42 -0.20
C VAL A 43 4.74 1.36 -0.53
N VAL A 44 5.51 2.03 0.30
CA VAL A 44 6.95 2.08 0.13
C VAL A 44 7.53 0.68 0.10
N MET A 45 7.17 -0.11 1.10
CA MET A 45 7.66 -1.47 1.17
C MET A 45 7.30 -2.25 -0.08
N TRP A 46 6.17 -1.91 -0.70
CA TRP A 46 5.75 -2.59 -1.92
C TRP A 46 6.67 -2.20 -3.07
N LEU A 47 6.81 -0.89 -3.29
CA LEU A 47 7.68 -0.41 -4.35
C LEU A 47 9.09 -0.86 -4.10
N ILE A 48 9.52 -0.72 -2.86
CA ILE A 48 10.85 -1.08 -2.47
C ILE A 48 11.15 -2.53 -2.80
N GLN A 49 10.24 -3.42 -2.44
CA GLN A 49 10.44 -4.84 -2.71
C GLN A 49 10.00 -5.21 -4.12
N ASN A 50 9.07 -4.45 -4.69
CA ASN A 50 8.56 -4.74 -6.03
C ASN A 50 9.22 -3.91 -7.13
N LYS A 51 9.07 -2.60 -7.04
CA LYS A 51 9.63 -1.69 -8.04
C LYS A 51 11.12 -1.90 -8.23
N GLU A 52 11.87 -1.91 -7.13
CA GLU A 52 13.32 -2.09 -7.19
C GLU A 52 13.71 -3.25 -8.11
N LYS A 53 12.92 -4.31 -8.09
CA LYS A 53 13.19 -5.49 -8.91
C LYS A 53 11.98 -5.86 -9.77
N LEU A 54 11.17 -4.87 -10.12
CA LEU A 54 9.98 -5.10 -10.94
C LEU A 54 10.32 -5.85 -12.23
N PRO A 55 10.08 -7.17 -12.27
CA PRO A 55 10.37 -8.00 -13.44
C PRO A 55 9.32 -7.83 -14.54
N ASN A 56 9.70 -8.19 -15.77
CA ASN A 56 8.79 -8.10 -16.90
C ASN A 56 7.76 -9.21 -16.85
N GLU A 57 8.10 -10.31 -16.18
CA GLU A 57 7.21 -11.45 -16.05
C GLU A 57 6.17 -11.22 -14.96
N LEU A 58 6.44 -10.26 -14.08
CA LEU A 58 5.51 -9.95 -12.99
C LEU A 58 4.39 -9.03 -13.47
N LYS A 59 4.62 -8.35 -14.60
CA LYS A 59 3.63 -7.44 -15.16
C LYS A 59 2.22 -8.02 -15.05
N PRO A 60 2.02 -9.26 -15.53
CA PRO A 60 0.71 -9.91 -15.47
C PRO A 60 0.34 -10.31 -14.04
N LYS A 61 1.36 -10.55 -13.22
CA LYS A 61 1.13 -10.92 -11.83
C LYS A 61 0.49 -9.76 -11.07
N ILE A 62 0.72 -8.54 -11.54
CA ILE A 62 0.13 -7.36 -10.90
C ILE A 62 -1.37 -7.59 -10.74
N ASP A 63 -1.96 -8.25 -11.74
CA ASP A 63 -3.36 -8.58 -11.70
C ASP A 63 -3.60 -9.54 -10.54
N GLU A 64 -2.71 -10.53 -10.41
CA GLU A 64 -2.78 -11.50 -9.34
C GLU A 64 -2.72 -10.78 -8.00
N ILE A 65 -1.84 -9.80 -7.90
CA ILE A 65 -1.69 -9.00 -6.68
C ILE A 65 -3.04 -8.44 -6.24
N SER A 66 -3.83 -7.98 -7.20
CA SER A 66 -5.14 -7.41 -6.90
C SER A 66 -6.22 -8.47 -6.76
N LYS A 67 -6.32 -9.35 -7.75
CA LYS A 67 -7.35 -10.40 -7.72
C LYS A 67 -7.08 -11.44 -6.63
N ARG A 68 -5.82 -11.61 -6.25
CA ARG A 68 -5.46 -12.59 -5.23
C ARG A 68 -5.34 -11.96 -3.85
N PHE A 69 -4.95 -10.69 -3.78
CA PHE A 69 -4.82 -10.02 -2.49
C PHE A 69 -6.05 -9.16 -2.23
N PHE A 70 -6.70 -8.75 -3.31
CA PHE A 70 -7.93 -7.98 -3.24
C PHE A 70 -9.00 -8.70 -4.04
N PRO A 71 -9.21 -10.01 -3.75
CA PRO A 71 -10.18 -10.84 -4.46
C PRO A 71 -11.59 -10.26 -4.43
N ALA A 72 -12.58 -11.08 -4.75
CA ALA A 72 -13.97 -10.64 -4.75
C ALA A 72 -14.90 -11.76 -4.29
N LYS A 73 -14.99 -11.94 -2.98
CA LYS A 73 -15.85 -12.98 -2.41
C LYS A 73 -17.31 -12.54 -2.43
N MET B 1 -24.44 -2.03 0.84
CA MET B 1 -23.42 -2.09 -0.24
C MET B 1 -22.89 -3.50 -0.43
N VAL B 2 -22.28 -3.76 -1.58
CA VAL B 2 -21.73 -5.07 -1.87
C VAL B 2 -20.64 -4.99 -2.94
N GLU B 3 -20.07 -6.13 -3.28
CA GLU B 3 -19.00 -6.19 -4.28
C GLU B 3 -19.59 -6.15 -5.69
N SER B 4 -20.31 -5.09 -6.00
CA SER B 4 -20.92 -4.94 -7.31
C SER B 4 -20.59 -3.57 -7.91
N LYS B 5 -21.43 -3.10 -8.84
CA LYS B 5 -21.22 -1.81 -9.48
C LYS B 5 -20.89 -0.72 -8.46
N LYS B 6 -21.54 -0.79 -7.30
CA LYS B 6 -21.31 0.19 -6.24
C LYS B 6 -20.65 -0.45 -5.03
N ILE B 7 -19.33 -0.59 -5.09
CA ILE B 7 -18.57 -1.19 -4.00
C ILE B 7 -18.40 -0.21 -2.85
N ALA B 8 -18.49 -0.71 -1.62
CA ALA B 8 -18.35 0.12 -0.44
C ALA B 8 -16.95 0.74 -0.38
N LYS B 9 -16.89 2.04 -0.13
CA LYS B 9 -15.61 2.75 -0.05
C LYS B 9 -15.80 4.13 0.54
N LYS B 10 -14.75 4.64 1.18
CA LYS B 10 -14.80 5.96 1.79
C LYS B 10 -13.64 6.83 1.33
N LYS B 11 -13.90 8.10 1.05
CA LYS B 11 -12.83 8.99 0.63
C LYS B 11 -11.84 9.18 1.76
N THR B 12 -10.66 8.58 1.62
CA THR B 12 -9.65 8.66 2.66
C THR B 12 -8.46 9.51 2.21
N THR B 13 -7.86 10.21 3.17
CA THR B 13 -6.71 11.06 2.87
C THR B 13 -5.44 10.51 3.49
N LEU B 14 -4.42 10.32 2.66
CA LEU B 14 -3.14 9.83 3.12
C LEU B 14 -2.07 10.83 2.75
N ALA B 15 -1.21 11.17 3.71
CA ALA B 15 -0.18 12.17 3.48
C ALA B 15 1.10 11.57 2.90
N PHE B 16 1.22 11.73 1.59
CA PHE B 16 2.39 11.26 0.85
C PHE B 16 2.21 11.58 -0.61
N ASP B 17 3.25 11.34 -1.39
CA ASP B 17 3.23 11.60 -2.82
C ASP B 17 4.64 11.73 -3.33
N GLU B 18 5.49 12.33 -2.53
CA GLU B 18 6.87 12.50 -2.93
C GLU B 18 7.42 11.15 -3.43
N ASP B 19 7.44 10.18 -2.54
CA ASP B 19 7.94 8.85 -2.89
C ASP B 19 6.83 8.01 -3.50
N VAL B 20 5.67 7.98 -2.88
CA VAL B 20 4.57 7.20 -3.40
C VAL B 20 4.16 7.69 -4.78
N TYR B 21 3.98 9.01 -4.94
CA TYR B 21 3.61 9.56 -6.24
C TYR B 21 4.69 9.26 -7.27
N HIS B 22 5.97 9.46 -6.90
CA HIS B 22 7.05 9.18 -7.84
C HIS B 22 7.09 7.69 -8.14
N THR B 23 7.08 6.86 -7.10
CA THR B 23 7.09 5.42 -7.29
C THR B 23 5.85 5.00 -8.07
N LEU B 24 4.73 5.65 -7.77
CA LEU B 24 3.49 5.39 -8.46
C LEU B 24 3.66 5.60 -9.95
N LYS B 25 4.71 6.33 -10.32
CA LYS B 25 5.00 6.61 -11.71
C LYS B 25 5.37 5.35 -12.48
N LEU B 26 6.28 4.55 -11.94
CA LEU B 26 6.67 3.32 -12.63
C LEU B 26 5.54 2.32 -12.58
N VAL B 27 4.96 2.16 -11.39
CA VAL B 27 3.84 1.23 -11.22
C VAL B 27 2.67 1.64 -12.08
N SER B 28 2.39 2.93 -12.14
CA SER B 28 1.27 3.40 -12.93
C SER B 28 1.47 3.07 -14.40
N VAL B 29 2.69 3.27 -14.88
CA VAL B 29 3.03 3.00 -16.26
C VAL B 29 3.21 1.51 -16.49
N TYR B 30 3.96 0.88 -15.58
CA TYR B 30 4.23 -0.54 -15.67
C TYR B 30 3.02 -1.39 -15.30
N LEU B 31 2.08 -0.82 -14.55
CA LEU B 31 0.89 -1.57 -14.17
C LEU B 31 -0.34 -1.04 -14.89
N ASN B 32 -0.17 0.07 -15.62
CA ASN B 32 -1.28 0.68 -16.34
C ASN B 32 -2.44 0.92 -15.39
N ARG B 33 -2.10 1.29 -14.15
CA ARG B 33 -3.09 1.52 -13.12
C ARG B 33 -3.00 2.93 -12.56
N ASP B 34 -4.09 3.39 -11.96
CA ASP B 34 -4.12 4.71 -11.34
C ASP B 34 -3.43 4.66 -9.99
N MET B 35 -2.77 5.74 -9.60
CA MET B 35 -2.08 5.77 -8.34
C MET B 35 -2.98 5.28 -7.21
N THR B 36 -4.28 5.50 -7.35
CA THR B 36 -5.24 5.04 -6.35
C THR B 36 -5.42 3.54 -6.44
N GLU B 37 -5.44 3.02 -7.67
CA GLU B 37 -5.60 1.59 -7.89
C GLU B 37 -4.35 0.84 -7.47
N ILE B 38 -3.19 1.46 -7.71
CA ILE B 38 -1.91 0.87 -7.36
C ILE B 38 -1.68 0.94 -5.85
N ILE B 39 -1.86 2.13 -5.27
CA ILE B 39 -1.67 2.30 -3.84
C ILE B 39 -2.67 1.45 -3.07
N GLU B 40 -3.86 1.34 -3.63
CA GLU B 40 -4.92 0.56 -3.02
C GLU B 40 -4.72 -0.91 -3.31
N GLU B 41 -3.99 -1.22 -4.38
CA GLU B 41 -3.71 -2.60 -4.73
C GLU B 41 -2.52 -3.11 -3.93
N ALA B 42 -1.58 -2.20 -3.64
CA ALA B 42 -0.40 -2.55 -2.87
C ALA B 42 -0.74 -2.69 -1.39
N VAL B 43 -1.52 -1.73 -0.89
CA VAL B 43 -1.93 -1.75 0.52
C VAL B 43 -2.48 -3.11 0.90
N VAL B 44 -3.55 -3.46 0.23
CA VAL B 44 -4.23 -4.72 0.46
C VAL B 44 -3.27 -5.89 0.25
N MET B 45 -2.43 -5.78 -0.76
CA MET B 45 -1.46 -6.83 -1.04
C MET B 45 -0.49 -7.01 0.12
N TRP B 46 -0.15 -5.91 0.80
CA TRP B 46 0.76 -5.99 1.93
C TRP B 46 0.10 -6.70 3.10
N LEU B 47 -1.08 -6.21 3.49
CA LEU B 47 -1.81 -6.82 4.60
C LEU B 47 -2.05 -8.29 4.32
N ILE B 48 -2.45 -8.58 3.10
CA ILE B 48 -2.75 -9.94 2.70
C ILE B 48 -1.52 -10.82 2.79
N GLN B 49 -0.42 -10.35 2.23
CA GLN B 49 0.79 -11.13 2.24
C GLN B 49 1.40 -11.20 3.63
N ASN B 50 0.95 -10.34 4.53
CA ASN B 50 1.48 -10.31 5.89
C ASN B 50 0.61 -11.10 6.86
N LYS B 51 -0.69 -10.82 6.85
CA LYS B 51 -1.62 -11.51 7.74
C LYS B 51 -1.73 -13.00 7.43
N GLU B 52 -2.15 -13.31 6.21
CA GLU B 52 -2.31 -14.69 5.78
C GLU B 52 -1.13 -15.57 6.17
N LYS B 53 0.07 -15.08 5.89
CA LYS B 53 1.28 -15.84 6.19
C LYS B 53 2.13 -15.17 7.27
N LEU B 54 1.48 -14.44 8.18
CA LEU B 54 2.20 -13.75 9.26
C LEU B 54 3.08 -14.74 10.03
N PRO B 55 4.39 -14.77 9.75
CA PRO B 55 5.33 -15.67 10.42
C PRO B 55 5.73 -15.17 11.80
N ASN B 56 6.15 -16.09 12.65
CA ASN B 56 6.59 -15.74 14.00
C ASN B 56 7.97 -15.11 13.96
N GLU B 57 8.74 -15.42 12.91
CA GLU B 57 10.08 -14.87 12.75
C GLU B 57 10.04 -13.49 12.09
N LEU B 58 8.96 -13.22 11.37
CA LEU B 58 8.82 -11.93 10.69
C LEU B 58 8.32 -10.85 11.64
N LYS B 59 7.71 -11.28 12.75
CA LYS B 59 7.18 -10.35 13.75
C LYS B 59 8.10 -9.13 13.92
N PRO B 60 9.40 -9.35 14.17
CA PRO B 60 10.35 -8.24 14.34
C PRO B 60 10.63 -7.52 13.02
N LYS B 61 10.55 -8.26 11.92
CA LYS B 61 10.78 -7.67 10.61
C LYS B 61 9.78 -6.57 10.32
N ILE B 62 8.61 -6.66 10.94
CA ILE B 62 7.58 -5.64 10.75
C ILE B 62 8.17 -4.26 11.03
N ASP B 63 9.08 -4.22 12.00
CA ASP B 63 9.76 -2.98 12.34
C ASP B 63 10.63 -2.58 11.17
N GLU B 64 11.25 -3.58 10.55
CA GLU B 64 12.10 -3.36 9.38
C GLU B 64 11.29 -2.69 8.29
N ILE B 65 10.07 -3.18 8.08
CA ILE B 65 9.18 -2.61 7.08
C ILE B 65 8.96 -1.14 7.35
N SER B 66 8.86 -0.78 8.64
CA SER B 66 8.66 0.60 9.04
C SER B 66 9.96 1.40 8.99
N LYS B 67 10.98 0.93 9.69
CA LYS B 67 12.27 1.62 9.72
C LYS B 67 12.89 1.68 8.32
N ARG B 68 12.78 0.59 7.58
CA ARG B 68 13.33 0.54 6.22
C ARG B 68 12.48 1.39 5.29
N PHE B 69 11.18 1.44 5.57
CA PHE B 69 10.26 2.24 4.75
C PHE B 69 10.79 3.67 4.62
N PHE B 70 11.45 4.14 5.67
CA PHE B 70 12.03 5.47 5.68
C PHE B 70 13.55 5.35 5.70
N PRO B 71 14.17 5.04 4.54
CA PRO B 71 15.62 4.88 4.43
C PRO B 71 16.35 6.22 4.43
N ALA B 72 17.68 6.16 4.49
CA ALA B 72 18.50 7.37 4.50
C ALA B 72 19.98 7.02 4.44
N LYS B 73 20.78 7.93 3.87
CA LYS B 73 22.21 7.72 3.75
C LYS B 73 22.87 7.73 5.12
N MET A 1 19.07 18.86 1.10
CA MET A 1 17.60 19.10 1.05
C MET A 1 16.87 18.22 2.05
N VAL A 2 16.28 18.84 3.07
CA VAL A 2 15.55 18.10 4.09
C VAL A 2 14.15 18.67 4.28
N GLU A 3 13.19 17.79 4.53
CA GLU A 3 11.79 18.17 4.73
C GLU A 3 11.36 19.24 3.72
N SER A 4 11.66 19.01 2.45
CA SER A 4 11.31 19.96 1.40
C SER A 4 11.19 19.26 0.04
N LYS A 5 12.34 18.98 -0.58
CA LYS A 5 12.37 18.32 -1.88
C LYS A 5 12.57 16.82 -1.72
N LYS A 6 13.74 16.43 -1.23
CA LYS A 6 14.05 15.01 -1.03
C LYS A 6 12.99 14.33 -0.20
N ILE A 7 12.78 14.81 1.02
CA ILE A 7 11.78 14.23 1.91
C ILE A 7 10.57 15.14 2.03
N ALA A 8 9.59 14.93 1.14
CA ALA A 8 8.37 15.74 1.15
C ALA A 8 7.13 14.87 1.22
N LYS A 9 5.97 15.50 1.20
CA LYS A 9 4.70 14.78 1.26
C LYS A 9 3.53 15.70 0.92
N LYS A 10 2.54 15.18 0.21
CA LYS A 10 1.38 15.97 -0.16
C LYS A 10 0.10 15.26 0.25
N LYS A 11 -0.83 15.98 0.86
CA LYS A 11 -2.08 15.37 1.30
C LYS A 11 -2.83 14.85 0.10
N THR A 12 -2.85 13.53 -0.05
CA THR A 12 -3.53 12.90 -1.17
C THR A 12 -4.77 12.15 -0.72
N THR A 13 -5.78 12.11 -1.59
CA THR A 13 -7.03 11.42 -1.27
C THR A 13 -7.18 10.13 -2.05
N LEU A 14 -7.79 9.15 -1.42
CA LEU A 14 -8.05 7.86 -2.03
C LEU A 14 -9.40 7.36 -1.55
N ALA A 15 -10.28 6.97 -2.47
CA ALA A 15 -11.60 6.50 -2.07
C ALA A 15 -11.58 5.02 -1.76
N PHE A 16 -11.40 4.73 -0.47
CA PHE A 16 -11.40 3.37 0.03
C PHE A 16 -11.61 3.38 1.52
N ASP A 17 -11.75 2.19 2.07
CA ASP A 17 -11.93 2.02 3.49
C ASP A 17 -12.66 0.73 3.73
N GLU A 18 -13.63 0.45 2.89
CA GLU A 18 -14.37 -0.78 3.03
C GLU A 18 -13.39 -1.93 3.24
N ASP A 19 -12.55 -2.16 2.24
CA ASP A 19 -11.55 -3.22 2.31
C ASP A 19 -10.28 -2.74 2.99
N VAL A 20 -9.74 -1.62 2.54
CA VAL A 20 -8.52 -1.09 3.11
C VAL A 20 -8.67 -0.82 4.61
N TYR A 21 -9.82 -0.28 5.01
CA TYR A 21 -10.05 0.01 6.43
C TYR A 21 -10.27 -1.29 7.20
N HIS A 22 -11.11 -2.19 6.67
CA HIS A 22 -11.33 -3.46 7.35
C HIS A 22 -10.03 -4.24 7.41
N THR A 23 -9.32 -4.26 6.30
CA THR A 23 -8.03 -4.94 6.25
C THR A 23 -7.06 -4.21 7.17
N LEU A 24 -7.18 -2.88 7.21
CA LEU A 24 -6.34 -2.07 8.07
C LEU A 24 -6.50 -2.53 9.51
N LYS A 25 -7.60 -3.22 9.79
CA LYS A 25 -7.87 -3.72 11.13
C LYS A 25 -6.83 -4.75 11.56
N LEU A 26 -6.61 -5.77 10.73
CA LEU A 26 -5.64 -6.80 11.09
C LEU A 26 -4.24 -6.21 11.08
N VAL A 27 -3.92 -5.42 10.06
CA VAL A 27 -2.61 -4.79 9.96
C VAL A 27 -2.40 -3.81 11.08
N SER A 28 -3.43 -3.03 11.40
CA SER A 28 -3.31 -2.06 12.46
C SER A 28 -3.04 -2.73 13.80
N VAL A 29 -3.71 -3.85 14.03
CA VAL A 29 -3.55 -4.61 15.26
C VAL A 29 -2.26 -5.41 15.21
N TYR A 30 -2.04 -6.10 14.10
CA TYR A 30 -0.86 -6.93 13.93
C TYR A 30 0.39 -6.06 13.75
N LEU A 31 0.22 -4.83 13.28
CA LEU A 31 1.35 -3.95 13.08
C LEU A 31 1.33 -2.81 14.09
N ASN A 32 0.28 -2.75 14.92
CA ASN A 32 0.15 -1.69 15.91
C ASN A 32 0.44 -0.35 15.24
N ARG A 33 0.00 -0.23 14.00
CA ARG A 33 0.24 0.98 13.21
C ARG A 33 -1.06 1.69 12.85
N ASP A 34 -0.92 2.93 12.38
CA ASP A 34 -2.08 3.72 11.97
C ASP A 34 -2.41 3.39 10.53
N MET A 35 -3.61 3.74 10.09
CA MET A 35 -4.03 3.46 8.72
C MET A 35 -3.00 4.00 7.73
N THR A 36 -2.80 5.31 7.73
CA THR A 36 -1.83 5.93 6.83
C THR A 36 -0.47 5.26 6.98
N GLU A 37 -0.05 5.05 8.22
CA GLU A 37 1.23 4.41 8.49
C GLU A 37 1.28 3.04 7.83
N ILE A 38 0.18 2.31 7.92
CA ILE A 38 0.08 0.98 7.33
C ILE A 38 -0.03 1.06 5.81
N ILE A 39 -1.06 1.75 5.34
CA ILE A 39 -1.31 1.90 3.93
C ILE A 39 -0.13 2.54 3.22
N GLU A 40 0.52 3.47 3.88
CA GLU A 40 1.66 4.15 3.30
C GLU A 40 2.94 3.35 3.51
N GLU A 41 2.98 2.48 4.51
CA GLU A 41 4.19 1.69 4.72
C GLU A 41 4.16 0.45 3.83
N ALA A 42 2.95 -0.03 3.54
CA ALA A 42 2.78 -1.20 2.70
C ALA A 42 3.06 -0.86 1.25
N VAL A 43 2.56 0.30 0.82
CA VAL A 43 2.73 0.76 -0.55
C VAL A 43 4.20 0.78 -0.95
N VAL A 44 4.97 1.60 -0.25
CA VAL A 44 6.38 1.73 -0.52
C VAL A 44 7.07 0.38 -0.43
N MET A 45 6.87 -0.31 0.67
CA MET A 45 7.48 -1.62 0.86
C MET A 45 7.10 -2.55 -0.28
N TRP A 46 5.90 -2.37 -0.84
CA TRP A 46 5.47 -3.21 -1.95
C TRP A 46 6.33 -2.93 -3.18
N LEU A 47 6.38 -1.67 -3.58
CA LEU A 47 7.20 -1.28 -4.73
C LEU A 47 8.65 -1.62 -4.45
N ILE A 48 9.08 -1.25 -3.26
CA ILE A 48 10.44 -1.46 -2.86
C ILE A 48 10.83 -2.94 -2.97
N GLN A 49 9.96 -3.82 -2.50
CA GLN A 49 10.27 -5.23 -2.57
C GLN A 49 9.88 -5.83 -3.93
N ASN A 50 8.85 -5.27 -4.56
CA ASN A 50 8.39 -5.78 -5.85
C ASN A 50 8.92 -4.98 -7.04
N LYS A 51 8.57 -3.70 -7.09
CA LYS A 51 8.97 -2.83 -8.19
C LYS A 51 10.47 -2.82 -8.42
N GLU A 52 11.24 -2.53 -7.37
CA GLU A 52 12.70 -2.49 -7.48
C GLU A 52 13.23 -3.69 -8.24
N LYS A 53 12.52 -4.81 -8.15
CA LYS A 53 12.91 -6.03 -8.84
C LYS A 53 11.76 -6.56 -9.69
N LEU A 54 10.92 -5.65 -10.18
CA LEU A 54 9.76 -6.02 -11.00
C LEU A 54 10.19 -6.87 -12.20
N PRO A 55 10.01 -8.20 -12.11
CA PRO A 55 10.38 -9.13 -13.18
C PRO A 55 9.35 -9.13 -14.31
N ASN A 56 9.76 -9.63 -15.47
CA ASN A 56 8.87 -9.71 -16.63
C ASN A 56 7.86 -10.84 -16.45
N GLU A 57 8.26 -11.85 -15.67
CA GLU A 57 7.38 -13.01 -15.41
C GLU A 57 6.32 -12.66 -14.38
N LEU A 58 6.56 -11.62 -13.59
CA LEU A 58 5.62 -11.20 -12.56
C LEU A 58 4.43 -10.47 -13.18
N LYS A 59 4.67 -9.84 -14.33
CA LYS A 59 3.63 -9.09 -15.05
C LYS A 59 2.28 -9.80 -14.97
N PRO A 60 2.20 -11.08 -15.38
CA PRO A 60 0.95 -11.84 -15.33
C PRO A 60 0.39 -11.94 -13.91
N LYS A 61 1.28 -11.88 -12.93
CA LYS A 61 0.86 -11.95 -11.54
C LYS A 61 0.23 -10.62 -11.10
N ILE A 62 0.63 -9.53 -11.74
CA ILE A 62 0.06 -8.23 -11.42
C ILE A 62 -1.46 -8.31 -11.47
N ASP A 63 -1.97 -9.19 -12.33
CA ASP A 63 -3.39 -9.40 -12.45
C ASP A 63 -3.88 -10.01 -11.14
N GLU A 64 -3.10 -10.98 -10.66
CA GLU A 64 -3.39 -11.65 -9.40
C GLU A 64 -3.43 -10.62 -8.28
N ILE A 65 -2.41 -9.77 -8.25
CA ILE A 65 -2.32 -8.70 -7.25
C ILE A 65 -3.61 -7.88 -7.21
N SER A 66 -4.22 -7.70 -8.38
CA SER A 66 -5.45 -6.94 -8.49
C SER A 66 -6.67 -7.81 -8.16
N LYS A 67 -6.83 -8.91 -8.88
CA LYS A 67 -7.96 -9.81 -8.67
C LYS A 67 -7.91 -10.43 -7.27
N ARG A 68 -6.73 -10.43 -6.65
CA ARG A 68 -6.59 -10.99 -5.31
C ARG A 68 -6.86 -9.95 -4.24
N PHE A 69 -6.37 -8.73 -4.45
CA PHE A 69 -6.58 -7.65 -3.48
C PHE A 69 -8.07 -7.57 -3.11
N PHE A 70 -8.92 -7.87 -4.09
CA PHE A 70 -10.36 -7.86 -3.89
C PHE A 70 -10.90 -9.28 -3.93
N PRO A 71 -10.70 -10.04 -2.83
CA PRO A 71 -11.16 -11.43 -2.75
C PRO A 71 -12.67 -11.53 -2.58
N ALA A 72 -13.32 -12.14 -3.58
CA ALA A 72 -14.77 -12.30 -3.54
C ALA A 72 -15.16 -13.58 -2.80
N LYS A 73 -16.39 -13.61 -2.29
CA LYS A 73 -16.89 -14.76 -1.57
C LYS A 73 -16.96 -15.99 -2.47
N MET B 1 -26.01 -6.39 -3.30
CA MET B 1 -25.76 -6.18 -1.85
C MET B 1 -26.15 -4.77 -1.42
N VAL B 2 -26.41 -4.59 -0.13
CA VAL B 2 -26.78 -3.29 0.40
C VAL B 2 -25.63 -2.29 0.28
N GLU B 3 -25.44 -1.76 -0.92
CA GLU B 3 -24.37 -0.81 -1.17
C GLU B 3 -24.49 0.40 -0.24
N SER B 4 -23.38 0.78 0.38
CA SER B 4 -23.34 1.91 1.30
C SER B 4 -23.87 1.53 2.68
N LYS B 5 -24.32 0.29 2.84
CA LYS B 5 -24.84 -0.19 4.11
C LYS B 5 -23.93 -1.23 4.72
N LYS B 6 -23.23 -1.97 3.87
CA LYS B 6 -22.31 -3.01 4.31
C LYS B 6 -20.96 -2.89 3.61
N ILE B 7 -21.00 -2.72 2.29
CA ILE B 7 -19.79 -2.58 1.50
C ILE B 7 -19.75 -1.25 0.76
N ALA B 8 -18.88 -0.36 1.19
CA ALA B 8 -18.75 0.95 0.56
C ALA B 8 -17.40 1.60 0.87
N LYS B 9 -16.77 2.12 -0.18
CA LYS B 9 -15.47 2.77 -0.04
C LYS B 9 -15.63 4.15 0.60
N LYS B 10 -14.58 4.62 1.25
CA LYS B 10 -14.62 5.92 1.90
C LYS B 10 -13.46 6.80 1.43
N LYS B 11 -13.71 8.10 1.29
CA LYS B 11 -12.65 9.00 0.86
C LYS B 11 -11.60 9.13 1.96
N THR B 12 -10.45 8.53 1.74
CA THR B 12 -9.36 8.57 2.71
C THR B 12 -8.25 9.51 2.25
N THR B 13 -7.59 10.15 3.21
CA THR B 13 -6.51 11.07 2.87
C THR B 13 -5.20 10.68 3.53
N LEU B 14 -4.14 10.66 2.73
CA LEU B 14 -2.81 10.34 3.21
C LEU B 14 -1.87 11.48 2.86
N ALA B 15 -1.10 11.95 3.84
CA ALA B 15 -0.19 13.06 3.59
C ALA B 15 1.15 12.59 3.05
N PHE B 16 1.19 12.38 1.75
CA PHE B 16 2.38 11.94 1.03
C PHE B 16 2.17 12.13 -0.45
N ASP B 17 3.20 11.89 -1.22
CA ASP B 17 3.14 12.04 -2.67
C ASP B 17 4.53 12.19 -3.20
N GLU B 18 5.37 12.88 -2.45
CA GLU B 18 6.74 13.06 -2.88
C GLU B 18 7.32 11.73 -3.34
N ASP B 19 7.39 10.78 -2.42
CA ASP B 19 7.90 9.45 -2.74
C ASP B 19 6.82 8.55 -3.30
N VAL B 20 5.68 8.47 -2.61
CA VAL B 20 4.60 7.64 -3.09
C VAL B 20 4.15 8.06 -4.49
N TYR B 21 4.00 9.37 -4.72
CA TYR B 21 3.60 9.85 -6.03
C TYR B 21 4.66 9.49 -7.07
N HIS B 22 5.93 9.79 -6.76
CA HIS B 22 7.00 9.46 -7.69
C HIS B 22 7.04 7.96 -7.94
N THR B 23 7.07 7.18 -6.86
CA THR B 23 7.09 5.73 -6.98
C THR B 23 5.83 5.26 -7.72
N LEU B 24 4.70 5.88 -7.40
CA LEU B 24 3.44 5.54 -8.06
C LEU B 24 3.58 5.75 -9.56
N LYS B 25 4.59 6.53 -9.95
CA LYS B 25 4.84 6.81 -11.36
C LYS B 25 5.28 5.57 -12.11
N LEU B 26 6.26 4.84 -11.57
CA LEU B 26 6.74 3.63 -12.23
C LEU B 26 5.67 2.56 -12.19
N VAL B 27 5.04 2.39 -11.04
CA VAL B 27 3.97 1.40 -10.87
C VAL B 27 2.79 1.76 -11.74
N SER B 28 2.43 3.03 -11.78
CA SER B 28 1.29 3.44 -12.56
C SER B 28 1.53 3.19 -14.05
N VAL B 29 2.77 3.40 -14.48
CA VAL B 29 3.14 3.20 -15.86
C VAL B 29 3.38 1.71 -16.14
N TYR B 30 4.14 1.09 -15.25
CA TYR B 30 4.47 -0.32 -15.39
C TYR B 30 3.26 -1.20 -15.07
N LEU B 31 2.32 -0.70 -14.28
CA LEU B 31 1.13 -1.47 -13.94
C LEU B 31 -0.10 -0.91 -14.64
N ASN B 32 0.07 0.22 -15.34
CA ASN B 32 -1.05 0.85 -16.03
C ASN B 32 -2.20 1.09 -15.05
N ARG B 33 -1.84 1.40 -13.81
CA ARG B 33 -2.83 1.63 -12.76
C ARG B 33 -2.64 2.98 -12.10
N ASP B 34 -3.74 3.71 -11.91
CA ASP B 34 -3.68 5.01 -11.25
C ASP B 34 -2.98 4.88 -9.91
N MET B 35 -2.54 5.99 -9.34
CA MET B 35 -1.85 5.96 -8.06
C MET B 35 -2.77 5.38 -6.99
N THR B 36 -4.04 5.76 -7.03
CA THR B 36 -5.02 5.29 -6.06
C THR B 36 -5.29 3.80 -6.25
N GLU B 37 -5.22 3.35 -7.50
CA GLU B 37 -5.45 1.94 -7.80
C GLU B 37 -4.25 1.10 -7.38
N ILE B 38 -3.06 1.67 -7.49
CA ILE B 38 -1.84 0.98 -7.11
C ILE B 38 -1.61 1.05 -5.61
N ILE B 39 -1.74 2.25 -5.03
CA ILE B 39 -1.54 2.42 -3.59
C ILE B 39 -2.53 1.56 -2.83
N GLU B 40 -3.72 1.43 -3.37
CA GLU B 40 -4.76 0.63 -2.76
C GLU B 40 -4.60 -0.84 -3.11
N GLU B 41 -3.96 -1.11 -4.25
CA GLU B 41 -3.74 -2.49 -4.66
C GLU B 41 -2.49 -3.04 -3.99
N ALA B 42 -1.53 -2.15 -3.73
CA ALA B 42 -0.29 -2.53 -3.08
C ALA B 42 -0.50 -2.73 -1.59
N VAL B 43 -1.31 -1.85 -1.00
CA VAL B 43 -1.60 -1.91 0.42
C VAL B 43 -2.20 -3.25 0.80
N VAL B 44 -3.36 -3.51 0.24
CA VAL B 44 -4.08 -4.73 0.50
C VAL B 44 -3.21 -5.95 0.20
N MET B 45 -2.65 -5.97 -1.00
CA MET B 45 -1.79 -7.07 -1.39
C MET B 45 -0.65 -7.24 -0.41
N TRP B 46 -0.21 -6.14 0.20
CA TRP B 46 0.87 -6.21 1.18
C TRP B 46 0.39 -6.92 2.43
N LEU B 47 -0.68 -6.39 3.03
CA LEU B 47 -1.24 -6.99 4.23
C LEU B 47 -1.61 -8.44 3.97
N ILE B 48 -2.23 -8.65 2.82
CA ILE B 48 -2.68 -9.97 2.44
C ILE B 48 -1.52 -10.94 2.28
N GLN B 49 -0.46 -10.49 1.65
CA GLN B 49 0.69 -11.35 1.45
C GLN B 49 1.59 -11.36 2.68
N ASN B 50 1.45 -10.37 3.55
CA ASN B 50 2.27 -10.27 4.75
C ASN B 50 1.56 -10.82 5.98
N LYS B 51 0.42 -10.22 6.32
CA LYS B 51 -0.35 -10.63 7.48
C LYS B 51 -0.79 -12.09 7.39
N GLU B 52 -1.50 -12.44 6.31
CA GLU B 52 -1.98 -13.80 6.11
C GLU B 52 -0.89 -14.82 6.42
N LYS B 53 0.36 -14.43 6.19
CA LYS B 53 1.50 -15.31 6.45
C LYS B 53 2.51 -14.64 7.36
N LEU B 54 2.03 -13.76 8.24
CA LEU B 54 2.89 -13.03 9.17
C LEU B 54 3.75 -14.00 9.98
N PRO B 55 5.04 -14.15 9.60
CA PRO B 55 5.97 -15.04 10.29
C PRO B 55 6.51 -14.44 11.57
N ASN B 56 7.06 -15.29 12.44
CA ASN B 56 7.63 -14.84 13.70
C ASN B 56 8.97 -14.15 13.49
N GLU B 57 9.71 -14.61 12.49
CA GLU B 57 11.01 -14.03 12.17
C GLU B 57 10.86 -12.66 11.50
N LEU B 58 9.77 -12.48 10.77
CA LEU B 58 9.50 -11.23 10.08
C LEU B 58 8.92 -10.19 11.05
N LYS B 59 8.37 -10.66 12.17
CA LYS B 59 7.78 -9.78 13.17
C LYS B 59 8.60 -8.50 13.36
N PRO B 60 9.91 -8.62 13.65
CA PRO B 60 10.78 -7.45 13.84
C PRO B 60 10.93 -6.64 12.57
N LYS B 61 10.78 -7.28 11.42
CA LYS B 61 10.91 -6.59 10.14
C LYS B 61 9.73 -5.64 9.93
N ILE B 62 8.58 -5.97 10.52
CA ILE B 62 7.40 -5.12 10.40
C ILE B 62 7.79 -3.69 10.76
N ASP B 63 8.66 -3.56 11.74
CA ASP B 63 9.15 -2.26 12.16
C ASP B 63 9.92 -1.66 11.00
N GLU B 64 10.77 -2.48 10.39
CA GLU B 64 11.56 -2.04 9.24
C GLU B 64 10.62 -1.53 8.15
N ILE B 65 9.59 -2.33 7.86
CA ILE B 65 8.59 -1.95 6.86
C ILE B 65 8.13 -0.51 7.06
N SER B 66 7.90 -0.14 8.31
CA SER B 66 7.45 1.21 8.65
C SER B 66 8.60 2.22 8.70
N LYS B 67 9.62 1.92 9.50
CA LYS B 67 10.76 2.82 9.64
C LYS B 67 11.55 2.95 8.33
N ARG B 68 11.38 1.97 7.44
CA ARG B 68 12.09 2.00 6.17
C ARG B 68 11.27 2.72 5.10
N PHE B 69 9.95 2.50 5.10
CA PHE B 69 9.09 3.15 4.13
C PHE B 69 9.32 4.67 4.15
N PHE B 70 9.68 5.18 5.33
CA PHE B 70 9.95 6.60 5.49
C PHE B 70 11.43 6.79 5.83
N PRO B 71 12.32 6.68 4.81
CA PRO B 71 13.76 6.82 5.01
C PRO B 71 14.19 8.27 5.18
N ALA B 72 15.49 8.49 5.28
CA ALA B 72 16.03 9.84 5.45
C ALA B 72 15.51 10.49 6.72
N LYS B 73 16.39 10.65 7.70
CA LYS B 73 16.02 11.27 8.97
C LYS B 73 16.39 12.75 9.00
N MET A 1 18.11 25.06 -0.28
CA MET A 1 17.16 23.98 -0.60
C MET A 1 15.73 24.38 -0.25
N VAL A 2 14.82 24.23 -1.22
CA VAL A 2 13.42 24.57 -1.00
C VAL A 2 12.60 23.32 -0.68
N GLU A 3 13.26 22.33 -0.09
CA GLU A 3 12.59 21.08 0.28
C GLU A 3 11.41 21.34 1.20
N SER A 4 10.68 20.29 1.55
CA SER A 4 9.52 20.40 2.43
C SER A 4 8.36 21.09 1.73
N LYS A 5 8.57 22.35 1.34
CA LYS A 5 7.54 23.13 0.67
C LYS A 5 7.12 22.46 -0.64
N LYS A 6 8.06 22.32 -1.57
CA LYS A 6 7.78 21.70 -2.85
C LYS A 6 8.20 20.23 -2.88
N ILE A 7 9.39 19.96 -2.36
CA ILE A 7 9.90 18.59 -2.33
C ILE A 7 9.65 17.94 -0.98
N ALA A 8 8.53 17.23 -0.87
CA ALA A 8 8.17 16.55 0.37
C ALA A 8 6.85 15.78 0.21
N LYS A 9 6.35 15.27 1.33
CA LYS A 9 5.10 14.52 1.33
C LYS A 9 3.93 15.50 1.18
N LYS A 10 2.80 15.03 0.64
CA LYS A 10 1.66 15.91 0.47
C LYS A 10 0.35 15.23 0.82
N LYS A 11 -0.54 15.94 1.50
CA LYS A 11 -1.82 15.38 1.90
C LYS A 11 -2.63 15.00 0.66
N THR A 12 -2.74 13.71 0.42
CA THR A 12 -3.47 13.22 -0.74
C THR A 12 -4.66 12.38 -0.34
N THR A 13 -5.72 12.44 -1.13
CA THR A 13 -6.93 11.68 -0.84
C THR A 13 -7.04 10.44 -1.72
N LEU A 14 -7.52 9.37 -1.10
CA LEU A 14 -7.73 8.11 -1.79
C LEU A 14 -9.10 7.57 -1.42
N ALA A 15 -9.88 7.15 -2.40
CA ALA A 15 -11.20 6.65 -2.11
C ALA A 15 -11.19 5.17 -1.78
N PHE A 16 -11.11 4.90 -0.49
CA PHE A 16 -11.13 3.53 0.02
C PHE A 16 -11.46 3.49 1.49
N ASP A 17 -11.62 2.29 1.99
CA ASP A 17 -11.91 2.04 3.39
C ASP A 17 -12.60 0.73 3.54
N GLU A 18 -13.46 0.42 2.59
CA GLU A 18 -14.16 -0.84 2.65
C GLU A 18 -13.17 -1.96 2.91
N ASP A 19 -12.27 -2.15 1.95
CA ASP A 19 -11.25 -3.19 2.06
C ASP A 19 -10.04 -2.69 2.84
N VAL A 20 -9.57 -1.50 2.53
CA VAL A 20 -8.42 -0.95 3.23
C VAL A 20 -8.73 -0.74 4.70
N TYR A 21 -9.88 -0.15 5.01
CA TYR A 21 -10.24 0.06 6.41
C TYR A 21 -10.41 -1.27 7.13
N HIS A 22 -11.07 -2.24 6.49
CA HIS A 22 -11.24 -3.55 7.12
C HIS A 22 -9.91 -4.28 7.17
N THR A 23 -9.14 -4.20 6.09
CA THR A 23 -7.84 -4.86 6.07
C THR A 23 -6.88 -4.14 7.01
N LEU A 24 -6.94 -2.82 7.01
CA LEU A 24 -6.10 -2.02 7.88
C LEU A 24 -6.35 -2.42 9.33
N LYS A 25 -7.48 -3.07 9.58
CA LYS A 25 -7.85 -3.48 10.91
C LYS A 25 -6.90 -4.55 11.46
N LEU A 26 -6.59 -5.57 10.65
CA LEU A 26 -5.69 -6.61 11.11
C LEU A 26 -4.28 -6.07 11.15
N VAL A 27 -3.89 -5.40 10.08
CA VAL A 27 -2.55 -4.81 9.99
C VAL A 27 -2.34 -3.77 11.08
N SER A 28 -3.35 -2.94 11.31
CA SER A 28 -3.21 -1.91 12.32
C SER A 28 -3.04 -2.52 13.70
N VAL A 29 -3.75 -3.62 13.95
CA VAL A 29 -3.69 -4.30 15.22
C VAL A 29 -2.43 -5.18 15.29
N TYR A 30 -2.21 -5.94 14.23
CA TYR A 30 -1.06 -6.82 14.16
C TYR A 30 0.23 -6.03 13.97
N LEU A 31 0.13 -4.83 13.39
CA LEU A 31 1.32 -4.03 13.16
C LEU A 31 1.33 -2.81 14.10
N ASN A 32 0.28 -2.69 14.92
CA ASN A 32 0.18 -1.56 15.84
C ASN A 32 0.46 -0.25 15.11
N ARG A 33 0.03 -0.21 13.85
CA ARG A 33 0.24 0.97 13.01
C ARG A 33 -1.07 1.53 12.48
N ASP A 34 -1.19 2.85 12.50
CA ASP A 34 -2.40 3.50 12.00
C ASP A 34 -2.64 3.09 10.55
N MET A 35 -3.85 3.32 10.05
CA MET A 35 -4.17 2.94 8.69
C MET A 35 -3.28 3.72 7.70
N THR A 36 -3.10 5.01 7.98
CA THR A 36 -2.28 5.85 7.12
C THR A 36 -0.82 5.41 7.17
N GLU A 37 -0.40 4.91 8.32
CA GLU A 37 0.96 4.44 8.50
C GLU A 37 1.17 3.12 7.78
N ILE A 38 0.16 2.26 7.81
CA ILE A 38 0.22 0.95 7.17
C ILE A 38 -0.02 1.07 5.66
N ILE A 39 -1.05 1.82 5.27
CA ILE A 39 -1.37 1.98 3.86
C ILE A 39 -0.20 2.58 3.10
N GLU A 40 0.44 3.56 3.72
CA GLU A 40 1.57 4.22 3.10
C GLU A 40 2.86 3.44 3.33
N GLU A 41 2.87 2.58 4.36
CA GLU A 41 4.04 1.77 4.63
C GLU A 41 4.01 0.52 3.76
N ALA A 42 2.81 0.02 3.51
CA ALA A 42 2.63 -1.16 2.68
C ALA A 42 2.87 -0.84 1.21
N VAL A 43 2.34 0.30 0.78
CA VAL A 43 2.49 0.73 -0.61
C VAL A 43 3.95 0.75 -1.03
N VAL A 44 4.70 1.59 -0.37
CA VAL A 44 6.11 1.75 -0.66
C VAL A 44 6.82 0.40 -0.62
N MET A 45 6.71 -0.28 0.51
CA MET A 45 7.34 -1.59 0.64
C MET A 45 6.92 -2.50 -0.50
N TRP A 46 5.71 -2.31 -1.02
CA TRP A 46 5.23 -3.11 -2.13
C TRP A 46 6.03 -2.79 -3.38
N LEU A 47 5.99 -1.54 -3.79
CA LEU A 47 6.74 -1.09 -4.96
C LEU A 47 8.22 -1.36 -4.77
N ILE A 48 8.68 -1.04 -3.57
CA ILE A 48 10.07 -1.22 -3.23
C ILE A 48 10.48 -2.68 -3.34
N GLN A 49 9.64 -3.57 -2.84
CA GLN A 49 9.94 -4.98 -2.89
C GLN A 49 9.56 -5.59 -4.24
N ASN A 50 8.62 -4.96 -4.93
CA ASN A 50 8.17 -5.48 -6.23
C ASN A 50 8.85 -4.78 -7.40
N LYS A 51 8.65 -3.48 -7.50
CA LYS A 51 9.23 -2.68 -8.58
C LYS A 51 10.72 -2.93 -8.75
N GLU A 52 11.48 -2.67 -7.68
CA GLU A 52 12.93 -2.86 -7.71
C GLU A 52 13.32 -4.20 -8.33
N LYS A 53 12.43 -5.19 -8.18
CA LYS A 53 12.69 -6.52 -8.72
C LYS A 53 11.54 -6.97 -9.61
N LEU A 54 10.86 -6.01 -10.23
CA LEU A 54 9.72 -6.30 -11.11
C LEU A 54 10.12 -7.32 -12.19
N PRO A 55 9.74 -8.60 -12.00
CA PRO A 55 10.05 -9.66 -12.96
C PRO A 55 9.11 -9.66 -14.16
N ASN A 56 9.56 -10.25 -15.26
CA ASN A 56 8.76 -10.32 -16.48
C ASN A 56 7.67 -11.37 -16.34
N GLU A 57 7.92 -12.39 -15.51
CA GLU A 57 6.95 -13.45 -15.29
C GLU A 57 5.87 -13.04 -14.29
N LEU A 58 6.17 -12.02 -13.49
CA LEU A 58 5.22 -11.53 -12.49
C LEU A 58 4.28 -10.50 -13.09
N LYS A 59 4.71 -9.87 -14.19
CA LYS A 59 3.91 -8.85 -14.87
C LYS A 59 2.42 -9.19 -14.87
N PRO A 60 2.07 -10.42 -15.27
CA PRO A 60 0.67 -10.86 -15.31
C PRO A 60 0.04 -10.93 -13.92
N LYS A 61 0.85 -11.26 -12.93
CA LYS A 61 0.36 -11.36 -11.56
C LYS A 61 -0.04 -9.99 -11.03
N ILE A 62 0.55 -8.93 -11.57
CA ILE A 62 0.23 -7.58 -11.15
C ILE A 62 -1.28 -7.37 -11.25
N ASP A 63 -1.88 -7.99 -12.26
CA ASP A 63 -3.32 -7.92 -12.43
C ASP A 63 -3.97 -8.68 -11.29
N GLU A 64 -3.35 -9.80 -10.92
CA GLU A 64 -3.83 -10.62 -9.82
C GLU A 64 -3.82 -9.80 -8.54
N ILE A 65 -2.70 -9.11 -8.30
CA ILE A 65 -2.55 -8.27 -7.12
C ILE A 65 -3.73 -7.31 -6.98
N SER A 66 -4.15 -6.74 -8.11
CA SER A 66 -5.27 -5.79 -8.11
C SER A 66 -6.62 -6.51 -8.14
N LYS A 67 -6.79 -7.44 -9.06
CA LYS A 67 -8.04 -8.18 -9.19
C LYS A 67 -8.30 -9.07 -7.99
N ARG A 68 -7.24 -9.40 -7.24
CA ARG A 68 -7.36 -10.25 -6.06
C ARG A 68 -7.51 -9.41 -4.80
N PHE A 69 -6.89 -8.24 -4.78
CA PHE A 69 -6.96 -7.35 -3.62
C PHE A 69 -8.41 -7.16 -3.19
N PHE A 70 -9.31 -7.20 -4.16
CA PHE A 70 -10.74 -7.05 -3.89
C PHE A 70 -11.47 -8.36 -4.21
N PRO A 71 -11.36 -9.36 -3.32
CA PRO A 71 -11.99 -10.66 -3.51
C PRO A 71 -13.49 -10.63 -3.20
N ALA A 72 -14.29 -10.29 -4.20
CA ALA A 72 -15.74 -10.23 -4.02
C ALA A 72 -16.47 -10.92 -5.18
N LYS A 73 -17.77 -11.08 -5.03
CA LYS A 73 -18.59 -11.73 -6.05
C LYS A 73 -20.07 -11.63 -5.72
N MET B 1 -23.55 1.79 4.61
CA MET B 1 -23.27 2.68 3.46
C MET B 1 -24.27 2.48 2.33
N VAL B 2 -24.77 3.57 1.77
CA VAL B 2 -25.74 3.51 0.67
C VAL B 2 -25.05 3.67 -0.67
N GLU B 3 -23.83 3.14 -0.79
CA GLU B 3 -23.08 3.24 -2.03
C GLU B 3 -23.06 1.90 -2.76
N SER B 4 -22.73 0.83 -2.04
CA SER B 4 -22.67 -0.50 -2.62
C SER B 4 -23.18 -1.54 -1.62
N LYS B 5 -22.80 -2.80 -1.84
CA LYS B 5 -23.21 -3.88 -0.95
C LYS B 5 -22.90 -3.56 0.51
N LYS B 6 -23.87 -2.97 1.19
CA LYS B 6 -23.71 -2.61 2.60
C LYS B 6 -22.64 -1.53 2.77
N ILE B 7 -21.38 -1.91 2.60
CA ILE B 7 -20.27 -0.97 2.74
C ILE B 7 -19.52 -0.82 1.43
N ALA B 8 -18.96 0.37 1.20
CA ALA B 8 -18.20 0.64 -0.01
C ALA B 8 -16.91 1.40 0.31
N LYS B 9 -16.27 1.92 -0.72
CA LYS B 9 -15.03 2.67 -0.56
C LYS B 9 -15.31 4.04 0.03
N LYS B 10 -14.36 4.55 0.81
CA LYS B 10 -14.51 5.85 1.46
C LYS B 10 -13.38 6.80 1.10
N LYS B 11 -13.72 8.05 0.77
CA LYS B 11 -12.70 9.04 0.44
C LYS B 11 -11.89 9.37 1.68
N THR B 12 -10.66 8.89 1.74
CA THR B 12 -9.80 9.14 2.90
C THR B 12 -8.52 9.88 2.51
N THR B 13 -8.03 10.70 3.42
CA THR B 13 -6.82 11.47 3.17
C THR B 13 -5.59 10.84 3.82
N LEU B 14 -4.46 10.99 3.15
CA LEU B 14 -3.20 10.47 3.65
C LEU B 14 -2.09 11.46 3.30
N ALA B 15 -1.29 11.84 4.30
CA ALA B 15 -0.23 12.81 4.08
C ALA B 15 1.07 12.16 3.62
N PHE B 16 1.23 12.12 2.30
CA PHE B 16 2.40 11.56 1.63
C PHE B 16 2.23 11.74 0.14
N ASP B 17 3.22 11.34 -0.62
CA ASP B 17 3.20 11.47 -2.07
C ASP B 17 4.59 11.56 -2.57
N GLU B 18 5.41 12.26 -1.83
CA GLU B 18 6.78 12.41 -2.24
C GLU B 18 7.30 11.07 -2.74
N ASP B 19 7.28 10.07 -1.85
CA ASP B 19 7.74 8.73 -2.20
C ASP B 19 6.63 7.92 -2.84
N VAL B 20 5.50 7.81 -2.16
CA VAL B 20 4.38 7.03 -2.69
C VAL B 20 3.95 7.55 -4.05
N TYR B 21 3.89 8.88 -4.21
CA TYR B 21 3.50 9.45 -5.50
C TYR B 21 4.56 9.18 -6.56
N HIS B 22 5.85 9.41 -6.23
CA HIS B 22 6.89 9.14 -7.21
C HIS B 22 6.95 7.65 -7.51
N THR B 23 6.93 6.83 -6.46
CA THR B 23 6.95 5.39 -6.64
C THR B 23 5.73 4.94 -7.43
N LEU B 24 4.59 5.56 -7.13
CA LEU B 24 3.35 5.26 -7.84
C LEU B 24 3.55 5.48 -9.33
N LYS B 25 4.59 6.24 -9.68
CA LYS B 25 4.88 6.55 -11.07
C LYS B 25 5.30 5.30 -11.84
N LEU B 26 6.23 4.52 -11.28
CA LEU B 26 6.66 3.30 -11.97
C LEU B 26 5.55 2.28 -11.96
N VAL B 27 4.94 2.10 -10.80
CA VAL B 27 3.84 1.15 -10.65
C VAL B 27 2.67 1.54 -11.54
N SER B 28 2.36 2.83 -11.57
CA SER B 28 1.24 3.27 -12.37
C SER B 28 1.49 3.02 -13.85
N VAL B 29 2.73 3.23 -14.28
CA VAL B 29 3.10 3.02 -15.66
C VAL B 29 3.32 1.53 -15.94
N TYR B 30 4.05 0.89 -15.04
CA TYR B 30 4.35 -0.52 -15.16
C TYR B 30 3.12 -1.38 -14.89
N LEU B 31 2.17 -0.87 -14.11
CA LEU B 31 0.97 -1.62 -13.79
C LEU B 31 -0.24 -1.03 -14.52
N ASN B 32 -0.03 0.08 -15.24
CA ASN B 32 -1.12 0.73 -15.95
C ASN B 32 -2.29 0.95 -15.01
N ARG B 33 -1.97 1.25 -13.75
CA ARG B 33 -2.98 1.47 -12.73
C ARG B 33 -2.84 2.84 -12.08
N ASP B 34 -3.97 3.47 -11.79
CA ASP B 34 -3.97 4.77 -11.13
C ASP B 34 -3.24 4.67 -9.81
N MET B 35 -2.84 5.80 -9.24
CA MET B 35 -2.13 5.80 -7.98
C MET B 35 -3.01 5.21 -6.88
N THR B 36 -4.28 5.58 -6.86
CA THR B 36 -5.20 5.06 -5.86
C THR B 36 -5.50 3.59 -6.11
N GLU B 37 -5.49 3.21 -7.39
CA GLU B 37 -5.74 1.83 -7.77
C GLU B 37 -4.57 0.94 -7.38
N ILE B 38 -3.36 1.48 -7.50
CA ILE B 38 -2.15 0.76 -7.14
C ILE B 38 -1.99 0.70 -5.63
N ILE B 39 -2.03 1.85 -4.98
CA ILE B 39 -1.89 1.89 -3.52
C ILE B 39 -2.92 0.98 -2.89
N GLU B 40 -4.05 0.82 -3.57
CA GLU B 40 -5.11 -0.03 -3.08
C GLU B 40 -4.80 -1.49 -3.36
N GLU B 41 -4.07 -1.76 -4.44
CA GLU B 41 -3.72 -3.14 -4.75
C GLU B 41 -2.45 -3.53 -4.00
N ALA B 42 -1.61 -2.54 -3.71
CA ALA B 42 -0.38 -2.77 -2.99
C ALA B 42 -0.64 -2.89 -1.50
N VAL B 43 -1.59 -2.08 -1.01
CA VAL B 43 -1.95 -2.09 0.40
C VAL B 43 -2.43 -3.46 0.83
N VAL B 44 -3.51 -3.89 0.21
CA VAL B 44 -4.10 -5.17 0.51
C VAL B 44 -3.11 -6.29 0.26
N MET B 45 -2.49 -6.27 -0.91
CA MET B 45 -1.51 -7.28 -1.25
C MET B 45 -0.39 -7.30 -0.22
N TRP B 46 -0.09 -6.13 0.36
CA TRP B 46 0.97 -6.06 1.36
C TRP B 46 0.54 -6.80 2.61
N LEU B 47 -0.59 -6.39 3.18
CA LEU B 47 -1.11 -7.03 4.38
C LEU B 47 -1.30 -8.52 4.13
N ILE B 48 -1.87 -8.83 2.98
CA ILE B 48 -2.14 -10.19 2.60
C ILE B 48 -0.87 -11.00 2.46
N GLN B 49 0.13 -10.43 1.82
CA GLN B 49 1.38 -11.13 1.63
C GLN B 49 2.23 -11.10 2.91
N ASN B 50 1.86 -10.22 3.83
CA ASN B 50 2.61 -10.09 5.08
C ASN B 50 1.96 -10.89 6.21
N LYS B 51 0.72 -10.54 6.53
CA LYS B 51 -0.01 -11.21 7.60
C LYS B 51 -0.18 -12.70 7.31
N GLU B 52 -0.72 -13.03 6.15
CA GLU B 52 -0.94 -14.42 5.76
C GLU B 52 0.29 -15.28 6.07
N LYS B 53 1.47 -14.68 5.95
CA LYS B 53 2.72 -15.39 6.20
C LYS B 53 3.57 -14.65 7.23
N LEU B 54 2.91 -13.91 8.14
CA LEU B 54 3.62 -13.16 9.17
C LEU B 54 4.56 -14.06 9.96
N PRO B 55 5.88 -14.01 9.66
CA PRO B 55 6.87 -14.83 10.35
C PRO B 55 7.25 -14.25 11.71
N ASN B 56 7.76 -15.11 12.58
CA ASN B 56 8.18 -14.68 13.92
C ASN B 56 9.49 -13.92 13.86
N GLU B 57 10.29 -14.19 12.83
CA GLU B 57 11.57 -13.52 12.65
C GLU B 57 11.41 -12.18 11.93
N LEU B 58 10.30 -12.02 11.22
CA LEU B 58 10.03 -10.78 10.50
C LEU B 58 9.47 -9.70 11.42
N LYS B 59 8.95 -10.13 12.58
CA LYS B 59 8.37 -9.21 13.56
C LYS B 59 9.17 -7.91 13.64
N PRO B 60 10.50 -7.98 13.86
CA PRO B 60 11.35 -6.79 13.95
C PRO B 60 11.51 -6.10 12.60
N LYS B 61 11.42 -6.87 11.52
CA LYS B 61 11.55 -6.32 10.19
C LYS B 61 10.40 -5.36 9.89
N ILE B 62 9.27 -5.57 10.55
CA ILE B 62 8.11 -4.69 10.37
C ILE B 62 8.54 -3.25 10.57
N ASP B 63 9.51 -3.05 11.46
CA ASP B 63 10.04 -1.72 11.72
C ASP B 63 10.80 -1.28 10.49
N GLU B 64 11.55 -2.22 9.91
CA GLU B 64 12.32 -1.96 8.70
C GLU B 64 11.39 -1.49 7.59
N ILE B 65 10.26 -2.19 7.45
CA ILE B 65 9.26 -1.84 6.46
C ILE B 65 8.84 -0.38 6.60
N SER B 66 8.69 0.06 7.86
CA SER B 66 8.27 1.42 8.15
C SER B 66 9.44 2.40 8.01
N LYS B 67 10.54 2.14 8.72
CA LYS B 67 11.70 3.01 8.66
C LYS B 67 12.28 3.07 7.26
N ARG B 68 12.32 1.93 6.57
CA ARG B 68 12.84 1.86 5.22
C ARG B 68 11.85 2.46 4.23
N PHE B 69 10.57 2.36 4.56
CA PHE B 69 9.53 2.91 3.70
C PHE B 69 9.83 4.37 3.37
N PHE B 70 10.48 5.05 4.32
CA PHE B 70 10.86 6.44 4.14
C PHE B 70 12.38 6.57 4.13
N PRO B 71 13.02 6.20 2.99
CA PRO B 71 14.47 6.26 2.86
C PRO B 71 14.97 7.67 2.55
N ALA B 72 15.33 8.41 3.60
CA ALA B 72 15.83 9.77 3.44
C ALA B 72 17.04 10.03 4.33
N LYS B 73 16.87 9.85 5.64
CA LYS B 73 17.95 10.07 6.58
C LYS B 73 18.38 11.54 6.59
N MET A 1 11.11 20.62 -5.62
CA MET A 1 9.69 21.05 -5.42
C MET A 1 8.73 19.89 -5.64
N VAL A 2 8.43 19.17 -4.57
CA VAL A 2 7.52 18.02 -4.64
C VAL A 2 6.52 18.05 -3.50
N GLU A 3 6.07 19.26 -3.15
CA GLU A 3 5.11 19.42 -2.06
C GLU A 3 4.47 20.81 -2.11
N SER A 4 5.29 21.83 -1.87
CA SER A 4 4.82 23.22 -1.88
C SER A 4 5.96 24.17 -1.56
N LYS A 5 6.59 23.95 -0.41
CA LYS A 5 7.72 24.78 0.02
C LYS A 5 9.02 24.00 -0.05
N LYS A 6 8.92 22.68 0.10
CA LYS A 6 10.09 21.80 0.06
C LYS A 6 9.68 20.36 -0.25
N ILE A 7 10.56 19.63 -0.91
CA ILE A 7 10.29 18.23 -1.26
C ILE A 7 9.89 17.43 -0.02
N ALA A 8 8.66 16.93 -0.01
CA ALA A 8 8.17 16.15 1.12
C ALA A 8 6.84 15.46 0.81
N LYS A 9 6.15 15.01 1.85
CA LYS A 9 4.86 14.33 1.70
C LYS A 9 3.76 15.32 1.35
N LYS A 10 2.78 14.85 0.56
CA LYS A 10 1.67 15.69 0.17
C LYS A 10 0.34 15.06 0.58
N LYS A 11 -0.52 15.83 1.23
CA LYS A 11 -1.81 15.31 1.65
C LYS A 11 -2.63 14.90 0.45
N THR A 12 -2.79 13.60 0.25
CA THR A 12 -3.54 13.10 -0.89
C THR A 12 -4.76 12.31 -0.44
N THR A 13 -5.83 12.37 -1.23
CA THR A 13 -7.05 11.65 -0.90
C THR A 13 -7.23 10.43 -1.80
N LEU A 14 -7.69 9.35 -1.19
CA LEU A 14 -7.94 8.11 -1.89
C LEU A 14 -9.30 7.56 -1.45
N ALA A 15 -10.15 7.20 -2.40
CA ALA A 15 -11.46 6.70 -2.04
C ALA A 15 -11.44 5.21 -1.80
N PHE A 16 -11.26 4.84 -0.54
CA PHE A 16 -11.24 3.47 -0.10
C PHE A 16 -11.47 3.39 1.39
N ASP A 17 -11.61 2.18 1.87
CA ASP A 17 -11.81 1.93 3.28
C ASP A 17 -12.49 0.61 3.45
N GLU A 18 -13.42 0.33 2.56
CA GLU A 18 -14.14 -0.92 2.64
C GLU A 18 -13.14 -2.05 2.86
N ASP A 19 -12.26 -2.25 1.87
CA ASP A 19 -11.24 -3.28 1.97
C ASP A 19 -10.01 -2.78 2.70
N VAL A 20 -9.48 -1.63 2.28
CA VAL A 20 -8.30 -1.08 2.92
C VAL A 20 -8.53 -0.86 4.42
N TYR A 21 -9.70 -0.31 4.79
CA TYR A 21 -10.00 -0.09 6.20
C TYR A 21 -10.15 -1.42 6.93
N HIS A 22 -10.91 -2.36 6.36
CA HIS A 22 -11.06 -3.66 7.01
C HIS A 22 -9.71 -4.34 7.10
N THR A 23 -8.96 -4.34 5.99
CA THR A 23 -7.64 -4.93 6.00
C THR A 23 -6.74 -4.16 6.95
N LEU A 24 -6.84 -2.83 6.92
CA LEU A 24 -6.06 -1.99 7.82
C LEU A 24 -6.31 -2.42 9.26
N LYS A 25 -7.43 -3.10 9.48
CA LYS A 25 -7.78 -3.56 10.81
C LYS A 25 -6.80 -4.61 11.33
N LEU A 26 -6.54 -5.63 10.53
CA LEU A 26 -5.61 -6.68 10.97
C LEU A 26 -4.19 -6.12 11.04
N VAL A 27 -3.82 -5.35 10.02
CA VAL A 27 -2.50 -4.73 9.98
C VAL A 27 -2.33 -3.73 11.08
N SER A 28 -3.34 -2.91 11.31
CA SER A 28 -3.25 -1.91 12.35
C SER A 28 -3.12 -2.55 13.72
N VAL A 29 -3.81 -3.67 13.91
CA VAL A 29 -3.76 -4.40 15.17
C VAL A 29 -2.50 -5.23 15.26
N TYR A 30 -2.23 -5.98 14.19
CA TYR A 30 -1.04 -6.83 14.15
C TYR A 30 0.23 -6.00 14.00
N LEU A 31 0.12 -4.80 13.44
CA LEU A 31 1.29 -3.96 13.27
C LEU A 31 1.26 -2.79 14.25
N ASN A 32 0.19 -2.68 15.04
CA ASN A 32 0.05 -1.60 15.99
C ASN A 32 0.32 -0.27 15.31
N ARG A 33 -0.09 -0.19 14.04
CA ARG A 33 0.13 1.01 13.24
C ARG A 33 -1.17 1.58 12.72
N ASP A 34 -1.26 2.91 12.68
CA ASP A 34 -2.44 3.59 12.17
C ASP A 34 -2.68 3.18 10.73
N MET A 35 -3.88 3.43 10.22
CA MET A 35 -4.20 3.08 8.85
C MET A 35 -3.22 3.73 7.88
N THR A 36 -3.22 5.06 7.85
CA THR A 36 -2.34 5.81 6.97
C THR A 36 -0.90 5.34 7.11
N GLU A 37 -0.48 5.10 8.35
CA GLU A 37 0.88 4.63 8.61
C GLU A 37 1.11 3.29 7.92
N ILE A 38 0.12 2.41 8.02
CA ILE A 38 0.22 1.08 7.42
C ILE A 38 0.04 1.16 5.90
N ILE A 39 -1.09 1.71 5.46
CA ILE A 39 -1.37 1.82 4.05
C ILE A 39 -0.24 2.51 3.30
N GLU A 40 0.41 3.45 3.98
CA GLU A 40 1.52 4.17 3.38
C GLU A 40 2.81 3.38 3.54
N GLU A 41 2.87 2.50 4.53
CA GLU A 41 4.07 1.69 4.74
C GLU A 41 4.05 0.46 3.84
N ALA A 42 2.84 -0.06 3.60
CA ALA A 42 2.68 -1.23 2.76
C ALA A 42 2.84 -0.86 1.29
N VAL A 43 2.31 0.30 0.91
CA VAL A 43 2.40 0.76 -0.47
C VAL A 43 3.84 0.78 -0.94
N VAL A 44 4.64 1.59 -0.27
CA VAL A 44 6.04 1.73 -0.59
C VAL A 44 6.74 0.38 -0.48
N MET A 45 6.56 -0.27 0.65
CA MET A 45 7.16 -1.57 0.87
C MET A 45 6.74 -2.56 -0.21
N TRP A 46 5.52 -2.39 -0.74
CA TRP A 46 5.04 -3.27 -1.78
C TRP A 46 5.82 -3.03 -3.06
N LEU A 47 5.86 -1.77 -3.49
CA LEU A 47 6.60 -1.42 -4.69
C LEU A 47 8.08 -1.72 -4.50
N ILE A 48 8.58 -1.31 -3.35
CA ILE A 48 9.97 -1.49 -3.02
C ILE A 48 10.36 -2.95 -3.09
N GLN A 49 9.49 -3.83 -2.60
CA GLN A 49 9.79 -5.25 -2.62
C GLN A 49 9.44 -5.87 -3.97
N ASN A 50 8.44 -5.33 -4.65
CA ASN A 50 8.01 -5.89 -5.93
C ASN A 50 8.61 -5.15 -7.14
N LYS A 51 8.29 -3.87 -7.25
CA LYS A 51 8.75 -3.04 -8.36
C LYS A 51 10.27 -3.14 -8.55
N GLU A 52 11.01 -2.87 -7.49
CA GLU A 52 12.47 -2.93 -7.56
C GLU A 52 12.93 -4.21 -8.25
N LYS A 53 12.13 -5.26 -8.13
CA LYS A 53 12.43 -6.55 -8.74
C LYS A 53 11.29 -7.02 -9.63
N LEU A 54 10.54 -6.07 -10.19
CA LEU A 54 9.39 -6.39 -11.05
C LEU A 54 9.80 -7.32 -12.19
N PRO A 55 9.51 -8.63 -12.05
CA PRO A 55 9.84 -9.63 -13.05
C PRO A 55 8.85 -9.62 -14.22
N ASN A 56 9.27 -10.18 -15.35
CA ASN A 56 8.43 -10.25 -16.53
C ASN A 56 7.37 -11.34 -16.36
N GLU A 57 7.71 -12.36 -15.58
CA GLU A 57 6.79 -13.47 -15.32
C GLU A 57 5.72 -13.08 -14.30
N LEU A 58 5.95 -11.99 -13.59
CA LEU A 58 5.01 -11.53 -12.57
C LEU A 58 3.92 -10.66 -13.20
N LYS A 59 4.21 -10.09 -14.37
CA LYS A 59 3.27 -9.23 -15.08
C LYS A 59 1.83 -9.75 -14.96
N PRO A 60 1.61 -11.05 -15.22
CA PRO A 60 0.27 -11.66 -15.14
C PRO A 60 -0.25 -11.67 -13.71
N LYS A 61 0.66 -11.79 -12.75
CA LYS A 61 0.28 -11.81 -11.34
C LYS A 61 -0.24 -10.45 -10.91
N ILE A 62 0.21 -9.39 -11.59
CA ILE A 62 -0.24 -8.04 -11.26
C ILE A 62 -1.77 -8.01 -11.25
N ASP A 63 -2.37 -8.88 -12.06
CA ASP A 63 -3.80 -8.99 -12.12
C ASP A 63 -4.26 -9.81 -10.92
N GLU A 64 -3.47 -10.83 -10.59
CA GLU A 64 -3.75 -11.69 -9.45
C GLU A 64 -3.75 -10.88 -8.15
N ILE A 65 -2.68 -10.12 -7.91
CA ILE A 65 -2.56 -9.31 -6.74
C ILE A 65 -3.67 -8.27 -6.70
N SER A 66 -4.07 -7.79 -7.88
CA SER A 66 -5.13 -6.79 -7.97
C SER A 66 -6.50 -7.43 -7.74
N LYS A 67 -6.74 -8.57 -8.40
CA LYS A 67 -8.00 -9.28 -8.25
C LYS A 67 -8.07 -9.98 -6.89
N ARG A 68 -6.90 -10.29 -6.33
CA ARG A 68 -6.83 -10.95 -5.03
C ARG A 68 -7.05 -9.94 -3.91
N PHE A 69 -6.70 -8.69 -4.16
CA PHE A 69 -6.86 -7.63 -3.17
C PHE A 69 -8.31 -7.58 -2.66
N PHE A 70 -9.23 -8.07 -3.48
CA PHE A 70 -10.64 -8.10 -3.11
C PHE A 70 -11.13 -9.53 -2.95
N PRO A 71 -10.70 -10.21 -1.85
CA PRO A 71 -11.10 -11.58 -1.59
C PRO A 71 -12.54 -11.70 -1.12
N ALA A 72 -12.90 -12.88 -0.62
CA ALA A 72 -14.26 -13.13 -0.14
C ALA A 72 -14.30 -13.13 1.38
N LYS A 73 -13.24 -13.65 2.00
CA LYS A 73 -13.17 -13.72 3.46
C LYS A 73 -12.35 -12.56 4.01
N MET B 1 -26.92 -4.84 5.21
CA MET B 1 -26.01 -4.54 4.07
C MET B 1 -26.79 -4.30 2.79
N VAL B 2 -26.86 -3.06 2.36
CA VAL B 2 -27.58 -2.70 1.14
C VAL B 2 -26.62 -2.16 0.07
N GLU B 3 -25.35 -2.51 0.19
CA GLU B 3 -24.34 -2.06 -0.76
C GLU B 3 -24.21 -0.55 -0.75
N SER B 4 -22.97 -0.07 -0.66
CA SER B 4 -22.69 1.37 -0.65
C SER B 4 -23.05 1.97 0.71
N LYS B 5 -22.76 3.26 0.86
CA LYS B 5 -23.05 3.97 2.11
C LYS B 5 -22.21 3.40 3.26
N LYS B 6 -22.63 2.26 3.80
CA LYS B 6 -21.93 1.63 4.89
C LYS B 6 -20.86 0.67 4.36
N ILE B 7 -21.27 -0.23 3.47
CA ILE B 7 -20.35 -1.20 2.89
C ILE B 7 -19.86 -0.74 1.52
N ALA B 8 -18.79 0.04 1.52
CA ALA B 8 -18.21 0.55 0.28
C ALA B 8 -16.92 1.32 0.55
N LYS B 9 -16.38 1.90 -0.51
CA LYS B 9 -15.14 2.67 -0.40
C LYS B 9 -15.40 4.03 0.25
N LYS B 10 -14.42 4.51 1.00
CA LYS B 10 -14.54 5.79 1.69
C LYS B 10 -13.40 6.72 1.32
N LYS B 11 -13.69 8.01 1.11
CA LYS B 11 -12.64 8.96 0.76
C LYS B 11 -11.72 9.18 1.95
N THR B 12 -10.51 8.65 1.86
CA THR B 12 -9.54 8.78 2.93
C THR B 12 -8.34 9.60 2.48
N THR B 13 -7.76 10.37 3.40
CA THR B 13 -6.62 11.20 3.06
C THR B 13 -5.34 10.72 3.72
N LEU B 14 -4.28 10.62 2.92
CA LEU B 14 -2.99 10.21 3.42
C LEU B 14 -1.96 11.28 3.08
N ALA B 15 -1.17 11.69 4.06
CA ALA B 15 -0.18 12.74 3.84
C ALA B 15 1.14 12.16 3.33
N PHE B 16 1.22 12.05 2.01
CA PHE B 16 2.41 11.55 1.33
C PHE B 16 2.28 11.82 -0.15
N ASP B 17 3.32 11.52 -0.89
CA ASP B 17 3.33 11.73 -2.32
C ASP B 17 4.76 11.77 -2.80
N GLU B 18 5.62 12.35 -1.99
CA GLU B 18 7.01 12.42 -2.36
C GLU B 18 7.48 11.06 -2.86
N ASP B 19 7.44 10.08 -1.96
CA ASP B 19 7.85 8.73 -2.31
C ASP B 19 6.72 7.94 -2.93
N VAL B 20 5.54 7.99 -2.32
CA VAL B 20 4.39 7.26 -2.84
C VAL B 20 4.02 7.77 -4.23
N TYR B 21 3.95 9.09 -4.41
CA TYR B 21 3.61 9.64 -5.72
C TYR B 21 4.69 9.30 -6.74
N HIS B 22 5.97 9.43 -6.36
CA HIS B 22 7.05 9.09 -7.27
C HIS B 22 7.05 7.60 -7.55
N THR B 23 6.95 6.79 -6.50
CA THR B 23 6.91 5.35 -6.67
C THR B 23 5.67 4.94 -7.44
N LEU B 24 4.55 5.59 -7.13
CA LEU B 24 3.30 5.31 -7.83
C LEU B 24 3.49 5.54 -9.32
N LYS B 25 4.54 6.28 -9.67
CA LYS B 25 4.84 6.58 -11.06
C LYS B 25 5.24 5.31 -11.83
N LEU B 26 6.18 4.54 -11.28
CA LEU B 26 6.61 3.32 -11.95
C LEU B 26 5.49 2.29 -11.94
N VAL B 27 4.84 2.14 -10.80
CA VAL B 27 3.71 1.21 -10.67
C VAL B 27 2.56 1.62 -11.56
N SER B 28 2.26 2.91 -11.58
CA SER B 28 1.15 3.37 -12.39
C SER B 28 1.42 3.14 -13.87
N VAL B 29 2.67 3.30 -14.26
CA VAL B 29 3.06 3.09 -15.65
C VAL B 29 3.24 1.61 -15.94
N TYR B 30 3.94 0.93 -15.05
CA TYR B 30 4.20 -0.50 -15.19
C TYR B 30 2.95 -1.31 -14.93
N LEU B 31 2.01 -0.78 -14.14
CA LEU B 31 0.78 -1.50 -13.83
C LEU B 31 -0.41 -0.86 -14.54
N ASN B 32 -0.18 0.25 -15.22
CA ASN B 32 -1.26 0.95 -15.92
C ASN B 32 -2.40 1.22 -14.96
N ARG B 33 -2.05 1.50 -13.72
CA ARG B 33 -3.04 1.76 -12.68
C ARG B 33 -2.80 3.10 -12.00
N ASP B 34 -3.87 3.88 -11.83
CA ASP B 34 -3.75 5.17 -11.17
C ASP B 34 -3.09 5.00 -9.82
N MET B 35 -2.60 6.09 -9.24
CA MET B 35 -1.94 6.01 -7.95
C MET B 35 -2.89 5.49 -6.90
N THR B 36 -4.15 5.90 -6.98
CA THR B 36 -5.16 5.46 -6.01
C THR B 36 -5.45 3.98 -6.18
N GLU B 37 -5.47 3.52 -7.43
CA GLU B 37 -5.74 2.12 -7.72
C GLU B 37 -4.58 1.24 -7.24
N ILE B 38 -3.36 1.75 -7.41
CA ILE B 38 -2.17 1.02 -7.01
C ILE B 38 -1.95 1.09 -5.49
N ILE B 39 -2.03 2.28 -4.92
CA ILE B 39 -1.82 2.44 -3.49
C ILE B 39 -2.78 1.56 -2.70
N GLU B 40 -3.99 1.41 -3.24
CA GLU B 40 -5.00 0.59 -2.59
C GLU B 40 -4.81 -0.87 -2.95
N GLU B 41 -4.19 -1.14 -4.10
CA GLU B 41 -3.98 -2.52 -4.51
C GLU B 41 -2.71 -3.06 -3.86
N ALA B 42 -1.76 -2.16 -3.62
CA ALA B 42 -0.49 -2.55 -3.00
C ALA B 42 -0.66 -2.71 -1.50
N VAL B 43 -1.42 -1.82 -0.89
CA VAL B 43 -1.67 -1.86 0.55
C VAL B 43 -2.22 -3.22 0.95
N VAL B 44 -3.37 -3.53 0.41
CA VAL B 44 -4.05 -4.77 0.70
C VAL B 44 -3.15 -5.96 0.35
N MET B 45 -2.56 -5.90 -0.84
CA MET B 45 -1.69 -6.97 -1.28
C MET B 45 -0.52 -7.15 -0.32
N TRP B 46 -0.11 -6.06 0.32
CA TRP B 46 1.00 -6.14 1.28
C TRP B 46 0.56 -6.90 2.51
N LEU B 47 -0.52 -6.41 3.13
CA LEU B 47 -1.05 -7.05 4.32
C LEU B 47 -1.40 -8.50 4.04
N ILE B 48 -2.02 -8.71 2.90
CA ILE B 48 -2.44 -10.03 2.49
C ILE B 48 -1.25 -10.96 2.30
N GLN B 49 -0.21 -10.47 1.66
CA GLN B 49 0.97 -11.29 1.42
C GLN B 49 1.89 -11.29 2.65
N ASN B 50 1.68 -10.33 3.56
CA ASN B 50 2.51 -10.23 4.75
C ASN B 50 1.84 -10.89 5.95
N LYS B 51 0.66 -10.39 6.31
CA LYS B 51 -0.08 -10.91 7.45
C LYS B 51 -0.37 -12.40 7.31
N GLU B 52 -0.99 -12.78 6.19
CA GLU B 52 -1.31 -14.18 5.94
C GLU B 52 -0.13 -15.10 6.25
N LYS B 53 1.08 -14.57 6.07
CA LYS B 53 2.30 -15.33 6.34
C LYS B 53 3.19 -14.58 7.32
N LEU B 54 2.59 -13.79 8.19
CA LEU B 54 3.34 -13.00 9.18
C LEU B 54 4.26 -13.90 9.99
N PRO B 55 5.57 -13.90 9.67
CA PRO B 55 6.56 -14.71 10.38
C PRO B 55 6.95 -14.11 11.72
N ASN B 56 7.49 -14.95 12.59
CA ASN B 56 7.92 -14.51 13.92
C ASN B 56 9.22 -13.72 13.83
N GLU B 57 10.01 -14.00 12.80
CA GLU B 57 11.28 -13.32 12.58
C GLU B 57 11.07 -11.96 11.91
N LEU B 58 9.91 -11.78 11.28
CA LEU B 58 9.60 -10.53 10.61
C LEU B 58 9.09 -9.50 11.60
N LYS B 59 8.63 -9.96 12.77
CA LYS B 59 8.11 -9.07 13.80
C LYS B 59 8.92 -7.77 13.89
N PRO B 60 10.25 -7.88 14.05
CA PRO B 60 11.13 -6.72 14.14
C PRO B 60 11.29 -6.03 12.78
N LYS B 61 11.15 -6.80 11.71
CA LYS B 61 11.27 -6.24 10.37
C LYS B 61 10.16 -5.22 10.11
N ILE B 62 9.05 -5.38 10.83
CA ILE B 62 7.93 -4.44 10.68
C ILE B 62 8.45 -3.02 10.85
N ASP B 63 9.43 -2.86 11.72
CA ASP B 63 10.04 -1.58 11.95
C ASP B 63 10.77 -1.17 10.69
N GLU B 64 11.41 -2.15 10.05
CA GLU B 64 12.13 -1.95 8.81
C GLU B 64 11.17 -1.39 7.77
N ILE B 65 9.98 -1.98 7.71
CA ILE B 65 8.94 -1.53 6.78
C ILE B 65 8.65 -0.05 6.98
N SER B 66 8.64 0.37 8.24
CA SER B 66 8.36 1.76 8.59
C SER B 66 9.58 2.64 8.34
N LYS B 67 10.72 2.28 8.93
CA LYS B 67 11.94 3.06 8.77
C LYS B 67 12.39 3.07 7.31
N ARG B 68 12.07 2.01 6.57
CA ARG B 68 12.45 1.91 5.17
C ARG B 68 11.49 2.72 4.31
N PHE B 69 10.20 2.67 4.64
CA PHE B 69 9.19 3.41 3.91
C PHE B 69 9.48 4.91 4.04
N PHE B 70 9.96 5.30 5.22
CA PHE B 70 10.31 6.68 5.49
C PHE B 70 11.83 6.79 5.64
N PRO B 71 12.57 6.71 4.51
CA PRO B 71 14.03 6.77 4.51
C PRO B 71 14.56 8.17 4.86
N ALA B 72 15.86 8.26 5.10
CA ALA B 72 16.49 9.53 5.43
C ALA B 72 18.00 9.44 5.31
N LYS B 73 18.65 10.57 5.05
CA LYS B 73 20.09 10.62 4.91
C LYS B 73 20.67 11.86 5.58
N MET A 1 9.73 24.53 -4.84
CA MET A 1 8.39 24.25 -4.25
C MET A 1 8.21 22.77 -3.96
N VAL A 2 7.12 22.43 -3.28
CA VAL A 2 6.83 21.04 -2.94
C VAL A 2 6.02 20.38 -4.04
N GLU A 3 6.59 20.32 -5.24
CA GLU A 3 5.91 19.70 -6.38
C GLU A 3 6.84 19.67 -7.59
N SER A 4 8.11 19.37 -7.35
CA SER A 4 9.10 19.29 -8.44
C SER A 4 10.44 18.82 -7.91
N LYS A 5 11.19 19.73 -7.31
CA LYS A 5 12.50 19.40 -6.76
C LYS A 5 12.36 19.00 -5.29
N LYS A 6 13.22 18.08 -4.84
CA LYS A 6 13.18 17.60 -3.45
C LYS A 6 11.76 17.57 -2.89
N ILE A 7 10.82 17.18 -3.74
CA ILE A 7 9.41 17.12 -3.37
C ILE A 7 9.21 16.48 -1.99
N ALA A 8 8.12 16.87 -1.34
CA ALA A 8 7.80 16.34 -0.02
C ALA A 8 6.50 15.55 -0.05
N LYS A 9 6.01 15.17 1.13
CA LYS A 9 4.77 14.40 1.21
C LYS A 9 3.59 15.32 0.91
N LYS A 10 2.63 14.81 0.16
CA LYS A 10 1.46 15.61 -0.20
C LYS A 10 0.17 14.90 0.22
N LYS A 11 -0.72 15.63 0.89
CA LYS A 11 -1.98 15.04 1.31
C LYS A 11 -2.77 14.61 0.08
N THR A 12 -2.84 13.31 -0.14
CA THR A 12 -3.56 12.77 -1.28
C THR A 12 -4.74 11.91 -0.84
N THR A 13 -5.91 12.17 -1.40
CA THR A 13 -7.10 11.42 -1.03
C THR A 13 -7.26 10.17 -1.88
N LEU A 14 -7.72 9.10 -1.24
CA LEU A 14 -7.96 7.83 -1.90
C LEU A 14 -9.33 7.33 -1.48
N ALA A 15 -10.17 6.95 -2.45
CA ALA A 15 -11.50 6.48 -2.11
C ALA A 15 -11.48 4.99 -1.83
N PHE A 16 -11.35 4.67 -0.54
CA PHE A 16 -11.36 3.30 -0.07
C PHE A 16 -11.63 3.27 1.42
N ASP A 17 -11.79 2.08 1.93
CA ASP A 17 -12.03 1.87 3.33
C ASP A 17 -12.70 0.55 3.53
N GLU A 18 -13.58 0.22 2.61
CA GLU A 18 -14.26 -1.05 2.71
C GLU A 18 -13.25 -2.14 3.01
N ASP A 19 -12.35 -2.36 2.04
CA ASP A 19 -11.31 -3.37 2.19
C ASP A 19 -10.09 -2.80 2.92
N VAL A 20 -9.63 -1.64 2.48
CA VAL A 20 -8.46 -1.02 3.11
C VAL A 20 -8.71 -0.76 4.59
N TYR A 21 -9.90 -0.27 4.94
CA TYR A 21 -10.21 -0.01 6.34
C TYR A 21 -10.31 -1.32 7.11
N HIS A 22 -11.04 -2.30 6.56
CA HIS A 22 -11.17 -3.59 7.25
C HIS A 22 -9.81 -4.29 7.29
N THR A 23 -9.06 -4.20 6.20
CA THR A 23 -7.74 -4.81 6.16
C THR A 23 -6.79 -4.06 7.07
N LEU A 24 -6.79 -2.73 6.98
CA LEU A 24 -5.94 -1.93 7.84
C LEU A 24 -6.23 -2.24 9.30
N LYS A 25 -7.40 -2.83 9.55
CA LYS A 25 -7.81 -3.19 10.89
C LYS A 25 -6.93 -4.31 11.45
N LEU A 26 -6.72 -5.37 10.68
CA LEU A 26 -5.90 -6.47 11.16
C LEU A 26 -4.44 -6.03 11.25
N VAL A 27 -3.98 -5.33 10.22
CA VAL A 27 -2.61 -4.82 10.19
C VAL A 27 -2.40 -3.78 11.27
N SER A 28 -3.36 -2.88 11.42
CA SER A 28 -3.22 -1.84 12.42
C SER A 28 -3.20 -2.44 13.82
N VAL A 29 -3.94 -3.52 14.02
CA VAL A 29 -3.99 -4.18 15.31
C VAL A 29 -2.78 -5.08 15.49
N TYR A 30 -2.51 -5.90 14.47
CA TYR A 30 -1.39 -6.81 14.50
C TYR A 30 -0.07 -6.07 14.37
N LEU A 31 -0.10 -4.88 13.77
CA LEU A 31 1.12 -4.09 13.61
C LEU A 31 1.09 -2.87 14.53
N ASN A 32 -0.02 -2.68 15.26
CA ASN A 32 -0.16 -1.55 16.15
C ASN A 32 0.18 -0.26 15.42
N ARG A 33 -0.17 -0.23 14.13
CA ARG A 33 0.12 0.94 13.29
C ARG A 33 -1.14 1.52 12.67
N ASP A 34 -1.20 2.83 12.59
CA ASP A 34 -2.35 3.51 11.99
C ASP A 34 -2.50 3.07 10.55
N MET A 35 -3.67 3.31 9.96
CA MET A 35 -3.91 2.92 8.59
C MET A 35 -2.87 3.54 7.67
N THR A 36 -2.71 4.86 7.76
CA THR A 36 -1.73 5.57 6.94
C THR A 36 -0.34 4.99 7.18
N GLU A 37 0.03 4.85 8.44
CA GLU A 37 1.33 4.30 8.80
C GLU A 37 1.55 2.94 8.13
N ILE A 38 0.51 2.12 8.11
CA ILE A 38 0.57 0.79 7.52
C ILE A 38 0.53 0.87 5.98
N ILE A 39 -0.49 1.53 5.45
CA ILE A 39 -0.63 1.65 4.00
C ILE A 39 0.57 2.38 3.42
N GLU A 40 1.10 3.32 4.19
CA GLU A 40 2.26 4.07 3.75
C GLU A 40 3.52 3.25 3.93
N GLU A 41 3.48 2.29 4.85
CA GLU A 41 4.64 1.42 5.07
C GLU A 41 4.60 0.27 4.07
N ALA A 42 3.38 -0.12 3.69
CA ALA A 42 3.20 -1.21 2.74
C ALA A 42 3.50 -0.74 1.32
N VAL A 43 3.00 0.45 0.99
CA VAL A 43 3.21 1.02 -0.33
C VAL A 43 4.69 1.01 -0.71
N VAL A 44 5.46 1.71 0.07
CA VAL A 44 6.89 1.80 -0.14
C VAL A 44 7.51 0.41 -0.15
N MET A 45 7.21 -0.37 0.87
CA MET A 45 7.73 -1.72 0.98
C MET A 45 7.34 -2.54 -0.23
N TRP A 46 6.20 -2.24 -0.84
CA TRP A 46 5.77 -2.99 -2.02
C TRP A 46 6.63 -2.60 -3.21
N LEU A 47 6.75 -1.30 -3.46
CA LEU A 47 7.57 -0.82 -4.56
C LEU A 47 9.01 -1.24 -4.35
N ILE A 48 9.47 -1.03 -3.12
CA ILE A 48 10.83 -1.34 -2.76
C ILE A 48 11.15 -2.80 -3.07
N GLN A 49 10.27 -3.70 -2.68
CA GLN A 49 10.50 -5.11 -2.92
C GLN A 49 10.05 -5.52 -4.32
N ASN A 50 9.03 -4.83 -4.85
CA ASN A 50 8.49 -5.17 -6.17
C ASN A 50 9.02 -4.28 -7.29
N LYS A 51 8.74 -2.98 -7.19
CA LYS A 51 9.17 -2.02 -8.20
C LYS A 51 10.67 -2.12 -8.49
N GLU A 52 11.48 -2.14 -7.44
CA GLU A 52 12.92 -2.23 -7.59
C GLU A 52 13.32 -3.39 -8.51
N LYS A 53 12.53 -4.45 -8.47
CA LYS A 53 12.80 -5.64 -9.29
C LYS A 53 11.57 -6.01 -10.13
N LEU A 54 10.76 -5.01 -10.48
CA LEU A 54 9.55 -5.24 -11.26
C LEU A 54 9.87 -5.99 -12.56
N PRO A 55 9.59 -7.32 -12.59
CA PRO A 55 9.85 -8.15 -13.78
C PRO A 55 8.84 -7.90 -14.89
N ASN A 56 9.20 -8.28 -16.10
CA ASN A 56 8.33 -8.11 -17.25
C ASN A 56 7.22 -9.16 -17.24
N GLU A 57 7.50 -10.29 -16.60
CA GLU A 57 6.54 -11.38 -16.50
C GLU A 57 5.51 -11.12 -15.39
N LEU A 58 5.82 -10.17 -14.51
CA LEU A 58 4.93 -9.84 -13.41
C LEU A 58 3.83 -8.89 -13.86
N LYS A 59 4.04 -8.22 -14.99
CA LYS A 59 3.06 -7.28 -15.53
C LYS A 59 1.64 -7.82 -15.38
N PRO A 60 1.39 -9.06 -15.83
CA PRO A 60 0.06 -9.68 -15.72
C PRO A 60 -0.25 -10.07 -14.29
N LYS A 61 0.78 -10.36 -13.51
CA LYS A 61 0.61 -10.74 -12.12
C LYS A 61 0.03 -9.58 -11.32
N ILE A 62 0.28 -8.35 -11.79
CA ILE A 62 -0.25 -7.17 -11.12
C ILE A 62 -1.74 -7.34 -10.91
N ASP A 63 -2.40 -7.98 -11.88
CA ASP A 63 -3.81 -8.26 -11.79
C ASP A 63 -4.04 -9.24 -10.65
N GLU A 64 -3.14 -10.22 -10.56
CA GLU A 64 -3.21 -11.23 -9.51
C GLU A 64 -3.09 -10.55 -8.15
N ILE A 65 -2.16 -9.61 -8.05
CA ILE A 65 -1.95 -8.85 -6.82
C ILE A 65 -3.26 -8.26 -6.32
N SER A 66 -4.03 -7.68 -7.22
CA SER A 66 -5.31 -7.07 -6.85
C SER A 66 -6.45 -8.10 -6.77
N LYS A 67 -6.57 -8.94 -7.79
CA LYS A 67 -7.63 -9.94 -7.82
C LYS A 67 -7.41 -11.05 -6.80
N ARG A 68 -6.16 -11.29 -6.43
CA ARG A 68 -5.83 -12.34 -5.47
C ARG A 68 -5.70 -11.80 -4.05
N PHE A 69 -5.26 -10.56 -3.92
CA PHE A 69 -5.10 -9.96 -2.59
C PHE A 69 -6.31 -9.09 -2.28
N PHE A 70 -6.96 -8.62 -3.35
CA PHE A 70 -8.16 -7.81 -3.26
C PHE A 70 -9.25 -8.46 -4.08
N PRO A 71 -9.49 -9.77 -3.85
CA PRO A 71 -10.51 -10.55 -4.59
C PRO A 71 -11.89 -9.93 -4.49
N ALA A 72 -12.17 -8.95 -5.33
CA ALA A 72 -13.47 -8.29 -5.33
C ALA A 72 -13.85 -7.84 -6.74
N LYS A 73 -15.15 -7.63 -6.95
CA LYS A 73 -15.65 -7.20 -8.25
C LYS A 73 -15.96 -5.71 -8.25
N MET B 1 -21.23 1.90 7.40
CA MET B 1 -22.48 2.49 6.83
C MET B 1 -22.38 4.02 6.75
N VAL B 2 -23.50 4.65 6.38
CA VAL B 2 -23.54 6.10 6.28
C VAL B 2 -22.60 6.60 5.19
N GLU B 3 -22.46 5.81 4.13
CA GLU B 3 -21.59 6.16 3.01
C GLU B 3 -22.29 5.97 1.68
N SER B 4 -22.56 4.72 1.33
CA SER B 4 -23.23 4.39 0.08
C SER B 4 -24.06 3.11 0.22
N LYS B 5 -25.24 3.23 0.82
CA LYS B 5 -26.12 2.09 1.02
C LYS B 5 -25.47 1.05 1.93
N LYS B 6 -24.57 0.24 1.35
CA LYS B 6 -23.88 -0.80 2.11
C LYS B 6 -22.41 -0.43 2.31
N ILE B 7 -21.67 -1.33 2.94
CA ILE B 7 -20.25 -1.09 3.20
C ILE B 7 -19.47 -0.98 1.90
N ALA B 8 -19.20 0.25 1.47
CA ALA B 8 -18.46 0.49 0.24
C ALA B 8 -17.17 1.24 0.51
N LYS B 9 -16.56 1.78 -0.55
CA LYS B 9 -15.30 2.51 -0.42
C LYS B 9 -15.56 3.89 0.19
N LYS B 10 -14.59 4.39 0.94
CA LYS B 10 -14.72 5.68 1.60
C LYS B 10 -13.59 6.62 1.21
N LYS B 11 -13.90 7.91 1.04
CA LYS B 11 -12.87 8.88 0.71
C LYS B 11 -11.94 9.09 1.88
N THR B 12 -10.72 8.57 1.77
CA THR B 12 -9.73 8.70 2.84
C THR B 12 -8.52 9.51 2.40
N THR B 13 -8.05 10.39 3.26
CA THR B 13 -6.88 11.21 2.95
C THR B 13 -5.60 10.53 3.38
N LEU B 14 -4.63 10.53 2.48
CA LEU B 14 -3.34 9.92 2.75
C LEU B 14 -2.23 10.94 2.53
N ALA B 15 -1.43 11.20 3.56
CA ALA B 15 -0.39 12.20 3.46
C ALA B 15 0.92 11.63 2.91
N PHE B 16 1.11 11.79 1.61
CA PHE B 16 2.31 11.34 0.90
C PHE B 16 2.19 11.67 -0.56
N ASP B 17 3.25 11.41 -1.30
CA ASP B 17 3.26 11.69 -2.74
C ASP B 17 4.68 11.79 -3.21
N GLU B 18 5.52 12.35 -2.38
CA GLU B 18 6.91 12.49 -2.76
C GLU B 18 7.45 11.15 -3.26
N ASP B 19 7.45 10.16 -2.38
CA ASP B 19 7.92 8.82 -2.75
C ASP B 19 6.81 8.01 -3.40
N VAL B 20 5.63 8.04 -2.82
CA VAL B 20 4.51 7.29 -3.38
C VAL B 20 4.14 7.84 -4.75
N TYR B 21 3.97 9.15 -4.87
CA TYR B 21 3.63 9.74 -6.17
C TYR B 21 4.73 9.43 -7.18
N HIS B 22 5.99 9.52 -6.77
CA HIS B 22 7.09 9.21 -7.67
C HIS B 22 7.09 7.73 -8.00
N THR B 23 7.05 6.88 -6.97
CA THR B 23 7.03 5.44 -7.19
C THR B 23 5.78 5.05 -7.97
N LEU B 24 4.68 5.71 -7.66
CA LEU B 24 3.42 5.47 -8.35
C LEU B 24 3.61 5.71 -9.85
N LYS B 25 4.66 6.44 -10.19
CA LYS B 25 4.94 6.76 -11.57
C LYS B 25 5.29 5.52 -12.38
N LEU B 26 6.18 4.68 -11.85
CA LEU B 26 6.55 3.45 -12.57
C LEU B 26 5.38 2.49 -12.54
N VAL B 27 4.83 2.28 -11.36
CA VAL B 27 3.70 1.38 -11.20
C VAL B 27 2.52 1.83 -12.04
N SER B 28 2.26 3.13 -12.06
CA SER B 28 1.14 3.63 -12.83
C SER B 28 1.32 3.36 -14.31
N VAL B 29 2.55 3.53 -14.78
CA VAL B 29 2.88 3.30 -16.18
C VAL B 29 3.01 1.81 -16.45
N TYR B 30 3.75 1.14 -15.58
CA TYR B 30 3.99 -0.29 -15.70
C TYR B 30 2.75 -1.11 -15.37
N LEU B 31 1.83 -0.54 -14.59
CA LEU B 31 0.61 -1.26 -14.23
C LEU B 31 -0.60 -0.64 -14.93
N ASN B 32 -0.39 0.48 -15.61
CA ASN B 32 -1.49 1.16 -16.29
C ASN B 32 -2.62 1.40 -15.31
N ARG B 33 -2.24 1.71 -14.07
CA ARG B 33 -3.22 1.95 -13.02
C ARG B 33 -3.09 3.35 -12.43
N ASP B 34 -4.11 3.77 -11.69
CA ASP B 34 -4.11 5.06 -11.04
C ASP B 34 -3.38 4.94 -9.72
N MET B 35 -2.76 6.02 -9.26
CA MET B 35 -2.02 6.00 -8.01
C MET B 35 -2.89 5.41 -6.89
N THR B 36 -4.20 5.63 -6.99
CA THR B 36 -5.12 5.10 -6.00
C THR B 36 -5.31 3.60 -6.20
N GLU B 37 -5.48 3.20 -7.45
CA GLU B 37 -5.66 1.79 -7.78
C GLU B 37 -4.41 0.99 -7.41
N ILE B 38 -3.25 1.61 -7.61
CA ILE B 38 -1.97 0.98 -7.30
C ILE B 38 -1.74 0.93 -5.79
N ILE B 39 -1.85 2.10 -5.15
CA ILE B 39 -1.63 2.19 -3.70
C ILE B 39 -2.68 1.37 -2.96
N GLU B 40 -3.88 1.32 -3.53
CA GLU B 40 -4.96 0.58 -2.90
C GLU B 40 -4.82 -0.91 -3.21
N GLU B 41 -4.18 -1.24 -4.32
CA GLU B 41 -3.99 -2.65 -4.66
C GLU B 41 -2.74 -3.18 -3.96
N ALA B 42 -1.77 -2.30 -3.78
CA ALA B 42 -0.52 -2.67 -3.11
C ALA B 42 -0.74 -2.79 -1.60
N VAL B 43 -1.50 -1.85 -1.04
CA VAL B 43 -1.79 -1.87 0.39
C VAL B 43 -2.34 -3.21 0.83
N VAL B 44 -3.47 -3.56 0.25
CA VAL B 44 -4.14 -4.80 0.57
C VAL B 44 -3.22 -5.98 0.29
N MET B 45 -2.46 -5.90 -0.80
CA MET B 45 -1.54 -6.96 -1.16
C MET B 45 -0.47 -7.13 -0.10
N TRP B 46 -0.06 -6.02 0.53
CA TRP B 46 0.96 -6.09 1.56
C TRP B 46 0.41 -6.76 2.81
N LEU B 47 -0.72 -6.25 3.31
CA LEU B 47 -1.33 -6.82 4.50
C LEU B 47 -1.61 -8.29 4.30
N ILE B 48 -2.13 -8.62 3.13
CA ILE B 48 -2.47 -9.98 2.81
C ILE B 48 -1.25 -10.89 2.85
N GLN B 49 -0.19 -10.47 2.18
CA GLN B 49 1.00 -11.29 2.14
C GLN B 49 1.71 -11.31 3.49
N ASN B 50 1.37 -10.37 4.37
CA ASN B 50 1.99 -10.29 5.68
C ASN B 50 1.15 -10.96 6.75
N LYS B 51 -0.08 -10.48 6.92
CA LYS B 51 -0.98 -11.03 7.94
C LYS B 51 -1.32 -12.50 7.68
N GLU B 52 -1.85 -12.78 6.50
CA GLU B 52 -2.23 -14.14 6.14
C GLU B 52 -1.15 -15.15 6.51
N LYS B 53 0.11 -14.74 6.37
CA LYS B 53 1.23 -15.61 6.68
C LYS B 53 2.18 -14.96 7.68
N LEU B 54 1.63 -14.11 8.55
CA LEU B 54 2.43 -13.42 9.56
C LEU B 54 3.25 -14.41 10.39
N PRO B 55 4.54 -14.56 10.07
CA PRO B 55 5.43 -15.48 10.78
C PRO B 55 5.92 -14.93 12.12
N ASN B 56 6.34 -15.81 13.01
CA ASN B 56 6.83 -15.41 14.32
C ASN B 56 8.24 -14.82 14.18
N GLU B 57 8.97 -15.25 13.15
CA GLU B 57 10.32 -14.77 12.91
C GLU B 57 10.31 -13.42 12.21
N LEU B 58 9.21 -13.12 11.50
CA LEU B 58 9.08 -11.86 10.79
C LEU B 58 8.66 -10.74 11.74
N LYS B 59 8.12 -11.12 12.90
CA LYS B 59 7.66 -10.15 13.90
C LYS B 59 8.57 -8.92 13.96
N PRO B 60 9.88 -9.12 14.15
CA PRO B 60 10.84 -8.02 14.21
C PRO B 60 11.06 -7.36 12.85
N LYS B 61 10.91 -8.14 11.79
CA LYS B 61 11.09 -7.61 10.43
C LYS B 61 10.08 -6.50 10.16
N ILE B 62 8.95 -6.54 10.85
CA ILE B 62 7.92 -5.52 10.68
C ILE B 62 8.54 -4.15 10.89
N ASP B 63 9.50 -4.07 11.80
CA ASP B 63 10.20 -2.83 12.05
C ASP B 63 11.04 -2.49 10.84
N GLU B 64 11.64 -3.53 10.25
CA GLU B 64 12.45 -3.37 9.06
C GLU B 64 11.61 -2.74 7.95
N ILE B 65 10.39 -3.26 7.79
CA ILE B 65 9.47 -2.74 6.79
C ILE B 65 9.25 -1.25 7.00
N SER B 66 9.17 -0.85 8.26
CA SER B 66 8.96 0.54 8.62
C SER B 66 10.25 1.37 8.50
N LYS B 67 11.30 0.93 9.19
CA LYS B 67 12.57 1.64 9.15
C LYS B 67 13.15 1.65 7.74
N ARG B 68 12.98 0.55 7.01
CA ARG B 68 13.48 0.44 5.65
C ARG B 68 12.63 1.29 4.71
N PHE B 69 11.33 1.38 5.02
CA PHE B 69 10.41 2.17 4.20
C PHE B 69 10.92 3.60 4.09
N PHE B 70 11.58 4.06 5.14
CA PHE B 70 12.16 5.40 5.18
C PHE B 70 13.68 5.30 5.18
N PRO B 71 14.28 4.98 4.02
CA PRO B 71 15.73 4.84 3.89
C PRO B 71 16.45 6.18 3.96
N ALA B 72 16.99 6.50 5.13
CA ALA B 72 17.71 7.75 5.32
C ALA B 72 19.21 7.54 5.27
N LYS B 73 19.80 7.79 4.10
CA LYS B 73 21.24 7.62 3.91
C LYS B 73 21.90 8.95 3.56
N MET A 1 13.11 25.03 -7.13
CA MET A 1 12.46 24.40 -5.95
C MET A 1 12.38 25.37 -4.78
N VAL A 2 11.15 25.69 -4.36
CA VAL A 2 10.95 26.62 -3.25
C VAL A 2 10.32 25.91 -2.06
N GLU A 3 10.56 24.60 -1.96
CA GLU A 3 10.02 23.80 -0.86
C GLU A 3 8.50 23.81 -0.89
N SER A 4 7.90 22.69 -0.47
CA SER A 4 6.45 22.56 -0.45
C SER A 4 5.88 22.54 -1.86
N LYS A 5 4.56 22.68 -1.97
CA LYS A 5 3.89 22.67 -3.27
C LYS A 5 4.05 21.32 -3.96
N LYS A 6 5.22 21.09 -4.55
CA LYS A 6 5.50 19.84 -5.24
C LYS A 6 6.40 18.95 -4.39
N ILE A 7 7.17 19.55 -3.49
CA ILE A 7 8.08 18.81 -2.62
C ILE A 7 7.41 18.50 -1.28
N ALA A 8 8.01 17.57 -0.54
CA ALA A 8 7.47 17.17 0.77
C ALA A 8 6.20 16.34 0.61
N LYS A 9 5.64 15.94 1.74
CA LYS A 9 4.42 15.13 1.75
C LYS A 9 3.22 15.98 1.39
N LYS A 10 2.31 15.42 0.58
CA LYS A 10 1.13 16.14 0.16
C LYS A 10 -0.13 15.38 0.57
N LYS A 11 -1.13 16.07 1.10
CA LYS A 11 -2.35 15.40 1.51
C LYS A 11 -3.02 14.77 0.29
N THR A 12 -2.95 13.45 0.22
CA THR A 12 -3.53 12.72 -0.89
C THR A 12 -4.79 11.98 -0.48
N THR A 13 -5.74 11.85 -1.40
CA THR A 13 -6.99 11.17 -1.09
C THR A 13 -7.23 9.96 -2.00
N LEU A 14 -7.86 8.94 -1.43
CA LEU A 14 -8.19 7.72 -2.15
C LEU A 14 -9.55 7.26 -1.67
N ALA A 15 -10.42 6.85 -2.59
CA ALA A 15 -11.75 6.41 -2.19
C ALA A 15 -11.77 4.94 -1.84
N PHE A 16 -11.58 4.66 -0.55
CA PHE A 16 -11.60 3.31 -0.01
C PHE A 16 -11.80 3.35 1.47
N ASP A 17 -11.96 2.17 2.03
CA ASP A 17 -12.11 2.02 3.46
C ASP A 17 -12.83 0.73 3.75
N GLU A 18 -13.81 0.41 2.93
CA GLU A 18 -14.52 -0.81 3.14
C GLU A 18 -13.53 -1.96 3.33
N ASP A 19 -12.75 -2.22 2.29
CA ASP A 19 -11.75 -3.28 2.36
C ASP A 19 -10.45 -2.79 2.97
N VAL A 20 -9.97 -1.64 2.51
CA VAL A 20 -8.73 -1.09 3.04
C VAL A 20 -8.85 -0.80 4.53
N TYR A 21 -9.95 -0.17 4.95
CA TYR A 21 -10.14 0.12 6.36
C TYR A 21 -10.29 -1.16 7.16
N HIS A 22 -11.08 -2.11 6.65
CA HIS A 22 -11.25 -3.38 7.36
C HIS A 22 -9.94 -4.14 7.37
N THR A 23 -9.26 -4.20 6.23
CA THR A 23 -7.98 -4.88 6.15
C THR A 23 -6.95 -4.14 7.01
N LEU A 24 -6.98 -2.81 6.94
CA LEU A 24 -6.08 -1.99 7.73
C LEU A 24 -6.25 -2.33 9.21
N LYS A 25 -7.38 -2.95 9.54
CA LYS A 25 -7.68 -3.32 10.91
C LYS A 25 -6.72 -4.37 11.43
N LEU A 26 -6.49 -5.45 10.67
CA LEU A 26 -5.58 -6.49 11.12
C LEU A 26 -4.16 -5.98 11.07
N VAL A 27 -3.82 -5.32 9.97
CA VAL A 27 -2.48 -4.77 9.81
C VAL A 27 -2.21 -3.69 10.84
N SER A 28 -3.18 -2.83 11.09
CA SER A 28 -2.98 -1.78 12.06
C SER A 28 -2.78 -2.34 13.46
N VAL A 29 -3.51 -3.41 13.76
CA VAL A 29 -3.41 -4.05 15.07
C VAL A 29 -2.17 -4.93 15.13
N TYR A 30 -1.99 -5.74 14.08
CA TYR A 30 -0.85 -6.64 14.00
C TYR A 30 0.44 -5.90 13.73
N LEU A 31 0.35 -4.72 13.12
CA LEU A 31 1.55 -3.93 12.82
C LEU A 31 1.64 -2.72 13.74
N ASN A 32 0.62 -2.53 14.59
CA ASN A 32 0.60 -1.39 15.50
C ASN A 32 0.86 -0.10 14.72
N ARG A 33 0.35 -0.07 13.50
CA ARG A 33 0.54 1.08 12.62
C ARG A 33 -0.79 1.63 12.13
N ASP A 34 -0.95 2.95 12.21
CA ASP A 34 -2.17 3.59 11.74
C ASP A 34 -2.44 3.19 10.29
N MET A 35 -3.66 3.40 9.82
CA MET A 35 -4.00 3.05 8.46
C MET A 35 -3.08 3.80 7.48
N THR A 36 -2.83 5.07 7.77
CA THR A 36 -1.98 5.88 6.92
C THR A 36 -0.54 5.39 6.99
N GLU A 37 -0.15 4.88 8.14
CA GLU A 37 1.20 4.37 8.34
C GLU A 37 1.37 3.04 7.61
N ILE A 38 0.32 2.23 7.61
CA ILE A 38 0.35 0.93 6.95
C ILE A 38 0.18 1.07 5.44
N ILE A 39 -0.82 1.86 5.02
CA ILE A 39 -1.07 2.06 3.60
C ILE A 39 0.16 2.62 2.91
N GLU A 40 0.85 3.52 3.60
CA GLU A 40 2.04 4.14 3.07
C GLU A 40 3.25 3.24 3.32
N GLU A 41 3.14 2.34 4.29
CA GLU A 41 4.23 1.43 4.59
C GLU A 41 4.16 0.23 3.64
N ALA A 42 2.94 -0.11 3.23
CA ALA A 42 2.74 -1.23 2.33
C ALA A 42 3.14 -0.85 0.91
N VAL A 43 2.71 0.34 0.49
CA VAL A 43 3.01 0.84 -0.85
C VAL A 43 4.49 0.74 -1.14
N VAL A 44 5.27 1.46 -0.36
CA VAL A 44 6.71 1.49 -0.52
C VAL A 44 7.28 0.08 -0.43
N MET A 45 6.88 -0.65 0.60
CA MET A 45 7.35 -2.01 0.78
C MET A 45 7.02 -2.86 -0.43
N TRP A 46 5.89 -2.56 -1.10
CA TRP A 46 5.51 -3.31 -2.28
C TRP A 46 6.48 -3.02 -3.42
N LEU A 47 6.63 -1.74 -3.73
CA LEU A 47 7.55 -1.33 -4.79
C LEU A 47 8.96 -1.79 -4.45
N ILE A 48 9.35 -1.54 -3.21
CA ILE A 48 10.66 -1.90 -2.74
C ILE A 48 10.94 -3.38 -2.96
N GLN A 49 9.96 -4.22 -2.63
CA GLN A 49 10.14 -5.65 -2.78
C GLN A 49 9.85 -6.10 -4.21
N ASN A 50 9.05 -5.33 -4.94
CA ASN A 50 8.69 -5.68 -6.31
C ASN A 50 9.54 -4.98 -7.35
N LYS A 51 9.48 -3.66 -7.37
CA LYS A 51 10.23 -2.86 -8.34
C LYS A 51 11.68 -3.32 -8.47
N GLU A 52 12.36 -3.47 -7.34
CA GLU A 52 13.76 -3.90 -7.32
C GLU A 52 13.99 -5.08 -8.28
N LYS A 53 13.06 -6.01 -8.28
CA LYS A 53 13.17 -7.20 -9.13
C LYS A 53 11.93 -7.37 -10.00
N LEU A 54 11.27 -6.27 -10.35
CA LEU A 54 10.07 -6.31 -11.18
C LEU A 54 10.31 -7.07 -12.47
N PRO A 55 9.87 -8.35 -12.54
CA PRO A 55 10.05 -9.20 -13.72
C PRO A 55 9.04 -8.86 -14.81
N ASN A 56 9.33 -9.28 -16.04
CA ASN A 56 8.44 -9.05 -17.16
C ASN A 56 7.25 -9.99 -17.11
N GLU A 57 7.41 -11.11 -16.38
CA GLU A 57 6.36 -12.10 -16.25
C GLU A 57 5.38 -11.73 -15.13
N LEU A 58 5.79 -10.79 -14.27
CA LEU A 58 4.94 -10.36 -13.17
C LEU A 58 3.94 -9.30 -13.63
N LYS A 59 4.23 -8.66 -14.75
CA LYS A 59 3.35 -7.63 -15.30
C LYS A 59 1.88 -8.03 -15.15
N PRO A 60 1.52 -9.25 -15.63
CA PRO A 60 0.15 -9.74 -15.53
C PRO A 60 -0.21 -10.14 -14.10
N LYS A 61 0.81 -10.51 -13.32
CA LYS A 61 0.59 -10.89 -11.93
C LYS A 61 0.07 -9.70 -11.12
N ILE A 62 0.38 -8.49 -11.59
CA ILE A 62 -0.09 -7.29 -10.91
C ILE A 62 -1.60 -7.39 -10.71
N ASP A 63 -2.26 -7.98 -11.71
CA ASP A 63 -3.69 -8.20 -11.64
C ASP A 63 -3.96 -9.21 -10.54
N GLU A 64 -3.09 -10.22 -10.47
CA GLU A 64 -3.19 -11.26 -9.46
C GLU A 64 -3.06 -10.62 -8.08
N ILE A 65 -2.08 -9.72 -7.94
CA ILE A 65 -1.87 -9.00 -6.69
C ILE A 65 -3.17 -8.41 -6.19
N SER A 66 -3.94 -7.81 -7.09
CA SER A 66 -5.20 -7.19 -6.72
C SER A 66 -6.35 -8.21 -6.66
N LYS A 67 -6.54 -8.99 -7.72
CA LYS A 67 -7.62 -9.97 -7.77
C LYS A 67 -7.40 -11.11 -6.77
N ARG A 68 -6.14 -11.37 -6.41
CA ARG A 68 -5.83 -12.45 -5.48
C ARG A 68 -5.69 -11.96 -4.05
N PHE A 69 -5.23 -10.71 -3.88
CA PHE A 69 -5.06 -10.15 -2.54
C PHE A 69 -6.27 -9.30 -2.17
N PHE A 70 -7.04 -8.93 -3.20
CA PHE A 70 -8.27 -8.18 -3.02
C PHE A 70 -9.42 -8.96 -3.64
N PRO A 71 -9.50 -10.29 -3.33
CA PRO A 71 -10.53 -11.17 -3.87
C PRO A 71 -11.90 -10.50 -3.97
N ALA A 72 -12.59 -10.74 -5.08
CA ALA A 72 -13.91 -10.17 -5.30
C ALA A 72 -15.00 -11.17 -4.99
N LYS A 73 -14.70 -12.45 -5.20
CA LYS A 73 -15.66 -13.52 -4.94
C LYS A 73 -14.95 -14.84 -4.66
N MET B 1 -22.95 -3.71 -7.31
CA MET B 1 -22.30 -2.38 -7.30
C MET B 1 -21.18 -2.31 -6.26
N VAL B 2 -20.33 -1.30 -6.37
CA VAL B 2 -19.22 -1.12 -5.44
C VAL B 2 -19.55 -0.06 -4.39
N GLU B 3 -20.77 -0.11 -3.87
CA GLU B 3 -21.20 0.84 -2.86
C GLU B 3 -22.28 0.24 -1.97
N SER B 4 -21.93 -0.06 -0.72
CA SER B 4 -22.87 -0.63 0.23
C SER B 4 -23.36 -1.99 -0.25
N LYS B 5 -24.28 -2.59 0.51
CA LYS B 5 -24.83 -3.89 0.17
C LYS B 5 -23.75 -4.97 0.17
N LYS B 6 -22.98 -5.04 -0.91
CA LYS B 6 -21.91 -6.02 -1.03
C LYS B 6 -20.55 -5.39 -0.77
N ILE B 7 -20.18 -4.43 -1.61
CA ILE B 7 -18.90 -3.74 -1.47
C ILE B 7 -19.11 -2.24 -1.26
N ALA B 8 -18.13 -1.59 -0.64
CA ALA B 8 -18.22 -0.17 -0.36
C ALA B 8 -16.83 0.49 -0.38
N LYS B 9 -16.80 1.80 -0.18
CA LYS B 9 -15.55 2.55 -0.18
C LYS B 9 -15.76 3.95 0.41
N LYS B 10 -14.74 4.47 1.09
CA LYS B 10 -14.83 5.79 1.71
C LYS B 10 -13.67 6.67 1.29
N LYS B 11 -13.91 7.97 1.09
CA LYS B 11 -12.84 8.87 0.71
C LYS B 11 -11.84 9.00 1.85
N THR B 12 -10.67 8.39 1.66
CA THR B 12 -9.63 8.42 2.68
C THR B 12 -8.49 9.35 2.27
N THR B 13 -7.85 9.97 3.24
CA THR B 13 -6.75 10.89 2.96
C THR B 13 -5.47 10.46 3.66
N LEU B 14 -4.35 10.72 2.99
CA LEU B 14 -3.03 10.41 3.51
C LEU B 14 -2.09 11.55 3.19
N ALA B 15 -1.34 12.01 4.19
CA ALA B 15 -0.42 13.11 3.97
C ALA B 15 0.94 12.64 3.49
N PHE B 16 1.04 12.54 2.16
CA PHE B 16 2.27 12.11 1.49
C PHE B 16 2.09 12.32 0.00
N ASP B 17 3.14 12.10 -0.74
CA ASP B 17 3.11 12.26 -2.18
C ASP B 17 4.51 12.39 -2.70
N GLU B 18 5.35 13.03 -1.91
CA GLU B 18 6.73 13.19 -2.32
C GLU B 18 7.26 11.84 -2.83
N ASP B 19 7.31 10.87 -1.92
CA ASP B 19 7.77 9.54 -2.27
C ASP B 19 6.65 8.68 -2.83
N VAL B 20 5.51 8.65 -2.16
CA VAL B 20 4.39 7.84 -2.63
C VAL B 20 3.94 8.29 -4.01
N TYR B 21 3.87 9.60 -4.25
CA TYR B 21 3.47 10.10 -5.57
C TYR B 21 4.53 9.77 -6.60
N HIS B 22 5.80 10.03 -6.29
CA HIS B 22 6.86 9.72 -7.24
C HIS B 22 6.93 8.21 -7.45
N THR B 23 6.84 7.45 -6.37
CA THR B 23 6.87 6.00 -6.47
C THR B 23 5.64 5.52 -7.24
N LEU B 24 4.47 6.07 -6.90
CA LEU B 24 3.25 5.70 -7.59
C LEU B 24 3.42 5.95 -9.09
N LYS B 25 4.40 6.77 -9.44
CA LYS B 25 4.66 7.09 -10.83
C LYS B 25 5.23 5.87 -11.57
N LEU B 26 6.24 5.23 -10.98
CA LEU B 26 6.83 4.06 -11.62
C LEU B 26 5.83 2.91 -11.63
N VAL B 27 5.17 2.70 -10.49
CA VAL B 27 4.16 1.65 -10.37
C VAL B 27 2.99 1.92 -11.30
N SER B 28 2.54 3.15 -11.32
CA SER B 28 1.40 3.49 -12.16
C SER B 28 1.73 3.30 -13.63
N VAL B 29 2.98 3.56 -14.00
CA VAL B 29 3.43 3.41 -15.37
C VAL B 29 3.75 1.95 -15.66
N TYR B 30 4.52 1.34 -14.76
CA TYR B 30 4.91 -0.05 -14.91
C TYR B 30 3.73 -0.99 -14.65
N LEU B 31 2.74 -0.54 -13.89
CA LEU B 31 1.58 -1.36 -13.60
C LEU B 31 0.36 -0.84 -14.34
N ASN B 32 0.49 0.32 -14.98
CA ASN B 32 -0.62 0.92 -15.71
C ASN B 32 -1.81 1.07 -14.79
N ARG B 33 -1.53 1.37 -13.53
CA ARG B 33 -2.58 1.53 -12.53
C ARG B 33 -2.49 2.87 -11.81
N ASP B 34 -3.63 3.56 -11.71
CA ASP B 34 -3.68 4.84 -11.03
C ASP B 34 -3.03 4.73 -9.66
N MET B 35 -2.68 5.86 -9.06
CA MET B 35 -2.05 5.85 -7.75
C MET B 35 -2.97 5.21 -6.71
N THR B 36 -4.26 5.46 -6.84
CA THR B 36 -5.24 4.90 -5.92
C THR B 36 -5.33 3.40 -6.09
N GLU B 37 -5.35 2.95 -7.35
CA GLU B 37 -5.44 1.53 -7.64
C GLU B 37 -4.20 0.79 -7.14
N ILE B 38 -3.04 1.41 -7.30
CA ILE B 38 -1.78 0.81 -6.87
C ILE B 38 -1.64 0.87 -5.36
N ILE B 39 -1.90 2.04 -4.76
CA ILE B 39 -1.79 2.18 -3.33
C ILE B 39 -2.83 1.32 -2.64
N GLU B 40 -3.99 1.18 -3.27
CA GLU B 40 -5.06 0.39 -2.72
C GLU B 40 -4.88 -1.08 -3.07
N GLU B 41 -4.20 -1.37 -4.18
CA GLU B 41 -3.96 -2.77 -4.54
C GLU B 41 -2.73 -3.29 -3.82
N ALA B 42 -1.78 -2.39 -3.58
CA ALA B 42 -0.55 -2.76 -2.89
C ALA B 42 -0.79 -2.90 -1.40
N VAL B 43 -1.59 -2.00 -0.84
CA VAL B 43 -1.91 -2.02 0.59
C VAL B 43 -2.47 -3.38 0.97
N VAL B 44 -3.56 -3.72 0.35
CA VAL B 44 -4.24 -4.98 0.60
C VAL B 44 -3.30 -6.14 0.37
N MET B 45 -2.51 -6.07 -0.69
CA MET B 45 -1.56 -7.13 -0.99
C MET B 45 -0.57 -7.31 0.16
N TRP B 46 -0.20 -6.22 0.81
CA TRP B 46 0.74 -6.30 1.92
C TRP B 46 0.10 -7.00 3.10
N LEU B 47 -1.04 -6.49 3.55
CA LEU B 47 -1.76 -7.10 4.67
C LEU B 47 -2.02 -8.57 4.40
N ILE B 48 -2.45 -8.86 3.19
CA ILE B 48 -2.75 -10.22 2.81
C ILE B 48 -1.54 -11.10 2.86
N GLN B 49 -0.45 -10.64 2.27
CA GLN B 49 0.76 -11.43 2.24
C GLN B 49 1.45 -11.42 3.61
N ASN B 50 1.06 -10.47 4.46
CA ASN B 50 1.65 -10.34 5.78
C ASN B 50 0.84 -11.09 6.84
N LYS B 51 -0.41 -10.71 7.00
CA LYS B 51 -1.29 -11.32 8.00
C LYS B 51 -1.58 -12.78 7.69
N GLU B 52 -2.06 -13.04 6.48
CA GLU B 52 -2.39 -14.40 6.06
C GLU B 52 -1.29 -15.39 6.43
N LYS B 53 -0.04 -14.95 6.30
CA LYS B 53 1.10 -15.80 6.63
C LYS B 53 2.03 -15.13 7.64
N LEU B 54 1.46 -14.29 8.50
CA LEU B 54 2.23 -13.57 9.52
C LEU B 54 3.05 -14.53 10.36
N PRO B 55 4.36 -14.67 10.06
CA PRO B 55 5.27 -15.55 10.79
C PRO B 55 5.74 -14.94 12.10
N ASN B 56 6.18 -15.79 13.03
CA ASN B 56 6.68 -15.33 14.31
C ASN B 56 8.07 -14.72 14.18
N GLU B 57 8.81 -15.17 13.16
CA GLU B 57 10.16 -14.67 12.92
C GLU B 57 10.13 -13.36 12.14
N LEU B 58 9.08 -13.16 11.34
CA LEU B 58 8.95 -11.95 10.55
C LEU B 58 8.49 -10.78 11.42
N LYS B 59 7.81 -11.09 12.52
CA LYS B 59 7.30 -10.08 13.44
C LYS B 59 8.25 -8.88 13.56
N PRO B 60 9.53 -9.12 13.92
CA PRO B 60 10.51 -8.04 14.07
C PRO B 60 10.78 -7.32 12.76
N LYS B 61 10.66 -8.03 11.65
CA LYS B 61 10.90 -7.43 10.34
C LYS B 61 9.83 -6.39 10.02
N ILE B 62 8.64 -6.56 10.60
CA ILE B 62 7.56 -5.60 10.38
C ILE B 62 8.05 -4.20 10.69
N ASP B 63 8.91 -4.09 11.69
CA ASP B 63 9.49 -2.80 12.05
C ASP B 63 10.38 -2.37 10.90
N GLU B 64 11.09 -3.33 10.33
CA GLU B 64 11.96 -3.07 9.20
C GLU B 64 11.14 -2.50 8.04
N ILE B 65 10.03 -3.16 7.74
CA ILE B 65 9.13 -2.71 6.68
C ILE B 65 8.78 -1.24 6.87
N SER B 66 8.61 -0.84 8.12
CA SER B 66 8.27 0.55 8.45
C SER B 66 9.50 1.45 8.45
N LYS B 67 10.50 1.10 9.25
CA LYS B 67 11.72 1.90 9.34
C LYS B 67 12.46 1.94 8.01
N ARG B 68 12.27 0.89 7.20
CA ARG B 68 12.92 0.82 5.90
C ARG B 68 12.10 1.55 4.84
N PHE B 69 10.78 1.51 5.00
CA PHE B 69 9.89 2.19 4.05
C PHE B 69 10.31 3.65 3.87
N PHE B 70 10.82 4.24 4.95
CA PHE B 70 11.29 5.62 4.92
C PHE B 70 12.80 5.64 5.09
N PRO B 71 13.54 5.32 4.02
CA PRO B 71 15.01 5.30 4.04
C PRO B 71 15.61 6.70 4.03
N ALA B 72 16.88 6.80 4.42
CA ALA B 72 17.57 8.07 4.46
C ALA B 72 18.83 8.04 3.59
N LYS B 73 19.05 9.12 2.85
CA LYS B 73 20.22 9.22 1.98
C LYS B 73 20.19 8.13 0.91
N MET A 1 13.39 15.93 10.88
CA MET A 1 13.30 15.43 9.48
C MET A 1 13.17 16.58 8.49
N VAL A 2 14.26 16.85 7.77
CA VAL A 2 14.28 17.91 6.78
C VAL A 2 13.22 17.68 5.71
N GLU A 3 12.05 18.28 5.91
CA GLU A 3 10.95 18.13 4.96
C GLU A 3 11.36 18.58 3.56
N SER A 4 10.95 17.81 2.56
CA SER A 4 11.27 18.12 1.17
C SER A 4 12.73 17.82 0.86
N LYS A 5 13.63 18.54 1.55
CA LYS A 5 15.07 18.37 1.34
C LYS A 5 15.46 16.89 1.33
N LYS A 6 14.70 16.07 2.06
CA LYS A 6 14.97 14.65 2.13
C LYS A 6 13.70 13.84 1.87
N ILE A 7 12.77 13.87 2.81
CA ILE A 7 11.51 13.15 2.68
C ILE A 7 10.32 14.09 2.72
N ALA A 8 9.69 14.29 1.57
CA ALA A 8 8.53 15.17 1.47
C ALA A 8 7.23 14.36 1.46
N LYS A 9 6.11 15.07 1.44
CA LYS A 9 4.80 14.42 1.42
C LYS A 9 3.71 15.41 1.09
N LYS A 10 2.69 14.96 0.37
CA LYS A 10 1.58 15.83 0.01
C LYS A 10 0.26 15.19 0.42
N LYS A 11 -0.59 15.96 1.11
CA LYS A 11 -1.86 15.42 1.54
C LYS A 11 -2.70 15.03 0.34
N THR A 12 -2.83 13.72 0.11
CA THR A 12 -3.59 13.22 -1.01
C THR A 12 -4.79 12.39 -0.55
N THR A 13 -5.87 12.44 -1.32
CA THR A 13 -7.07 11.68 -0.98
C THR A 13 -7.08 10.32 -1.65
N LEU A 14 -7.63 9.35 -0.94
CA LEU A 14 -7.74 7.98 -1.43
C LEU A 14 -9.13 7.46 -1.11
N ALA A 15 -9.92 7.10 -2.13
CA ALA A 15 -11.27 6.63 -1.87
C ALA A 15 -11.30 5.13 -1.60
N PHE A 16 -11.22 4.81 -0.32
CA PHE A 16 -11.29 3.43 0.16
C PHE A 16 -11.58 3.42 1.63
N ASP A 17 -11.79 2.23 2.14
CA ASP A 17 -12.04 2.02 3.54
C ASP A 17 -12.77 0.72 3.73
N GLU A 18 -13.69 0.46 2.84
CA GLU A 18 -14.42 -0.77 2.92
C GLU A 18 -13.45 -1.94 3.11
N ASP A 19 -12.61 -2.16 2.10
CA ASP A 19 -11.62 -3.22 2.16
C ASP A 19 -10.35 -2.76 2.84
N VAL A 20 -9.86 -1.58 2.47
CA VAL A 20 -8.65 -1.06 3.08
C VAL A 20 -8.84 -0.85 4.58
N TYR A 21 -9.95 -0.21 4.98
CA TYR A 21 -10.20 0.00 6.40
C TYR A 21 -10.35 -1.33 7.11
N HIS A 22 -11.12 -2.26 6.53
CA HIS A 22 -11.29 -3.56 7.16
C HIS A 22 -9.97 -4.30 7.21
N THR A 23 -9.25 -4.32 6.09
CA THR A 23 -7.95 -4.98 6.04
C THR A 23 -6.97 -4.24 6.93
N LEU A 24 -7.03 -2.90 6.89
CA LEU A 24 -6.16 -2.08 7.73
C LEU A 24 -6.38 -2.45 9.20
N LYS A 25 -7.51 -3.10 9.47
CA LYS A 25 -7.83 -3.52 10.83
C LYS A 25 -6.87 -4.57 11.34
N LEU A 26 -6.64 -5.63 10.57
CA LEU A 26 -5.73 -6.68 11.00
C LEU A 26 -4.30 -6.15 11.03
N VAL A 27 -3.93 -5.43 9.98
CA VAL A 27 -2.60 -4.84 9.89
C VAL A 27 -2.39 -3.80 10.97
N SER A 28 -3.39 -2.96 11.19
CA SER A 28 -3.27 -1.93 12.21
C SER A 28 -3.10 -2.55 13.59
N VAL A 29 -3.79 -3.66 13.82
CA VAL A 29 -3.70 -4.35 15.10
C VAL A 29 -2.42 -5.18 15.17
N TYR A 30 -2.18 -5.95 14.12
CA TYR A 30 -1.00 -6.80 14.05
C TYR A 30 0.27 -5.97 13.87
N LEU A 31 0.14 -4.77 13.31
CA LEU A 31 1.29 -3.91 13.10
C LEU A 31 1.27 -2.73 14.08
N ASN A 32 0.22 -2.64 14.90
CA ASN A 32 0.09 -1.56 15.86
C ASN A 32 0.35 -0.23 15.17
N ARG A 33 -0.05 -0.16 13.90
CA ARG A 33 0.16 1.04 13.10
C ARG A 33 -1.16 1.67 12.68
N ASP A 34 -1.07 2.87 12.11
CA ASP A 34 -2.25 3.58 11.64
C ASP A 34 -2.51 3.19 10.19
N MET A 35 -3.76 3.34 9.75
CA MET A 35 -4.10 2.98 8.38
C MET A 35 -3.19 3.71 7.39
N THR A 36 -2.92 4.98 7.67
CA THR A 36 -2.05 5.77 6.81
C THR A 36 -0.60 5.30 6.94
N GLU A 37 -0.24 4.84 8.13
CA GLU A 37 1.10 4.34 8.38
C GLU A 37 1.30 2.99 7.70
N ILE A 38 0.27 2.15 7.80
CA ILE A 38 0.30 0.83 7.18
C ILE A 38 0.27 0.95 5.66
N ILE A 39 -0.67 1.73 5.14
CA ILE A 39 -0.79 1.92 3.71
C ILE A 39 0.42 2.65 3.16
N GLU A 40 0.99 3.53 3.99
CA GLU A 40 2.15 4.30 3.58
C GLU A 40 3.42 3.49 3.81
N GLU A 41 3.40 2.59 4.78
CA GLU A 41 4.57 1.77 5.04
C GLU A 41 4.57 0.56 4.10
N ALA A 42 3.38 0.09 3.77
CA ALA A 42 3.24 -1.06 2.88
C ALA A 42 3.48 -0.63 1.44
N VAL A 43 2.97 0.54 1.07
CA VAL A 43 3.14 1.05 -0.29
C VAL A 43 4.61 1.01 -0.69
N VAL A 44 5.39 1.77 0.06
CA VAL A 44 6.82 1.87 -0.19
C VAL A 44 7.45 0.49 -0.19
N MET A 45 7.08 -0.33 0.78
CA MET A 45 7.62 -1.67 0.88
C MET A 45 7.30 -2.47 -0.38
N TRP A 46 6.12 -2.28 -0.93
CA TRP A 46 5.72 -3.00 -2.13
C TRP A 46 6.54 -2.53 -3.32
N LEU A 47 6.60 -1.23 -3.54
CA LEU A 47 7.37 -0.69 -4.65
C LEU A 47 8.82 -1.09 -4.52
N ILE A 48 9.34 -0.97 -3.31
CA ILE A 48 10.73 -1.29 -3.06
C ILE A 48 11.04 -2.72 -3.45
N GLN A 49 10.21 -3.65 -3.01
CA GLN A 49 10.43 -5.04 -3.30
C GLN A 49 9.89 -5.43 -4.68
N ASN A 50 8.93 -4.66 -5.18
CA ASN A 50 8.32 -4.96 -6.48
C ASN A 50 8.91 -4.13 -7.61
N LYS A 51 8.79 -2.82 -7.51
CA LYS A 51 9.29 -1.91 -8.54
C LYS A 51 10.79 -2.11 -8.81
N GLU A 52 11.60 -1.91 -7.78
CA GLU A 52 13.04 -2.05 -7.90
C GLU A 52 13.44 -3.31 -8.65
N LYS A 53 12.66 -4.37 -8.49
CA LYS A 53 12.95 -5.64 -9.15
C LYS A 53 11.77 -6.14 -9.98
N LEU A 54 10.96 -5.22 -10.49
CA LEU A 54 9.79 -5.59 -11.29
C LEU A 54 10.19 -6.50 -12.44
N PRO A 55 9.98 -7.82 -12.29
CA PRO A 55 10.32 -8.81 -13.31
C PRO A 55 9.30 -8.88 -14.43
N ASN A 56 9.71 -9.41 -15.58
CA ASN A 56 8.83 -9.55 -16.72
C ASN A 56 7.87 -10.72 -16.51
N GLU A 57 8.34 -11.73 -15.78
CA GLU A 57 7.52 -12.91 -15.50
C GLU A 57 6.48 -12.59 -14.43
N LEU A 58 6.73 -11.56 -13.64
CA LEU A 58 5.80 -11.15 -12.59
C LEU A 58 4.60 -10.41 -13.19
N LYS A 59 4.81 -9.77 -14.34
CA LYS A 59 3.76 -9.02 -15.02
C LYS A 59 2.40 -9.70 -14.90
N PRO A 60 2.29 -10.98 -15.30
CA PRO A 60 1.03 -11.72 -15.22
C PRO A 60 0.51 -11.82 -13.80
N LYS A 61 1.42 -11.82 -12.84
CA LYS A 61 1.04 -11.90 -11.43
C LYS A 61 0.41 -10.59 -10.97
N ILE A 62 0.78 -9.49 -11.60
CA ILE A 62 0.22 -8.19 -11.24
C ILE A 62 -1.31 -8.28 -11.26
N ASP A 63 -1.83 -9.13 -12.14
CA ASP A 63 -3.26 -9.35 -12.23
C ASP A 63 -3.71 -10.00 -10.94
N GLU A 64 -2.92 -10.96 -10.47
CA GLU A 64 -3.19 -11.66 -9.23
C GLU A 64 -3.24 -10.66 -8.09
N ILE A 65 -2.23 -9.79 -8.03
CA ILE A 65 -2.16 -8.75 -7.02
C ILE A 65 -3.47 -7.97 -6.95
N SER A 66 -4.08 -7.77 -8.11
CA SER A 66 -5.34 -7.03 -8.19
C SER A 66 -6.53 -7.94 -7.89
N LYS A 67 -6.67 -9.02 -8.65
CA LYS A 67 -7.78 -9.94 -8.45
C LYS A 67 -7.73 -10.59 -7.07
N ARG A 68 -6.54 -10.59 -6.46
CA ARG A 68 -6.36 -11.19 -5.14
C ARG A 68 -6.66 -10.16 -4.05
N PHE A 69 -6.25 -8.91 -4.28
CA PHE A 69 -6.48 -7.85 -3.31
C PHE A 69 -7.96 -7.78 -2.95
N PHE A 70 -8.81 -8.05 -3.94
CA PHE A 70 -10.25 -8.07 -3.74
C PHE A 70 -10.78 -9.49 -3.87
N PRO A 71 -10.57 -10.31 -2.82
CA PRO A 71 -11.01 -11.72 -2.82
C PRO A 71 -12.51 -11.85 -2.65
N ALA A 72 -12.97 -13.08 -2.41
CA ALA A 72 -14.39 -13.34 -2.24
C ALA A 72 -14.68 -13.86 -0.83
N LYS A 73 -14.96 -12.94 0.09
CA LYS A 73 -15.26 -13.31 1.47
C LYS A 73 -16.64 -12.80 1.88
N MET B 1 -22.23 -2.49 -5.44
CA MET B 1 -21.51 -2.51 -6.74
C MET B 1 -20.54 -1.34 -6.86
N VAL B 2 -21.05 -0.13 -6.64
CA VAL B 2 -20.23 1.07 -6.72
C VAL B 2 -20.22 1.82 -5.38
N GLU B 3 -19.11 1.70 -4.66
CA GLU B 3 -18.95 2.36 -3.36
C GLU B 3 -20.20 2.17 -2.50
N SER B 4 -20.77 0.98 -2.53
CA SER B 4 -21.96 0.68 -1.75
C SER B 4 -22.40 -0.77 -1.97
N LYS B 5 -23.32 -1.23 -1.12
CA LYS B 5 -23.83 -2.59 -1.21
C LYS B 5 -22.72 -3.61 -0.96
N LYS B 6 -21.92 -3.88 -1.98
CA LYS B 6 -20.82 -4.83 -1.86
C LYS B 6 -19.48 -4.12 -1.86
N ILE B 7 -19.13 -3.51 -2.99
CA ILE B 7 -17.87 -2.80 -3.11
C ILE B 7 -17.99 -1.37 -2.59
N ALA B 8 -17.89 -1.22 -1.28
CA ALA B 8 -17.99 0.09 -0.65
C ALA B 8 -16.62 0.76 -0.57
N LYS B 9 -16.61 2.05 -0.25
CA LYS B 9 -15.36 2.79 -0.14
C LYS B 9 -15.58 4.14 0.52
N LYS B 10 -14.56 4.63 1.21
CA LYS B 10 -14.65 5.92 1.88
C LYS B 10 -13.47 6.81 1.48
N LYS B 11 -13.72 8.11 1.35
CA LYS B 11 -12.64 9.03 0.99
C LYS B 11 -11.69 9.20 2.16
N THR B 12 -10.51 8.61 2.05
CA THR B 12 -9.50 8.69 3.09
C THR B 12 -8.26 9.42 2.60
N THR B 13 -7.83 10.43 3.36
CA THR B 13 -6.66 11.20 2.98
C THR B 13 -5.38 10.66 3.60
N LEU B 14 -4.30 10.78 2.85
CA LEU B 14 -2.98 10.35 3.29
C LEU B 14 -1.97 11.42 2.95
N ALA B 15 -1.16 11.82 3.92
CA ALA B 15 -0.18 12.87 3.70
C ALA B 15 1.13 12.32 3.15
N PHE B 16 1.16 12.17 1.83
CA PHE B 16 2.33 11.67 1.11
C PHE B 16 2.15 11.93 -0.36
N ASP B 17 3.17 11.65 -1.13
CA ASP B 17 3.13 11.85 -2.57
C ASP B 17 4.54 11.94 -3.09
N GLU B 18 5.40 12.56 -2.31
CA GLU B 18 6.78 12.70 -2.71
C GLU B 18 7.32 11.34 -3.19
N ASP B 19 7.33 10.37 -2.28
CA ASP B 19 7.81 9.04 -2.61
C ASP B 19 6.71 8.19 -3.22
N VAL B 20 5.53 8.20 -2.61
CA VAL B 20 4.43 7.42 -3.13
C VAL B 20 4.04 7.91 -4.52
N TYR B 21 3.87 9.22 -4.69
CA TYR B 21 3.51 9.75 -6.01
C TYR B 21 4.59 9.43 -7.03
N HIS B 22 5.87 9.59 -6.64
CA HIS B 22 6.95 9.27 -7.56
C HIS B 22 6.98 7.78 -7.83
N THR B 23 6.95 6.97 -6.78
CA THR B 23 6.94 5.53 -6.94
C THR B 23 5.72 5.10 -7.72
N LEU B 24 4.60 5.77 -7.45
CA LEU B 24 3.36 5.48 -8.15
C LEU B 24 3.54 5.69 -9.64
N LYS B 25 4.59 6.43 -10.00
CA LYS B 25 4.89 6.70 -11.40
C LYS B 25 5.27 5.44 -12.16
N LEU B 26 6.17 4.64 -11.59
CA LEU B 26 6.56 3.40 -12.26
C LEU B 26 5.41 2.42 -12.23
N VAL B 27 4.85 2.21 -11.05
CA VAL B 27 3.72 1.31 -10.89
C VAL B 27 2.56 1.72 -11.78
N SER B 28 2.30 3.01 -11.84
CA SER B 28 1.18 3.48 -12.65
C SER B 28 1.41 3.16 -14.12
N VAL B 29 2.64 3.35 -14.58
CA VAL B 29 2.99 3.09 -15.96
C VAL B 29 3.16 1.59 -16.20
N TYR B 30 3.88 0.95 -15.29
CA TYR B 30 4.14 -0.48 -15.39
C TYR B 30 2.90 -1.30 -15.05
N LEU B 31 1.98 -0.73 -14.27
CA LEU B 31 0.77 -1.46 -13.91
C LEU B 31 -0.44 -0.86 -14.62
N ASN B 32 -0.22 0.22 -15.37
CA ASN B 32 -1.31 0.89 -16.08
C ASN B 32 -2.47 1.13 -15.13
N ARG B 33 -2.13 1.45 -13.88
CA ARG B 33 -3.14 1.69 -12.87
C ARG B 33 -3.04 3.09 -12.29
N ASP B 34 -4.13 3.54 -11.66
CA ASP B 34 -4.16 4.85 -11.03
C ASP B 34 -3.43 4.77 -9.70
N MET B 35 -2.84 5.87 -9.26
CA MET B 35 -2.11 5.89 -8.01
C MET B 35 -2.95 5.27 -6.89
N THR B 36 -4.25 5.54 -6.92
CA THR B 36 -5.16 4.99 -5.91
C THR B 36 -5.24 3.47 -6.07
N GLU B 37 -5.57 3.03 -7.28
CA GLU B 37 -5.69 1.61 -7.57
C GLU B 37 -4.41 0.86 -7.21
N ILE B 38 -3.28 1.52 -7.38
CA ILE B 38 -1.99 0.92 -7.07
C ILE B 38 -1.73 0.91 -5.56
N ILE B 39 -1.82 2.08 -4.92
CA ILE B 39 -1.59 2.16 -3.49
C ILE B 39 -2.61 1.31 -2.74
N GLU B 40 -3.83 1.28 -3.25
CA GLU B 40 -4.89 0.51 -2.63
C GLU B 40 -4.71 -0.97 -2.97
N GLU B 41 -4.03 -1.24 -4.08
CA GLU B 41 -3.77 -2.63 -4.46
C GLU B 41 -2.54 -3.15 -3.74
N ALA B 42 -1.60 -2.24 -3.47
CA ALA B 42 -0.37 -2.60 -2.78
C ALA B 42 -0.63 -2.77 -1.29
N VAL B 43 -1.44 -1.88 -0.73
CA VAL B 43 -1.78 -1.95 0.70
C VAL B 43 -2.34 -3.30 1.07
N VAL B 44 -3.47 -3.62 0.47
CA VAL B 44 -4.14 -4.87 0.72
C VAL B 44 -3.21 -6.03 0.45
N MET B 45 -2.57 -6.02 -0.71
CA MET B 45 -1.64 -7.08 -1.07
C MET B 45 -0.58 -7.23 0.01
N TRP B 46 -0.21 -6.11 0.64
CA TRP B 46 0.78 -6.13 1.71
C TRP B 46 0.25 -6.93 2.89
N LEU B 47 -0.86 -6.48 3.44
CA LEU B 47 -1.49 -7.17 4.57
C LEU B 47 -1.77 -8.61 4.20
N ILE B 48 -2.30 -8.79 3.01
CA ILE B 48 -2.65 -10.10 2.52
C ILE B 48 -1.44 -11.01 2.36
N GLN B 49 -0.35 -10.46 1.84
CA GLN B 49 0.85 -11.25 1.65
C GLN B 49 1.63 -11.38 2.95
N ASN B 50 1.34 -10.49 3.91
CA ASN B 50 2.03 -10.50 5.19
C ASN B 50 1.24 -11.23 6.27
N LYS B 51 0.04 -10.73 6.55
CA LYS B 51 -0.83 -11.30 7.57
C LYS B 51 -1.03 -12.80 7.39
N GLU B 52 -1.38 -13.22 6.18
CA GLU B 52 -1.61 -14.64 5.89
C GLU B 52 -0.50 -15.52 6.47
N LYS B 53 0.73 -15.03 6.40
CA LYS B 53 1.88 -15.76 6.91
C LYS B 53 2.66 -14.93 7.91
N LEU B 54 1.98 -14.02 8.61
CA LEU B 54 2.62 -13.15 9.59
C LEU B 54 3.40 -13.96 10.62
N PRO B 55 4.73 -14.03 10.48
CA PRO B 55 5.59 -14.78 11.40
C PRO B 55 5.77 -14.06 12.74
N ASN B 56 6.18 -14.81 13.75
CA ASN B 56 6.40 -14.25 15.08
C ASN B 56 7.70 -13.45 15.10
N GLU B 57 8.63 -13.81 14.23
CA GLU B 57 9.91 -13.13 14.15
C GLU B 57 9.82 -11.86 13.31
N LEU B 58 8.74 -11.73 12.56
CA LEU B 58 8.53 -10.55 11.71
C LEU B 58 7.92 -9.40 12.51
N LYS B 59 7.38 -9.70 13.70
CA LYS B 59 6.77 -8.69 14.55
C LYS B 59 7.60 -7.41 14.54
N PRO B 60 8.91 -7.51 14.83
CA PRO B 60 9.80 -6.36 14.83
C PRO B 60 10.20 -5.95 13.42
N LYS B 61 10.13 -6.89 12.49
CA LYS B 61 10.48 -6.62 11.11
C LYS B 61 9.54 -5.56 10.52
N ILE B 62 8.33 -5.49 11.05
CA ILE B 62 7.36 -4.50 10.59
C ILE B 62 8.01 -3.12 10.59
N ASP B 63 8.79 -2.86 11.63
CA ASP B 63 9.51 -1.61 11.74
C ASP B 63 10.53 -1.54 10.62
N GLU B 64 11.16 -2.69 10.36
CA GLU B 64 12.14 -2.80 9.28
C GLU B 64 11.47 -2.47 7.96
N ILE B 65 10.29 -3.03 7.74
CA ILE B 65 9.52 -2.77 6.52
C ILE B 65 9.44 -1.27 6.24
N SER B 66 9.14 -0.49 7.27
CA SER B 66 9.02 0.96 7.10
C SER B 66 10.37 1.66 7.17
N LYS B 67 11.17 1.36 8.18
CA LYS B 67 12.47 1.99 8.34
C LYS B 67 13.47 1.55 7.28
N ARG B 68 13.28 0.35 6.73
CA ARG B 68 14.19 -0.17 5.71
C ARG B 68 13.68 0.07 4.29
N PHE B 69 12.36 0.12 4.12
CA PHE B 69 11.80 0.36 2.80
C PHE B 69 11.45 1.84 2.67
N PHE B 70 11.14 2.45 3.81
CA PHE B 70 10.84 3.87 3.86
C PHE B 70 11.78 4.52 4.89
N PRO B 71 13.10 4.33 4.71
CA PRO B 71 14.13 4.86 5.61
C PRO B 71 14.09 6.37 5.69
N ALA B 72 15.15 6.96 6.26
CA ALA B 72 15.26 8.40 6.40
C ALA B 72 16.30 8.97 5.45
N LYS B 73 17.31 8.17 5.13
CA LYS B 73 18.38 8.60 4.23
C LYS B 73 17.91 8.59 2.78
N MET A 1 17.18 24.41 0.44
CA MET A 1 17.58 23.06 -0.04
C MET A 1 16.60 22.51 -1.06
N VAL A 2 16.97 21.42 -1.73
CA VAL A 2 16.11 20.80 -2.73
C VAL A 2 15.48 19.53 -2.18
N GLU A 3 15.01 19.58 -0.94
CA GLU A 3 14.37 18.44 -0.30
C GLU A 3 13.62 18.87 0.94
N SER A 4 12.45 18.27 1.16
CA SER A 4 11.62 18.58 2.32
C SER A 4 10.99 19.96 2.20
N LYS A 5 11.83 20.99 2.13
CA LYS A 5 11.36 22.36 2.02
C LYS A 5 10.29 22.50 0.94
N LYS A 6 10.61 22.08 -0.28
CA LYS A 6 9.67 22.16 -1.40
C LYS A 6 9.15 20.78 -1.78
N ILE A 7 10.01 19.77 -1.66
CA ILE A 7 9.63 18.40 -2.00
C ILE A 7 9.45 17.57 -0.75
N ALA A 8 8.20 17.20 -0.46
CA ALA A 8 7.89 16.41 0.73
C ALA A 8 6.58 15.66 0.58
N LYS A 9 6.01 15.22 1.69
CA LYS A 9 4.75 14.48 1.68
C LYS A 9 3.59 15.42 1.41
N LYS A 10 2.67 14.99 0.54
CA LYS A 10 1.51 15.81 0.19
C LYS A 10 0.23 15.09 0.58
N LYS A 11 -0.70 15.80 1.21
CA LYS A 11 -1.95 15.18 1.61
C LYS A 11 -2.71 14.70 0.38
N THR A 12 -2.74 13.38 0.19
CA THR A 12 -3.40 12.81 -0.96
C THR A 12 -4.63 11.99 -0.55
N THR A 13 -5.77 12.31 -1.14
CA THR A 13 -7.01 11.61 -0.82
C THR A 13 -7.16 10.34 -1.64
N LEU A 14 -7.77 9.34 -1.02
CA LEU A 14 -8.00 8.05 -1.65
C LEU A 14 -9.40 7.56 -1.27
N ALA A 15 -10.24 7.25 -2.25
CA ALA A 15 -11.56 6.79 -1.93
C ALA A 15 -11.58 5.29 -1.71
N PHE A 16 -11.41 4.92 -0.44
CA PHE A 16 -11.43 3.54 -0.01
C PHE A 16 -11.64 3.48 1.48
N ASP A 17 -11.79 2.26 1.97
CA ASP A 17 -11.97 2.02 3.38
C ASP A 17 -12.68 0.72 3.58
N GLU A 18 -13.64 0.46 2.72
CA GLU A 18 -14.36 -0.78 2.82
C GLU A 18 -13.38 -1.93 2.98
N ASP A 19 -12.54 -2.13 1.96
CA ASP A 19 -11.54 -3.19 2.01
C ASP A 19 -10.27 -2.72 2.71
N VAL A 20 -9.75 -1.57 2.31
CA VAL A 20 -8.54 -1.05 2.92
C VAL A 20 -8.74 -0.85 4.43
N TYR A 21 -9.85 -0.24 4.84
CA TYR A 21 -10.10 -0.04 6.25
C TYR A 21 -10.27 -1.38 6.96
N HIS A 22 -11.04 -2.30 6.37
CA HIS A 22 -11.21 -3.61 6.97
C HIS A 22 -9.86 -4.31 7.07
N THR A 23 -9.14 -4.36 5.95
CA THR A 23 -7.82 -4.99 5.95
C THR A 23 -6.89 -4.23 6.89
N LEU A 24 -7.03 -2.90 6.90
CA LEU A 24 -6.23 -2.06 7.78
C LEU A 24 -6.45 -2.48 9.22
N LYS A 25 -7.55 -3.20 9.46
CA LYS A 25 -7.89 -3.66 10.79
C LYS A 25 -6.87 -4.68 11.32
N LEU A 26 -6.56 -5.69 10.50
CA LEU A 26 -5.59 -6.69 10.93
C LEU A 26 -4.20 -6.08 11.01
N VAL A 27 -3.84 -5.34 9.97
CA VAL A 27 -2.53 -4.68 9.92
C VAL A 27 -2.41 -3.67 11.05
N SER A 28 -3.46 -2.91 11.29
CA SER A 28 -3.41 -1.91 12.33
C SER A 28 -3.23 -2.55 13.69
N VAL A 29 -3.92 -3.66 13.91
CA VAL A 29 -3.84 -4.38 15.17
C VAL A 29 -2.55 -5.19 15.24
N TYR A 30 -2.27 -5.90 14.15
CA TYR A 30 -1.07 -6.72 14.09
C TYR A 30 0.19 -5.88 13.94
N LEU A 31 0.05 -4.66 13.40
CA LEU A 31 1.20 -3.80 13.23
C LEU A 31 1.12 -2.59 14.15
N ASN A 32 0.05 -2.53 14.96
CA ASN A 32 -0.15 -1.43 15.89
C ASN A 32 0.16 -0.11 15.18
N ARG A 33 -0.24 -0.04 13.92
CA ARG A 33 0.02 1.15 13.11
C ARG A 33 -1.27 1.82 12.64
N ASP A 34 -1.13 3.05 12.15
CA ASP A 34 -2.27 3.80 11.64
C ASP A 34 -2.53 3.39 10.20
N MET A 35 -3.71 3.71 9.68
CA MET A 35 -4.05 3.33 8.32
C MET A 35 -3.07 3.96 7.33
N THR A 36 -2.78 5.25 7.51
CA THR A 36 -1.85 5.94 6.63
C THR A 36 -0.46 5.32 6.76
N GLU A 37 -0.03 5.08 7.99
CA GLU A 37 1.28 4.48 8.24
C GLU A 37 1.37 3.10 7.60
N ILE A 38 0.30 2.32 7.74
CA ILE A 38 0.25 0.97 7.19
C ILE A 38 0.17 1.01 5.66
N ILE A 39 -0.77 1.80 5.14
CA ILE A 39 -0.95 1.90 3.70
C ILE A 39 0.27 2.56 3.06
N GLU A 40 0.92 3.44 3.82
CA GLU A 40 2.11 4.11 3.33
C GLU A 40 3.33 3.25 3.57
N GLU A 41 3.25 2.36 4.55
CA GLU A 41 4.36 1.47 4.84
C GLU A 41 4.29 0.25 3.92
N ALA A 42 3.07 -0.15 3.58
CA ALA A 42 2.86 -1.28 2.70
C ALA A 42 3.16 -0.91 1.25
N VAL A 43 2.75 0.29 0.86
CA VAL A 43 2.97 0.77 -0.50
C VAL A 43 4.44 0.71 -0.87
N VAL A 44 5.24 1.47 -0.14
CA VAL A 44 6.66 1.54 -0.36
C VAL A 44 7.27 0.15 -0.33
N MET A 45 7.01 -0.57 0.75
CA MET A 45 7.54 -1.92 0.90
C MET A 45 7.12 -2.79 -0.29
N TRP A 46 5.95 -2.51 -0.85
CA TRP A 46 5.46 -3.27 -1.99
C TRP A 46 6.30 -2.94 -3.22
N LEU A 47 6.38 -1.66 -3.54
CA LEU A 47 7.18 -1.23 -4.69
C LEU A 47 8.62 -1.64 -4.49
N ILE A 48 9.12 -1.38 -3.29
CA ILE A 48 10.48 -1.68 -2.95
C ILE A 48 10.79 -3.16 -3.20
N GLN A 49 9.89 -4.02 -2.77
CA GLN A 49 10.10 -5.45 -2.94
C GLN A 49 9.64 -5.92 -4.32
N ASN A 50 8.66 -5.21 -4.90
CA ASN A 50 8.11 -5.60 -6.20
C ASN A 50 8.72 -4.81 -7.36
N LYS A 51 8.53 -3.51 -7.36
CA LYS A 51 9.04 -2.65 -8.43
C LYS A 51 10.54 -2.83 -8.64
N GLU A 52 11.31 -2.59 -7.58
CA GLU A 52 12.77 -2.71 -7.66
C GLU A 52 13.19 -4.00 -8.38
N LYS A 53 12.38 -5.03 -8.24
CA LYS A 53 12.68 -6.32 -8.88
C LYS A 53 11.50 -6.80 -9.74
N LEU A 54 10.74 -5.86 -10.28
CA LEU A 54 9.58 -6.19 -11.12
C LEU A 54 9.99 -7.12 -12.27
N PRO A 55 9.72 -8.42 -12.14
CA PRO A 55 10.06 -9.41 -13.15
C PRO A 55 9.06 -9.42 -14.31
N ASN A 56 9.51 -9.90 -15.47
CA ASN A 56 8.66 -9.97 -16.64
C ASN A 56 7.67 -11.12 -16.52
N GLU A 57 8.06 -12.15 -15.78
CA GLU A 57 7.21 -13.32 -15.57
C GLU A 57 6.13 -13.05 -14.51
N LEU A 58 6.32 -11.99 -13.73
CA LEU A 58 5.36 -11.62 -12.70
C LEU A 58 4.24 -10.75 -13.27
N LYS A 59 4.52 -10.10 -14.39
CA LYS A 59 3.54 -9.22 -15.05
C LYS A 59 2.12 -9.78 -14.96
N PRO A 60 1.92 -11.06 -15.30
CA PRO A 60 0.60 -11.69 -15.25
C PRO A 60 0.05 -11.75 -13.83
N LYS A 61 0.93 -11.87 -12.85
CA LYS A 61 0.52 -11.93 -11.46
C LYS A 61 0.02 -10.57 -11.00
N ILE A 62 0.49 -9.49 -11.64
CA ILE A 62 0.05 -8.15 -11.28
C ILE A 62 -1.47 -8.10 -11.31
N ASP A 63 -2.06 -8.92 -12.17
CA ASP A 63 -3.50 -9.01 -12.26
C ASP A 63 -4.02 -9.63 -10.98
N GLU A 64 -3.32 -10.66 -10.52
CA GLU A 64 -3.66 -11.33 -9.27
C GLU A 64 -3.65 -10.32 -8.14
N ILE A 65 -2.65 -9.46 -8.13
CA ILE A 65 -2.51 -8.42 -7.12
C ILE A 65 -3.77 -7.55 -7.09
N SER A 66 -4.30 -7.26 -8.27
CA SER A 66 -5.50 -6.44 -8.40
C SER A 66 -6.77 -7.24 -8.09
N LYS A 67 -6.95 -8.36 -8.77
CA LYS A 67 -8.13 -9.18 -8.56
C LYS A 67 -8.17 -9.72 -7.13
N ARG A 68 -7.02 -10.13 -6.62
CA ARG A 68 -6.93 -10.63 -5.25
C ARG A 68 -7.15 -9.50 -4.25
N PHE A 69 -6.67 -8.31 -4.61
CA PHE A 69 -6.82 -7.14 -3.77
C PHE A 69 -8.31 -6.83 -3.61
N PHE A 70 -9.06 -7.06 -4.68
CA PHE A 70 -10.49 -6.86 -4.69
C PHE A 70 -11.20 -8.21 -4.82
N PRO A 71 -11.19 -9.00 -3.73
CA PRO A 71 -11.81 -10.33 -3.73
C PRO A 71 -13.33 -10.26 -3.77
N ALA A 72 -13.91 -10.66 -4.90
CA ALA A 72 -15.37 -10.64 -5.06
C ALA A 72 -15.87 -11.95 -5.66
N LYS A 73 -17.05 -12.38 -5.22
CA LYS A 73 -17.65 -13.62 -5.70
C LYS A 73 -18.87 -13.33 -6.57
N MET B 1 -28.61 2.21 -2.53
CA MET B 1 -27.18 1.91 -2.28
C MET B 1 -26.29 2.47 -3.37
N VAL B 2 -25.86 3.72 -3.19
CA VAL B 2 -24.99 4.38 -4.17
C VAL B 2 -23.69 3.61 -4.35
N GLU B 3 -23.70 2.63 -5.25
CA GLU B 3 -22.52 1.82 -5.52
C GLU B 3 -21.34 2.70 -5.94
N SER B 4 -20.27 2.66 -5.17
CA SER B 4 -19.08 3.45 -5.46
C SER B 4 -19.38 4.95 -5.32
N LYS B 5 -18.32 5.75 -5.17
CA LYS B 5 -18.46 7.19 -5.01
C LYS B 5 -19.25 7.53 -3.76
N LYS B 6 -19.36 6.57 -2.84
CA LYS B 6 -20.08 6.76 -1.59
C LYS B 6 -20.08 5.47 -0.76
N ILE B 7 -20.56 4.40 -1.37
CA ILE B 7 -20.61 3.11 -0.70
C ILE B 7 -19.54 2.16 -1.24
N ALA B 8 -19.10 1.23 -0.40
CA ALA B 8 -18.07 0.25 -0.79
C ALA B 8 -16.68 0.85 -0.70
N LYS B 9 -16.62 2.12 -0.39
CA LYS B 9 -15.37 2.84 -0.27
C LYS B 9 -15.59 4.20 0.40
N LYS B 10 -14.59 4.65 1.14
CA LYS B 10 -14.68 5.94 1.84
C LYS B 10 -13.54 6.86 1.43
N LYS B 11 -13.83 8.15 1.25
CA LYS B 11 -12.79 9.10 0.89
C LYS B 11 -11.85 9.32 2.06
N THR B 12 -10.63 8.78 1.94
CA THR B 12 -9.64 8.90 3.00
C THR B 12 -8.52 9.83 2.58
N THR B 13 -8.02 10.64 3.52
CA THR B 13 -6.94 11.56 3.22
C THR B 13 -5.61 11.04 3.73
N LEU B 14 -4.66 10.92 2.82
CA LEU B 14 -3.33 10.47 3.16
C LEU B 14 -2.41 11.66 3.26
N ALA B 15 -1.14 11.43 3.61
CA ALA B 15 -0.20 12.53 3.71
C ALA B 15 1.17 12.13 3.16
N PHE B 16 1.27 12.17 1.83
CA PHE B 16 2.50 11.83 1.12
C PHE B 16 2.30 12.06 -0.36
N ASP B 17 3.34 11.90 -1.12
CA ASP B 17 3.29 12.09 -2.55
C ASP B 17 4.69 12.20 -3.09
N GLU B 18 5.56 12.80 -2.30
CA GLU B 18 6.93 12.94 -2.74
C GLU B 18 7.43 11.59 -3.25
N ASP B 19 7.49 10.61 -2.35
CA ASP B 19 7.94 9.27 -2.71
C ASP B 19 6.80 8.43 -3.26
N VAL B 20 5.65 8.45 -2.60
CA VAL B 20 4.52 7.67 -3.07
C VAL B 20 4.07 8.13 -4.45
N TYR B 21 3.97 9.45 -4.65
CA TYR B 21 3.57 9.97 -5.96
C TYR B 21 4.61 9.60 -7.01
N HIS B 22 5.89 9.80 -6.69
CA HIS B 22 6.94 9.46 -7.65
C HIS B 22 6.98 7.95 -7.87
N THR B 23 6.92 7.18 -6.78
CA THR B 23 6.93 5.73 -6.90
C THR B 23 5.69 5.25 -7.63
N LEU B 24 4.54 5.84 -7.29
CA LEU B 24 3.29 5.49 -7.94
C LEU B 24 3.41 5.71 -9.44
N LYS B 25 4.40 6.50 -9.84
CA LYS B 25 4.62 6.80 -11.24
C LYS B 25 5.05 5.56 -12.03
N LEU B 26 6.00 4.79 -11.50
CA LEU B 26 6.44 3.60 -12.21
C LEU B 26 5.36 2.54 -12.15
N VAL B 27 4.82 2.34 -10.95
CA VAL B 27 3.75 1.38 -10.75
C VAL B 27 2.52 1.74 -11.56
N SER B 28 2.17 3.01 -11.57
CA SER B 28 1.00 3.43 -12.31
C SER B 28 1.17 3.20 -13.81
N VAL B 29 2.38 3.42 -14.30
CA VAL B 29 2.68 3.23 -15.70
C VAL B 29 2.92 1.76 -16.00
N TYR B 30 3.71 1.13 -15.14
CA TYR B 30 4.04 -0.28 -15.29
C TYR B 30 2.86 -1.17 -14.94
N LEU B 31 1.94 -0.67 -14.10
CA LEU B 31 0.78 -1.46 -13.71
C LEU B 31 -0.49 -0.90 -14.33
N ASN B 32 -0.37 0.23 -15.04
CA ASN B 32 -1.52 0.87 -15.66
C ASN B 32 -2.61 1.08 -14.64
N ARG B 33 -2.20 1.39 -13.42
CA ARG B 33 -3.13 1.61 -12.32
C ARG B 33 -2.91 2.94 -11.63
N ASP B 34 -3.98 3.70 -11.44
CA ASP B 34 -3.88 4.99 -10.78
C ASP B 34 -3.15 4.84 -9.45
N MET B 35 -2.68 5.95 -8.89
CA MET B 35 -1.95 5.89 -7.64
C MET B 35 -2.82 5.26 -6.55
N THR B 36 -4.12 5.59 -6.56
CA THR B 36 -5.05 5.07 -5.58
C THR B 36 -5.23 3.56 -5.76
N GLU B 37 -5.39 3.14 -7.01
CA GLU B 37 -5.57 1.73 -7.32
C GLU B 37 -4.33 0.92 -6.94
N ILE B 38 -3.16 1.54 -7.08
CA ILE B 38 -1.90 0.88 -6.75
C ILE B 38 -1.61 0.93 -5.26
N ILE B 39 -1.71 2.12 -4.67
CA ILE B 39 -1.43 2.27 -3.24
C ILE B 39 -2.38 1.40 -2.42
N GLU B 40 -3.60 1.28 -2.91
CA GLU B 40 -4.60 0.48 -2.24
C GLU B 40 -4.49 -0.98 -2.63
N GLU B 41 -3.92 -1.25 -3.81
CA GLU B 41 -3.75 -2.62 -4.25
C GLU B 41 -2.47 -3.20 -3.67
N ALA B 42 -1.48 -2.34 -3.48
CA ALA B 42 -0.20 -2.75 -2.91
C ALA B 42 -0.33 -2.98 -1.41
N VAL B 43 -1.10 -2.12 -0.76
CA VAL B 43 -1.31 -2.22 0.69
C VAL B 43 -1.91 -3.55 1.07
N VAL B 44 -3.10 -3.79 0.57
CA VAL B 44 -3.83 -5.01 0.86
C VAL B 44 -3.00 -6.23 0.49
N MET B 45 -2.45 -6.21 -0.72
CA MET B 45 -1.64 -7.32 -1.19
C MET B 45 -0.44 -7.54 -0.28
N TRP B 46 0.05 -6.46 0.33
CA TRP B 46 1.19 -6.58 1.23
C TRP B 46 0.77 -7.28 2.52
N LEU B 47 -0.28 -6.76 3.15
CA LEU B 47 -0.78 -7.36 4.37
C LEU B 47 -1.19 -8.78 4.13
N ILE B 48 -1.89 -8.99 3.03
CA ILE B 48 -2.38 -10.29 2.67
C ILE B 48 -1.24 -11.30 2.51
N GLN B 49 -0.20 -10.89 1.82
CA GLN B 49 0.93 -11.78 1.61
C GLN B 49 1.89 -11.76 2.80
N ASN B 50 1.77 -10.73 3.64
CA ASN B 50 2.65 -10.59 4.80
C ASN B 50 2.01 -11.11 6.09
N LYS B 51 0.86 -10.57 6.43
CA LYS B 51 0.16 -10.94 7.65
C LYS B 51 -0.31 -12.39 7.60
N GLU B 52 -0.96 -12.78 6.50
CA GLU B 52 -1.43 -14.16 6.34
C GLU B 52 -0.31 -15.14 6.67
N LYS B 53 0.92 -14.70 6.48
CA LYS B 53 2.09 -15.51 6.76
C LYS B 53 3.04 -14.79 7.71
N LEU B 54 2.47 -13.93 8.57
CA LEU B 54 3.26 -13.16 9.53
C LEU B 54 4.16 -14.07 10.35
N PRO B 55 5.46 -14.14 10.00
CA PRO B 55 6.43 -14.99 10.70
C PRO B 55 6.92 -14.35 12.00
N ASN B 56 7.47 -15.19 12.87
CA ASN B 56 7.99 -14.70 14.15
C ASN B 56 9.32 -13.98 13.95
N GLU B 57 10.06 -14.40 12.92
CA GLU B 57 11.35 -13.80 12.62
C GLU B 57 11.16 -12.46 11.89
N LEU B 58 10.08 -12.36 11.13
CA LEU B 58 9.78 -11.14 10.39
C LEU B 58 9.22 -10.06 11.32
N LYS B 59 8.60 -10.50 12.41
CA LYS B 59 8.00 -9.59 13.39
C LYS B 59 8.83 -8.31 13.57
N PRO B 60 10.13 -8.45 13.90
CA PRO B 60 11.00 -7.29 14.10
C PRO B 60 11.22 -6.51 12.82
N LYS B 61 11.13 -7.19 11.68
CA LYS B 61 11.32 -6.53 10.39
C LYS B 61 10.16 -5.58 10.10
N ILE B 62 9.00 -5.87 10.67
CA ILE B 62 7.83 -5.03 10.48
C ILE B 62 8.19 -3.58 10.81
N ASP B 63 9.08 -3.42 11.79
CA ASP B 63 9.54 -2.10 12.17
C ASP B 63 10.36 -1.54 11.03
N GLU B 64 11.19 -2.40 10.44
CA GLU B 64 12.02 -2.02 9.31
C GLU B 64 11.13 -1.51 8.17
N ILE B 65 10.11 -2.30 7.85
CA ILE B 65 9.16 -1.93 6.80
C ILE B 65 8.64 -0.51 7.03
N SER B 66 8.39 -0.18 8.29
CA SER B 66 7.88 1.14 8.65
C SER B 66 8.99 2.19 8.66
N LYS B 67 10.04 1.94 9.44
CA LYS B 67 11.14 2.88 9.53
C LYS B 67 11.88 3.02 8.21
N ARG B 68 11.73 2.03 7.33
CA ARG B 68 12.39 2.07 6.03
C ARG B 68 11.54 2.83 5.02
N PHE B 69 10.23 2.67 5.09
CA PHE B 69 9.34 3.37 4.18
C PHE B 69 9.42 4.86 4.45
N PHE B 70 9.53 5.21 5.72
CA PHE B 70 9.64 6.60 6.14
C PHE B 70 11.05 6.85 6.68
N PRO B 71 12.05 6.90 5.78
CA PRO B 71 13.45 7.10 6.17
C PRO B 71 13.70 8.51 6.69
N ALA B 72 14.80 8.68 7.43
CA ALA B 72 15.16 9.97 8.00
C ALA B 72 14.09 10.46 8.97
N LYS B 73 14.47 10.62 10.23
CA LYS B 73 13.55 11.07 11.26
C LYS B 73 13.27 12.58 11.12
N MET A 1 7.38 23.48 -3.32
CA MET A 1 6.96 23.78 -1.93
C MET A 1 8.16 23.90 -0.99
N VAL A 2 7.90 24.22 0.26
CA VAL A 2 8.96 24.36 1.25
C VAL A 2 8.73 23.44 2.44
N GLU A 3 9.53 22.39 2.55
CA GLU A 3 9.40 21.42 3.64
C GLU A 3 10.67 20.58 3.76
N SER A 4 10.92 19.75 2.74
CA SER A 4 12.09 18.89 2.73
C SER A 4 12.86 19.04 1.42
N LYS A 5 13.92 19.84 1.44
CA LYS A 5 14.74 20.06 0.26
C LYS A 5 13.94 20.76 -0.84
N LYS A 6 13.11 19.99 -1.54
CA LYS A 6 12.29 20.54 -2.61
C LYS A 6 10.83 20.13 -2.44
N ILE A 7 10.55 18.84 -2.64
CA ILE A 7 9.20 18.31 -2.51
C ILE A 7 9.02 17.61 -1.16
N ALA A 8 7.77 17.47 -0.73
CA ALA A 8 7.46 16.82 0.53
C ALA A 8 6.18 16.00 0.43
N LYS A 9 5.64 15.62 1.58
CA LYS A 9 4.41 14.83 1.63
C LYS A 9 3.21 15.68 1.28
N LYS A 10 2.31 15.14 0.48
CA LYS A 10 1.12 15.88 0.07
C LYS A 10 -0.14 15.12 0.47
N LYS A 11 -1.11 15.83 1.03
CA LYS A 11 -2.34 15.17 1.44
C LYS A 11 -3.04 14.59 0.22
N THR A 12 -3.01 13.27 0.11
CA THR A 12 -3.62 12.59 -1.01
C THR A 12 -4.88 11.85 -0.58
N THR A 13 -5.87 11.76 -1.47
CA THR A 13 -7.11 11.07 -1.16
C THR A 13 -7.33 9.84 -2.02
N LEU A 14 -7.95 8.83 -1.42
CA LEU A 14 -8.27 7.58 -2.10
C LEU A 14 -9.65 7.14 -1.65
N ALA A 15 -10.50 6.76 -2.59
CA ALA A 15 -11.85 6.35 -2.22
C ALA A 15 -11.89 4.86 -1.88
N PHE A 16 -11.74 4.58 -0.59
CA PHE A 16 -11.77 3.23 -0.06
C PHE A 16 -11.99 3.29 1.43
N ASP A 17 -12.14 2.14 2.03
CA ASP A 17 -12.30 2.02 3.46
C ASP A 17 -12.94 0.72 3.78
N GLU A 18 -13.92 0.35 2.98
CA GLU A 18 -14.59 -0.90 3.22
C GLU A 18 -13.56 -2.01 3.39
N ASP A 19 -12.75 -2.24 2.36
CA ASP A 19 -11.73 -3.27 2.41
C ASP A 19 -10.44 -2.74 3.02
N VAL A 20 -10.01 -1.55 2.60
CA VAL A 20 -8.77 -0.98 3.13
C VAL A 20 -8.92 -0.71 4.63
N TYR A 21 -10.03 -0.11 5.04
CA TYR A 21 -10.24 0.17 6.45
C TYR A 21 -10.33 -1.13 7.23
N HIS A 22 -11.08 -2.12 6.70
CA HIS A 22 -11.19 -3.40 7.38
C HIS A 22 -9.83 -4.10 7.39
N THR A 23 -9.16 -4.13 6.25
CA THR A 23 -7.84 -4.75 6.17
C THR A 23 -6.86 -4.02 7.07
N LEU A 24 -6.91 -2.68 7.01
CA LEU A 24 -6.04 -1.87 7.86
C LEU A 24 -6.23 -2.24 9.32
N LYS A 25 -7.37 -2.89 9.61
CA LYS A 25 -7.68 -3.31 10.96
C LYS A 25 -6.75 -4.40 11.46
N LEU A 26 -6.54 -5.44 10.65
CA LEU A 26 -5.64 -6.52 11.06
C LEU A 26 -4.21 -6.02 11.11
N VAL A 27 -3.82 -5.28 10.08
CA VAL A 27 -2.48 -4.70 10.01
C VAL A 27 -2.26 -3.69 11.12
N SER A 28 -3.25 -2.83 11.35
CA SER A 28 -3.13 -1.83 12.39
C SER A 28 -3.00 -2.48 13.76
N VAL A 29 -3.70 -3.60 13.95
CA VAL A 29 -3.66 -4.32 15.21
C VAL A 29 -2.39 -5.15 15.29
N TYR A 30 -2.13 -5.89 14.22
CA TYR A 30 -0.95 -6.74 14.14
C TYR A 30 0.33 -5.92 14.05
N LEU A 31 0.23 -4.70 13.52
CA LEU A 31 1.40 -3.84 13.40
C LEU A 31 1.33 -2.67 14.37
N ASN A 32 0.20 -2.55 15.07
CA ASN A 32 0.02 -1.46 16.03
C ASN A 32 0.30 -0.13 15.34
N ARG A 33 -0.06 -0.06 14.06
CA ARG A 33 0.17 1.14 13.26
C ARG A 33 -1.14 1.77 12.81
N ASP A 34 -1.05 2.99 12.28
CA ASP A 34 -2.22 3.69 11.79
C ASP A 34 -2.46 3.31 10.34
N MET A 35 -3.69 3.43 9.88
CA MET A 35 -4.03 3.08 8.52
C MET A 35 -3.12 3.80 7.53
N THR A 36 -2.74 5.03 7.87
CA THR A 36 -1.86 5.81 7.00
C THR A 36 -0.43 5.30 7.11
N GLU A 37 -0.03 4.93 8.33
CA GLU A 37 1.32 4.40 8.55
C GLU A 37 1.47 3.05 7.89
N ILE A 38 0.39 2.26 7.90
CA ILE A 38 0.39 0.93 7.30
C ILE A 38 0.33 1.03 5.79
N ILE A 39 -0.66 1.76 5.28
CA ILE A 39 -0.84 1.91 3.84
C ILE A 39 0.39 2.50 3.20
N GLU A 40 0.98 3.49 3.86
CA GLU A 40 2.16 4.14 3.33
C GLU A 40 3.40 3.28 3.58
N GLU A 41 3.32 2.38 4.56
CA GLU A 41 4.43 1.49 4.84
C GLU A 41 4.36 0.29 3.92
N ALA A 42 3.14 -0.11 3.58
CA ALA A 42 2.93 -1.25 2.69
C ALA A 42 3.24 -0.87 1.25
N VAL A 43 2.79 0.31 0.84
CA VAL A 43 3.03 0.80 -0.52
C VAL A 43 4.50 0.73 -0.88
N VAL A 44 5.29 1.50 -0.15
CA VAL A 44 6.72 1.56 -0.38
C VAL A 44 7.32 0.17 -0.33
N MET A 45 7.06 -0.55 0.75
CA MET A 45 7.59 -1.89 0.88
C MET A 45 7.16 -2.74 -0.30
N TRP A 46 6.00 -2.45 -0.87
CA TRP A 46 5.52 -3.19 -2.03
C TRP A 46 6.40 -2.88 -3.22
N LEU A 47 6.45 -1.60 -3.60
CA LEU A 47 7.28 -1.19 -4.73
C LEU A 47 8.72 -1.62 -4.50
N ILE A 48 9.19 -1.38 -3.29
CA ILE A 48 10.54 -1.71 -2.92
C ILE A 48 10.84 -3.18 -3.18
N GLN A 49 9.91 -4.04 -2.77
CA GLN A 49 10.10 -5.46 -2.95
C GLN A 49 9.69 -5.92 -4.35
N ASN A 50 8.78 -5.18 -4.98
CA ASN A 50 8.30 -5.56 -6.31
C ASN A 50 9.00 -4.81 -7.43
N LYS A 51 8.87 -3.48 -7.43
CA LYS A 51 9.47 -2.64 -8.46
C LYS A 51 10.97 -2.89 -8.61
N GLU A 52 11.71 -2.68 -7.54
CA GLU A 52 13.16 -2.87 -7.55
C GLU A 52 13.55 -4.18 -8.24
N LYS A 53 12.69 -5.18 -8.12
CA LYS A 53 12.94 -6.49 -8.73
C LYS A 53 11.78 -6.91 -9.63
N LEU A 54 11.08 -5.94 -10.20
CA LEU A 54 9.95 -6.22 -11.07
C LEU A 54 10.33 -7.18 -12.19
N PRO A 55 9.97 -8.48 -12.04
CA PRO A 55 10.28 -9.50 -13.04
C PRO A 55 9.31 -9.47 -14.22
N ASN A 56 9.74 -10.07 -15.33
CA ASN A 56 8.91 -10.12 -16.53
C ASN A 56 7.80 -11.15 -16.38
N GLU A 57 8.07 -12.17 -15.57
CA GLU A 57 7.09 -13.24 -15.33
C GLU A 57 6.02 -12.79 -14.34
N LEU A 58 6.32 -11.76 -13.55
CA LEU A 58 5.38 -11.24 -12.57
C LEU A 58 4.44 -10.22 -13.20
N LYS A 59 4.91 -9.56 -14.26
CA LYS A 59 4.12 -8.55 -14.97
C LYS A 59 2.64 -8.92 -15.03
N PRO A 60 2.31 -10.14 -15.46
CA PRO A 60 0.93 -10.61 -15.56
C PRO A 60 0.26 -10.73 -14.19
N LYS A 61 1.05 -11.10 -13.19
CA LYS A 61 0.52 -11.25 -11.84
C LYS A 61 0.09 -9.90 -11.27
N ILE A 62 0.70 -8.83 -11.76
CA ILE A 62 0.36 -7.49 -11.30
C ILE A 62 -1.15 -7.28 -11.42
N ASP A 63 -1.74 -7.94 -12.42
CA ASP A 63 -3.17 -7.89 -12.62
C ASP A 63 -3.84 -8.62 -11.48
N GLU A 64 -3.25 -9.77 -11.12
CA GLU A 64 -3.74 -10.57 -10.01
C GLU A 64 -3.73 -9.74 -8.73
N ILE A 65 -2.63 -9.03 -8.53
CA ILE A 65 -2.47 -8.17 -7.36
C ILE A 65 -3.63 -7.18 -7.26
N SER A 66 -4.04 -6.64 -8.39
CA SER A 66 -5.14 -5.67 -8.44
C SER A 66 -6.50 -6.36 -8.34
N LYS A 67 -6.72 -7.36 -9.17
CA LYS A 67 -7.99 -8.09 -9.18
C LYS A 67 -8.17 -8.92 -7.91
N ARG A 68 -7.07 -9.19 -7.21
CA ARG A 68 -7.14 -9.98 -5.99
C ARG A 68 -7.30 -9.08 -4.76
N PHE A 69 -6.69 -7.90 -4.81
CA PHE A 69 -6.80 -6.96 -3.69
C PHE A 69 -8.26 -6.64 -3.41
N PHE A 70 -9.06 -6.63 -4.47
CA PHE A 70 -10.49 -6.37 -4.35
C PHE A 70 -11.27 -7.65 -4.66
N PRO A 71 -11.28 -8.60 -3.71
CA PRO A 71 -11.98 -9.87 -3.87
C PRO A 71 -13.50 -9.72 -3.83
N ALA A 72 -14.17 -10.17 -4.89
CA ALA A 72 -15.62 -10.07 -4.97
C ALA A 72 -16.29 -11.31 -4.38
N LYS A 73 -17.61 -11.29 -4.32
CA LYS A 73 -18.37 -12.41 -3.78
C LYS A 73 -18.00 -12.66 -2.32
N MET B 1 -21.88 -7.34 3.04
CA MET B 1 -22.15 -5.88 3.02
C MET B 1 -23.29 -5.56 2.04
N VAL B 2 -24.03 -4.49 2.34
CA VAL B 2 -25.14 -4.08 1.50
C VAL B 2 -25.36 -2.57 1.58
N GLU B 3 -24.27 -1.82 1.70
CA GLU B 3 -24.34 -0.37 1.80
C GLU B 3 -25.00 0.22 0.55
N SER B 4 -24.34 0.07 -0.60
CA SER B 4 -24.87 0.59 -1.85
C SER B 4 -25.48 -0.53 -2.69
N LYS B 5 -24.63 -1.28 -3.38
CA LYS B 5 -25.08 -2.39 -4.22
C LYS B 5 -24.55 -3.71 -3.69
N LYS B 6 -23.34 -3.69 -3.15
CA LYS B 6 -22.72 -4.89 -2.61
C LYS B 6 -21.64 -4.53 -1.60
N ILE B 7 -20.66 -3.73 -2.03
CA ILE B 7 -19.58 -3.30 -1.16
C ILE B 7 -19.53 -1.78 -1.04
N ALA B 8 -19.19 -1.30 0.15
CA ALA B 8 -19.11 0.14 0.40
C ALA B 8 -17.68 0.64 0.26
N LYS B 9 -17.49 1.93 0.52
CA LYS B 9 -16.18 2.56 0.43
C LYS B 9 -16.21 3.95 1.05
N LYS B 10 -15.06 4.49 1.44
CA LYS B 10 -15.01 5.81 2.03
C LYS B 10 -13.84 6.63 1.46
N LYS B 11 -13.98 7.95 1.42
CA LYS B 11 -12.90 8.79 0.90
C LYS B 11 -11.81 8.88 1.95
N THR B 12 -10.70 8.19 1.70
CA THR B 12 -9.58 8.19 2.63
C THR B 12 -8.50 9.16 2.22
N THR B 13 -7.80 9.75 3.20
CA THR B 13 -6.73 10.69 2.91
C THR B 13 -5.43 10.29 3.59
N LEU B 14 -4.33 10.56 2.91
CA LEU B 14 -3.01 10.27 3.43
C LEU B 14 -2.06 11.42 3.08
N ALA B 15 -1.31 11.90 4.07
CA ALA B 15 -0.41 13.00 3.83
C ALA B 15 0.95 12.52 3.33
N PHE B 16 1.03 12.34 2.02
CA PHE B 16 2.25 11.90 1.35
C PHE B 16 2.07 12.08 -0.14
N ASP B 17 3.12 11.84 -0.89
CA ASP B 17 3.08 11.99 -2.33
C ASP B 17 4.49 12.11 -2.85
N GLU B 18 5.32 12.77 -2.08
CA GLU B 18 6.69 12.92 -2.50
C GLU B 18 7.25 11.58 -2.97
N ASP B 19 7.29 10.63 -2.06
CA ASP B 19 7.79 9.29 -2.38
C ASP B 19 6.69 8.41 -2.97
N VAL B 20 5.54 8.38 -2.32
CA VAL B 20 4.43 7.57 -2.81
C VAL B 20 3.99 8.02 -4.20
N TYR B 21 3.85 9.33 -4.41
CA TYR B 21 3.46 9.84 -5.72
C TYR B 21 4.54 9.54 -6.74
N HIS B 22 5.81 9.77 -6.37
CA HIS B 22 6.90 9.49 -7.30
C HIS B 22 7.00 8.00 -7.56
N THR B 23 6.97 7.19 -6.51
CA THR B 23 7.02 5.74 -6.67
C THR B 23 5.82 5.27 -7.46
N LEU B 24 4.66 5.85 -7.19
CA LEU B 24 3.44 5.51 -7.90
C LEU B 24 3.65 5.72 -9.40
N LYS B 25 4.67 6.51 -9.74
CA LYS B 25 4.97 6.82 -11.13
C LYS B 25 5.42 5.57 -11.89
N LEU B 26 6.36 4.83 -11.32
CA LEU B 26 6.85 3.62 -12.00
C LEU B 26 5.76 2.56 -12.00
N VAL B 27 5.15 2.37 -10.84
CA VAL B 27 4.08 1.41 -10.70
C VAL B 27 2.90 1.76 -11.60
N SER B 28 2.56 3.03 -11.64
CA SER B 28 1.43 3.45 -12.45
C SER B 28 1.70 3.21 -13.93
N VAL B 29 2.94 3.44 -14.34
CA VAL B 29 3.34 3.25 -15.72
C VAL B 29 3.58 1.78 -16.00
N TYR B 30 4.32 1.14 -15.10
CA TYR B 30 4.64 -0.28 -15.23
C TYR B 30 3.43 -1.16 -14.96
N LEU B 31 2.48 -0.65 -14.17
CA LEU B 31 1.28 -1.43 -13.87
C LEU B 31 0.07 -0.87 -14.59
N ASN B 32 0.25 0.24 -15.30
CA ASN B 32 -0.85 0.87 -16.01
C ASN B 32 -2.02 1.08 -15.07
N ARG B 33 -1.70 1.37 -13.81
CA ARG B 33 -2.71 1.57 -12.78
C ARG B 33 -2.56 2.93 -12.11
N ASP B 34 -3.68 3.62 -11.93
CA ASP B 34 -3.66 4.92 -11.28
C ASP B 34 -2.99 4.79 -9.91
N MET B 35 -2.59 5.92 -9.33
CA MET B 35 -1.92 5.89 -8.05
C MET B 35 -2.85 5.29 -6.99
N THR B 36 -4.14 5.58 -7.10
CA THR B 36 -5.13 5.06 -6.16
C THR B 36 -5.29 3.55 -6.35
N GLU B 37 -5.29 3.10 -7.60
CA GLU B 37 -5.44 1.68 -7.90
C GLU B 37 -4.21 0.90 -7.44
N ILE B 38 -3.04 1.54 -7.48
CA ILE B 38 -1.80 0.90 -7.09
C ILE B 38 -1.59 0.98 -5.58
N ILE B 39 -1.78 2.15 -5.01
CA ILE B 39 -1.59 2.33 -3.57
C ILE B 39 -2.53 1.41 -2.81
N GLU B 40 -3.73 1.24 -3.37
CA GLU B 40 -4.74 0.41 -2.76
C GLU B 40 -4.55 -1.06 -3.12
N GLU B 41 -3.97 -1.33 -4.29
CA GLU B 41 -3.75 -2.72 -4.68
C GLU B 41 -2.45 -3.23 -4.07
N ALA B 42 -1.50 -2.32 -3.87
CA ALA B 42 -0.21 -2.68 -3.29
C ALA B 42 -0.34 -2.85 -1.78
N VAL B 43 -1.18 -2.01 -1.17
CA VAL B 43 -1.39 -2.06 0.27
C VAL B 43 -2.01 -3.38 0.69
N VAL B 44 -3.20 -3.62 0.19
CA VAL B 44 -3.93 -4.82 0.49
C VAL B 44 -3.10 -6.06 0.17
N MET B 45 -2.57 -6.11 -1.03
CA MET B 45 -1.74 -7.24 -1.44
C MET B 45 -0.60 -7.44 -0.45
N TRP B 46 -0.09 -6.34 0.10
CA TRP B 46 1.00 -6.44 1.07
C TRP B 46 0.54 -7.15 2.32
N LEU B 47 -0.52 -6.61 2.94
CA LEU B 47 -1.07 -7.23 4.15
C LEU B 47 -1.52 -8.64 3.85
N ILE B 48 -2.15 -8.80 2.72
CA ILE B 48 -2.68 -10.08 2.32
C ILE B 48 -1.57 -11.10 2.11
N GLN B 49 -0.49 -10.68 1.48
CA GLN B 49 0.61 -11.58 1.22
C GLN B 49 1.52 -11.68 2.45
N ASN B 50 1.59 -10.59 3.22
CA ASN B 50 2.45 -10.56 4.40
C ASN B 50 1.68 -10.85 5.69
N LYS B 51 0.71 -9.99 5.97
CA LYS B 51 -0.10 -10.12 7.18
C LYS B 51 -0.84 -11.45 7.24
N GLU B 52 -1.61 -11.76 6.19
CA GLU B 52 -2.37 -13.00 6.14
C GLU B 52 -1.50 -14.19 6.57
N LYS B 53 -0.20 -14.08 6.31
CA LYS B 53 0.75 -15.12 6.66
C LYS B 53 1.83 -14.57 7.59
N LEU B 54 1.47 -13.55 8.38
CA LEU B 54 2.39 -12.92 9.31
C LEU B 54 3.06 -13.95 10.22
N PRO B 55 4.31 -14.34 9.91
CA PRO B 55 5.05 -15.32 10.70
C PRO B 55 5.65 -14.72 11.97
N ASN B 56 6.04 -15.58 12.90
CA ASN B 56 6.64 -15.14 14.15
C ASN B 56 8.07 -14.69 13.92
N GLU B 57 8.72 -15.28 12.93
CA GLU B 57 10.11 -14.95 12.59
C GLU B 57 10.18 -13.62 11.85
N LEU B 58 9.07 -13.23 11.22
CA LEU B 58 9.02 -11.98 10.47
C LEU B 58 8.64 -10.82 11.38
N LYS B 59 8.05 -11.13 12.54
CA LYS B 59 7.63 -10.12 13.50
C LYS B 59 8.65 -8.98 13.60
N PRO B 60 9.94 -9.31 13.76
CA PRO B 60 11.00 -8.32 13.86
C PRO B 60 11.23 -7.59 12.54
N LYS B 61 10.98 -8.28 11.44
CA LYS B 61 11.14 -7.69 10.12
C LYS B 61 10.13 -6.58 9.89
N ILE B 62 8.99 -6.66 10.58
CA ILE B 62 7.96 -5.63 10.45
C ILE B 62 8.59 -4.26 10.72
N ASP B 63 9.60 -4.24 11.58
CA ASP B 63 10.32 -3.02 11.88
C ASP B 63 11.12 -2.63 10.65
N GLU B 64 11.69 -3.65 10.00
CA GLU B 64 12.46 -3.46 8.79
C GLU B 64 11.57 -2.81 7.74
N ILE B 65 10.33 -3.28 7.65
CA ILE B 65 9.37 -2.73 6.71
C ILE B 65 9.14 -1.25 6.98
N SER B 66 9.16 -0.89 8.26
CA SER B 66 8.95 0.49 8.68
C SER B 66 10.21 1.31 8.49
N LYS B 67 11.32 0.85 9.07
CA LYS B 67 12.59 1.56 8.95
C LYS B 67 13.04 1.64 7.50
N ARG B 68 12.84 0.55 6.76
CA ARG B 68 13.22 0.50 5.34
C ARG B 68 12.27 1.38 4.53
N PHE B 69 11.01 1.43 4.97
CA PHE B 69 10.01 2.26 4.30
C PHE B 69 10.39 3.72 4.44
N PHE B 70 10.98 4.06 5.59
CA PHE B 70 11.43 5.41 5.87
C PHE B 70 12.95 5.42 5.97
N PRO B 71 13.64 5.28 4.83
CA PRO B 71 15.10 5.24 4.78
C PRO B 71 15.73 6.60 5.08
N ALA B 72 16.63 6.63 6.06
CA ALA B 72 17.30 7.87 6.44
C ALA B 72 16.30 8.95 6.83
N LYS B 73 16.80 10.13 7.14
CA LYS B 73 15.95 11.25 7.54
C LYS B 73 15.16 10.92 8.80
N MET A 1 16.54 11.39 0.55
CA MET A 1 16.77 12.57 -0.32
C MET A 1 16.73 12.19 -1.80
N VAL A 2 15.67 12.61 -2.48
CA VAL A 2 15.52 12.31 -3.90
C VAL A 2 14.65 13.36 -4.58
N GLU A 3 14.72 14.59 -4.09
CA GLU A 3 13.94 15.69 -4.65
C GLU A 3 14.48 17.04 -4.19
N SER A 4 14.43 17.28 -2.89
CA SER A 4 14.92 18.52 -2.31
C SER A 4 14.89 18.48 -0.79
N LYS A 5 16.05 18.65 -0.17
CA LYS A 5 16.16 18.62 1.28
C LYS A 5 15.91 17.22 1.83
N LYS A 6 14.66 16.76 1.68
CA LYS A 6 14.30 15.43 2.17
C LYS A 6 13.01 14.95 1.48
N ILE A 7 12.69 13.68 1.67
CA ILE A 7 11.50 13.09 1.07
C ILE A 7 10.24 13.88 1.45
N ALA A 8 9.76 14.68 0.52
CA ALA A 8 8.56 15.49 0.76
C ALA A 8 7.33 14.62 0.90
N LYS A 9 6.16 15.24 0.97
CA LYS A 9 4.90 14.52 1.12
C LYS A 9 3.72 15.44 0.84
N LYS A 10 2.73 14.93 0.12
CA LYS A 10 1.55 15.71 -0.20
C LYS A 10 0.30 14.98 0.31
N LYS A 11 -0.64 15.70 0.89
CA LYS A 11 -1.84 15.07 1.40
C LYS A 11 -2.60 14.42 0.25
N THR A 12 -2.56 13.10 0.18
CA THR A 12 -3.23 12.38 -0.89
C THR A 12 -4.53 11.75 -0.42
N THR A 13 -5.51 11.66 -1.32
CA THR A 13 -6.79 11.07 -0.98
C THR A 13 -7.08 9.83 -1.82
N LEU A 14 -7.75 8.87 -1.20
CA LEU A 14 -8.11 7.62 -1.86
C LEU A 14 -9.49 7.20 -1.41
N ALA A 15 -10.38 6.85 -2.34
CA ALA A 15 -11.71 6.46 -1.95
C ALA A 15 -11.77 4.98 -1.61
N PHE A 16 -11.62 4.69 -0.34
CA PHE A 16 -11.67 3.33 0.17
C PHE A 16 -11.88 3.36 1.66
N ASP A 17 -12.07 2.19 2.22
CA ASP A 17 -12.25 2.03 3.64
C ASP A 17 -12.97 0.75 3.90
N GLU A 18 -13.95 0.46 3.07
CA GLU A 18 -14.68 -0.77 3.26
C GLU A 18 -13.69 -1.93 3.43
N ASP A 19 -12.88 -2.16 2.40
CA ASP A 19 -11.88 -3.23 2.44
C ASP A 19 -10.59 -2.75 3.07
N VAL A 20 -10.12 -1.58 2.66
CA VAL A 20 -8.88 -1.05 3.20
C VAL A 20 -9.02 -0.78 4.70
N TYR A 21 -10.12 -0.14 5.11
CA TYR A 21 -10.33 0.13 6.53
C TYR A 21 -10.45 -1.18 7.29
N HIS A 22 -11.23 -2.14 6.76
CA HIS A 22 -11.37 -3.42 7.43
C HIS A 22 -10.03 -4.16 7.44
N THR A 23 -9.36 -4.20 6.29
CA THR A 23 -8.07 -4.87 6.21
C THR A 23 -7.04 -4.13 7.04
N LEU A 24 -7.08 -2.80 6.98
CA LEU A 24 -6.18 -1.98 7.77
C LEU A 24 -6.34 -2.32 9.25
N LYS A 25 -7.48 -2.94 9.58
CA LYS A 25 -7.77 -3.33 10.94
C LYS A 25 -6.81 -4.41 11.43
N LEU A 26 -6.65 -5.47 10.65
CA LEU A 26 -5.74 -6.55 11.04
C LEU A 26 -4.30 -6.06 11.05
N VAL A 27 -3.94 -5.32 10.01
CA VAL A 27 -2.58 -4.77 9.90
C VAL A 27 -2.34 -3.76 11.00
N SER A 28 -3.32 -2.90 11.25
CA SER A 28 -3.15 -1.89 12.27
C SER A 28 -2.99 -2.53 13.65
N VAL A 29 -3.73 -3.61 13.87
CA VAL A 29 -3.67 -4.32 15.14
C VAL A 29 -2.41 -5.19 15.20
N TYR A 30 -2.19 -5.94 14.13
CA TYR A 30 -1.03 -6.84 14.05
C TYR A 30 0.26 -6.05 13.86
N LEU A 31 0.16 -4.85 13.31
CA LEU A 31 1.35 -4.03 13.09
C LEU A 31 1.39 -2.86 14.06
N ASN A 32 0.36 -2.74 14.90
CA ASN A 32 0.29 -1.65 15.87
C ASN A 32 0.52 -0.32 15.17
N ARG A 33 0.08 -0.24 13.92
CA ARG A 33 0.25 0.96 13.12
C ARG A 33 -1.09 1.55 12.73
N ASP A 34 -1.05 2.73 12.11
CA ASP A 34 -2.27 3.40 11.66
C ASP A 34 -2.55 3.01 10.22
N MET A 35 -3.78 3.23 9.77
CA MET A 35 -4.15 2.89 8.41
C MET A 35 -3.24 3.62 7.41
N THR A 36 -2.95 4.87 7.71
CA THR A 36 -2.08 5.66 6.85
C THR A 36 -0.63 5.21 6.99
N GLU A 37 -0.25 4.83 8.21
CA GLU A 37 1.10 4.34 8.46
C GLU A 37 1.30 2.98 7.81
N ILE A 38 0.25 2.16 7.86
CA ILE A 38 0.28 0.82 7.27
C ILE A 38 0.33 0.91 5.74
N ILE A 39 -0.62 1.64 5.17
CA ILE A 39 -0.68 1.78 3.73
C ILE A 39 0.56 2.49 3.21
N GLU A 40 1.10 3.38 4.02
CA GLU A 40 2.29 4.12 3.65
C GLU A 40 3.53 3.27 3.86
N GLU A 41 3.47 2.34 4.81
CA GLU A 41 4.60 1.47 5.05
C GLU A 41 4.56 0.29 4.09
N ALA A 42 3.34 -0.11 3.72
CA ALA A 42 3.15 -1.22 2.79
C ALA A 42 3.46 -0.79 1.36
N VAL A 43 3.05 0.43 1.03
CA VAL A 43 3.28 0.96 -0.31
C VAL A 43 4.75 0.94 -0.67
N VAL A 44 5.53 1.67 0.10
CA VAL A 44 6.96 1.76 -0.11
C VAL A 44 7.58 0.37 -0.09
N MET A 45 7.28 -0.39 0.95
CA MET A 45 7.82 -1.73 1.07
C MET A 45 7.45 -2.57 -0.14
N TRP A 46 6.31 -2.28 -0.76
CA TRP A 46 5.90 -3.02 -1.94
C TRP A 46 6.80 -2.67 -3.10
N LEU A 47 6.90 -1.38 -3.40
CA LEU A 47 7.76 -0.94 -4.49
C LEU A 47 9.19 -1.34 -4.21
N ILE A 48 9.62 -1.09 -2.99
CA ILE A 48 10.96 -1.40 -2.59
C ILE A 48 11.29 -2.86 -2.84
N GLN A 49 10.37 -3.74 -2.47
CA GLN A 49 10.59 -5.16 -2.66
C GLN A 49 10.22 -5.61 -4.08
N ASN A 50 9.23 -4.94 -4.67
CA ASN A 50 8.76 -5.31 -6.00
C ASN A 50 9.36 -4.45 -7.11
N LYS A 51 9.09 -3.15 -7.06
CA LYS A 51 9.58 -2.22 -8.06
C LYS A 51 11.08 -2.38 -8.32
N GLU A 52 11.86 -2.41 -7.25
CA GLU A 52 13.30 -2.56 -7.36
C GLU A 52 13.67 -3.75 -8.24
N LYS A 53 12.83 -4.78 -8.22
CA LYS A 53 13.06 -5.99 -9.01
C LYS A 53 11.86 -6.31 -9.88
N LEU A 54 11.11 -5.29 -10.28
CA LEU A 54 9.92 -5.48 -11.11
C LEU A 54 10.25 -6.26 -12.37
N PRO A 55 9.91 -7.57 -12.41
CA PRO A 55 10.18 -8.44 -13.55
C PRO A 55 9.18 -8.21 -14.69
N ASN A 56 9.56 -8.61 -15.89
CA ASN A 56 8.70 -8.47 -17.05
C ASN A 56 7.59 -9.51 -17.02
N GLU A 57 7.86 -10.64 -16.37
CA GLU A 57 6.89 -11.72 -16.27
C GLU A 57 5.86 -11.42 -15.18
N LEU A 58 6.19 -10.49 -14.29
CA LEU A 58 5.28 -10.12 -13.21
C LEU A 58 4.22 -9.13 -13.69
N LYS A 59 4.50 -8.47 -14.82
CA LYS A 59 3.58 -7.49 -15.39
C LYS A 59 2.13 -7.96 -15.25
N PRO A 60 1.82 -9.18 -15.73
CA PRO A 60 0.47 -9.73 -15.64
C PRO A 60 0.11 -10.14 -14.22
N LYS A 61 1.13 -10.47 -13.42
CA LYS A 61 0.91 -10.87 -12.04
C LYS A 61 0.37 -9.68 -11.23
N ILE A 62 0.64 -8.46 -11.71
CA ILE A 62 0.16 -7.27 -11.02
C ILE A 62 -1.36 -7.40 -10.83
N ASP A 63 -2.01 -7.99 -11.83
CA ASP A 63 -3.43 -8.22 -11.77
C ASP A 63 -3.70 -9.24 -10.68
N GLU A 64 -2.82 -10.22 -10.59
CA GLU A 64 -2.91 -11.26 -9.57
C GLU A 64 -2.82 -10.61 -8.19
N ILE A 65 -1.86 -9.70 -8.04
CA ILE A 65 -1.67 -8.98 -6.78
C ILE A 65 -3.00 -8.37 -6.32
N SER A 66 -3.74 -7.81 -7.25
CA SER A 66 -5.01 -7.18 -6.92
C SER A 66 -6.16 -8.19 -6.86
N LYS A 67 -6.32 -8.99 -7.89
CA LYS A 67 -7.39 -9.98 -7.94
C LYS A 67 -7.20 -11.09 -6.92
N ARG A 68 -5.95 -11.36 -6.54
CA ARG A 68 -5.64 -12.41 -5.58
C ARG A 68 -5.50 -11.89 -4.16
N PHE A 69 -5.03 -10.65 -4.02
CA PHE A 69 -4.87 -10.07 -2.69
C PHE A 69 -6.05 -9.17 -2.36
N PHE A 70 -6.67 -8.64 -3.42
CA PHE A 70 -7.85 -7.80 -3.30
C PHE A 70 -8.95 -8.41 -4.15
N PRO A 71 -9.24 -9.71 -3.94
CA PRO A 71 -10.26 -10.44 -4.70
C PRO A 71 -11.62 -9.76 -4.65
N ALA A 72 -12.47 -10.07 -5.62
CA ALA A 72 -13.80 -9.49 -5.68
C ALA A 72 -14.75 -10.36 -6.50
N LYS A 73 -16.00 -10.43 -6.07
CA LYS A 73 -17.00 -11.23 -6.76
C LYS A 73 -17.56 -10.49 -7.98
N MET B 1 -22.40 0.61 6.73
CA MET B 1 -22.94 1.07 8.04
C MET B 1 -24.28 1.76 7.86
N VAL B 2 -25.31 0.99 7.55
CA VAL B 2 -26.66 1.53 7.35
C VAL B 2 -26.68 2.53 6.21
N GLU B 3 -25.81 2.32 5.22
CA GLU B 3 -25.73 3.21 4.07
C GLU B 3 -26.21 2.50 2.81
N SER B 4 -25.44 1.50 2.37
CA SER B 4 -25.78 0.74 1.18
C SER B 4 -25.87 -0.75 1.49
N LYS B 5 -26.47 -1.07 2.64
CA LYS B 5 -26.62 -2.46 3.06
C LYS B 5 -25.27 -3.08 3.45
N LYS B 6 -24.23 -2.23 3.53
CA LYS B 6 -22.89 -2.70 3.88
C LYS B 6 -21.90 -1.53 3.88
N ILE B 7 -20.75 -1.74 4.50
CA ILE B 7 -19.73 -0.71 4.55
C ILE B 7 -19.13 -0.45 3.17
N ALA B 8 -19.50 0.67 2.58
CA ALA B 8 -19.00 1.04 1.26
C ALA B 8 -17.63 1.71 1.35
N LYS B 9 -17.12 2.16 0.22
CA LYS B 9 -15.82 2.81 0.17
C LYS B 9 -15.91 4.22 0.77
N LYS B 10 -14.82 4.66 1.39
CA LYS B 10 -14.81 5.98 2.02
C LYS B 10 -13.61 6.80 1.55
N LYS B 11 -13.79 8.10 1.39
CA LYS B 11 -12.69 8.96 0.97
C LYS B 11 -11.66 9.06 2.09
N THR B 12 -10.52 8.40 1.89
CA THR B 12 -9.46 8.41 2.89
C THR B 12 -8.33 9.33 2.46
N THR B 13 -7.66 9.95 3.44
CA THR B 13 -6.56 10.84 3.14
C THR B 13 -5.27 10.41 3.81
N LEU B 14 -4.18 10.67 3.13
CA LEU B 14 -2.85 10.36 3.63
C LEU B 14 -1.95 11.56 3.40
N ALA B 15 -0.71 11.49 3.84
CA ALA B 15 0.21 12.60 3.66
C ALA B 15 1.52 12.15 3.02
N PHE B 16 1.51 12.11 1.70
CA PHE B 16 2.68 11.72 0.91
C PHE B 16 2.38 11.89 -0.56
N ASP B 17 3.38 11.68 -1.38
CA ASP B 17 3.25 11.81 -2.82
C ASP B 17 4.62 11.99 -3.42
N GLU B 18 5.46 12.71 -2.72
CA GLU B 18 6.81 12.93 -3.20
C GLU B 18 7.39 11.61 -3.69
N ASP B 19 7.48 10.64 -2.77
CA ASP B 19 8.01 9.33 -3.11
C ASP B 19 6.91 8.41 -3.65
N VAL B 20 5.82 8.27 -2.91
CA VAL B 20 4.72 7.41 -3.32
C VAL B 20 4.17 7.82 -4.69
N TYR B 21 4.09 9.13 -4.94
CA TYR B 21 3.60 9.61 -6.23
C TYR B 21 4.65 9.39 -7.31
N HIS B 22 5.90 9.76 -7.03
CA HIS B 22 6.97 9.55 -8.01
C HIS B 22 7.10 8.08 -8.31
N THR B 23 7.12 7.26 -7.26
CA THR B 23 7.20 5.82 -7.43
C THR B 23 5.97 5.35 -8.20
N LEU B 24 4.86 6.02 -7.95
CA LEU B 24 3.61 5.71 -8.63
C LEU B 24 3.79 5.84 -10.14
N LYS B 25 4.83 6.59 -10.52
CA LYS B 25 5.11 6.82 -11.93
C LYS B 25 5.48 5.53 -12.65
N LEU B 26 6.39 4.74 -12.07
CA LEU B 26 6.78 3.49 -12.70
C LEU B 26 5.64 2.49 -12.61
N VAL B 27 5.09 2.36 -11.40
CA VAL B 27 3.97 1.44 -11.19
C VAL B 27 2.80 1.82 -12.07
N SER B 28 2.52 3.11 -12.19
CA SER B 28 1.40 3.54 -12.99
C SER B 28 1.60 3.16 -14.45
N VAL B 29 2.81 3.36 -14.94
CA VAL B 29 3.15 3.04 -16.31
C VAL B 29 3.34 1.54 -16.49
N TYR B 30 4.07 0.94 -15.55
CA TYR B 30 4.33 -0.49 -15.60
C TYR B 30 3.10 -1.31 -15.23
N LEU B 31 2.18 -0.71 -14.47
CA LEU B 31 0.97 -1.44 -14.09
C LEU B 31 -0.25 -0.88 -14.82
N ASN B 32 -0.05 0.21 -15.57
CA ASN B 32 -1.16 0.84 -16.28
C ASN B 32 -2.32 1.06 -15.34
N ARG B 33 -1.96 1.42 -14.10
CA ARG B 33 -2.96 1.65 -13.05
C ARG B 33 -2.91 3.07 -12.53
N ASP B 34 -3.97 3.46 -11.82
CA ASP B 34 -4.04 4.78 -11.23
C ASP B 34 -3.37 4.76 -9.87
N MET B 35 -3.01 5.92 -9.35
CA MET B 35 -2.34 6.00 -8.06
C MET B 35 -3.13 5.22 -7.01
N THR B 36 -4.42 5.48 -6.92
CA THR B 36 -5.27 4.77 -5.97
C THR B 36 -5.25 3.28 -6.26
N GLU B 37 -5.50 2.93 -7.51
CA GLU B 37 -5.51 1.53 -7.91
C GLU B 37 -4.20 0.85 -7.54
N ILE B 38 -3.10 1.58 -7.70
CA ILE B 38 -1.77 1.04 -7.37
C ILE B 38 -1.53 1.02 -5.87
N ILE B 39 -1.67 2.17 -5.23
CA ILE B 39 -1.44 2.28 -3.79
C ILE B 39 -2.43 1.41 -3.03
N GLU B 40 -3.65 1.35 -3.53
CA GLU B 40 -4.70 0.57 -2.90
C GLU B 40 -4.55 -0.90 -3.25
N GLU B 41 -3.87 -1.18 -4.37
CA GLU B 41 -3.65 -2.56 -4.77
C GLU B 41 -2.46 -3.13 -4.01
N ALA B 42 -1.48 -2.27 -3.74
CA ALA B 42 -0.28 -2.69 -3.02
C ALA B 42 -0.59 -2.88 -1.54
N VAL B 43 -1.30 -1.93 -0.96
CA VAL B 43 -1.66 -1.99 0.46
C VAL B 43 -2.22 -3.36 0.80
N VAL B 44 -3.34 -3.68 0.17
CA VAL B 44 -4.02 -4.93 0.39
C VAL B 44 -3.09 -6.11 0.18
N MET B 45 -2.36 -6.10 -0.93
CA MET B 45 -1.44 -7.19 -1.21
C MET B 45 -0.39 -7.28 -0.13
N TRP B 46 -0.08 -6.16 0.51
CA TRP B 46 0.92 -6.15 1.56
C TRP B 46 0.36 -6.84 2.80
N LEU B 47 -0.77 -6.34 3.27
CA LEU B 47 -1.42 -6.92 4.46
C LEU B 47 -1.68 -8.39 4.24
N ILE B 48 -2.19 -8.71 3.06
CA ILE B 48 -2.51 -10.07 2.71
C ILE B 48 -1.28 -10.95 2.70
N GLN B 49 -0.23 -10.46 2.06
CA GLN B 49 1.00 -11.22 1.97
C GLN B 49 1.73 -11.27 3.31
N ASN B 50 1.34 -10.38 4.22
CA ASN B 50 1.98 -10.31 5.54
C ASN B 50 1.19 -11.07 6.59
N LYS B 51 -0.12 -10.84 6.62
CA LYS B 51 -0.99 -11.49 7.60
C LYS B 51 -1.14 -12.97 7.31
N GLU B 52 -1.59 -13.30 6.10
CA GLU B 52 -1.80 -14.68 5.68
C GLU B 52 -0.61 -15.56 6.07
N LYS B 53 0.58 -14.99 6.03
CA LYS B 53 1.79 -15.73 6.37
C LYS B 53 2.60 -14.99 7.45
N LEU B 54 1.89 -14.24 8.31
CA LEU B 54 2.54 -13.49 9.37
C LEU B 54 3.40 -14.41 10.25
N PRO B 55 4.74 -14.39 10.02
CA PRO B 55 5.66 -15.23 10.78
C PRO B 55 5.98 -14.64 12.16
N ASN B 56 6.43 -15.50 13.06
CA ASN B 56 6.77 -15.07 14.41
C ASN B 56 8.10 -14.32 14.41
N GLU B 57 8.96 -14.63 13.44
CA GLU B 57 10.27 -13.99 13.34
C GLU B 57 10.16 -12.66 12.58
N LEU B 58 9.09 -12.50 11.80
CA LEU B 58 8.90 -11.27 11.04
C LEU B 58 8.18 -10.22 11.87
N LYS B 59 7.48 -10.65 12.91
CA LYS B 59 6.73 -9.74 13.79
C LYS B 59 7.51 -8.44 14.02
N PRO B 60 8.79 -8.54 14.39
CA PRO B 60 9.63 -7.36 14.63
C PRO B 60 10.02 -6.65 13.34
N LYS B 61 10.16 -7.43 12.27
CA LYS B 61 10.52 -6.87 10.97
C LYS B 61 9.48 -5.86 10.51
N ILE B 62 8.24 -6.05 10.98
CA ILE B 62 7.16 -5.14 10.62
C ILE B 62 7.58 -3.70 10.91
N ASP B 63 8.35 -3.53 11.97
CA ASP B 63 8.86 -2.23 12.33
C ASP B 63 9.86 -1.79 11.27
N GLU B 64 10.66 -2.76 10.83
CA GLU B 64 11.65 -2.51 9.79
C GLU B 64 10.96 -1.99 8.54
N ILE B 65 9.86 -2.64 8.18
CA ILE B 65 9.07 -2.24 7.02
C ILE B 65 8.67 -0.77 7.13
N SER B 66 8.30 -0.36 8.33
CA SER B 66 7.89 1.01 8.59
C SER B 66 9.09 1.96 8.69
N LYS B 67 10.03 1.63 9.56
CA LYS B 67 11.21 2.46 9.75
C LYS B 67 12.06 2.52 8.48
N ARG B 68 12.16 1.39 7.79
CA ARG B 68 12.94 1.32 6.56
C ARG B 68 12.19 2.00 5.42
N PHE B 69 10.86 1.97 5.48
CA PHE B 69 10.03 2.60 4.46
C PHE B 69 10.46 4.04 4.24
N PHE B 70 10.87 4.69 5.33
CA PHE B 70 11.33 6.07 5.28
C PHE B 70 12.84 6.11 5.54
N PRO B 71 13.65 5.75 4.53
CA PRO B 71 15.11 5.73 4.66
C PRO B 71 15.70 7.14 4.64
N ALA B 72 17.03 7.22 4.66
CA ALA B 72 17.72 8.50 4.65
C ALA B 72 18.99 8.45 3.80
N LYS B 73 19.91 7.57 4.19
CA LYS B 73 21.17 7.42 3.46
C LYS B 73 21.14 6.16 2.59
N MET A 1 16.77 18.31 -7.06
CA MET A 1 15.82 18.19 -5.92
C MET A 1 16.53 18.38 -4.58
N VAL A 2 15.88 19.07 -3.66
CA VAL A 2 16.45 19.32 -2.34
C VAL A 2 15.38 19.26 -1.25
N GLU A 3 14.32 18.50 -1.52
CA GLU A 3 13.22 18.35 -0.56
C GLU A 3 12.53 19.69 -0.31
N SER A 4 11.20 19.68 -0.34
CA SER A 4 10.42 20.88 -0.12
C SER A 4 10.71 21.93 -1.19
N LYS A 5 9.82 22.90 -1.31
CA LYS A 5 9.97 23.97 -2.31
C LYS A 5 10.00 23.41 -3.72
N LYS A 6 9.48 22.19 -3.88
CA LYS A 6 9.45 21.55 -5.20
C LYS A 6 8.92 20.13 -5.09
N ILE A 7 9.73 19.23 -4.51
CA ILE A 7 9.33 17.84 -4.36
C ILE A 7 9.33 17.43 -2.89
N ALA A 8 8.13 17.24 -2.35
CA ALA A 8 7.98 16.84 -0.94
C ALA A 8 6.73 15.98 -0.75
N LYS A 9 6.39 15.72 0.50
CA LYS A 9 5.21 14.91 0.82
C LYS A 9 3.95 15.73 0.59
N LYS A 10 2.89 15.08 0.10
CA LYS A 10 1.64 15.78 -0.17
C LYS A 10 0.45 15.00 0.37
N LYS A 11 -0.51 15.70 0.98
CA LYS A 11 -1.69 15.03 1.51
C LYS A 11 -2.45 14.37 0.37
N THR A 12 -2.37 13.04 0.30
CA THR A 12 -3.04 12.31 -0.77
C THR A 12 -4.33 11.67 -0.31
N THR A 13 -5.36 11.74 -1.15
CA THR A 13 -6.65 11.13 -0.83
C THR A 13 -6.90 9.91 -1.70
N LEU A 14 -7.58 8.93 -1.11
CA LEU A 14 -7.93 7.71 -1.80
C LEU A 14 -9.32 7.28 -1.38
N ALA A 15 -10.18 6.97 -2.34
CA ALA A 15 -11.54 6.56 -1.99
C ALA A 15 -11.60 5.08 -1.72
N PHE A 16 -11.43 4.74 -0.45
CA PHE A 16 -11.49 3.38 0.01
C PHE A 16 -11.69 3.35 1.51
N ASP A 17 -11.89 2.17 2.03
CA ASP A 17 -12.07 1.96 3.45
C ASP A 17 -12.77 0.66 3.67
N GLU A 18 -13.70 0.36 2.79
CA GLU A 18 -14.42 -0.87 2.92
C GLU A 18 -13.43 -2.01 3.17
N ASP A 19 -12.60 -2.26 2.17
CA ASP A 19 -11.57 -3.30 2.27
C ASP A 19 -10.31 -2.79 2.93
N VAL A 20 -9.83 -1.61 2.51
CA VAL A 20 -8.62 -1.06 3.09
C VAL A 20 -8.80 -0.78 4.58
N TYR A 21 -9.96 -0.23 4.97
CA TYR A 21 -10.20 0.05 6.39
C TYR A 21 -10.33 -1.25 7.15
N HIS A 22 -11.10 -2.21 6.61
CA HIS A 22 -11.25 -3.49 7.30
C HIS A 22 -9.92 -4.23 7.34
N THR A 23 -9.21 -4.23 6.22
CA THR A 23 -7.91 -4.87 6.16
C THR A 23 -6.91 -4.14 7.05
N LEU A 24 -6.90 -2.81 6.96
CA LEU A 24 -6.02 -2.00 7.80
C LEU A 24 -6.28 -2.31 9.26
N LYS A 25 -7.45 -2.90 9.54
CA LYS A 25 -7.83 -3.25 10.89
C LYS A 25 -6.94 -4.36 11.44
N LEU A 26 -6.75 -5.43 10.67
CA LEU A 26 -5.91 -6.53 11.14
C LEU A 26 -4.46 -6.09 11.21
N VAL A 27 -4.02 -5.38 10.18
CA VAL A 27 -2.65 -4.86 10.12
C VAL A 27 -2.43 -3.83 11.20
N SER A 28 -3.38 -2.93 11.36
CA SER A 28 -3.24 -1.89 12.36
C SER A 28 -3.17 -2.48 13.76
N VAL A 29 -3.91 -3.57 13.97
CA VAL A 29 -3.93 -4.24 15.27
C VAL A 29 -2.71 -5.13 15.40
N TYR A 30 -2.46 -5.93 14.38
CA TYR A 30 -1.33 -6.84 14.38
C TYR A 30 -0.02 -6.09 14.25
N LEU A 31 -0.06 -4.89 13.65
CA LEU A 31 1.15 -4.09 13.48
C LEU A 31 1.14 -2.90 14.42
N ASN A 32 0.02 -2.69 15.12
CA ASN A 32 -0.10 -1.56 16.03
C ASN A 32 0.21 -0.27 15.29
N ARG A 33 -0.15 -0.24 14.02
CA ARG A 33 0.11 0.92 13.17
C ARG A 33 -1.17 1.46 12.54
N ASP A 34 -1.36 2.77 12.59
CA ASP A 34 -2.54 3.39 12.00
C ASP A 34 -2.68 2.96 10.55
N MET A 35 -3.85 3.15 9.97
CA MET A 35 -4.09 2.77 8.60
C MET A 35 -3.08 3.46 7.68
N THR A 36 -2.93 4.76 7.86
CA THR A 36 -1.99 5.55 7.06
C THR A 36 -0.57 5.03 7.25
N GLU A 37 -0.20 4.78 8.50
CA GLU A 37 1.14 4.30 8.82
C GLU A 37 1.39 2.95 8.15
N ILE A 38 0.36 2.10 8.10
CA ILE A 38 0.48 0.79 7.49
C ILE A 38 0.45 0.89 5.97
N ILE A 39 -0.57 1.56 5.43
CA ILE A 39 -0.68 1.71 3.99
C ILE A 39 0.51 2.48 3.45
N GLU A 40 1.03 3.38 4.26
CA GLU A 40 2.18 4.18 3.89
C GLU A 40 3.45 3.35 4.03
N GLU A 41 3.42 2.37 4.91
CA GLU A 41 4.58 1.51 5.12
C GLU A 41 4.59 0.41 4.07
N ALA A 42 3.40 -0.03 3.67
CA ALA A 42 3.27 -1.08 2.67
C ALA A 42 3.49 -0.54 1.28
N VAL A 43 2.96 0.65 1.01
CA VAL A 43 3.11 1.28 -0.29
C VAL A 43 4.57 1.29 -0.70
N VAL A 44 5.36 1.96 0.11
CA VAL A 44 6.79 2.06 -0.12
C VAL A 44 7.42 0.68 -0.20
N MET A 45 7.03 -0.20 0.70
CA MET A 45 7.55 -1.56 0.71
C MET A 45 7.25 -2.26 -0.60
N TRP A 46 6.08 -1.99 -1.16
CA TRP A 46 5.70 -2.61 -2.43
C TRP A 46 6.55 -2.08 -3.56
N LEU A 47 6.59 -0.76 -3.71
CA LEU A 47 7.38 -0.15 -4.77
C LEU A 47 8.83 -0.60 -4.67
N ILE A 48 9.36 -0.60 -3.46
CA ILE A 48 10.73 -0.98 -3.24
C ILE A 48 10.99 -2.39 -3.71
N GLN A 49 10.16 -3.33 -3.29
CA GLN A 49 10.35 -4.71 -3.66
C GLN A 49 9.76 -5.02 -5.04
N ASN A 50 8.90 -4.12 -5.54
CA ASN A 50 8.26 -4.33 -6.83
C ASN A 50 8.99 -3.60 -7.96
N LYS A 51 9.07 -2.29 -7.86
CA LYS A 51 9.72 -1.48 -8.89
C LYS A 51 11.21 -1.77 -8.98
N GLU A 52 11.90 -1.73 -7.84
CA GLU A 52 13.33 -1.98 -7.79
C GLU A 52 13.71 -3.27 -8.52
N LYS A 53 12.88 -4.30 -8.38
CA LYS A 53 13.14 -5.58 -9.00
C LYS A 53 11.97 -6.05 -9.87
N LEU A 54 11.22 -5.09 -10.43
CA LEU A 54 10.07 -5.42 -11.27
C LEU A 54 10.47 -6.36 -12.40
N PRO A 55 10.17 -7.67 -12.26
CA PRO A 55 10.50 -8.68 -13.27
C PRO A 55 9.51 -8.67 -14.43
N ASN A 56 9.96 -9.19 -15.58
CA ASN A 56 9.11 -9.26 -16.76
C ASN A 56 8.09 -10.38 -16.62
N GLU A 57 8.44 -11.40 -15.84
CA GLU A 57 7.56 -12.54 -15.60
C GLU A 57 6.47 -12.19 -14.60
N LEU A 58 6.75 -11.22 -13.72
CA LEU A 58 5.78 -10.80 -12.72
C LEU A 58 4.71 -9.92 -13.33
N LYS A 59 5.02 -9.29 -14.47
CA LYS A 59 4.08 -8.40 -15.15
C LYS A 59 2.64 -8.90 -15.04
N PRO A 60 2.37 -10.16 -15.45
CA PRO A 60 1.03 -10.73 -15.39
C PRO A 60 0.52 -10.84 -13.96
N LYS A 61 1.45 -11.00 -13.02
CA LYS A 61 1.09 -11.11 -11.60
C LYS A 61 0.51 -9.81 -11.09
N ILE A 62 0.98 -8.70 -11.65
CA ILE A 62 0.50 -7.39 -11.24
C ILE A 62 -1.03 -7.37 -11.27
N ASP A 63 -1.60 -8.12 -12.20
CA ASP A 63 -3.05 -8.24 -12.30
C ASP A 63 -3.53 -9.03 -11.09
N GLU A 64 -2.79 -10.08 -10.77
CA GLU A 64 -3.09 -10.92 -9.62
C GLU A 64 -3.13 -10.06 -8.37
N ILE A 65 -2.13 -9.20 -8.22
CA ILE A 65 -2.05 -8.28 -7.08
C ILE A 65 -3.30 -7.43 -6.99
N SER A 66 -3.83 -7.05 -8.16
CA SER A 66 -5.02 -6.22 -8.22
C SER A 66 -6.29 -7.05 -8.00
N LYS A 67 -6.44 -8.12 -8.77
CA LYS A 67 -7.62 -8.98 -8.64
C LYS A 67 -7.62 -9.70 -7.29
N ARG A 68 -6.43 -9.94 -6.73
CA ARG A 68 -6.32 -10.61 -5.44
C ARG A 68 -6.62 -9.64 -4.31
N PHE A 69 -6.21 -8.39 -4.48
CA PHE A 69 -6.43 -7.37 -3.48
C PHE A 69 -7.94 -7.18 -3.29
N PHE A 70 -8.69 -7.33 -4.37
CA PHE A 70 -10.13 -7.21 -4.34
C PHE A 70 -10.76 -8.59 -4.56
N PRO A 71 -10.68 -9.47 -3.54
CA PRO A 71 -11.23 -10.83 -3.63
C PRO A 71 -12.76 -10.84 -3.70
N ALA A 72 -13.30 -11.90 -4.27
CA ALA A 72 -14.75 -12.04 -4.41
C ALA A 72 -15.23 -13.36 -3.82
N LYS A 73 -16.55 -13.53 -3.76
CA LYS A 73 -17.14 -14.75 -3.22
C LYS A 73 -16.74 -14.94 -1.75
N MET B 1 -28.61 -0.44 7.79
CA MET B 1 -27.32 -0.60 7.05
C MET B 1 -27.54 -0.48 5.54
N VAL B 2 -26.60 0.15 4.86
CA VAL B 2 -26.68 0.33 3.41
C VAL B 2 -25.35 0.02 2.74
N GLU B 3 -25.39 -0.84 1.74
CA GLU B 3 -24.17 -1.22 1.00
C GLU B 3 -23.68 -0.06 0.14
N SER B 4 -23.31 1.04 0.79
CA SER B 4 -22.82 2.21 0.07
C SER B 4 -22.31 3.26 1.05
N LYS B 5 -23.19 3.75 1.92
CA LYS B 5 -22.83 4.75 2.91
C LYS B 5 -22.19 4.11 4.14
N LYS B 6 -22.61 2.87 4.43
CA LYS B 6 -22.09 2.14 5.57
C LYS B 6 -21.01 1.16 5.14
N ILE B 7 -21.41 0.18 4.34
CA ILE B 7 -20.48 -0.83 3.85
C ILE B 7 -20.06 -0.54 2.41
N ALA B 8 -19.06 0.33 2.26
CA ALA B 8 -18.56 0.69 0.94
C ALA B 8 -17.23 1.44 1.05
N LYS B 9 -16.76 1.97 -0.07
CA LYS B 9 -15.50 2.70 -0.10
C LYS B 9 -15.67 4.09 0.52
N LYS B 10 -14.63 4.56 1.19
CA LYS B 10 -14.67 5.87 1.84
C LYS B 10 -13.47 6.73 1.44
N LYS B 11 -13.68 8.03 1.29
CA LYS B 11 -12.58 8.93 0.94
C LYS B 11 -11.59 9.03 2.09
N THR B 12 -10.44 8.40 1.92
CA THR B 12 -9.41 8.41 2.95
C THR B 12 -8.24 9.30 2.54
N THR B 13 -7.59 9.93 3.52
CA THR B 13 -6.47 10.81 3.24
C THR B 13 -5.20 10.36 3.93
N LEU B 14 -4.08 10.59 3.26
CA LEU B 14 -2.77 10.27 3.79
C LEU B 14 -1.85 11.46 3.56
N ALA B 15 -0.61 11.38 4.01
CA ALA B 15 0.32 12.48 3.83
C ALA B 15 1.63 12.03 3.20
N PHE B 16 1.67 12.09 1.87
CA PHE B 16 2.84 11.71 1.10
C PHE B 16 2.53 11.91 -0.37
N ASP B 17 3.53 11.70 -1.20
CA ASP B 17 3.37 11.87 -2.63
C ASP B 17 4.74 11.96 -3.25
N GLU B 18 5.64 12.58 -2.53
CA GLU B 18 6.99 12.70 -3.01
C GLU B 18 7.46 11.35 -3.56
N ASP B 19 7.51 10.36 -2.67
CA ASP B 19 7.92 9.02 -3.06
C ASP B 19 6.75 8.21 -3.61
N VAL B 20 5.65 8.19 -2.88
CA VAL B 20 4.48 7.43 -3.32
C VAL B 20 3.97 7.94 -4.66
N TYR B 21 3.91 9.26 -4.83
CA TYR B 21 3.44 9.82 -6.10
C TYR B 21 4.45 9.51 -7.21
N HIS B 22 5.74 9.71 -6.94
CA HIS B 22 6.75 9.42 -7.95
C HIS B 22 6.82 7.92 -8.22
N THR B 23 6.74 7.13 -7.15
CA THR B 23 6.78 5.68 -7.30
C THR B 23 5.54 5.22 -8.06
N LEU B 24 4.40 5.81 -7.72
CA LEU B 24 3.15 5.49 -8.38
C LEU B 24 3.27 5.72 -9.88
N LYS B 25 4.28 6.50 -10.27
CA LYS B 25 4.51 6.81 -11.66
C LYS B 25 4.95 5.58 -12.45
N LEU B 26 5.90 4.81 -11.91
CA LEU B 26 6.35 3.61 -12.63
C LEU B 26 5.28 2.55 -12.57
N VAL B 27 4.74 2.35 -11.37
CA VAL B 27 3.67 1.36 -11.18
C VAL B 27 2.46 1.70 -12.02
N SER B 28 2.11 2.97 -12.07
CA SER B 28 0.94 3.36 -12.83
C SER B 28 1.14 3.08 -14.32
N VAL B 29 2.35 3.30 -14.80
CA VAL B 29 2.69 3.08 -16.19
C VAL B 29 2.94 1.60 -16.44
N TYR B 30 3.73 1.00 -15.56
CA TYR B 30 4.09 -0.41 -15.67
C TYR B 30 2.93 -1.32 -15.30
N LEU B 31 1.98 -0.80 -14.51
CA LEU B 31 0.83 -1.62 -14.10
C LEU B 31 -0.44 -1.12 -14.78
N ASN B 32 -0.34 0.00 -15.50
CA ASN B 32 -1.50 0.56 -16.18
C ASN B 32 -2.62 0.78 -15.19
N ARG B 33 -2.24 1.17 -13.97
CA ARG B 33 -3.21 1.40 -12.90
C ARG B 33 -3.02 2.76 -12.27
N ASP B 34 -4.11 3.50 -12.09
CA ASP B 34 -4.05 4.81 -11.45
C ASP B 34 -3.32 4.69 -10.12
N MET B 35 -2.87 5.82 -9.59
CA MET B 35 -2.16 5.80 -8.32
C MET B 35 -2.95 5.05 -7.27
N THR B 36 -4.14 5.55 -6.94
CA THR B 36 -4.99 4.92 -5.94
C THR B 36 -5.08 3.41 -6.19
N GLU B 37 -5.53 3.05 -7.39
CA GLU B 37 -5.66 1.64 -7.76
C GLU B 37 -4.40 0.86 -7.42
N ILE B 38 -3.24 1.49 -7.57
CA ILE B 38 -1.97 0.83 -7.30
C ILE B 38 -1.64 0.86 -5.80
N ILE B 39 -1.63 2.05 -5.21
CA ILE B 39 -1.32 2.14 -3.78
C ILE B 39 -2.34 1.37 -2.97
N GLU B 40 -3.55 1.30 -3.50
CA GLU B 40 -4.62 0.60 -2.81
C GLU B 40 -4.57 -0.89 -3.11
N GLU B 41 -4.01 -1.27 -4.26
CA GLU B 41 -3.91 -2.69 -4.57
C GLU B 41 -2.65 -3.28 -3.93
N ALA B 42 -1.66 -2.43 -3.71
CA ALA B 42 -0.42 -2.85 -3.09
C ALA B 42 -0.60 -2.99 -1.57
N VAL B 43 -1.28 -2.01 -1.00
CA VAL B 43 -1.55 -2.01 0.44
C VAL B 43 -2.17 -3.31 0.89
N VAL B 44 -3.34 -3.58 0.34
CA VAL B 44 -4.07 -4.79 0.67
C VAL B 44 -3.22 -6.02 0.38
N MET B 45 -2.67 -6.06 -0.83
CA MET B 45 -1.82 -7.19 -1.21
C MET B 45 -0.69 -7.35 -0.22
N TRP B 46 -0.25 -6.24 0.38
CA TRP B 46 0.83 -6.30 1.36
C TRP B 46 0.34 -7.03 2.60
N LEU B 47 -0.69 -6.47 3.23
CA LEU B 47 -1.27 -7.07 4.42
C LEU B 47 -1.66 -8.51 4.16
N ILE B 48 -2.29 -8.71 3.01
CA ILE B 48 -2.75 -10.02 2.62
C ILE B 48 -1.61 -11.01 2.47
N GLN B 49 -0.52 -10.57 1.88
CA GLN B 49 0.62 -11.45 1.68
C GLN B 49 1.44 -11.56 2.98
N ASN B 50 1.21 -10.64 3.91
CA ASN B 50 1.94 -10.64 5.17
C ASN B 50 1.15 -11.33 6.28
N LYS B 51 -0.17 -11.22 6.21
CA LYS B 51 -1.05 -11.82 7.21
C LYS B 51 -1.11 -13.33 7.07
N GLU B 52 -1.34 -13.81 5.84
CA GLU B 52 -1.42 -15.24 5.57
C GLU B 52 -0.28 -16.01 6.23
N LYS B 53 0.92 -15.42 6.19
CA LYS B 53 2.09 -16.06 6.79
C LYS B 53 2.77 -15.13 7.79
N LEU B 54 2.00 -14.25 8.42
CA LEU B 54 2.54 -13.30 9.39
C LEU B 54 3.31 -14.03 10.49
N PRO B 55 4.66 -14.02 10.41
CA PRO B 55 5.51 -14.68 11.41
C PRO B 55 5.64 -13.87 12.69
N ASN B 56 5.91 -14.55 13.79
CA ASN B 56 6.07 -13.89 15.09
C ASN B 56 7.38 -13.09 15.12
N GLU B 57 8.32 -13.50 14.28
CA GLU B 57 9.62 -12.84 14.21
C GLU B 57 9.56 -11.60 13.32
N LEU B 58 8.50 -11.48 12.52
CA LEU B 58 8.33 -10.34 11.63
C LEU B 58 7.69 -9.15 12.35
N LYS B 59 7.03 -9.43 13.48
CA LYS B 59 6.37 -8.38 14.26
C LYS B 59 7.22 -7.10 14.30
N PRO B 60 8.51 -7.23 14.63
CA PRO B 60 9.44 -6.10 14.67
C PRO B 60 9.89 -5.69 13.27
N LYS B 61 9.93 -6.66 12.36
CA LYS B 61 10.33 -6.41 10.99
C LYS B 61 9.41 -5.38 10.35
N ILE B 62 8.17 -5.31 10.83
CA ILE B 62 7.22 -4.35 10.30
C ILE B 62 7.86 -2.97 10.30
N ASP B 63 8.57 -2.66 11.39
CA ASP B 63 9.27 -1.40 11.50
C ASP B 63 10.33 -1.34 10.41
N GLU B 64 11.00 -2.48 10.20
CA GLU B 64 12.03 -2.60 9.18
C GLU B 64 11.41 -2.29 7.81
N ILE B 65 10.24 -2.88 7.55
CA ILE B 65 9.53 -2.64 6.30
C ILE B 65 9.44 -1.14 6.02
N SER B 66 9.17 -0.36 7.05
CA SER B 66 9.06 1.08 6.88
C SER B 66 10.42 1.79 6.93
N LYS B 67 11.18 1.58 7.99
CA LYS B 67 12.48 2.23 8.13
C LYS B 67 13.48 1.75 7.07
N ARG B 68 13.28 0.56 6.53
CA ARG B 68 14.18 0.01 5.52
C ARG B 68 13.68 0.26 4.10
N PHE B 69 12.37 0.25 3.91
CA PHE B 69 11.81 0.49 2.58
C PHE B 69 11.51 1.98 2.42
N PHE B 70 11.26 2.64 3.54
CA PHE B 70 11.01 4.07 3.56
C PHE B 70 12.04 4.74 4.47
N PRO B 71 13.33 4.49 4.20
CA PRO B 71 14.44 5.04 5.00
C PRO B 71 14.36 6.56 5.12
N ALA B 72 14.71 7.08 6.29
CA ALA B 72 14.69 8.52 6.53
C ALA B 72 16.10 9.09 6.56
N LYS B 73 17.06 8.27 7.00
CA LYS B 73 18.45 8.70 7.08
C LYS B 73 19.40 7.54 6.84
N MET A 1 7.54 23.40 5.17
CA MET A 1 7.57 22.01 5.67
C MET A 1 8.78 21.77 6.57
N VAL A 2 9.96 22.10 6.07
CA VAL A 2 11.19 21.92 6.83
C VAL A 2 11.45 20.44 7.12
N GLU A 3 11.22 19.60 6.11
CA GLU A 3 11.41 18.17 6.26
C GLU A 3 12.49 17.67 5.31
N SER A 4 12.20 17.72 4.01
CA SER A 4 13.14 17.27 3.00
C SER A 4 13.15 18.21 1.79
N LYS A 5 14.11 19.13 1.78
CA LYS A 5 14.23 20.10 0.70
C LYS A 5 13.08 21.09 0.71
N LYS A 6 11.88 20.60 0.42
CA LYS A 6 10.69 21.45 0.40
C LYS A 6 9.43 20.63 0.67
N ILE A 7 9.08 19.77 -0.28
CA ILE A 7 7.89 18.92 -0.15
C ILE A 7 8.27 17.44 -0.17
N ALA A 8 8.02 16.76 0.95
CA ALA A 8 8.32 15.35 1.06
C ALA A 8 7.07 14.50 1.22
N LYS A 9 5.95 15.19 1.32
CA LYS A 9 4.66 14.54 1.49
C LYS A 9 3.52 15.51 1.19
N LYS A 10 2.54 15.05 0.41
CA LYS A 10 1.40 15.88 0.06
C LYS A 10 0.10 15.17 0.45
N LYS A 11 -0.86 15.90 0.97
CA LYS A 11 -2.12 15.28 1.38
C LYS A 11 -2.83 14.69 0.17
N THR A 12 -2.83 13.36 0.09
CA THR A 12 -3.45 12.67 -1.02
C THR A 12 -4.74 11.97 -0.59
N THR A 13 -5.71 11.88 -1.50
CA THR A 13 -6.98 11.22 -1.19
C THR A 13 -7.23 10.01 -2.07
N LEU A 14 -7.89 9.02 -1.48
CA LEU A 14 -8.25 7.79 -2.17
C LEU A 14 -9.61 7.34 -1.67
N ALA A 15 -10.51 6.95 -2.57
CA ALA A 15 -11.82 6.52 -2.14
C ALA A 15 -11.84 5.04 -1.81
N PHE A 16 -11.63 4.77 -0.52
CA PHE A 16 -11.64 3.41 0.00
C PHE A 16 -11.80 3.43 1.49
N ASP A 17 -11.95 2.25 2.06
CA ASP A 17 -12.09 2.09 3.48
C ASP A 17 -12.79 0.79 3.77
N GLU A 18 -13.78 0.49 2.96
CA GLU A 18 -14.50 -0.73 3.14
C GLU A 18 -13.51 -1.89 3.33
N ASP A 19 -12.70 -2.12 2.30
CA ASP A 19 -11.70 -3.17 2.36
C ASP A 19 -10.41 -2.69 2.99
N VAL A 20 -9.91 -1.54 2.54
CA VAL A 20 -8.67 -1.01 3.10
C VAL A 20 -8.82 -0.74 4.60
N TYR A 21 -9.93 -0.14 5.00
CA TYR A 21 -10.14 0.14 6.42
C TYR A 21 -10.29 -1.16 7.20
N HIS A 22 -11.08 -2.11 6.68
CA HIS A 22 -11.24 -3.37 7.37
C HIS A 22 -9.92 -4.14 7.38
N THR A 23 -9.24 -4.15 6.23
CA THR A 23 -7.94 -4.82 6.16
C THR A 23 -6.94 -4.13 7.06
N LEU A 24 -6.94 -2.80 7.01
CA LEU A 24 -6.05 -2.01 7.86
C LEU A 24 -6.26 -2.38 9.32
N LYS A 25 -7.40 -2.99 9.62
CA LYS A 25 -7.73 -3.39 10.97
C LYS A 25 -6.79 -4.49 11.48
N LEU A 26 -6.57 -5.53 10.69
CA LEU A 26 -5.69 -6.61 11.12
C LEU A 26 -4.25 -6.12 11.13
N VAL A 27 -3.88 -5.43 10.07
CA VAL A 27 -2.53 -4.88 9.95
C VAL A 27 -2.28 -3.84 11.03
N SER A 28 -3.24 -2.97 11.26
CA SER A 28 -3.07 -1.93 12.25
C SER A 28 -2.92 -2.54 13.65
N VAL A 29 -3.64 -3.63 13.90
CA VAL A 29 -3.57 -4.31 15.18
C VAL A 29 -2.33 -5.19 15.24
N TYR A 30 -2.13 -5.96 14.19
CA TYR A 30 -0.99 -6.87 14.11
C TYR A 30 0.31 -6.09 13.92
N LEU A 31 0.23 -4.90 13.34
CA LEU A 31 1.42 -4.08 13.11
C LEU A 31 1.43 -2.88 14.06
N ASN A 32 0.39 -2.75 14.87
CA ASN A 32 0.29 -1.62 15.80
C ASN A 32 0.56 -0.32 15.08
N ARG A 33 0.15 -0.26 13.82
CA ARG A 33 0.36 0.91 12.99
C ARG A 33 -0.94 1.49 12.46
N ASP A 34 -1.05 2.81 12.45
CA ASP A 34 -2.24 3.47 11.94
C ASP A 34 -2.46 3.08 10.49
N MET A 35 -3.67 3.32 9.98
CA MET A 35 -3.98 2.97 8.62
C MET A 35 -3.04 3.67 7.66
N THR A 36 -2.91 4.99 7.81
CA THR A 36 -2.02 5.78 6.96
C THR A 36 -0.59 5.30 7.11
N GLU A 37 -0.24 4.86 8.32
CA GLU A 37 1.11 4.36 8.59
C GLU A 37 1.34 3.02 7.90
N ILE A 38 0.31 2.18 7.92
CA ILE A 38 0.38 0.86 7.29
C ILE A 38 0.27 0.98 5.78
N ILE A 39 -0.70 1.76 5.30
CA ILE A 39 -0.89 1.94 3.87
C ILE A 39 0.34 2.60 3.27
N GLU A 40 0.94 3.51 4.04
CA GLU A 40 2.13 4.21 3.59
C GLU A 40 3.36 3.34 3.82
N GLU A 41 3.26 2.41 4.78
CA GLU A 41 4.36 1.51 5.06
C GLU A 41 4.32 0.32 4.10
N ALA A 42 3.11 -0.05 3.69
CA ALA A 42 2.93 -1.16 2.78
C ALA A 42 3.27 -0.75 1.35
N VAL A 43 2.85 0.47 0.99
CA VAL A 43 3.12 0.98 -0.35
C VAL A 43 4.59 0.88 -0.68
N VAL A 44 5.39 1.59 0.10
CA VAL A 44 6.82 1.59 -0.08
C VAL A 44 7.36 0.17 -0.05
N MET A 45 7.10 -0.53 1.05
CA MET A 45 7.55 -1.89 1.18
C MET A 45 7.12 -2.73 0.00
N TRP A 46 5.98 -2.38 -0.61
CA TRP A 46 5.49 -3.11 -1.76
C TRP A 46 6.36 -2.82 -2.97
N LEU A 47 6.51 -1.54 -3.30
CA LEU A 47 7.36 -1.15 -4.42
C LEU A 47 8.77 -1.61 -4.17
N ILE A 48 9.23 -1.38 -2.95
CA ILE A 48 10.57 -1.73 -2.58
C ILE A 48 10.85 -3.22 -2.80
N GLN A 49 9.92 -4.06 -2.39
CA GLN A 49 10.10 -5.49 -2.57
C GLN A 49 9.66 -5.95 -3.96
N ASN A 50 8.67 -5.27 -4.53
CA ASN A 50 8.16 -5.65 -5.85
C ASN A 50 8.73 -4.79 -6.98
N LYS A 51 8.48 -3.49 -6.92
CA LYS A 51 8.94 -2.57 -7.94
C LYS A 51 10.45 -2.58 -8.10
N GLU A 52 11.17 -2.35 -7.01
CA GLU A 52 12.64 -2.33 -7.04
C GLU A 52 13.18 -3.54 -7.81
N LYS A 53 12.43 -4.63 -7.77
CA LYS A 53 12.82 -5.85 -8.46
C LYS A 53 11.71 -6.32 -9.41
N LEU A 54 10.94 -5.36 -9.93
CA LEU A 54 9.84 -5.68 -10.83
C LEU A 54 10.30 -6.53 -12.01
N PRO A 55 10.04 -7.85 -11.95
CA PRO A 55 10.43 -8.79 -13.00
C PRO A 55 9.48 -8.76 -14.18
N ASN A 56 9.94 -9.26 -15.32
CA ASN A 56 9.12 -9.31 -16.53
C ASN A 56 8.08 -10.42 -16.42
N GLU A 57 8.40 -11.45 -15.65
CA GLU A 57 7.50 -12.58 -15.46
C GLU A 57 6.38 -12.23 -14.47
N LEU A 58 6.63 -11.22 -13.62
CA LEU A 58 5.65 -10.80 -12.64
C LEU A 58 4.58 -9.91 -13.28
N LYS A 59 4.94 -9.29 -14.42
CA LYS A 59 4.03 -8.40 -15.13
C LYS A 59 2.59 -8.92 -15.08
N PRO A 60 2.35 -10.18 -15.48
CA PRO A 60 1.00 -10.76 -15.46
C PRO A 60 0.46 -10.91 -14.05
N LYS A 61 1.35 -11.14 -13.09
CA LYS A 61 0.94 -11.29 -11.70
C LYS A 61 0.36 -9.98 -11.17
N ILE A 62 0.77 -8.86 -11.75
CA ILE A 62 0.25 -7.56 -11.34
C ILE A 62 -1.26 -7.58 -11.38
N ASP A 63 -1.82 -8.40 -12.28
CA ASP A 63 -3.24 -8.55 -12.39
C ASP A 63 -3.73 -9.35 -11.20
N GLU A 64 -2.95 -10.36 -10.84
CA GLU A 64 -3.25 -11.21 -9.69
C GLU A 64 -3.37 -10.33 -8.46
N ILE A 65 -2.45 -9.39 -8.31
CA ILE A 65 -2.45 -8.47 -7.18
C ILE A 65 -3.76 -7.71 -7.13
N SER A 66 -4.20 -7.18 -8.27
CA SER A 66 -5.44 -6.44 -8.36
C SER A 66 -6.65 -7.34 -8.13
N LYS A 67 -6.69 -8.48 -8.81
CA LYS A 67 -7.81 -9.41 -8.67
C LYS A 67 -7.77 -10.11 -7.31
N ARG A 68 -6.59 -10.17 -6.70
CA ARG A 68 -6.45 -10.82 -5.40
C ARG A 68 -6.71 -9.82 -4.27
N PHE A 69 -6.35 -8.55 -4.53
CA PHE A 69 -6.57 -7.51 -3.53
C PHE A 69 -8.05 -7.40 -3.20
N PHE A 70 -8.88 -7.72 -4.19
CA PHE A 70 -10.33 -7.69 -4.02
C PHE A 70 -10.90 -9.10 -4.16
N PRO A 71 -10.69 -9.94 -3.14
CA PRO A 71 -11.16 -11.33 -3.15
C PRO A 71 -12.66 -11.43 -2.93
N ALA A 72 -13.14 -12.65 -2.67
CA ALA A 72 -14.55 -12.88 -2.44
C ALA A 72 -14.87 -12.88 -0.95
N LYS A 73 -13.90 -13.30 -0.14
CA LYS A 73 -14.08 -13.35 1.31
C LYS A 73 -13.06 -12.46 2.01
N MET B 1 -23.20 5.93 3.99
CA MET B 1 -23.86 5.65 2.69
C MET B 1 -23.49 6.71 1.66
N VAL B 2 -22.30 6.57 1.07
CA VAL B 2 -21.83 7.51 0.07
C VAL B 2 -21.14 6.79 -1.09
N GLU B 3 -21.95 6.16 -1.95
CA GLU B 3 -21.41 5.43 -3.09
C GLU B 3 -22.54 4.88 -3.96
N SER B 4 -23.31 3.95 -3.41
CA SER B 4 -24.42 3.34 -4.13
C SER B 4 -25.29 2.52 -3.20
N LYS B 5 -26.08 3.19 -2.37
CA LYS B 5 -26.96 2.51 -1.43
C LYS B 5 -26.17 1.60 -0.49
N LYS B 6 -24.91 1.94 -0.28
CA LYS B 6 -24.04 1.16 0.61
C LYS B 6 -22.65 1.76 0.68
N ILE B 7 -21.99 1.60 1.83
CA ILE B 7 -20.66 2.13 2.02
C ILE B 7 -19.59 1.10 1.62
N ALA B 8 -19.33 1.02 0.32
CA ALA B 8 -18.34 0.08 -0.20
C ALA B 8 -16.95 0.69 -0.24
N LYS B 9 -16.90 1.98 0.01
CA LYS B 9 -15.65 2.72 0.01
C LYS B 9 -15.83 4.11 0.62
N LYS B 10 -14.77 4.61 1.24
CA LYS B 10 -14.80 5.92 1.87
C LYS B 10 -13.63 6.78 1.41
N LYS B 11 -13.85 8.09 1.23
CA LYS B 11 -12.77 8.96 0.81
C LYS B 11 -11.72 9.06 1.92
N THR B 12 -10.59 8.41 1.70
CA THR B 12 -9.51 8.41 2.68
C THR B 12 -8.37 9.32 2.24
N THR B 13 -7.69 9.93 3.21
CA THR B 13 -6.58 10.82 2.89
C THR B 13 -5.30 10.42 3.59
N LEU B 14 -4.20 10.54 2.86
CA LEU B 14 -2.88 10.23 3.39
C LEU B 14 -1.93 11.36 3.04
N ALA B 15 -1.14 11.78 4.00
CA ALA B 15 -0.21 12.89 3.76
C ALA B 15 1.12 12.41 3.19
N PHE B 16 1.16 12.30 1.87
CA PHE B 16 2.36 11.87 1.15
C PHE B 16 2.13 12.07 -0.34
N ASP B 17 3.16 11.83 -1.12
CA ASP B 17 3.09 12.00 -2.56
C ASP B 17 4.48 12.15 -3.12
N GLU B 18 5.33 12.81 -2.36
CA GLU B 18 6.69 13.00 -2.80
C GLU B 18 7.25 11.67 -3.30
N ASP B 19 7.31 10.69 -2.40
CA ASP B 19 7.82 9.37 -2.75
C ASP B 19 6.73 8.49 -3.34
N VAL B 20 5.59 8.42 -2.67
CA VAL B 20 4.50 7.60 -3.16
C VAL B 20 4.04 8.07 -4.54
N TYR B 21 3.89 9.38 -4.72
CA TYR B 21 3.47 9.90 -6.01
C TYR B 21 4.53 9.62 -7.07
N HIS B 22 5.80 9.88 -6.77
CA HIS B 22 6.87 9.60 -7.73
C HIS B 22 6.92 8.10 -8.00
N THR B 23 6.94 7.31 -6.94
CA THR B 23 6.97 5.86 -7.10
C THR B 23 5.73 5.41 -7.86
N LEU B 24 4.59 6.02 -7.55
CA LEU B 24 3.35 5.70 -8.23
C LEU B 24 3.51 5.91 -9.73
N LYS B 25 4.52 6.68 -10.11
CA LYS B 25 4.78 6.95 -11.51
C LYS B 25 5.23 5.71 -12.27
N LEU B 26 6.18 4.96 -11.71
CA LEU B 26 6.64 3.75 -12.37
C LEU B 26 5.57 2.68 -12.32
N VAL B 27 4.97 2.51 -11.16
CA VAL B 27 3.90 1.53 -10.98
C VAL B 27 2.72 1.87 -11.86
N SER B 28 2.38 3.15 -11.93
CA SER B 28 1.24 3.54 -12.74
C SER B 28 1.48 3.23 -14.21
N VAL B 29 2.70 3.49 -14.67
CA VAL B 29 3.06 3.23 -16.04
C VAL B 29 3.30 1.74 -16.27
N TYR B 30 4.06 1.14 -15.35
CA TYR B 30 4.39 -0.28 -15.43
C TYR B 30 3.17 -1.15 -15.12
N LEU B 31 2.22 -0.62 -14.35
CA LEU B 31 1.04 -1.39 -14.01
C LEU B 31 -0.19 -0.85 -14.75
N ASN B 32 0.01 0.20 -15.55
CA ASN B 32 -1.09 0.81 -16.30
C ASN B 32 -2.28 1.01 -15.38
N ARG B 33 -1.99 1.32 -14.13
CA ARG B 33 -3.04 1.53 -13.12
C ARG B 33 -3.00 2.94 -12.57
N ASP B 34 -4.09 3.34 -11.94
CA ASP B 34 -4.17 4.66 -11.33
C ASP B 34 -3.48 4.62 -9.98
N MET B 35 -2.83 5.71 -9.61
CA MET B 35 -2.11 5.77 -8.35
C MET B 35 -3.01 5.30 -7.20
N THR B 36 -4.31 5.54 -7.33
CA THR B 36 -5.26 5.11 -6.31
C THR B 36 -5.47 3.61 -6.39
N GLU B 37 -5.38 3.06 -7.59
CA GLU B 37 -5.54 1.62 -7.79
C GLU B 37 -4.29 0.89 -7.33
N ILE B 38 -3.13 1.47 -7.62
CA ILE B 38 -1.85 0.88 -7.22
C ILE B 38 -1.65 0.97 -5.72
N ILE B 39 -1.88 2.16 -5.15
CA ILE B 39 -1.69 2.36 -3.72
C ILE B 39 -2.62 1.46 -2.93
N GLU B 40 -3.83 1.27 -3.45
CA GLU B 40 -4.81 0.44 -2.80
C GLU B 40 -4.58 -1.02 -3.13
N GLU B 41 -3.91 -1.28 -4.25
CA GLU B 41 -3.62 -2.65 -4.63
C GLU B 41 -2.36 -3.13 -3.93
N ALA B 42 -1.45 -2.19 -3.67
CA ALA B 42 -0.20 -2.51 -2.99
C ALA B 42 -0.44 -2.68 -1.50
N VAL B 43 -1.30 -1.83 -0.95
CA VAL B 43 -1.61 -1.87 0.47
C VAL B 43 -2.24 -3.21 0.87
N VAL B 44 -3.38 -3.47 0.30
CA VAL B 44 -4.12 -4.68 0.57
C VAL B 44 -3.27 -5.90 0.26
N MET B 45 -2.65 -5.89 -0.90
CA MET B 45 -1.81 -7.01 -1.30
C MET B 45 -0.70 -7.21 -0.28
N TRP B 46 -0.23 -6.13 0.33
CA TRP B 46 0.82 -6.23 1.34
C TRP B 46 0.29 -6.95 2.57
N LEU B 47 -0.77 -6.41 3.15
CA LEU B 47 -1.38 -7.02 4.32
C LEU B 47 -1.77 -8.45 4.03
N ILE B 48 -2.38 -8.64 2.87
CA ILE B 48 -2.84 -9.94 2.46
C ILE B 48 -1.70 -10.93 2.33
N GLN B 49 -0.59 -10.48 1.76
CA GLN B 49 0.55 -11.35 1.59
C GLN B 49 1.38 -11.45 2.87
N ASN B 50 1.14 -10.53 3.81
CA ASN B 50 1.87 -10.51 5.07
C ASN B 50 1.10 -11.20 6.20
N LYS B 51 -0.23 -11.07 6.16
CA LYS B 51 -1.08 -11.65 7.19
C LYS B 51 -0.79 -13.15 7.38
N GLU B 52 -0.76 -13.88 6.27
CA GLU B 52 -0.49 -15.32 6.33
C GLU B 52 1.01 -15.59 6.32
N LYS B 53 1.80 -14.52 6.25
CA LYS B 53 3.25 -14.65 6.20
C LYS B 53 3.90 -13.81 7.31
N LEU B 54 3.20 -13.65 8.43
CA LEU B 54 3.73 -12.86 9.53
C LEU B 54 4.11 -13.74 10.74
N PRO B 55 4.91 -14.81 10.55
CA PRO B 55 5.33 -15.67 11.66
C PRO B 55 6.01 -14.88 12.76
N ASN B 56 6.13 -15.50 13.93
CA ASN B 56 6.78 -14.84 15.07
C ASN B 56 8.16 -14.31 14.67
N GLU B 57 8.76 -14.94 13.65
CA GLU B 57 10.07 -14.53 13.16
C GLU B 57 9.98 -13.25 12.34
N LEU B 58 8.86 -13.06 11.66
CA LEU B 58 8.65 -11.86 10.84
C LEU B 58 8.23 -10.68 11.72
N LYS B 59 7.58 -10.99 12.84
CA LYS B 59 7.12 -9.96 13.78
C LYS B 59 8.15 -8.84 13.93
N PRO B 60 9.42 -9.19 14.24
CA PRO B 60 10.47 -8.19 14.40
C PRO B 60 10.79 -7.45 13.11
N LYS B 61 10.55 -8.11 11.98
CA LYS B 61 10.81 -7.50 10.68
C LYS B 61 9.78 -6.43 10.39
N ILE B 62 8.60 -6.53 11.00
CA ILE B 62 7.55 -5.54 10.80
C ILE B 62 8.10 -4.16 11.11
N ASP B 63 9.07 -4.12 12.03
CA ASP B 63 9.72 -2.88 12.38
C ASP B 63 10.59 -2.44 11.21
N GLU B 64 11.22 -3.43 10.58
CA GLU B 64 12.06 -3.18 9.42
C GLU B 64 11.22 -2.58 8.30
N ILE B 65 10.01 -3.12 8.15
CA ILE B 65 9.07 -2.64 7.13
C ILE B 65 8.80 -1.15 7.29
N SER B 66 8.51 -0.73 8.51
CA SER B 66 8.20 0.68 8.79
C SER B 66 9.47 1.51 8.98
N LYS B 67 10.51 0.92 9.55
CA LYS B 67 11.75 1.65 9.80
C LYS B 67 12.61 1.71 8.54
N ARG B 68 12.41 0.78 7.61
CA ARG B 68 13.17 0.76 6.37
C ARG B 68 12.40 1.47 5.26
N PHE B 69 11.07 1.49 5.37
CA PHE B 69 10.23 2.12 4.37
C PHE B 69 10.70 3.56 4.11
N PHE B 70 11.35 4.15 5.11
CA PHE B 70 11.88 5.49 5.00
C PHE B 70 13.41 5.46 5.06
N PRO B 71 14.06 5.01 3.96
CA PRO B 71 15.52 4.92 3.90
C PRO B 71 16.19 6.29 3.84
N ALA B 72 17.51 6.29 3.65
CA ALA B 72 18.27 7.53 3.57
C ALA B 72 19.25 7.50 2.41
N LYS B 73 18.77 7.80 1.21
CA LYS B 73 19.61 7.80 0.02
C LYS B 73 19.22 8.95 -0.91
#